data_7U65
#
_entry.id   7U65
#
_cell.length_a   1.00
_cell.length_b   1.00
_cell.length_c   1.00
_cell.angle_alpha   90.00
_cell.angle_beta   90.00
_cell.angle_gamma   90.00
#
_symmetry.space_group_name_H-M   'P 1'
#
loop_
_entity.id
_entity.type
_entity.pdbx_description
1 polymer 'Deoxyguanosinetriphosphate triphosphohydrolase'
2 polymer 'Inhibitor of dGTPase'
#
loop_
_entity_poly.entity_id
_entity_poly.type
_entity_poly.pdbx_seq_one_letter_code
_entity_poly.pdbx_strand_id
1 'polypeptide(L)'
;MAQIDFRKKINWHRRYRSPQGVKTEHEILRIFESDRGRIINSPAIRRLQQKTQVFPLERNAAVRTRLTHSMEVQQVGRYI
AKEILSRLKELKLLEAYGLDELTGPFESIVEMSCLMHDIGNPPFGHFGEAAINDWFRQRLHPEDAESQPLTDDRCSVAAL
RLRDGEEPLNELRRKIRQDLCHFEGNAQGIRLVHTLMRMNLTWAQVGGILKYTRPAWWRGETPETHHYLMKKPGYYLSEE
AYIARLRKELNLALYSRFPLTWIMEAADDISYCVADLEDAVEKRIFTVEQLYHHLHEAWGQHEKGSLFSLVVENAWEKSR
SNSLSRSTEDQFFMYLRVNTLNKLVPYAAQRFIDNLPAIFAGTFNHALLEDASECSDLLKLYKNVAVKHVFSHPDVERLE
LQGYRVISGLLEIYRPLLSLSLSDFTELVEKERVKRFPIESRLFHKLSTRHRLAYVEAVSKLPSDSPEFPLWEYYYRCRL
LQDYISGMTDLYAWDEYRRLMAVEQ
;
A,B,C,D,E,F
2 'polypeptide(L)'
;GSFTMGRLYSGNLAAFKAATNKLFQLDLAVIYDDWYDAYTRKDCIRLRIEDRSGNLIDTSTFYHHDEDVLFNMCTDWLNH
MYDQLKDWK
;
G,H,I,J,K,L
#
# COMPACT_ATOMS: atom_id res chain seq x y z
N GLN A 3 -46.06 -44.38 22.55
CA GLN A 3 -46.33 -44.72 21.15
C GLN A 3 -45.47 -43.85 20.26
N ILE A 4 -44.84 -44.45 19.27
CA ILE A 4 -43.99 -43.74 18.32
C ILE A 4 -44.75 -43.57 17.02
N ASP A 5 -44.92 -42.31 16.60
CA ASP A 5 -45.61 -42.00 15.35
C ASP A 5 -45.01 -40.71 14.81
N PHE A 6 -44.17 -40.83 13.79
CA PHE A 6 -43.45 -39.67 13.27
C PHE A 6 -44.34 -38.73 12.46
N ARG A 7 -45.62 -39.05 12.29
CA ARG A 7 -46.54 -38.11 11.67
C ARG A 7 -46.94 -36.97 12.59
N LYS A 8 -46.79 -37.15 13.89
CA LYS A 8 -47.06 -36.10 14.86
C LYS A 8 -45.88 -35.17 15.07
N LYS A 9 -44.74 -35.45 14.46
CA LYS A 9 -43.54 -34.65 14.63
C LYS A 9 -43.09 -33.94 13.36
N ILE A 10 -43.36 -34.50 12.18
CA ILE A 10 -42.99 -33.88 10.91
C ILE A 10 -44.18 -33.03 10.49
N ASN A 11 -44.14 -31.76 10.84
CA ASN A 11 -45.22 -30.82 10.57
C ASN A 11 -44.82 -29.93 9.40
N TRP A 12 -45.66 -29.89 8.36
CA TRP A 12 -45.39 -29.10 7.17
C TRP A 12 -46.19 -27.80 7.14
N HIS A 13 -46.86 -27.47 8.24
CA HIS A 13 -47.56 -26.20 8.32
C HIS A 13 -46.58 -25.05 8.50
N ARG A 14 -47.07 -23.84 8.27
CA ARG A 14 -46.26 -22.63 8.35
C ARG A 14 -46.92 -21.63 9.27
N ARG A 15 -46.16 -20.61 9.66
CA ARG A 15 -46.68 -19.55 10.51
C ARG A 15 -47.56 -18.58 9.74
N TYR A 16 -47.22 -18.30 8.48
CA TYR A 16 -47.98 -17.37 7.64
C TYR A 16 -48.38 -18.07 6.35
N ARG A 17 -49.64 -17.90 5.96
CA ARG A 17 -50.19 -18.46 4.72
C ARG A 17 -49.95 -19.97 4.65
N SER A 18 -50.30 -20.64 5.75
CA SER A 18 -50.00 -22.05 5.86
C SER A 18 -50.87 -22.88 4.90
N PRO A 19 -50.31 -23.95 4.33
CA PRO A 19 -51.09 -24.84 3.47
C PRO A 19 -51.98 -25.74 4.31
N GLN A 20 -53.28 -25.50 4.26
CA GLN A 20 -54.25 -26.27 5.02
C GLN A 20 -54.86 -27.38 4.17
N GLY A 21 -55.58 -28.28 4.82
CA GLY A 21 -56.24 -29.37 4.16
C GLY A 21 -55.41 -30.64 4.13
N VAL A 22 -55.86 -31.57 3.29
CA VAL A 22 -55.21 -32.86 3.14
C VAL A 22 -54.22 -32.78 1.97
N LYS A 23 -53.16 -33.58 2.05
CA LYS A 23 -52.15 -33.60 1.01
C LYS A 23 -51.57 -35.00 0.89
N THR A 24 -51.01 -35.30 -0.27
CA THR A 24 -50.40 -36.58 -0.57
C THR A 24 -48.88 -36.48 -0.39
N GLU A 25 -48.19 -37.56 -0.74
CA GLU A 25 -46.73 -37.59 -0.61
C GLU A 25 -46.08 -36.57 -1.52
N HIS A 26 -46.58 -36.43 -2.75
CA HIS A 26 -45.96 -35.54 -3.72
C HIS A 26 -46.05 -34.08 -3.27
N GLU A 27 -47.19 -33.66 -2.76
CA GLU A 27 -47.34 -32.28 -2.31
C GLU A 27 -46.41 -31.99 -1.13
N ILE A 28 -46.30 -32.93 -0.19
CA ILE A 28 -45.41 -32.75 0.95
C ILE A 28 -43.96 -32.64 0.49
N LEU A 29 -43.56 -33.50 -0.45
CA LEU A 29 -42.21 -33.45 -0.98
C LEU A 29 -41.95 -32.13 -1.68
N ARG A 30 -42.94 -31.62 -2.42
CA ARG A 30 -42.79 -30.32 -3.06
C ARG A 30 -42.65 -29.20 -2.02
N ILE A 31 -43.40 -29.29 -0.92
CA ILE A 31 -43.27 -28.29 0.15
C ILE A 31 -41.84 -28.27 0.69
N PHE A 32 -41.29 -29.44 0.98
CA PHE A 32 -39.94 -29.47 1.54
C PHE A 32 -38.88 -29.08 0.53
N GLU A 33 -39.09 -29.41 -0.76
CA GLU A 33 -38.20 -28.91 -1.80
C GLU A 33 -38.24 -27.38 -1.88
N SER A 34 -39.42 -26.79 -1.74
CA SER A 34 -39.53 -25.34 -1.72
C SER A 34 -38.78 -24.76 -0.52
N ASP A 35 -38.88 -25.40 0.65
CA ASP A 35 -38.12 -24.93 1.81
C ASP A 35 -36.62 -24.98 1.55
N ARG A 36 -36.14 -26.06 0.92
CA ARG A 36 -34.74 -26.12 0.51
C ARG A 36 -34.40 -24.96 -0.41
N GLY A 37 -35.31 -24.64 -1.33
CA GLY A 37 -35.07 -23.53 -2.24
C GLY A 37 -34.95 -22.19 -1.52
N ARG A 38 -35.68 -21.99 -0.45
CA ARG A 38 -35.53 -20.76 0.26
C ARG A 38 -34.26 -20.76 1.05
N ILE A 39 -33.87 -21.90 1.61
CA ILE A 39 -32.69 -21.90 2.46
C ILE A 39 -31.41 -21.72 1.64
N ILE A 40 -31.30 -22.42 0.52
CA ILE A 40 -30.03 -22.43 -0.21
C ILE A 40 -29.72 -21.06 -0.84
N ASN A 41 -30.74 -20.34 -1.29
CA ASN A 41 -30.56 -19.09 -2.01
C ASN A 41 -30.65 -17.87 -1.09
N SER A 42 -30.18 -17.99 0.15
CA SER A 42 -30.27 -16.91 1.12
C SER A 42 -28.95 -16.17 1.26
N PRO A 43 -28.98 -14.87 1.57
CA PRO A 43 -27.73 -14.13 1.78
C PRO A 43 -26.89 -14.63 2.94
N ALA A 44 -27.49 -15.33 3.91
CA ALA A 44 -26.73 -15.86 5.04
C ALA A 44 -25.69 -16.87 4.59
N ILE A 45 -26.02 -17.72 3.62
CA ILE A 45 -25.07 -18.69 3.10
C ILE A 45 -23.91 -17.99 2.39
N ARG A 46 -24.22 -16.98 1.58
CA ARG A 46 -23.15 -16.25 0.91
C ARG A 46 -22.30 -15.47 1.91
N ARG A 47 -22.87 -15.12 3.08
CA ARG A 47 -22.06 -14.56 4.13
C ARG A 47 -21.17 -15.62 4.77
N LEU A 48 -21.68 -16.84 4.92
CA LEU A 48 -20.85 -17.96 5.36
C LEU A 48 -19.67 -18.17 4.44
N GLN A 49 -19.84 -17.83 3.15
CA GLN A 49 -18.78 -18.02 2.17
C GLN A 49 -17.48 -17.32 2.57
N GLN A 50 -17.56 -16.22 3.32
CA GLN A 50 -16.39 -15.42 3.66
C GLN A 50 -16.22 -15.22 5.16
N LYS A 51 -16.35 -16.32 5.93
CA LYS A 51 -15.99 -16.33 7.34
C LYS A 51 -14.98 -17.45 7.58
N THR A 52 -14.02 -17.17 8.45
CA THR A 52 -12.90 -18.08 8.65
C THR A 52 -13.28 -19.23 9.59
N GLN A 53 -12.65 -20.38 9.36
CA GLN A 53 -12.84 -21.55 10.21
C GLN A 53 -11.72 -21.70 11.21
N VAL A 54 -10.48 -21.83 10.75
CA VAL A 54 -9.32 -21.89 11.63
C VAL A 54 -8.29 -20.85 11.19
N PHE A 55 -7.85 -20.94 9.92
CA PHE A 55 -6.80 -20.10 9.37
C PHE A 55 -7.36 -18.85 8.69
N PRO A 56 -6.58 -17.77 8.64
CA PRO A 56 -7.06 -16.56 7.98
C PRO A 56 -7.30 -16.79 6.49
N LEU A 57 -8.25 -16.03 5.95
CA LEU A 57 -8.64 -16.18 4.56
C LEU A 57 -7.56 -15.60 3.65
N GLU A 58 -6.98 -16.43 2.80
CA GLU A 58 -5.92 -15.99 1.90
C GLU A 58 -6.49 -15.40 0.62
N ALA A 61 -4.38 -19.58 -0.75
CA ALA A 61 -4.39 -21.03 -0.76
C ALA A 61 -5.82 -21.56 -0.81
N ALA A 62 -5.98 -22.86 -0.63
CA ALA A 62 -7.29 -23.51 -0.68
C ALA A 62 -7.79 -23.88 0.71
N VAL A 63 -7.57 -23.03 1.70
CA VAL A 63 -8.09 -23.30 3.04
C VAL A 63 -9.62 -23.24 3.02
N ARG A 64 -10.22 -23.88 4.01
CA ARG A 64 -11.66 -23.98 4.17
C ARG A 64 -12.35 -22.83 4.84
N THR A 65 -13.55 -22.52 4.38
CA THR A 65 -14.40 -21.51 4.99
C THR A 65 -15.51 -22.20 5.78
N ARG A 66 -16.48 -21.43 6.26
CA ARG A 66 -17.63 -22.01 6.94
C ARG A 66 -18.45 -22.88 5.98
N LEU A 67 -18.53 -22.46 4.72
CA LEU A 67 -19.44 -23.10 3.77
C LEU A 67 -18.98 -24.52 3.42
N THR A 68 -17.68 -24.68 3.14
CA THR A 68 -17.16 -26.00 2.82
C THR A 68 -17.29 -26.97 4.00
N HIS A 69 -17.08 -26.47 5.22
CA HIS A 69 -17.28 -27.30 6.40
C HIS A 69 -18.75 -27.70 6.55
N SER A 70 -19.66 -26.77 6.28
CA SER A 70 -21.08 -27.09 6.32
C SER A 70 -21.44 -28.15 5.30
N MET A 71 -20.70 -28.19 4.19
CA MET A 71 -20.90 -29.17 3.13
C MET A 71 -20.45 -30.59 3.49
N GLU A 72 -19.51 -30.72 4.40
CA GLU A 72 -19.11 -32.00 5.00
C GLU A 72 -20.11 -32.42 6.07
N VAL A 73 -20.53 -31.48 6.90
CA VAL A 73 -21.52 -31.81 7.93
C VAL A 73 -22.81 -32.30 7.28
N GLN A 74 -23.22 -31.66 6.18
CA GLN A 74 -24.43 -32.07 5.47
C GLN A 74 -24.29 -33.49 4.94
N GLN A 75 -23.14 -33.82 4.35
CA GLN A 75 -22.93 -35.15 3.81
C GLN A 75 -22.98 -36.22 4.91
N VAL A 76 -22.30 -35.95 6.03
CA VAL A 76 -22.30 -36.92 7.12
C VAL A 76 -23.71 -37.13 7.67
N GLY A 77 -24.45 -36.02 7.85
CA GLY A 77 -25.81 -36.15 8.35
C GLY A 77 -26.70 -36.95 7.42
N ARG A 78 -26.58 -36.74 6.12
CA ARG A 78 -27.38 -37.48 5.17
C ARG A 78 -27.04 -38.94 5.16
N TYR A 79 -25.76 -39.26 5.30
CA TYR A 79 -25.36 -40.66 5.30
C TYR A 79 -25.86 -41.38 6.55
N ILE A 80 -25.80 -40.71 7.71
CA ILE A 80 -26.32 -41.31 8.93
C ILE A 80 -27.83 -41.50 8.85
N ALA A 81 -28.54 -40.52 8.31
CA ALA A 81 -29.99 -40.66 8.16
C ALA A 81 -30.35 -41.83 7.25
N LYS A 82 -29.63 -41.98 6.14
CA LYS A 82 -29.88 -43.10 5.24
C LYS A 82 -29.60 -44.43 5.92
N GLU A 83 -28.53 -44.51 6.70
CA GLU A 83 -28.24 -45.76 7.42
C GLU A 83 -29.35 -46.08 8.42
N ILE A 84 -29.84 -45.08 9.14
CA ILE A 84 -30.92 -45.30 10.10
C ILE A 84 -32.17 -45.81 9.38
N LEU A 85 -32.53 -45.17 8.26
CA LEU A 85 -33.71 -45.58 7.53
C LEU A 85 -33.56 -47.01 6.98
N SER A 86 -32.39 -47.35 6.46
CA SER A 86 -32.18 -48.70 5.96
C SER A 86 -32.29 -49.74 7.07
N ARG A 87 -31.66 -49.47 8.22
CA ARG A 87 -31.73 -50.43 9.32
C ARG A 87 -33.15 -50.58 9.86
N LEU A 88 -33.92 -49.50 9.90
CA LEU A 88 -35.31 -49.61 10.32
C LEU A 88 -36.14 -50.38 9.29
N LYS A 89 -35.88 -50.19 8.00
CA LYS A 89 -36.61 -50.92 6.98
C LYS A 89 -36.29 -52.41 7.01
N GLU A 90 -35.06 -52.78 7.35
CA GLU A 90 -34.69 -54.19 7.42
C GLU A 90 -35.50 -54.93 8.48
N LEU A 91 -35.70 -54.28 9.64
CA LEU A 91 -36.38 -54.92 10.76
C LEU A 91 -37.91 -54.82 10.68
N LYS A 92 -38.45 -54.32 9.57
CA LYS A 92 -39.89 -54.24 9.36
C LYS A 92 -40.58 -53.37 10.41
N LEU A 93 -39.91 -52.31 10.84
CA LEU A 93 -40.49 -51.34 11.75
C LEU A 93 -40.74 -49.99 11.09
N LEU A 94 -40.50 -49.87 9.78
CA LEU A 94 -40.66 -48.59 9.11
C LEU A 94 -42.13 -48.17 9.04
N GLU A 95 -43.02 -49.10 8.71
CA GLU A 95 -44.45 -48.80 8.60
C GLU A 95 -45.13 -48.69 9.95
N ALA A 96 -44.62 -49.36 10.98
CA ALA A 96 -45.20 -49.26 12.31
C ALA A 96 -44.83 -47.97 13.03
N TYR A 97 -43.83 -47.25 12.55
CA TYR A 97 -43.39 -46.01 13.16
C TYR A 97 -43.89 -44.77 12.40
N GLY A 98 -44.70 -44.95 11.37
CA GLY A 98 -45.25 -43.83 10.63
C GLY A 98 -44.31 -43.18 9.65
N LEU A 99 -43.21 -43.84 9.30
CA LEU A 99 -42.21 -43.28 8.40
C LEU A 99 -42.30 -43.84 6.99
N ASP A 100 -43.39 -44.53 6.66
CA ASP A 100 -43.50 -45.17 5.35
C ASP A 100 -43.48 -44.16 4.22
N GLU A 101 -44.18 -43.03 4.40
CA GLU A 101 -44.27 -42.02 3.36
C GLU A 101 -43.58 -40.71 3.76
N LEU A 102 -42.52 -40.78 4.58
CA LEU A 102 -41.86 -39.58 5.09
C LEU A 102 -40.35 -39.71 5.10
N THR A 103 -39.77 -40.54 4.23
CA THR A 103 -38.32 -40.70 4.21
C THR A 103 -37.62 -39.49 3.60
N GLY A 104 -38.17 -38.98 2.49
CA GLY A 104 -37.62 -37.82 1.83
C GLY A 104 -37.60 -36.58 2.72
N PRO A 105 -38.73 -36.27 3.36
CA PRO A 105 -38.72 -35.18 4.36
C PRO A 105 -37.73 -35.41 5.48
N PHE A 106 -37.59 -36.65 5.95
CA PHE A 106 -36.61 -36.99 6.97
C PHE A 106 -35.21 -36.56 6.56
N GLU A 107 -34.75 -37.07 5.42
CA GLU A 107 -33.40 -36.77 4.97
C GLU A 107 -33.23 -35.28 4.67
N SER A 108 -34.24 -34.67 4.05
CA SER A 108 -34.13 -33.24 3.71
C SER A 108 -34.03 -32.38 4.97
N ILE A 109 -34.83 -32.68 5.99
CA ILE A 109 -34.78 -31.91 7.22
C ILE A 109 -33.42 -32.06 7.89
N VAL A 110 -32.89 -33.28 7.94
CA VAL A 110 -31.58 -33.48 8.55
C VAL A 110 -30.51 -32.69 7.79
N GLU A 111 -30.52 -32.77 6.46
CA GLU A 111 -29.52 -32.06 5.67
C GLU A 111 -29.60 -30.56 5.88
N MET A 112 -30.82 -30.01 5.84
CA MET A 112 -30.97 -28.56 5.97
C MET A 112 -30.61 -28.08 7.37
N SER A 113 -30.89 -28.90 8.40
CA SER A 113 -30.44 -28.54 9.74
C SER A 113 -28.93 -28.53 9.82
N CYS A 114 -28.27 -29.49 9.17
CA CYS A 114 -26.81 -29.49 9.16
C CYS A 114 -26.24 -28.30 8.40
N LEU A 115 -26.97 -27.80 7.40
CA LEU A 115 -26.46 -26.68 6.61
C LEU A 115 -26.57 -25.36 7.38
N MET A 116 -27.55 -25.24 8.29
CA MET A 116 -27.80 -24.00 8.98
C MET A 116 -27.18 -23.94 10.38
N HIS A 117 -26.20 -24.79 10.67
CA HIS A 117 -25.59 -24.80 11.99
C HIS A 117 -24.83 -23.52 12.30
N ASP A 118 -24.12 -22.95 11.32
CA ASP A 118 -23.21 -21.82 11.57
C ASP A 118 -23.79 -20.51 11.06
N ILE A 119 -25.11 -20.43 10.90
CA ILE A 119 -25.74 -19.25 10.34
C ILE A 119 -25.65 -18.04 11.27
N GLY A 120 -25.59 -18.27 12.59
CA GLY A 120 -25.70 -17.19 13.55
C GLY A 120 -24.47 -16.83 14.34
N ASN A 121 -23.29 -17.34 14.00
CA ASN A 121 -22.09 -16.96 14.72
C ASN A 121 -21.66 -15.55 14.34
N PRO A 122 -21.08 -14.80 15.27
CA PRO A 122 -20.59 -13.46 14.95
C PRO A 122 -19.24 -13.54 14.28
N PRO A 123 -18.74 -12.44 13.73
CA PRO A 123 -17.38 -12.44 13.17
C PRO A 123 -16.35 -12.82 14.23
N PHE A 124 -15.35 -13.59 13.82
CA PHE A 124 -14.23 -14.09 14.61
C PHE A 124 -14.65 -15.20 15.58
N GLY A 125 -15.92 -15.59 15.60
CA GLY A 125 -16.29 -16.81 16.28
C GLY A 125 -16.36 -16.65 17.78
N HIS A 126 -15.65 -17.54 18.44
CA HIS A 126 -15.58 -17.63 19.88
C HIS A 126 -15.02 -16.39 20.52
N PHE A 127 -14.27 -15.62 19.78
CA PHE A 127 -13.69 -14.42 20.34
C PHE A 127 -14.54 -13.19 20.12
N GLY A 128 -15.56 -13.31 19.28
CA GLY A 128 -16.51 -12.26 19.03
C GLY A 128 -17.55 -12.29 20.13
N GLU A 129 -18.07 -13.47 20.44
CA GLU A 129 -19.06 -13.68 21.49
C GLU A 129 -18.49 -13.26 22.85
N ALA A 130 -17.24 -13.63 23.12
CA ALA A 130 -16.60 -13.22 24.37
C ALA A 130 -16.56 -11.70 24.50
N ALA A 131 -16.19 -11.01 23.41
CA ALA A 131 -16.08 -9.56 23.46
C ALA A 131 -17.43 -8.91 23.73
N ILE A 132 -18.48 -9.37 23.03
CA ILE A 132 -19.81 -8.81 23.23
C ILE A 132 -20.26 -9.04 24.67
N ASN A 133 -20.04 -10.25 25.17
CA ASN A 133 -20.47 -10.59 26.53
C ASN A 133 -19.74 -9.73 27.56
N ASP A 134 -18.43 -9.55 27.42
CA ASP A 134 -17.70 -8.74 28.41
C ASP A 134 -18.11 -7.28 28.35
N TRP A 135 -18.29 -6.73 27.15
CA TRP A 135 -18.72 -5.34 27.02
C TRP A 135 -20.07 -5.12 27.73
N PHE A 136 -21.04 -5.97 27.43
CA PHE A 136 -22.36 -5.78 28.02
C PHE A 136 -22.36 -6.11 29.52
N ARG A 137 -21.48 -7.03 29.95
CA ARG A 137 -21.37 -7.30 31.37
C ARG A 137 -20.82 -6.10 32.12
N GLN A 138 -19.83 -5.41 31.54
CA GLN A 138 -19.34 -4.19 32.15
C GLN A 138 -20.43 -3.13 32.19
N ARG A 139 -21.22 -3.02 31.13
CA ARG A 139 -22.25 -1.98 31.11
C ARG A 139 -23.40 -2.27 32.06
N LEU A 140 -23.78 -3.53 32.27
CA LEU A 140 -25.00 -3.86 32.99
C LEU A 140 -24.78 -4.46 34.37
N HIS A 141 -23.70 -5.21 34.59
CA HIS A 141 -23.42 -5.86 35.86
C HIS A 141 -24.61 -6.70 36.33
N PRO A 142 -24.86 -7.86 35.70
CA PRO A 142 -26.06 -8.64 36.07
C PRO A 142 -25.96 -9.33 37.41
N GLU A 143 -24.78 -9.47 38.00
CA GLU A 143 -24.62 -10.19 39.25
C GLU A 143 -25.17 -9.43 40.45
N ASP A 144 -25.54 -8.16 40.29
CA ASP A 144 -26.00 -7.33 41.39
C ASP A 144 -27.52 -7.30 41.51
N ALA A 145 -28.22 -8.13 40.75
CA ALA A 145 -29.68 -8.15 40.77
C ALA A 145 -30.23 -9.49 41.25
N GLU A 146 -29.36 -10.37 41.75
CA GLU A 146 -29.78 -11.72 42.12
C GLU A 146 -30.65 -11.77 43.36
N SER A 147 -30.77 -10.68 44.10
CA SER A 147 -31.44 -10.71 45.41
C SER A 147 -32.13 -9.37 45.63
N GLN A 148 -32.44 -9.08 46.90
CA GLN A 148 -33.15 -7.85 47.24
C GLN A 148 -32.33 -6.63 46.85
N PRO A 149 -32.99 -5.50 46.60
CA PRO A 149 -32.27 -4.32 46.12
C PRO A 149 -31.12 -3.92 47.03
N LEU A 150 -30.04 -3.47 46.41
CA LEU A 150 -28.85 -3.00 47.10
C LEU A 150 -28.71 -1.50 46.94
N THR A 151 -27.78 -0.94 47.71
CA THR A 151 -27.42 0.47 47.61
C THR A 151 -26.20 0.68 46.70
N ASP A 152 -25.41 -0.37 46.48
CA ASP A 152 -24.21 -0.29 45.65
C ASP A 152 -24.43 -0.85 44.25
N ASP A 153 -25.61 -0.63 43.67
CA ASP A 153 -25.91 -1.11 42.32
C ASP A 153 -24.99 -0.43 41.32
N ARG A 154 -24.19 -1.22 40.61
CA ARG A 154 -23.18 -0.69 39.70
C ARG A 154 -23.71 -0.49 38.29
N CYS A 155 -25.00 -0.71 38.05
CA CYS A 155 -25.57 -0.55 36.72
C CYS A 155 -25.45 0.90 36.25
N SER A 156 -25.17 1.07 34.96
CA SER A 156 -25.00 2.40 34.38
C SER A 156 -26.26 2.95 33.75
N VAL A 157 -27.38 2.23 33.83
CA VAL A 157 -28.64 2.66 33.26
C VAL A 157 -29.60 2.95 34.40
N ALA A 158 -30.21 4.15 34.37
CA ALA A 158 -31.09 4.56 35.45
C ALA A 158 -32.33 3.68 35.51
N ALA A 159 -32.90 3.33 34.36
CA ALA A 159 -34.14 2.57 34.31
C ALA A 159 -33.95 1.10 34.64
N LEU A 160 -32.72 0.58 34.62
CA LEU A 160 -32.47 -0.82 34.91
C LEU A 160 -31.96 -1.06 36.33
N ARG A 161 -31.88 -0.02 37.15
CA ARG A 161 -31.47 -0.17 38.53
C ARG A 161 -32.60 -0.75 39.37
N LEU A 162 -32.24 -1.55 40.36
CA LEU A 162 -33.22 -2.19 41.22
C LEU A 162 -33.50 -1.30 42.38
N ARG A 163 -34.52 -0.47 42.24
CA ARG A 163 -34.88 0.49 43.26
C ARG A 163 -35.92 -0.06 44.22
N ASP A 164 -35.46 -0.47 45.39
CA ASP A 164 -36.29 -1.02 46.47
C ASP A 164 -37.62 -0.34 46.69
N GLY A 165 -38.67 -1.13 46.82
CA GLY A 165 -40.00 -0.61 47.05
C GLY A 165 -40.95 -0.92 45.93
N GLU A 166 -40.56 -1.85 45.08
CA GLU A 166 -41.39 -2.23 43.94
C GLU A 166 -40.95 -3.60 43.46
N GLU A 167 -41.78 -4.63 43.70
CA GLU A 167 -41.40 -5.96 43.31
C GLU A 167 -41.91 -6.50 41.97
N PRO A 168 -42.95 -5.88 41.41
CA PRO A 168 -43.39 -6.41 40.12
C PRO A 168 -42.48 -5.98 38.97
N LEU A 169 -41.90 -4.78 39.05
CA LEU A 169 -41.03 -4.26 38.01
C LEU A 169 -39.63 -4.79 38.13
N ASN A 170 -39.25 -5.26 39.29
CA ASN A 170 -37.92 -5.75 39.49
C ASN A 170 -37.66 -7.04 38.77
N GLU A 171 -38.65 -7.91 38.72
CA GLU A 171 -38.50 -9.18 38.09
C GLU A 171 -38.11 -8.99 36.65
N LEU A 172 -38.69 -7.98 36.03
CA LEU A 172 -38.43 -7.71 34.62
C LEU A 172 -37.01 -7.18 34.40
N ARG A 173 -36.54 -6.30 35.28
CA ARG A 173 -35.18 -5.78 35.18
C ARG A 173 -34.16 -6.92 35.32
N ARG A 174 -34.38 -7.81 36.28
CA ARG A 174 -33.52 -8.97 36.45
C ARG A 174 -33.45 -9.79 35.17
N LYS A 175 -34.61 -10.09 34.60
CA LYS A 175 -34.66 -10.91 33.38
C LYS A 175 -33.91 -10.24 32.24
N ILE A 176 -34.15 -8.93 32.03
CA ILE A 176 -33.52 -8.25 30.91
C ILE A 176 -32.01 -8.17 31.10
N ARG A 177 -31.58 -7.85 32.33
CA ARG A 177 -30.15 -7.71 32.59
C ARG A 177 -29.42 -9.04 32.43
N GLN A 178 -30.04 -10.14 32.86
CA GLN A 178 -29.39 -11.43 32.68
C GLN A 178 -29.39 -11.86 31.22
N ASP A 179 -30.47 -11.56 30.48
CA ASP A 179 -30.56 -11.99 29.10
C ASP A 179 -29.55 -11.26 28.22
N LEU A 180 -29.36 -9.95 28.45
CA LEU A 180 -28.54 -9.17 27.53
C LEU A 180 -27.06 -9.56 27.54
N CYS A 181 -26.61 -10.35 28.52
CA CYS A 181 -25.21 -10.75 28.61
C CYS A 181 -24.98 -12.22 28.25
N HIS A 182 -25.89 -12.83 27.51
CA HIS A 182 -25.80 -14.22 27.08
C HIS A 182 -26.07 -14.37 25.60
N PHE A 183 -25.39 -13.55 24.79
CA PHE A 183 -25.40 -13.78 23.35
C PHE A 183 -24.85 -15.16 23.03
N GLU A 184 -25.55 -15.87 22.16
CA GLU A 184 -25.15 -17.22 21.75
C GLU A 184 -25.54 -17.42 20.30
N GLY A 185 -24.74 -18.23 19.59
CA GLY A 185 -24.90 -18.34 18.14
C GLY A 185 -26.23 -18.95 17.72
N ASN A 186 -26.67 -20.00 18.42
CA ASN A 186 -27.89 -20.70 18.00
C ASN A 186 -29.14 -19.87 18.25
N ALA A 187 -29.20 -19.16 19.38
CA ALA A 187 -30.32 -18.27 19.64
C ALA A 187 -30.40 -17.17 18.58
N GLN A 188 -29.26 -16.59 18.23
CA GLN A 188 -29.23 -15.59 17.17
C GLN A 188 -29.61 -16.20 15.82
N GLY A 189 -29.27 -17.47 15.60
CA GLY A 189 -29.69 -18.11 14.36
C GLY A 189 -31.20 -18.28 14.28
N ILE A 190 -31.82 -18.66 15.38
CA ILE A 190 -33.29 -18.76 15.42
C ILE A 190 -33.91 -17.39 15.17
N ARG A 191 -33.39 -16.36 15.85
CA ARG A 191 -33.90 -15.01 15.66
C ARG A 191 -33.74 -14.55 14.21
N LEU A 192 -32.59 -14.87 13.59
CA LEU A 192 -32.34 -14.48 12.21
C LEU A 192 -33.30 -15.19 11.26
N VAL A 193 -33.51 -16.49 11.45
CA VAL A 193 -34.38 -17.25 10.56
C VAL A 193 -35.82 -16.77 10.68
N HIS A 194 -36.28 -16.43 11.89
CA HIS A 194 -37.67 -16.03 12.04
C HIS A 194 -37.90 -14.55 11.81
N THR A 195 -37.22 -13.69 12.57
CA THR A 195 -37.57 -12.27 12.61
C THR A 195 -36.87 -11.44 11.54
N LEU A 196 -35.56 -11.59 11.38
CA LEU A 196 -34.78 -10.68 10.55
C LEU A 196 -34.91 -10.97 9.06
N MET A 197 -34.82 -12.24 8.66
CA MET A 197 -34.89 -12.59 7.24
C MET A 197 -36.30 -12.87 6.75
N ARG A 198 -37.18 -13.36 7.63
CA ARG A 198 -38.57 -13.69 7.29
C ARG A 198 -38.62 -14.70 6.15
N MET A 199 -38.06 -15.89 6.43
CA MET A 199 -38.02 -16.96 5.45
C MET A 199 -39.28 -17.82 5.45
N ASN A 200 -40.02 -17.84 6.56
CA ASN A 200 -41.27 -18.59 6.67
C ASN A 200 -41.06 -20.08 6.39
N LEU A 201 -40.24 -20.69 7.26
CA LEU A 201 -39.96 -22.11 7.16
C LEU A 201 -41.04 -22.92 7.90
N THR A 202 -41.08 -24.21 7.60
CA THR A 202 -41.99 -25.12 8.27
C THR A 202 -41.59 -25.31 9.73
N TRP A 203 -42.53 -25.82 10.52
CA TRP A 203 -42.28 -25.99 11.95
C TRP A 203 -41.16 -26.98 12.21
N ALA A 204 -41.13 -28.09 11.47
CA ALA A 204 -40.09 -29.10 11.68
C ALA A 204 -38.71 -28.55 11.34
N GLN A 205 -38.60 -27.76 10.26
CA GLN A 205 -37.31 -27.20 9.90
C GLN A 205 -36.80 -26.24 10.96
N VAL A 206 -37.69 -25.43 11.54
CA VAL A 206 -37.26 -24.53 12.61
C VAL A 206 -36.90 -25.32 13.87
N GLY A 207 -37.64 -26.40 14.16
CA GLY A 207 -37.33 -27.18 15.34
C GLY A 207 -36.03 -27.96 15.19
N GLY A 208 -35.61 -28.23 13.96
CA GLY A 208 -34.37 -28.95 13.73
C GLY A 208 -33.13 -28.17 14.12
N ILE A 209 -33.23 -26.85 14.24
CA ILE A 209 -32.09 -26.01 14.60
C ILE A 209 -32.15 -25.52 16.04
N LEU A 210 -33.07 -26.05 16.85
CA LEU A 210 -33.12 -25.76 18.28
C LEU A 210 -32.26 -26.82 18.99
N LYS A 211 -31.02 -26.45 19.31
CA LYS A 211 -30.06 -27.41 19.82
C LYS A 211 -30.12 -27.54 21.34
N TYR A 212 -30.18 -26.42 22.06
CA TYR A 212 -30.26 -26.41 23.51
C TYR A 212 -31.51 -25.70 23.96
N THR A 213 -31.95 -26.02 25.18
CA THR A 213 -33.27 -25.61 25.64
C THR A 213 -33.24 -24.66 26.83
N ARG A 214 -32.07 -24.22 27.28
CA ARG A 214 -32.04 -23.33 28.44
C ARG A 214 -32.38 -21.91 28.02
N PRO A 215 -33.35 -21.26 28.67
CA PRO A 215 -33.61 -19.85 28.37
C PRO A 215 -32.42 -18.98 28.73
N ALA A 216 -32.26 -17.88 27.97
CA ALA A 216 -31.14 -16.98 28.20
C ALA A 216 -31.24 -16.23 29.52
N TRP A 217 -32.45 -16.01 30.03
CA TRP A 217 -32.65 -15.27 31.28
C TRP A 217 -32.65 -16.18 32.50
N TRP A 218 -32.14 -17.40 32.37
CA TRP A 218 -32.16 -18.35 33.49
C TRP A 218 -31.14 -17.96 34.55
N ARG A 219 -31.56 -18.04 35.81
CA ARG A 219 -30.69 -17.84 36.96
C ARG A 219 -30.80 -19.04 37.89
N GLY A 220 -29.67 -19.59 38.28
CA GLY A 220 -29.63 -20.65 39.26
C GLY A 220 -29.22 -21.99 38.68
N GLU A 221 -29.59 -23.04 39.40
CA GLU A 221 -29.27 -24.40 39.01
C GLU A 221 -30.39 -24.99 38.16
N THR A 222 -30.01 -25.87 37.25
CA THR A 222 -30.92 -26.57 36.37
C THR A 222 -31.27 -27.94 36.95
N PRO A 223 -32.43 -28.49 36.61
CA PRO A 223 -32.81 -29.79 37.15
C PRO A 223 -31.83 -30.88 36.75
N GLU A 224 -31.63 -31.85 37.64
CA GLU A 224 -30.68 -32.92 37.40
C GLU A 224 -31.10 -33.82 36.25
N THR A 225 -32.36 -33.76 35.83
CA THR A 225 -32.84 -34.57 34.71
C THR A 225 -32.68 -33.86 33.37
N HIS A 226 -32.10 -32.65 33.35
CA HIS A 226 -31.89 -31.93 32.10
C HIS A 226 -30.53 -31.25 32.05
N HIS A 227 -29.55 -31.69 32.84
CA HIS A 227 -28.31 -30.94 32.97
C HIS A 227 -27.48 -30.92 31.69
N TYR A 228 -27.70 -31.86 30.77
CA TYR A 228 -26.99 -31.82 29.51
C TYR A 228 -27.74 -31.03 28.44
N LEU A 229 -29.07 -31.14 28.41
CA LEU A 229 -29.87 -30.42 27.42
C LEU A 229 -29.93 -28.93 27.71
N MET A 230 -29.46 -28.50 28.88
CA MET A 230 -29.51 -27.10 29.30
C MET A 230 -28.14 -26.59 29.71
N LYS A 231 -27.09 -26.96 28.96
CA LYS A 231 -25.75 -26.49 29.30
C LYS A 231 -25.42 -25.18 28.62
N LYS A 232 -26.18 -24.80 27.60
CA LYS A 232 -25.99 -23.54 26.89
C LYS A 232 -27.33 -22.84 26.71
N PRO A 233 -27.33 -21.51 26.56
CA PRO A 233 -28.59 -20.81 26.24
C PRO A 233 -29.17 -21.30 24.92
N GLY A 234 -30.49 -21.35 24.85
CA GLY A 234 -31.15 -21.86 23.67
C GLY A 234 -31.90 -20.82 22.87
N TYR A 235 -32.51 -19.85 23.55
CA TYR A 235 -33.27 -18.81 22.87
C TYR A 235 -33.34 -17.58 23.75
N TYR A 236 -33.67 -16.45 23.13
CA TYR A 236 -33.73 -15.16 23.81
C TYR A 236 -35.13 -14.90 24.35
N LEU A 237 -35.27 -13.76 25.05
CA LEU A 237 -36.56 -13.40 25.63
C LEU A 237 -37.53 -12.85 24.60
N SER A 238 -37.04 -12.32 23.48
CA SER A 238 -37.91 -11.78 22.44
C SER A 238 -38.56 -12.86 21.59
N GLU A 239 -38.14 -14.11 21.72
CA GLU A 239 -38.71 -15.22 20.96
C GLU A 239 -39.57 -16.15 21.82
N GLU A 240 -39.70 -15.86 23.11
CA GLU A 240 -40.38 -16.77 24.04
C GLU A 240 -41.74 -17.19 23.52
N ALA A 241 -42.61 -16.22 23.23
CA ALA A 241 -43.93 -16.51 22.71
C ALA A 241 -43.84 -17.43 21.49
N TYR A 242 -42.98 -17.07 20.53
CA TYR A 242 -42.78 -17.90 19.36
C TYR A 242 -42.47 -19.33 19.75
N ILE A 243 -41.49 -19.52 20.64
CA ILE A 243 -41.08 -20.87 21.02
C ILE A 243 -42.27 -21.61 21.63
N ALA A 244 -43.08 -20.91 22.42
CA ALA A 244 -44.25 -21.55 23.01
C ALA A 244 -45.10 -22.20 21.93
N ARG A 245 -45.45 -21.43 20.89
CA ARG A 245 -46.28 -22.00 19.84
C ARG A 245 -45.57 -23.15 19.16
N LEU A 246 -44.25 -23.04 18.97
CA LEU A 246 -43.50 -24.14 18.38
C LEU A 246 -43.73 -25.43 19.13
N ARG A 247 -43.71 -25.37 20.46
CA ARG A 247 -43.95 -26.59 21.24
C ARG A 247 -45.36 -27.13 20.96
N LYS A 248 -46.36 -26.25 20.91
CA LYS A 248 -47.71 -26.72 20.63
C LYS A 248 -47.79 -27.34 19.25
N GLU A 249 -46.90 -26.96 18.33
CA GLU A 249 -46.94 -27.53 17.00
C GLU A 249 -46.15 -28.84 16.88
N LEU A 250 -45.35 -29.18 17.88
CA LEU A 250 -44.53 -30.39 17.81
C LEU A 250 -44.69 -31.29 19.02
N ASN A 251 -45.67 -31.03 19.88
CA ASN A 251 -45.93 -31.85 21.07
C ASN A 251 -44.67 -32.02 21.92
N LEU A 252 -44.00 -30.91 22.20
CA LEU A 252 -42.80 -30.91 23.02
C LEU A 252 -43.11 -30.30 24.37
N ALA A 253 -42.64 -30.96 25.44
CA ALA A 253 -42.80 -30.42 26.78
C ALA A 253 -41.76 -29.34 27.03
N LEU A 254 -41.83 -28.74 28.22
CA LEU A 254 -40.85 -27.73 28.59
C LEU A 254 -39.46 -28.32 28.64
N TYR A 255 -38.49 -27.59 28.08
CA TYR A 255 -37.08 -27.96 28.09
C TYR A 255 -36.81 -29.29 27.37
N SER A 256 -37.62 -29.60 26.35
CA SER A 256 -37.46 -30.81 25.56
C SER A 256 -36.84 -30.48 24.21
N ARG A 257 -36.50 -31.52 23.48
CA ARG A 257 -35.72 -31.42 22.25
C ARG A 257 -36.37 -32.26 21.16
N PHE A 258 -36.28 -31.75 19.92
CA PHE A 258 -36.78 -32.39 18.70
C PHE A 258 -35.85 -33.52 18.27
N PRO A 259 -36.41 -34.70 17.97
CA PRO A 259 -35.59 -35.90 17.75
C PRO A 259 -34.41 -35.74 16.80
N LEU A 260 -34.68 -35.33 15.56
CA LEU A 260 -33.66 -35.35 14.52
C LEU A 260 -32.46 -34.51 14.88
N THR A 261 -32.61 -33.53 15.77
CA THR A 261 -31.48 -32.71 16.21
C THR A 261 -30.31 -33.57 16.65
N TRP A 262 -30.58 -34.67 17.37
CA TRP A 262 -29.50 -35.53 17.81
C TRP A 262 -28.58 -35.90 16.65
N ILE A 263 -29.17 -36.36 15.55
CA ILE A 263 -28.35 -36.76 14.40
C ILE A 263 -27.44 -35.62 13.98
N MET A 264 -28.00 -34.42 13.85
CA MET A 264 -27.20 -33.27 13.41
C MET A 264 -26.04 -33.06 14.35
N GLU A 265 -26.29 -33.10 15.66
CA GLU A 265 -25.23 -32.89 16.63
C GLU A 265 -24.11 -33.90 16.40
N ALA A 266 -24.46 -35.16 16.17
CA ALA A 266 -23.47 -36.19 15.94
C ALA A 266 -22.55 -35.81 14.80
N ALA A 267 -23.13 -35.35 13.69
CA ALA A 267 -22.30 -34.98 12.54
C ALA A 267 -21.30 -33.89 12.92
N ASP A 268 -21.75 -32.88 13.66
CA ASP A 268 -20.90 -31.75 13.97
C ASP A 268 -19.70 -32.18 14.80
N ASP A 269 -19.76 -33.39 15.36
CA ASP A 269 -18.68 -33.95 16.17
C ASP A 269 -17.64 -34.77 15.43
N ILE A 270 -17.98 -35.33 14.28
CA ILE A 270 -16.99 -36.10 13.53
C ILE A 270 -16.10 -35.18 12.72
N SER A 271 -16.69 -34.48 11.74
CA SER A 271 -15.91 -33.61 10.87
C SER A 271 -15.02 -32.69 11.68
N TYR A 272 -15.55 -32.17 12.78
CA TYR A 272 -14.86 -31.18 13.62
C TYR A 272 -13.39 -31.49 13.79
N CYS A 273 -13.06 -32.78 13.92
CA CYS A 273 -11.65 -33.12 14.08
C CYS A 273 -10.93 -33.11 12.74
N VAL A 274 -11.30 -34.04 11.87
CA VAL A 274 -10.38 -34.51 10.84
C VAL A 274 -10.01 -33.38 9.89
N ALA A 275 -11.02 -32.62 9.45
CA ALA A 275 -10.79 -31.55 8.47
C ALA A 275 -9.66 -30.63 8.93
N ASP A 276 -9.70 -30.18 10.19
CA ASP A 276 -8.70 -29.21 10.61
C ASP A 276 -7.29 -29.75 10.35
N LEU A 277 -7.08 -31.02 10.67
CA LEU A 277 -5.76 -31.61 10.55
C LEU A 277 -5.24 -31.48 9.13
N GLU A 278 -6.08 -31.77 8.14
CA GLU A 278 -5.63 -31.74 6.76
C GLU A 278 -5.11 -30.36 6.39
N ASP A 279 -5.81 -29.31 6.83
CA ASP A 279 -5.42 -27.97 6.42
C ASP A 279 -4.04 -27.62 6.96
N ALA A 280 -3.66 -28.20 8.09
CA ALA A 280 -2.34 -27.93 8.66
C ALA A 280 -1.24 -28.31 7.68
N VAL A 281 -1.45 -29.40 6.94
CA VAL A 281 -0.44 -29.82 5.97
C VAL A 281 -0.40 -28.87 4.78
N GLU A 282 -1.56 -28.32 4.40
CA GLU A 282 -1.64 -27.57 3.16
C GLU A 282 -0.99 -26.19 3.31
N LYS A 283 -0.94 -25.68 4.54
CA LYS A 283 -0.29 -24.41 4.83
C LYS A 283 1.20 -24.56 5.13
N ARG A 284 1.75 -25.75 4.91
CA ARG A 284 3.17 -26.05 5.12
C ARG A 284 3.58 -25.83 6.57
N ILE A 285 2.90 -26.50 7.49
CA ILE A 285 3.26 -26.47 8.90
C ILE A 285 4.09 -27.67 9.29
N PHE A 286 3.66 -28.87 8.92
CA PHE A 286 4.43 -30.09 9.14
C PHE A 286 4.00 -31.12 8.11
N THR A 287 4.46 -32.33 8.25
CA THR A 287 4.09 -33.31 7.26
C THR A 287 3.63 -34.65 7.80
N VAL A 288 3.14 -35.45 6.86
CA VAL A 288 2.60 -36.78 7.09
C VAL A 288 3.35 -37.62 8.13
N GLU A 289 4.69 -37.69 8.01
CA GLU A 289 5.53 -38.41 8.95
C GLU A 289 5.37 -37.88 10.37
N GLN A 290 5.38 -36.57 10.53
CA GLN A 290 5.11 -35.93 11.82
C GLN A 290 3.70 -36.21 12.30
N LEU A 291 2.73 -36.26 11.37
CA LEU A 291 1.36 -36.63 11.74
C LEU A 291 1.33 -37.98 12.44
N TYR A 292 1.92 -39.00 11.80
CA TYR A 292 1.91 -40.33 12.39
C TYR A 292 2.68 -40.37 13.69
N HIS A 293 3.82 -39.69 13.75
CA HIS A 293 4.63 -39.70 14.97
C HIS A 293 3.85 -39.10 16.15
N HIS A 294 3.21 -37.95 15.91
CA HIS A 294 2.44 -37.31 16.97
C HIS A 294 1.25 -38.15 17.38
N LEU A 295 0.55 -38.75 16.40
CA LEU A 295 -0.59 -39.60 16.73
C LEU A 295 -0.16 -40.80 17.58
N HIS A 296 0.92 -41.46 17.17
CA HIS A 296 1.40 -42.63 17.91
C HIS A 296 1.87 -42.25 19.30
N GLU A 297 2.54 -41.11 19.44
CA GLU A 297 2.98 -40.66 20.76
C GLU A 297 1.81 -40.30 21.66
N ALA A 298 0.77 -39.65 21.12
CA ALA A 298 -0.36 -39.22 21.92
C ALA A 298 -1.38 -40.32 22.18
N TRP A 299 -1.30 -41.45 21.47
CA TRP A 299 -2.24 -42.54 21.70
C TRP A 299 -2.11 -43.09 23.13
N PHE A 308 -7.90 -48.59 17.52
CA PHE A 308 -6.75 -47.81 17.07
C PHE A 308 -5.98 -48.55 15.97
N SER A 309 -5.78 -49.85 16.18
CA SER A 309 -4.94 -50.63 15.27
C SER A 309 -5.48 -50.60 13.85
N LEU A 310 -6.79 -50.85 13.70
CA LEU A 310 -7.39 -50.98 12.38
C LEU A 310 -7.20 -49.72 11.54
N VAL A 311 -7.81 -48.61 11.97
CA VAL A 311 -7.83 -47.40 11.15
C VAL A 311 -6.42 -46.85 10.97
N VAL A 312 -5.69 -46.69 12.07
CA VAL A 312 -4.38 -46.05 12.02
C VAL A 312 -3.40 -46.90 11.21
N GLU A 313 -3.35 -48.20 11.51
CA GLU A 313 -2.43 -49.06 10.79
C GLU A 313 -2.77 -49.19 9.32
N ASN A 314 -4.05 -49.32 8.97
CA ASN A 314 -4.42 -49.40 7.56
C ASN A 314 -4.05 -48.10 6.84
N ALA A 315 -4.33 -46.95 7.47
CA ALA A 315 -4.01 -45.68 6.84
C ALA A 315 -2.51 -45.51 6.65
N TRP A 316 -1.72 -45.92 7.64
CA TRP A 316 -0.28 -45.69 7.57
C TRP A 316 0.41 -46.67 6.63
N GLU A 317 -0.10 -47.90 6.54
CA GLU A 317 0.56 -48.93 5.75
C GLU A 317 0.08 -49.02 4.31
N LYS A 318 -1.21 -48.82 4.06
CA LYS A 318 -1.70 -48.83 2.69
C LYS A 318 -1.25 -47.59 1.91
N SER A 319 -0.75 -46.57 2.61
CA SER A 319 -0.28 -45.37 1.93
C SER A 319 1.13 -45.53 1.38
N ARG A 320 1.85 -46.57 1.80
CA ARG A 320 3.21 -46.79 1.35
C ARG A 320 3.33 -48.09 0.55
N ASP A 330 -2.88 -35.82 -1.10
CA ASP A 330 -4.22 -35.63 -1.63
C ASP A 330 -5.02 -36.94 -1.61
N GLN A 331 -4.30 -38.05 -1.62
CA GLN A 331 -4.93 -39.37 -1.60
C GLN A 331 -4.83 -40.06 -0.26
N PHE A 332 -4.03 -39.54 0.68
CA PHE A 332 -3.97 -40.13 2.01
C PHE A 332 -5.23 -39.83 2.81
N PHE A 333 -5.69 -38.57 2.76
CA PHE A 333 -6.88 -38.21 3.52
C PHE A 333 -8.14 -38.82 2.92
N MET A 334 -8.19 -38.94 1.60
CA MET A 334 -9.33 -39.56 0.96
C MET A 334 -9.47 -41.03 1.38
N TYR A 335 -8.37 -41.64 1.81
CA TYR A 335 -8.43 -42.99 2.38
C TYR A 335 -8.69 -42.96 3.87
N LEU A 336 -8.21 -41.93 4.57
CA LEU A 336 -8.39 -41.89 6.02
C LEU A 336 -9.83 -41.58 6.42
N ARG A 337 -10.50 -40.73 5.66
CA ARG A 337 -11.87 -40.42 5.98
C ARG A 337 -12.76 -41.62 5.93
N VAL A 338 -12.66 -42.36 4.82
CA VAL A 338 -13.61 -43.43 4.53
C VAL A 338 -13.64 -44.45 5.67
N ASN A 339 -12.47 -44.83 6.18
CA ASN A 339 -12.41 -45.83 7.25
C ASN A 339 -13.06 -45.29 8.52
N THR A 340 -12.79 -44.03 8.84
CA THR A 340 -13.40 -43.41 10.02
C THR A 340 -14.93 -43.37 9.89
N LEU A 341 -15.42 -43.04 8.70
CA LEU A 341 -16.87 -43.00 8.49
C LEU A 341 -17.48 -44.39 8.64
N ASN A 342 -16.86 -45.40 8.00
CA ASN A 342 -17.37 -46.76 8.13
C ASN A 342 -17.23 -47.32 9.54
N LYS A 343 -16.40 -46.73 10.38
CA LYS A 343 -16.33 -47.16 11.77
C LYS A 343 -17.29 -46.40 12.67
N LEU A 344 -17.63 -45.15 12.33
CA LEU A 344 -18.43 -44.31 13.21
C LEU A 344 -19.92 -44.27 12.88
N VAL A 345 -20.30 -44.25 11.60
CA VAL A 345 -21.71 -44.04 11.26
C VAL A 345 -22.61 -45.17 11.76
N PRO A 346 -22.28 -46.46 11.55
CA PRO A 346 -23.15 -47.51 12.10
C PRO A 346 -23.32 -47.46 13.60
N TYR A 347 -22.28 -47.05 14.34
CA TYR A 347 -22.41 -46.90 15.78
C TYR A 347 -23.46 -45.86 16.13
N ALA A 348 -23.43 -44.72 15.44
CA ALA A 348 -24.43 -43.67 15.68
C ALA A 348 -25.83 -44.14 15.30
N ALA A 349 -25.95 -44.88 14.20
CA ALA A 349 -27.26 -45.40 13.80
C ALA A 349 -27.81 -46.36 14.85
N GLN A 350 -26.97 -47.26 15.37
CA GLN A 350 -27.43 -48.20 16.38
C GLN A 350 -27.76 -47.49 17.70
N ARG A 351 -27.00 -46.46 18.05
CA ARG A 351 -27.32 -45.71 19.26
C ARG A 351 -28.64 -44.96 19.10
N PHE A 352 -28.92 -44.43 17.91
CA PHE A 352 -30.20 -43.78 17.67
C PHE A 352 -31.35 -44.77 17.78
N ILE A 353 -31.20 -45.94 17.15
CA ILE A 353 -32.31 -46.90 17.12
C ILE A 353 -32.53 -47.54 18.49
N ASP A 354 -31.46 -47.79 19.24
CA ASP A 354 -31.59 -48.47 20.53
C ASP A 354 -32.38 -47.63 21.53
N ASN A 355 -32.12 -46.33 21.61
CA ASN A 355 -32.75 -45.44 22.58
C ASN A 355 -33.84 -44.58 21.95
N LEU A 356 -34.56 -45.14 20.97
CA LEU A 356 -35.55 -44.40 20.20
C LEU A 356 -36.71 -43.84 21.03
N PRO A 357 -37.31 -44.60 21.96
CA PRO A 357 -38.42 -44.01 22.73
C PRO A 357 -38.02 -42.77 23.52
N ALA A 358 -36.83 -42.77 24.14
CA ALA A 358 -36.40 -41.61 24.90
C ALA A 358 -36.15 -40.41 23.99
N ILE A 359 -35.57 -40.63 22.82
CA ILE A 359 -35.35 -39.55 21.87
C ILE A 359 -36.68 -38.99 21.37
N PHE A 360 -37.63 -39.87 21.05
CA PHE A 360 -38.94 -39.43 20.60
C PHE A 360 -39.68 -38.68 21.69
N ALA A 361 -39.44 -39.02 22.96
CA ALA A 361 -40.03 -38.25 24.05
C ALA A 361 -39.35 -36.90 24.22
N GLY A 362 -38.07 -36.79 23.85
CA GLY A 362 -37.34 -35.56 23.97
C GLY A 362 -36.58 -35.37 25.26
N THR A 363 -36.43 -36.42 26.07
CA THR A 363 -35.81 -36.32 27.38
C THR A 363 -34.49 -37.08 27.49
N PHE A 364 -33.93 -37.53 26.38
CA PHE A 364 -32.66 -38.26 26.42
C PHE A 364 -31.52 -37.31 26.81
N ASN A 365 -30.93 -37.53 27.98
CA ASN A 365 -29.97 -36.60 28.56
C ASN A 365 -28.52 -36.94 28.20
N HIS A 366 -28.30 -37.56 27.04
CA HIS A 366 -26.98 -37.93 26.59
C HIS A 366 -26.83 -37.61 25.11
N ALA A 367 -25.62 -37.76 24.60
CA ALA A 367 -25.34 -37.65 23.18
C ALA A 367 -25.11 -39.04 22.58
N LEU A 368 -25.25 -39.12 21.25
CA LEU A 368 -25.14 -40.40 20.58
C LEU A 368 -23.73 -40.97 20.69
N LEU A 369 -22.73 -40.16 20.41
CA LEU A 369 -21.34 -40.61 20.42
C LEU A 369 -20.68 -40.51 21.79
N GLU A 370 -21.36 -39.95 22.78
CA GLU A 370 -20.79 -39.86 24.11
C GLU A 370 -20.87 -41.21 24.82
N ALA A 372 -17.96 -44.82 26.12
CA ALA A 372 -16.62 -45.30 26.42
C ALA A 372 -16.05 -46.20 25.33
N SER A 373 -16.68 -46.23 24.16
CA SER A 373 -16.21 -47.11 23.09
C SER A 373 -14.92 -46.57 22.47
N GLU A 374 -14.42 -47.32 21.49
CA GLU A 374 -13.19 -46.91 20.80
C GLU A 374 -13.41 -45.65 19.98
N CYS A 375 -14.67 -45.35 19.64
CA CYS A 375 -14.97 -44.12 18.90
C CYS A 375 -14.58 -42.88 19.69
N SER A 376 -14.90 -42.85 20.98
CA SER A 376 -14.51 -41.73 21.83
C SER A 376 -13.00 -41.60 21.88
N ASP A 377 -12.28 -42.72 21.99
CA ASP A 377 -10.83 -42.68 22.03
C ASP A 377 -10.24 -42.14 20.73
N LEU A 378 -10.77 -42.57 19.58
CA LEU A 378 -10.24 -42.08 18.31
C LEU A 378 -10.53 -40.59 18.14
N LEU A 379 -11.73 -40.15 18.49
CA LEU A 379 -12.06 -38.74 18.38
C LEU A 379 -11.20 -37.90 19.32
N LYS A 380 -10.97 -38.38 20.54
CA LYS A 380 -10.09 -37.67 21.47
C LYS A 380 -8.66 -37.62 20.96
N LEU A 381 -8.20 -38.69 20.31
CA LEU A 381 -6.87 -38.70 19.70
C LEU A 381 -6.74 -37.58 18.67
N TYR A 382 -7.69 -37.52 17.74
CA TYR A 382 -7.66 -36.47 16.73
C TYR A 382 -7.71 -35.09 17.37
N LYS A 383 -8.60 -34.91 18.35
CA LYS A 383 -8.76 -33.61 18.98
C LYS A 383 -7.49 -33.16 19.69
N ASN A 384 -6.85 -34.06 20.46
CA ASN A 384 -5.66 -33.64 21.19
C ASN A 384 -4.48 -33.41 20.26
N VAL A 385 -4.35 -34.18 19.18
CA VAL A 385 -3.29 -33.88 18.21
C VAL A 385 -3.52 -32.49 17.61
N ALA A 386 -4.77 -32.18 17.25
CA ALA A 386 -5.07 -30.87 16.68
C ALA A 386 -4.79 -29.75 17.66
N VAL A 387 -5.14 -29.94 18.93
CA VAL A 387 -4.87 -28.91 19.95
C VAL A 387 -3.37 -28.73 20.14
N LYS A 388 -2.60 -29.82 20.11
CA LYS A 388 -1.17 -29.72 20.36
C LYS A 388 -0.42 -29.07 19.21
N HIS A 389 -0.74 -29.41 17.96
CA HIS A 389 0.10 -29.02 16.84
C HIS A 389 -0.51 -27.98 15.91
N VAL A 390 -1.78 -27.62 16.08
CA VAL A 390 -2.42 -26.71 15.12
C VAL A 390 -2.89 -25.44 15.80
N PHE A 391 -3.69 -25.58 16.86
CA PHE A 391 -4.26 -24.40 17.51
C PHE A 391 -3.24 -23.60 18.30
N SER A 392 -2.02 -24.11 18.49
CA SER A 392 -0.97 -23.40 19.22
C SER A 392 -0.08 -22.58 18.31
N HIS A 393 -0.37 -22.54 17.01
CA HIS A 393 0.42 -21.76 16.08
C HIS A 393 0.23 -20.27 16.36
N PRO A 394 1.29 -19.47 16.20
CA PRO A 394 1.17 -18.03 16.52
C PRO A 394 0.12 -17.29 15.72
N ASP A 395 -0.10 -17.66 14.46
CA ASP A 395 -1.02 -16.92 13.61
C ASP A 395 -2.46 -16.98 14.13
N VAL A 396 -2.90 -18.16 14.58
CA VAL A 396 -4.26 -18.31 15.09
C VAL A 396 -4.45 -17.44 16.33
N GLU A 397 -3.45 -17.51 17.18
CA GLU A 397 -3.43 -16.75 18.41
C GLU A 397 -3.50 -15.23 18.18
N ARG A 398 -2.75 -14.73 17.22
CA ARG A 398 -2.74 -13.33 16.83
C ARG A 398 -4.08 -12.91 16.23
N LEU A 399 -4.65 -13.77 15.37
CA LEU A 399 -5.95 -13.45 14.78
C LEU A 399 -7.03 -13.35 15.84
N GLU A 400 -6.95 -14.21 16.84
CA GLU A 400 -7.87 -14.26 17.95
C GLU A 400 -7.84 -13.00 18.79
N LEU A 401 -6.67 -12.47 19.05
CA LEU A 401 -6.51 -11.22 19.79
C LEU A 401 -6.99 -10.03 18.96
N GLN A 402 -6.65 -10.01 17.67
CA GLN A 402 -7.07 -8.92 16.81
C GLN A 402 -8.59 -8.85 16.69
N GLY A 403 -9.24 -10.00 16.54
CA GLY A 403 -10.69 -10.00 16.46
C GLY A 403 -11.36 -9.49 17.73
N TYR A 404 -10.85 -9.92 18.88
CA TYR A 404 -11.36 -9.41 20.15
C TYR A 404 -11.28 -7.89 20.20
N ARG A 405 -10.11 -7.34 19.86
CA ARG A 405 -9.94 -5.89 19.92
C ARG A 405 -10.86 -5.19 18.93
N VAL A 406 -11.05 -5.74 17.74
CA VAL A 406 -11.90 -5.10 16.73
C VAL A 406 -13.35 -5.04 17.21
N ILE A 407 -13.86 -6.14 17.76
CA ILE A 407 -15.25 -6.13 18.23
C ILE A 407 -15.43 -5.14 19.36
N SER A 408 -14.48 -5.11 20.30
CA SER A 408 -14.58 -4.14 21.40
C SER A 408 -14.57 -2.71 20.87
N GLY A 409 -13.71 -2.43 19.90
CA GLY A 409 -13.66 -1.08 19.34
C GLY A 409 -14.93 -0.67 18.63
N LEU A 410 -15.53 -1.59 17.87
CA LEU A 410 -16.79 -1.28 17.20
C LEU A 410 -17.90 -0.98 18.22
N LEU A 411 -17.98 -1.77 19.29
CA LEU A 411 -18.98 -1.49 20.31
C LEU A 411 -18.74 -0.14 20.97
N GLU A 412 -17.48 0.19 21.25
CA GLU A 412 -17.17 1.50 21.82
C GLU A 412 -17.58 2.62 20.87
N ILE A 413 -17.36 2.44 19.57
CA ILE A 413 -17.71 3.46 18.60
C ILE A 413 -19.22 3.68 18.58
N TYR A 414 -20.01 2.60 18.62
CA TYR A 414 -21.45 2.74 18.54
C TYR A 414 -22.11 2.99 19.90
N ARG A 415 -21.33 3.05 20.97
CA ARG A 415 -21.88 3.38 22.29
C ARG A 415 -22.76 4.62 22.36
N PRO A 416 -22.43 5.75 21.72
CA PRO A 416 -23.27 6.95 21.90
C PRO A 416 -24.74 6.76 21.54
N LEU A 417 -25.09 5.77 20.73
CA LEU A 417 -26.49 5.52 20.44
C LEU A 417 -27.26 5.01 21.65
N LEU A 418 -26.58 4.39 22.61
CA LEU A 418 -27.23 3.83 23.79
C LEU A 418 -27.34 4.82 24.95
N SER A 419 -26.74 6.01 24.83
CA SER A 419 -26.77 7.00 25.88
C SER A 419 -27.90 8.02 25.72
N LEU A 420 -28.69 7.91 24.64
CA LEU A 420 -29.77 8.86 24.40
C LEU A 420 -30.93 8.58 25.33
N SER A 421 -32.03 9.29 25.14
CA SER A 421 -33.24 9.14 25.93
C SER A 421 -34.34 8.55 25.05
N LEU A 422 -35.46 8.21 25.70
CA LEU A 422 -36.59 7.62 24.97
C LEU A 422 -37.13 8.58 23.93
N SER A 423 -37.36 9.83 24.32
CA SER A 423 -37.94 10.82 23.41
C SER A 423 -36.98 11.11 22.26
N ASP A 424 -35.68 11.25 22.57
CA ASP A 424 -34.70 11.56 21.54
C ASP A 424 -34.59 10.43 20.52
N PHE A 425 -34.49 9.19 20.99
CA PHE A 425 -34.38 8.07 20.06
C PHE A 425 -35.67 7.88 19.27
N THR A 426 -36.83 8.09 19.91
CA THR A 426 -38.09 7.99 19.18
C THR A 426 -38.18 9.02 18.07
N GLU A 427 -37.83 10.28 18.37
CA GLU A 427 -37.83 11.32 17.34
C GLU A 427 -36.84 11.00 16.23
N LEU A 428 -35.67 10.46 16.61
CA LEU A 428 -34.66 10.11 15.62
C LEU A 428 -35.15 9.00 14.69
N VAL A 429 -35.97 8.08 15.21
CA VAL A 429 -36.50 7.00 14.36
C VAL A 429 -37.51 7.45 13.32
N GLU A 430 -38.41 8.35 13.69
CA GLU A 430 -39.47 8.83 12.80
C GLU A 430 -39.05 9.66 11.58
N LYS A 431 -37.87 10.26 11.63
CA LYS A 431 -37.37 11.04 10.50
C LYS A 431 -36.05 10.49 10.00
N VAL A 434 -32.58 14.68 12.07
CA VAL A 434 -32.79 15.67 13.11
C VAL A 434 -31.68 16.70 13.04
N LYS A 435 -31.91 17.86 13.67
CA LYS A 435 -30.94 18.94 13.66
C LYS A 435 -30.14 19.04 14.95
N ARG A 436 -30.57 18.37 16.02
CA ARG A 436 -29.87 18.45 17.29
C ARG A 436 -28.89 17.30 17.52
N PHE A 437 -28.94 16.25 16.71
CA PHE A 437 -28.10 15.07 16.89
C PHE A 437 -27.45 14.67 15.58
N PRO A 438 -26.45 15.42 15.12
CA PRO A 438 -25.80 15.09 13.84
C PRO A 438 -25.05 13.77 13.86
N ILE A 439 -24.14 13.63 14.83
CA ILE A 439 -23.34 12.42 14.92
C ILE A 439 -24.22 11.19 15.14
N GLU A 440 -25.18 11.31 16.06
CA GLU A 440 -26.06 10.19 16.36
C GLU A 440 -26.93 9.84 15.16
N SER A 441 -27.42 10.84 14.43
CA SER A 441 -28.23 10.55 13.25
C SER A 441 -27.42 9.84 12.18
N ARG A 442 -26.17 10.27 11.95
CA ARG A 442 -25.35 9.58 10.97
C ARG A 442 -25.05 8.14 11.39
N LEU A 443 -24.72 7.94 12.68
CA LEU A 443 -24.47 6.59 13.18
C LEU A 443 -25.70 5.71 13.01
N PHE A 444 -26.89 6.25 13.30
CA PHE A 444 -28.11 5.47 13.14
C PHE A 444 -28.38 5.14 11.68
N HIS A 445 -28.17 6.11 10.78
CA HIS A 445 -28.36 5.85 9.36
C HIS A 445 -27.36 4.83 8.83
N LYS A 446 -26.23 4.65 9.50
CA LYS A 446 -25.26 3.64 9.07
C LYS A 446 -25.78 2.21 9.24
N LEU A 447 -26.79 1.99 10.09
CA LEU A 447 -27.33 0.66 10.31
C LEU A 447 -28.13 0.18 9.10
N SER A 448 -28.39 -1.13 9.07
CA SER A 448 -29.09 -1.74 7.95
C SER A 448 -30.59 -1.51 8.05
N THR A 449 -31.28 -1.73 6.93
CA THR A 449 -32.71 -1.48 6.86
C THR A 449 -33.51 -2.54 7.61
N ARG A 450 -33.12 -3.81 7.46
CA ARG A 450 -33.87 -4.90 8.06
C ARG A 450 -33.90 -4.82 9.58
N HIS A 451 -32.76 -4.48 10.19
CA HIS A 451 -32.69 -4.39 11.65
C HIS A 451 -33.57 -3.25 12.16
N ARG A 452 -33.55 -2.11 11.49
CA ARG A 452 -34.40 -0.99 11.91
C ARG A 452 -35.88 -1.33 11.75
N LEU A 453 -36.24 -2.02 10.66
CA LEU A 453 -37.63 -2.43 10.50
C LEU A 453 -38.05 -3.41 11.59
N ALA A 454 -37.15 -4.33 11.96
CA ALA A 454 -37.44 -5.26 13.04
C ALA A 454 -37.67 -4.51 14.35
N TYR A 455 -36.84 -3.50 14.63
CA TYR A 455 -37.04 -2.69 15.82
C TYR A 455 -38.39 -1.99 15.79
N VAL A 456 -38.75 -1.42 14.64
CA VAL A 456 -40.01 -0.69 14.53
C VAL A 456 -41.19 -1.61 14.79
N GLU A 457 -41.20 -2.78 14.16
CA GLU A 457 -42.30 -3.72 14.38
C GLU A 457 -42.35 -4.22 15.81
N ALA A 458 -41.18 -4.49 16.42
CA ALA A 458 -41.17 -4.95 17.80
C ALA A 458 -41.71 -3.90 18.76
N VAL A 459 -41.35 -2.63 18.54
CA VAL A 459 -41.74 -1.60 19.49
C VAL A 459 -43.18 -1.15 19.27
N SER A 460 -43.70 -1.27 18.04
CA SER A 460 -45.05 -0.80 17.76
C SER A 460 -46.09 -1.57 18.57
N LYS A 461 -45.91 -2.87 18.75
CA LYS A 461 -46.87 -3.71 19.45
C LYS A 461 -46.89 -3.49 20.95
N LEU A 462 -45.95 -2.77 21.53
CA LEU A 462 -45.90 -2.58 22.97
C LEU A 462 -46.98 -1.60 23.43
N PRO A 463 -47.62 -1.86 24.57
CA PRO A 463 -48.56 -0.89 25.14
C PRO A 463 -47.83 0.37 25.56
N SER A 464 -48.30 1.50 25.04
CA SER A 464 -47.62 2.78 25.25
C SER A 464 -48.01 3.46 26.56
N ASP A 465 -48.67 2.77 27.47
CA ASP A 465 -49.09 3.36 28.73
C ASP A 465 -48.52 2.66 29.96
N SER A 466 -48.04 1.43 29.83
CA SER A 466 -47.55 0.70 30.99
C SER A 466 -46.23 1.30 31.47
N PRO A 467 -45.91 1.14 32.76
CA PRO A 467 -44.63 1.62 33.26
C PRO A 467 -43.45 0.75 32.83
N GLU A 468 -43.74 -0.28 32.03
CA GLU A 468 -42.72 -1.19 31.54
C GLU A 468 -42.20 -0.84 30.14
N PHE A 469 -42.70 0.24 29.54
CA PHE A 469 -42.28 0.61 28.20
C PHE A 469 -40.79 0.93 28.09
N PRO A 470 -40.18 1.76 28.96
CA PRO A 470 -38.75 2.04 28.80
C PRO A 470 -37.87 0.81 28.89
N LEU A 471 -38.21 -0.14 29.76
CA LEU A 471 -37.42 -1.36 29.90
C LEU A 471 -37.38 -2.14 28.58
N TRP A 472 -38.56 -2.36 27.99
CA TRP A 472 -38.63 -3.08 26.73
C TRP A 472 -37.94 -2.32 25.61
N GLU A 473 -38.09 -0.99 25.59
CA GLU A 473 -37.46 -0.20 24.53
C GLU A 473 -35.94 -0.30 24.61
N TYR A 474 -35.39 -0.24 25.83
CA TYR A 474 -33.95 -0.41 25.99
C TYR A 474 -33.51 -1.80 25.57
N TYR A 475 -34.29 -2.82 25.94
CA TYR A 475 -33.97 -4.18 25.53
C TYR A 475 -33.89 -4.31 24.02
N TYR A 476 -34.87 -3.73 23.31
CA TYR A 476 -34.89 -3.85 21.86
C TYR A 476 -33.82 -3.00 21.20
N ARG A 477 -33.44 -1.87 21.82
CA ARG A 477 -32.32 -1.09 21.30
C ARG A 477 -31.02 -1.89 21.39
N CYS A 478 -30.77 -2.53 22.54
CA CYS A 478 -29.58 -3.38 22.66
C CYS A 478 -29.64 -4.55 21.70
N ARG A 479 -30.83 -5.12 21.48
CA ARG A 479 -30.96 -6.19 20.50
C ARG A 479 -30.62 -5.71 19.10
N LEU A 480 -31.06 -4.50 18.75
CA LEU A 480 -30.72 -3.93 17.44
C LEU A 480 -29.21 -3.79 17.27
N LEU A 481 -28.54 -3.29 18.32
CA LEU A 481 -27.08 -3.16 18.24
C LEU A 481 -26.41 -4.52 18.08
N GLN A 482 -26.86 -5.52 18.83
CA GLN A 482 -26.24 -6.84 18.74
C GLN A 482 -26.49 -7.50 17.38
N ASP A 483 -27.68 -7.33 16.82
CA ASP A 483 -27.94 -7.84 15.48
C ASP A 483 -27.02 -7.19 14.45
N TYR A 484 -26.86 -5.87 14.54
CA TYR A 484 -25.96 -5.21 13.59
C TYR A 484 -24.55 -5.72 13.72
N ILE A 485 -24.04 -5.84 14.96
CA ILE A 485 -22.66 -6.27 15.16
C ILE A 485 -22.48 -7.70 14.67
N SER A 486 -23.46 -8.57 14.94
CA SER A 486 -23.32 -9.98 14.59
C SER A 486 -23.62 -10.26 13.12
N GLY A 487 -24.18 -9.30 12.40
CA GLY A 487 -24.50 -9.54 11.01
C GLY A 487 -23.42 -9.20 10.01
N MET A 488 -22.18 -9.07 10.46
CA MET A 488 -21.06 -8.73 9.61
C MET A 488 -20.20 -9.96 9.31
N THR A 489 -19.31 -9.79 8.35
CA THR A 489 -18.23 -10.74 8.10
C THR A 489 -16.95 -10.24 8.77
N ASP A 490 -15.93 -11.10 8.77
CA ASP A 490 -14.66 -10.72 9.37
C ASP A 490 -14.02 -9.55 8.63
N LEU A 491 -13.93 -9.64 7.31
CA LEU A 491 -13.31 -8.59 6.52
C LEU A 491 -14.09 -7.29 6.57
N TYR A 492 -15.43 -7.37 6.50
CA TYR A 492 -16.24 -6.16 6.56
C TYR A 492 -16.09 -5.45 7.89
N ALA A 493 -16.14 -6.20 8.99
CA ALA A 493 -15.98 -5.60 10.32
C ALA A 493 -14.59 -5.00 10.48
N TRP A 494 -13.56 -5.68 10.01
CA TRP A 494 -12.23 -5.16 10.10
C TRP A 494 -12.05 -3.88 9.31
N ASP A 495 -12.52 -3.87 8.10
CA ASP A 495 -12.41 -2.66 7.28
C ASP A 495 -13.21 -1.51 7.86
N GLU A 496 -14.43 -1.79 8.33
CA GLU A 496 -15.26 -0.73 8.91
C GLU A 496 -14.62 -0.20 10.18
N TYR A 497 -13.97 -1.07 10.97
CA TYR A 497 -13.28 -0.62 12.16
C TYR A 497 -12.12 0.30 11.82
N ARG A 498 -11.35 0.03 10.81
CA ARG A 498 -10.30 0.94 10.45
C ARG A 498 -10.84 2.22 9.86
N ARG A 499 -11.91 2.17 9.09
CA ARG A 499 -12.49 3.38 8.52
C ARG A 499 -13.04 4.31 9.59
N LEU A 500 -13.76 3.76 10.58
CA LEU A 500 -14.35 4.62 11.60
C LEU A 500 -13.32 5.17 12.57
N MET A 501 -12.11 4.62 12.60
CA MET A 501 -11.05 5.12 13.45
C MET A 501 -10.11 6.08 12.73
N ALA A 502 -10.42 6.45 11.49
CA ALA A 502 -9.62 7.39 10.69
C ALA A 502 -8.20 6.88 10.48
N VAL A 503 -8.03 5.56 10.42
CA VAL A 503 -6.72 4.99 10.15
C VAL A 503 -6.50 4.86 8.65
N GLU A 504 -7.55 4.51 7.90
CA GLU A 504 -7.49 4.46 6.44
C GLU A 504 -8.63 5.31 5.88
N GLN A 505 -8.41 5.81 4.67
CA GLN A 505 -9.40 6.65 4.01
C GLN A 505 -10.65 5.85 3.64
N ARG B 7 -15.82 -26.15 22.53
CA ARG B 7 -15.07 -25.55 23.64
C ARG B 7 -16.01 -24.98 24.69
N LEU B 8 -15.43 -24.50 25.78
CA LEU B 8 -16.22 -23.96 26.88
C LEU B 8 -16.89 -22.64 26.46
N TYR B 9 -18.15 -22.50 26.85
CA TYR B 9 -18.90 -21.29 26.54
C TYR B 9 -18.48 -20.15 27.48
N SER B 10 -18.50 -18.93 26.93
CA SER B 10 -17.99 -17.78 27.68
C SER B 10 -18.82 -17.48 28.92
N GLY B 11 -20.14 -17.59 28.81
CA GLY B 11 -21.00 -17.26 29.94
C GLY B 11 -20.78 -18.14 31.15
N ASN B 12 -20.54 -19.44 30.92
CA ASN B 12 -20.27 -20.33 32.04
C ASN B 12 -18.99 -19.94 32.77
N LEU B 13 -17.94 -19.60 32.01
CA LEU B 13 -16.70 -19.14 32.61
C LEU B 13 -16.91 -17.84 33.38
N ALA B 14 -17.73 -16.94 32.83
CA ALA B 14 -18.02 -15.69 33.52
C ALA B 14 -18.75 -15.93 34.83
N ALA B 15 -19.71 -16.85 34.84
CA ALA B 15 -20.42 -17.18 36.07
C ALA B 15 -19.48 -17.80 37.11
N PHE B 16 -18.60 -18.69 36.66
CA PHE B 16 -17.63 -19.28 37.58
C PHE B 16 -16.70 -18.22 38.16
N LYS B 17 -16.24 -17.29 37.33
CA LYS B 17 -15.39 -16.22 37.82
C LYS B 17 -16.13 -15.32 38.81
N ALA B 18 -17.40 -15.05 38.54
CA ALA B 18 -18.19 -14.23 39.46
C ALA B 18 -18.35 -14.93 40.80
N ALA B 19 -18.61 -16.24 40.79
CA ALA B 19 -18.69 -16.98 42.05
C ALA B 19 -17.36 -16.98 42.79
N THR B 20 -16.25 -17.13 42.05
CA THR B 20 -14.94 -17.09 42.69
C THR B 20 -14.68 -15.73 43.33
N ASN B 21 -15.03 -14.65 42.63
CA ASN B 21 -14.84 -13.32 43.18
C ASN B 21 -15.72 -13.09 44.41
N LYS B 22 -16.95 -13.58 44.37
CA LYS B 22 -17.83 -13.47 45.54
C LYS B 22 -17.26 -14.22 46.74
N LEU B 23 -16.71 -15.42 46.51
CA LEU B 23 -16.09 -16.14 47.61
C LEU B 23 -14.85 -15.42 48.13
N PHE B 24 -14.04 -14.85 47.23
CA PHE B 24 -12.81 -14.19 47.65
C PHE B 24 -13.10 -12.91 48.43
N GLN B 25 -14.14 -12.17 48.04
CA GLN B 25 -14.52 -10.98 48.79
C GLN B 25 -15.02 -11.33 50.19
N LEU B 26 -15.44 -12.57 50.40
CA LEU B 26 -15.86 -13.07 51.70
C LEU B 26 -14.70 -13.49 52.59
N ASP B 27 -13.48 -13.03 52.28
CA ASP B 27 -12.28 -13.36 53.04
C ASP B 27 -12.00 -14.86 53.03
N LEU B 28 -12.18 -15.49 51.88
CA LEU B 28 -11.87 -16.90 51.67
C LEU B 28 -10.93 -17.07 50.50
N ALA B 29 -10.31 -18.24 50.43
CA ALA B 29 -9.37 -18.57 49.36
C ALA B 29 -9.88 -19.80 48.61
N VAL B 30 -9.81 -19.74 47.28
CA VAL B 30 -10.27 -20.82 46.41
C VAL B 30 -9.05 -21.35 45.66
N ILE B 31 -8.80 -22.66 45.81
CA ILE B 31 -7.68 -23.32 45.16
C ILE B 31 -8.24 -24.26 44.09
N TYR B 32 -7.76 -24.13 42.87
CA TYR B 32 -8.27 -24.84 41.71
C TYR B 32 -7.18 -25.77 41.17
N ASP B 33 -7.54 -27.04 40.95
CA ASP B 33 -6.65 -27.99 40.30
C ASP B 33 -7.46 -28.81 39.31
N ASP B 34 -6.83 -29.27 38.24
CA ASP B 34 -7.55 -30.04 37.23
C ASP B 34 -6.60 -30.99 36.53
N TRP B 35 -7.17 -32.04 35.97
CA TRP B 35 -6.41 -33.04 35.22
C TRP B 35 -7.40 -33.91 34.44
N TYR B 36 -6.88 -34.96 33.81
CA TYR B 36 -7.69 -35.90 33.05
C TYR B 36 -7.43 -37.32 33.56
N ASP B 37 -8.50 -38.09 33.74
CA ASP B 37 -8.40 -39.48 34.17
C ASP B 37 -8.79 -40.36 32.99
N ALA B 38 -7.79 -41.06 32.44
CA ALA B 38 -8.03 -41.97 31.32
C ALA B 38 -8.66 -43.29 31.77
N TYR B 39 -8.52 -43.65 33.04
CA TYR B 39 -9.17 -44.86 33.54
C TYR B 39 -10.68 -44.73 33.48
N THR B 40 -11.22 -43.60 33.94
N THR B 40 -11.22 -43.60 33.94
CA THR B 40 -12.64 -43.32 33.83
CA THR B 40 -12.64 -43.32 33.83
C THR B 40 -13.00 -42.62 32.53
C THR B 40 -13.00 -42.62 32.53
N ARG B 41 -12.01 -42.25 31.72
CA ARG B 41 -12.22 -41.55 30.45
C ARG B 41 -13.01 -40.26 30.65
N LYS B 42 -12.48 -39.39 31.51
CA LYS B 42 -13.16 -38.14 31.82
C LYS B 42 -12.12 -37.12 32.27
N ASP B 43 -12.57 -35.92 32.61
CA ASP B 43 -11.75 -34.87 33.17
C ASP B 43 -12.21 -34.58 34.58
N CYS B 44 -11.25 -34.27 35.44
CA CYS B 44 -11.45 -34.11 36.88
C CYS B 44 -11.02 -32.72 37.30
N ILE B 45 -11.84 -32.08 38.13
CA ILE B 45 -11.52 -30.76 38.69
C ILE B 45 -11.73 -30.82 40.19
N ARG B 46 -10.70 -30.46 40.96
CA ARG B 46 -10.75 -30.42 42.40
C ARG B 46 -10.66 -28.98 42.89
N LEU B 47 -11.54 -28.62 43.82
CA LEU B 47 -11.55 -27.30 44.43
C LEU B 47 -11.36 -27.44 45.94
N ARG B 48 -10.47 -26.61 46.47
CA ARG B 48 -10.09 -26.63 47.89
C ARG B 48 -10.28 -25.22 48.44
N ILE B 49 -11.25 -25.06 49.35
CA ILE B 49 -11.51 -23.76 49.93
C ILE B 49 -10.64 -23.55 51.17
N GLU B 50 -10.17 -22.32 51.34
CA GLU B 50 -9.28 -21.98 52.46
C GLU B 50 -9.67 -20.65 53.08
N ASP B 51 -8.79 -20.12 53.94
CA ASP B 51 -9.04 -18.85 54.60
C ASP B 51 -7.76 -18.01 54.51
N ARG B 52 -7.76 -16.89 55.23
CA ARG B 52 -6.59 -16.01 55.24
C ARG B 52 -5.37 -16.65 55.88
N SER B 53 -5.56 -17.69 56.71
CA SER B 53 -4.44 -18.37 57.34
C SER B 53 -3.90 -19.50 56.48
N GLY B 54 -4.72 -20.08 55.62
CA GLY B 54 -4.29 -21.16 54.76
C GLY B 54 -4.63 -22.54 55.29
N ASN B 55 -5.85 -22.69 55.80
CA ASN B 55 -6.33 -23.96 56.34
C ASN B 55 -7.49 -24.47 55.50
N LEU B 56 -7.45 -25.76 55.16
CA LEU B 56 -8.50 -26.36 54.37
C LEU B 56 -9.82 -26.40 55.14
N ILE B 57 -10.91 -26.12 54.42
CA ILE B 57 -12.24 -26.14 55.01
C ILE B 57 -13.09 -27.18 54.29
N ASP B 58 -13.29 -26.98 52.98
CA ASP B 58 -14.05 -27.90 52.16
C ASP B 58 -13.30 -28.18 50.87
N THR B 59 -13.25 -29.46 50.50
CA THR B 59 -12.55 -29.91 49.30
C THR B 59 -13.40 -30.92 48.57
N SER B 60 -13.62 -30.72 47.27
CA SER B 60 -14.41 -31.66 46.48
C SER B 60 -13.87 -31.76 45.06
N THR B 61 -14.06 -32.93 44.47
CA THR B 61 -13.60 -33.23 43.11
C THR B 61 -14.77 -33.69 42.26
N PHE B 62 -14.82 -33.22 41.02
CA PHE B 62 -15.88 -33.57 40.08
C PHE B 62 -15.30 -34.18 38.82
N TYR B 63 -16.02 -35.17 38.29
CA TYR B 63 -15.63 -35.91 37.10
C TYR B 63 -16.70 -35.69 36.04
N HIS B 64 -16.28 -35.43 34.79
CA HIS B 64 -17.24 -35.44 33.69
C HIS B 64 -16.51 -35.51 32.36
N HIS B 65 -17.25 -35.88 31.31
CA HIS B 65 -16.68 -35.96 29.97
C HIS B 65 -16.89 -34.69 29.16
N ASP B 66 -17.83 -33.84 29.56
CA ASP B 66 -18.07 -32.56 28.92
C ASP B 66 -17.79 -31.44 29.91
N GLU B 67 -17.02 -30.44 29.49
CA GLU B 67 -16.57 -29.41 30.42
C GLU B 67 -17.66 -28.40 30.75
N ASP B 68 -18.64 -28.21 29.86
CA ASP B 68 -19.72 -27.28 30.15
C ASP B 68 -20.52 -27.69 31.37
N VAL B 69 -20.83 -28.98 31.50
CA VAL B 69 -21.54 -29.47 32.67
C VAL B 69 -20.65 -29.40 33.90
N LEU B 70 -19.35 -29.69 33.73
CA LEU B 70 -18.42 -29.68 34.85
C LEU B 70 -18.32 -28.29 35.48
N PHE B 71 -18.19 -27.26 34.65
CA PHE B 71 -18.12 -25.90 35.18
C PHE B 71 -19.41 -25.48 35.87
N ASN B 72 -20.56 -25.90 35.31
CA ASN B 72 -21.83 -25.60 35.95
C ASN B 72 -21.93 -26.26 37.32
N MET B 73 -21.51 -27.52 37.43
CA MET B 73 -21.53 -28.19 38.73
C MET B 73 -20.61 -27.49 39.72
N CYS B 74 -19.41 -27.09 39.27
CA CYS B 74 -18.49 -26.40 40.17
C CYS B 74 -19.07 -25.08 40.67
N THR B 75 -19.68 -24.30 39.76
CA THR B 75 -20.27 -23.03 40.15
C THR B 75 -21.43 -23.24 41.11
N ASP B 76 -22.24 -24.27 40.88
CA ASP B 76 -23.34 -24.57 41.79
C ASP B 76 -22.83 -24.91 43.17
N TRP B 77 -21.75 -25.72 43.25
CA TRP B 77 -21.20 -26.07 44.55
C TRP B 77 -20.64 -24.84 45.26
N LEU B 78 -19.97 -23.96 44.51
CA LEU B 78 -19.42 -22.75 45.10
C LEU B 78 -20.52 -21.84 45.64
N ASN B 79 -21.61 -21.69 44.90
CA ASN B 79 -22.73 -20.91 45.41
C ASN B 79 -23.38 -21.55 46.62
N HIS B 80 -23.48 -22.88 46.64
CA HIS B 80 -24.03 -23.57 47.80
C HIS B 80 -23.19 -23.34 49.05
N MET B 81 -21.86 -23.41 48.93
CA MET B 81 -21.02 -23.15 50.10
C MET B 81 -21.11 -21.70 50.50
N TYR B 82 -21.19 -20.80 49.53
CA TYR B 82 -21.29 -19.40 49.89
C TYR B 82 -22.56 -19.13 50.68
N ASP B 83 -23.68 -19.73 50.27
CA ASP B 83 -24.90 -19.61 51.04
C ASP B 83 -24.75 -20.24 52.43
N GLN B 84 -24.06 -21.38 52.51
CA GLN B 84 -23.88 -22.04 53.80
C GLN B 84 -23.07 -21.19 54.77
N LEU B 85 -21.91 -20.71 54.32
CA LEU B 85 -20.98 -20.00 55.18
C LEU B 85 -21.20 -18.48 55.20
N LYS B 86 -22.21 -17.98 54.51
CA LYS B 86 -22.50 -16.55 54.52
C LYS B 86 -23.64 -16.21 55.48
N ASP B 87 -24.15 -17.20 56.22
CA ASP B 87 -25.03 -16.89 57.35
C ASP B 87 -24.31 -15.98 58.33
N TRP B 88 -23.07 -16.34 58.68
CA TRP B 88 -22.11 -15.42 59.29
C TRP B 88 -20.74 -16.06 59.16
N LYS B 89 -19.71 -15.21 59.27
CA LYS B 89 -18.31 -15.64 59.12
C LYS B 89 -18.10 -16.29 57.76
N GLN C 3 -35.48 -51.17 -26.90
CA GLN C 3 -35.84 -51.56 -25.54
C GLN C 3 -35.14 -50.62 -24.57
N ILE C 4 -35.89 -50.14 -23.58
CA ILE C 4 -35.37 -49.24 -22.56
C ILE C 4 -35.13 -50.04 -21.29
N ASP C 5 -33.89 -50.03 -20.80
CA ASP C 5 -33.53 -50.73 -19.57
C ASP C 5 -32.37 -49.97 -18.94
N PHE C 6 -32.66 -49.20 -17.89
CA PHE C 6 -31.66 -48.35 -17.28
C PHE C 6 -30.63 -49.12 -16.46
N ARG C 7 -30.74 -50.45 -16.37
CA ARG C 7 -29.70 -51.24 -15.73
C ARG C 7 -28.48 -51.40 -16.61
N LYS C 8 -28.62 -51.22 -17.93
CA LYS C 8 -27.49 -51.27 -18.84
C LYS C 8 -26.75 -49.95 -18.96
N LYS C 9 -27.24 -48.89 -18.31
CA LYS C 9 -26.64 -47.57 -18.37
C LYS C 9 -26.06 -47.10 -17.05
N ILE C 10 -26.62 -47.52 -15.92
CA ILE C 10 -26.13 -47.11 -14.60
C ILE C 10 -25.12 -48.19 -14.19
N ASN C 11 -23.85 -47.92 -14.47
CA ASN C 11 -22.77 -48.86 -14.20
C ASN C 11 -22.00 -48.39 -12.98
N TRP C 12 -21.88 -49.26 -11.98
CA TRP C 12 -21.20 -48.94 -10.74
C TRP C 12 -19.79 -49.53 -10.68
N HIS C 13 -19.30 -50.08 -11.78
CA HIS C 13 -17.94 -50.57 -11.83
C HIS C 13 -16.96 -49.41 -11.89
N ARG C 14 -15.69 -49.71 -11.63
CA ARG C 14 -14.62 -48.72 -11.61
C ARG C 14 -13.49 -49.17 -12.51
N ARG C 15 -12.59 -48.23 -12.80
CA ARG C 15 -11.42 -48.54 -13.62
C ARG C 15 -10.36 -49.31 -12.84
N TYR C 16 -10.20 -49.00 -11.55
CA TYR C 16 -9.20 -49.63 -10.70
C TYR C 16 -9.88 -50.22 -9.48
N ARG C 17 -9.53 -51.45 -9.13
CA ARG C 17 -10.04 -52.15 -7.96
C ARG C 17 -11.58 -52.15 -7.95
N SER C 18 -12.14 -52.53 -9.09
CA SER C 18 -13.58 -52.47 -9.27
C SER C 18 -14.29 -53.48 -8.39
N PRO C 19 -15.45 -53.14 -7.86
CA PRO C 19 -16.25 -54.10 -7.08
C PRO C 19 -16.97 -55.07 -8.00
N GLN C 20 -16.52 -56.32 -7.99
CA GLN C 20 -17.10 -57.34 -8.84
C GLN C 20 -18.13 -58.18 -8.08
N GLY C 21 -18.88 -58.98 -8.82
CA GLY C 21 -19.87 -59.84 -8.24
C GLY C 21 -21.26 -59.23 -8.24
N VAL C 22 -22.14 -59.85 -7.47
CA VAL C 22 -23.53 -59.42 -7.35
C VAL C 22 -23.66 -58.50 -6.14
N LYS C 23 -24.61 -57.58 -6.20
CA LYS C 23 -24.84 -56.63 -5.13
C LYS C 23 -26.32 -56.29 -5.06
N THR C 24 -26.75 -55.85 -3.89
CA THR C 24 -28.12 -55.45 -3.63
C THR C 24 -28.26 -53.94 -3.73
N GLU C 25 -29.45 -53.44 -3.41
CA GLU C 25 -29.70 -52.00 -3.48
C GLU C 25 -28.84 -51.25 -2.48
N HIS C 26 -28.68 -51.79 -1.27
CA HIS C 26 -27.94 -51.09 -0.23
C HIS C 26 -26.47 -50.92 -0.59
N GLU C 27 -25.84 -51.96 -1.15
CA GLU C 27 -24.44 -51.86 -1.54
C GLU C 27 -24.25 -50.84 -2.66
N ILE C 28 -25.16 -50.83 -3.63
CA ILE C 28 -25.07 -49.85 -4.72
C ILE C 28 -25.21 -48.44 -4.18
N LEU C 29 -26.17 -48.23 -3.27
CA LEU C 29 -26.36 -46.92 -2.68
C LEU C 29 -25.11 -46.49 -1.90
N ARG C 30 -24.49 -47.42 -1.19
CA ARG C 30 -23.26 -47.10 -0.48
C ARG C 30 -22.13 -46.75 -1.43
N ILE C 31 -22.06 -47.43 -2.58
CA ILE C 31 -21.05 -47.10 -3.59
C ILE C 31 -21.22 -45.66 -4.06
N PHE C 32 -22.46 -45.28 -4.38
CA PHE C 32 -22.67 -43.93 -4.89
C PHE C 32 -22.51 -42.87 -3.80
N GLU C 33 -22.84 -43.20 -2.56
CA GLU C 33 -22.54 -42.29 -1.45
C GLU C 33 -21.04 -42.10 -1.29
N SER C 34 -20.26 -43.17 -1.45
CA SER C 34 -18.80 -43.05 -1.40
C SER C 34 -18.31 -42.14 -2.53
N ASP C 35 -18.87 -42.28 -3.73
CA ASP C 35 -18.48 -41.41 -4.83
C ASP C 35 -18.78 -39.95 -4.51
N ARG C 36 -19.94 -39.68 -3.91
CA ARG C 36 -20.23 -38.32 -3.45
C ARG C 36 -19.19 -37.86 -2.45
N GLY C 37 -18.77 -38.75 -1.56
CA GLY C 37 -17.74 -38.40 -0.59
C GLY C 37 -16.42 -38.03 -1.23
N ARG C 38 -16.06 -38.66 -2.31
CA ARG C 38 -14.84 -38.28 -2.95
C ARG C 38 -15.01 -36.98 -3.68
N ILE C 39 -16.16 -36.76 -4.28
CA ILE C 39 -16.31 -35.54 -5.08
C ILE C 39 -16.37 -34.29 -4.19
N ILE C 40 -17.13 -34.35 -3.10
CA ILE C 40 -17.38 -33.14 -2.31
C ILE C 40 -16.11 -32.66 -1.61
N ASN C 41 -15.25 -33.58 -1.17
CA ASN C 41 -14.07 -33.24 -0.37
C ASN C 41 -12.82 -33.09 -1.23
N SER C 42 -12.96 -32.58 -2.46
CA SER C 42 -11.83 -32.45 -3.37
C SER C 42 -11.32 -31.01 -3.40
N PRO C 43 -10.01 -30.83 -3.65
CA PRO C 43 -9.47 -29.47 -3.76
C PRO C 43 -10.04 -28.67 -4.92
N ALA C 44 -10.60 -29.32 -5.94
CA ALA C 44 -11.19 -28.60 -7.06
C ALA C 44 -12.37 -27.74 -6.62
N ILE C 45 -13.19 -28.25 -5.70
CA ILE C 45 -14.32 -27.50 -5.20
C ILE C 45 -13.86 -26.28 -4.41
N ARG C 46 -12.84 -26.47 -3.56
CA ARG C 46 -12.32 -25.34 -2.81
C ARG C 46 -11.65 -24.32 -3.73
N ARG C 47 -11.15 -24.77 -4.89
CA ARG C 47 -10.68 -23.82 -5.89
C ARG C 47 -11.84 -23.07 -6.53
N LEU C 48 -12.96 -23.76 -6.76
CA LEU C 48 -14.17 -23.09 -7.23
C LEU C 48 -14.62 -22.01 -6.25
N GLN C 49 -14.30 -22.20 -4.97
CA GLN C 49 -14.70 -21.24 -3.95
C GLN C 49 -14.20 -19.82 -4.25
N GLN C 50 -13.07 -19.69 -4.94
CA GLN C 50 -12.45 -18.39 -5.19
C GLN C 50 -12.22 -18.12 -6.67
N LYS C 51 -13.24 -18.36 -7.49
CA LYS C 51 -13.26 -17.94 -8.88
C LYS C 51 -14.49 -17.10 -9.14
N THR C 52 -14.34 -16.06 -9.95
CA THR C 52 -15.41 -15.10 -10.15
C THR C 52 -16.43 -15.60 -11.16
N GLN C 53 -17.67 -15.18 -10.97
CA GLN C 53 -18.77 -15.50 -11.88
C GLN C 53 -19.05 -14.35 -12.84
N VAL C 54 -19.40 -13.18 -12.32
CA VAL C 54 -19.60 -12.00 -13.15
C VAL C 54 -18.76 -10.84 -12.62
N PHE C 55 -18.97 -10.50 -11.33
CA PHE C 55 -18.33 -9.35 -10.70
C PHE C 55 -17.04 -9.76 -9.98
N PRO C 56 -16.11 -8.82 -9.84
CA PRO C 56 -14.86 -9.13 -9.12
C PRO C 56 -15.12 -9.49 -7.67
N LEU C 57 -14.24 -10.32 -7.12
CA LEU C 57 -14.39 -10.82 -5.76
C LEU C 57 -14.03 -9.71 -4.79
N GLU C 58 -14.97 -9.31 -3.96
CA GLU C 58 -14.76 -8.24 -2.98
C GLU C 58 -14.14 -8.78 -1.70
N ALA C 61 -18.65 -7.42 -0.46
CA ALA C 61 -20.08 -7.67 -0.51
C ALA C 61 -20.38 -9.17 -0.55
N ALA C 62 -21.64 -9.51 -0.82
CA ALA C 62 -22.07 -10.90 -0.87
C ALA C 62 -22.29 -11.39 -2.30
N VAL C 63 -21.44 -10.99 -3.23
CA VAL C 63 -21.58 -11.47 -4.60
C VAL C 63 -21.27 -12.97 -4.65
N ARG C 64 -21.76 -13.61 -5.70
CA ARG C 64 -21.62 -15.03 -5.93
C ARG C 64 -20.34 -15.49 -6.57
N THR C 65 -19.87 -16.66 -6.15
CA THR C 65 -18.72 -17.31 -6.74
C THR C 65 -19.19 -18.47 -7.61
N ARG C 66 -18.24 -19.28 -8.09
CA ARG C 66 -18.61 -20.46 -8.85
C ARG C 66 -19.38 -21.45 -7.98
N LEU C 67 -19.01 -21.55 -6.71
CA LEU C 67 -19.54 -22.59 -5.84
C LEU C 67 -21.03 -22.38 -5.55
N THR C 68 -21.41 -21.14 -5.22
CA THR C 68 -22.81 -20.85 -4.93
C THR C 68 -23.68 -21.05 -6.17
N HIS C 69 -23.17 -20.71 -7.35
CA HIS C 69 -23.90 -20.97 -8.59
C HIS C 69 -24.06 -22.48 -8.82
N SER C 70 -23.01 -23.24 -8.53
CA SER C 70 -23.10 -24.70 -8.66
C SER C 70 -24.15 -25.27 -7.72
N MET C 71 -24.34 -24.61 -6.59
CA MET C 71 -25.32 -25.01 -5.58
C MET C 71 -26.77 -24.77 -6.00
N GLU C 72 -27.02 -23.81 -6.87
CA GLU C 72 -28.31 -23.59 -7.51
C GLU C 72 -28.53 -24.58 -8.65
N VAL C 73 -27.49 -24.81 -9.45
CA VAL C 73 -27.61 -25.79 -10.54
C VAL C 73 -27.92 -27.17 -9.98
N GLN C 74 -27.28 -27.53 -8.87
CA GLN C 74 -27.52 -28.82 -8.23
C GLN C 74 -28.98 -28.93 -7.77
N GLN C 75 -29.49 -27.88 -7.15
CA GLN C 75 -30.88 -27.91 -6.66
C GLN C 75 -31.87 -28.06 -7.82
N VAL C 76 -31.66 -27.30 -8.89
CA VAL C 76 -32.56 -27.39 -10.03
C VAL C 76 -32.52 -28.78 -10.66
N GLY C 77 -31.31 -29.33 -10.82
CA GLY C 77 -31.21 -30.67 -11.38
C GLY C 77 -31.89 -31.72 -10.53
N ARG C 78 -31.75 -31.63 -9.22
CA ARG C 78 -32.39 -32.59 -8.35
C ARG C 78 -33.90 -32.48 -8.40
N TYR C 79 -34.41 -31.26 -8.50
CA TYR C 79 -35.86 -31.08 -8.55
C TYR C 79 -36.43 -31.62 -9.86
N ILE C 80 -35.72 -31.40 -10.98
CA ILE C 80 -36.18 -31.94 -12.26
C ILE C 80 -36.13 -33.46 -12.25
N ALA C 81 -35.07 -34.05 -11.69
CA ALA C 81 -34.99 -35.50 -11.62
C ALA C 81 -36.12 -36.09 -10.79
N LYS C 82 -36.44 -35.45 -9.66
CA LYS C 82 -37.54 -35.93 -8.83
C LYS C 82 -38.88 -35.82 -9.56
N GLU C 83 -39.10 -34.73 -10.30
CA GLU C 83 -40.33 -34.61 -11.07
C GLU C 83 -40.44 -35.69 -12.12
N ILE C 84 -39.33 -36.00 -12.81
CA ILE C 84 -39.34 -37.05 -13.83
C ILE C 84 -39.67 -38.39 -13.21
N LEU C 85 -39.04 -38.70 -12.07
CA LEU C 85 -39.29 -39.98 -11.41
C LEU C 85 -40.74 -40.08 -10.94
N SER C 86 -41.29 -39.00 -10.38
CA SER C 86 -42.69 -39.03 -9.94
C SER C 86 -43.64 -39.24 -11.11
N ARG C 87 -43.42 -38.53 -12.22
CA ARG C 87 -44.30 -38.68 -13.37
C ARG C 87 -44.21 -40.08 -13.98
N LEU C 88 -43.00 -40.65 -13.99
CA LEU C 88 -42.87 -42.03 -14.48
C LEU C 88 -43.56 -43.02 -13.53
N LYS C 89 -43.47 -42.80 -12.22
CA LYS C 89 -44.12 -43.69 -11.27
C LYS C 89 -45.63 -43.61 -11.37
N GLU C 90 -46.18 -42.43 -11.67
CA GLU C 90 -47.62 -42.28 -11.80
C GLU C 90 -48.18 -43.14 -12.94
N LEU C 91 -47.46 -43.18 -14.06
CA LEU C 91 -47.93 -43.89 -15.25
C LEU C 91 -47.60 -45.37 -15.23
N LYS C 92 -47.06 -45.90 -14.12
CA LYS C 92 -46.77 -47.33 -13.97
C LYS C 92 -45.76 -47.82 -15.01
N LEU C 93 -44.80 -46.96 -15.34
CA LEU C 93 -43.70 -47.33 -16.23
C LEU C 93 -42.36 -47.40 -15.51
N LEU C 94 -42.34 -47.23 -14.19
CA LEU C 94 -41.08 -47.21 -13.47
C LEU C 94 -40.45 -48.60 -13.43
N GLU C 95 -41.24 -49.64 -13.20
CA GLU C 95 -40.72 -51.00 -13.14
C GLU C 95 -40.43 -51.59 -14.52
N ALA C 96 -41.13 -51.14 -15.56
CA ALA C 96 -40.88 -51.62 -16.90
C ALA C 96 -39.64 -51.02 -17.53
N TYR C 97 -39.12 -49.94 -16.97
CA TYR C 97 -37.92 -49.29 -17.49
C TYR C 97 -36.66 -49.62 -16.70
N GLY C 98 -36.75 -50.51 -15.71
CA GLY C 98 -35.59 -50.91 -14.95
C GLY C 98 -35.15 -49.94 -13.89
N LEU C 99 -35.99 -48.97 -13.53
CA LEU C 99 -35.64 -47.94 -12.56
C LEU C 99 -36.23 -48.20 -11.18
N ASP C 100 -36.75 -49.40 -10.93
CA ASP C 100 -37.43 -49.68 -9.67
C ASP C 100 -36.48 -49.56 -8.49
N GLU C 101 -35.25 -50.06 -8.64
CA GLU C 101 -34.28 -50.05 -7.55
C GLU C 101 -33.09 -49.15 -7.86
N LEU C 102 -33.29 -48.07 -8.62
CA LEU C 102 -32.19 -47.21 -9.04
C LEU C 102 -32.55 -45.73 -8.99
N THR C 103 -33.51 -45.33 -8.14
CA THR C 103 -33.89 -43.92 -8.07
C THR C 103 -32.83 -43.09 -7.35
N GLY C 104 -32.30 -43.61 -6.25
CA GLY C 104 -31.26 -42.92 -5.51
C GLY C 104 -30.01 -42.66 -6.32
N PRO C 105 -29.49 -43.69 -7.00
CA PRO C 105 -28.37 -43.46 -7.94
C PRO C 105 -28.70 -42.46 -9.02
N PHE C 106 -29.93 -42.49 -9.55
CA PHE C 106 -30.38 -41.52 -10.55
C PHE C 106 -30.19 -40.10 -10.05
N GLU C 107 -30.82 -39.78 -8.92
CA GLU C 107 -30.76 -38.42 -8.38
C GLU C 107 -29.34 -38.04 -8.00
N SER C 108 -28.59 -38.96 -7.40
CA SER C 108 -27.22 -38.67 -6.99
C SER C 108 -26.33 -38.36 -8.18
N ILE C 109 -26.45 -39.14 -9.25
CA ILE C 109 -25.65 -38.90 -10.45
C ILE C 109 -25.98 -37.56 -11.06
N VAL C 110 -27.27 -37.22 -11.14
CA VAL C 110 -27.64 -35.91 -11.70
C VAL C 110 -27.08 -34.78 -10.86
N GLU C 111 -27.21 -34.88 -9.53
CA GLU C 111 -26.70 -33.82 -8.66
C GLU C 111 -25.19 -33.67 -8.79
N MET C 112 -24.46 -34.78 -8.78
CA MET C 112 -23.01 -34.70 -8.84
C MET C 112 -22.52 -34.20 -10.21
N SER C 113 -23.23 -34.54 -11.28
CA SER C 113 -22.90 -33.97 -12.58
C SER C 113 -23.12 -32.47 -12.59
N CYS C 114 -24.20 -32.01 -11.97
CA CYS C 114 -24.44 -30.57 -11.89
C CYS C 114 -23.38 -29.86 -11.03
N LEU C 115 -22.83 -30.56 -10.04
CA LEU C 115 -21.83 -29.92 -9.18
C LEU C 115 -20.48 -29.78 -9.88
N MET C 116 -20.17 -30.67 -10.83
CA MET C 116 -18.87 -30.70 -11.48
C MET C 116 -18.85 -30.00 -12.82
N HIS C 117 -19.84 -29.15 -13.12
CA HIS C 117 -19.87 -28.48 -14.41
C HIS C 117 -18.72 -27.51 -14.62
N ASP C 118 -18.31 -26.78 -13.58
CA ASP C 118 -17.34 -25.70 -13.72
C ASP C 118 -15.97 -26.09 -13.17
N ILE C 119 -15.69 -27.38 -13.08
CA ILE C 119 -14.46 -27.85 -12.48
C ILE C 119 -13.24 -27.53 -13.34
N GLY C 120 -13.41 -27.43 -14.66
CA GLY C 120 -12.28 -27.32 -15.58
C GLY C 120 -12.09 -26.00 -16.29
N ASN C 121 -12.80 -24.94 -15.92
CA ASN C 121 -12.58 -23.66 -16.57
C ASN C 121 -11.27 -23.03 -16.08
N PRO C 122 -10.58 -22.30 -16.95
CA PRO C 122 -9.36 -21.62 -16.55
C PRO C 122 -9.68 -20.34 -15.81
N PRO C 123 -8.69 -19.70 -15.18
CA PRO C 123 -8.94 -18.40 -14.57
C PRO C 123 -9.42 -17.38 -15.60
N PHE C 124 -10.36 -16.53 -15.18
CA PHE C 124 -11.00 -15.47 -15.95
C PHE C 124 -11.97 -16.00 -16.99
N GLY C 125 -12.17 -17.31 -17.08
CA GLY C 125 -13.28 -17.84 -17.85
C GLY C 125 -13.05 -17.80 -19.34
N HIS C 126 -14.01 -17.20 -20.01
CA HIS C 126 -14.03 -17.07 -21.45
C HIS C 126 -12.88 -16.29 -21.99
N PHE C 127 -12.27 -15.46 -21.17
CA PHE C 127 -11.17 -14.68 -21.65
C PHE C 127 -9.82 -15.34 -21.40
N GLY C 128 -9.82 -16.41 -20.62
CA GLY C 128 -8.63 -17.19 -20.36
C GLY C 128 -8.45 -18.17 -21.51
N GLU C 129 -9.52 -18.85 -21.90
CA GLU C 129 -9.52 -19.80 -23.02
C GLU C 129 -9.14 -19.10 -24.31
N ALA C 130 -9.69 -17.90 -24.55
CA ALA C 130 -9.33 -17.15 -25.74
C ALA C 130 -7.83 -16.87 -25.79
N ALA C 131 -7.25 -16.44 -24.66
CA ALA C 131 -5.84 -16.11 -24.62
C ALA C 131 -4.97 -17.34 -24.91
N ILE C 132 -5.29 -18.47 -24.28
CA ILE C 132 -4.52 -19.69 -24.52
C ILE C 132 -4.62 -20.08 -25.99
N ASN C 133 -5.82 -20.03 -26.55
CA ASN C 133 -6.03 -20.43 -27.93
C ASN C 133 -5.25 -19.54 -28.90
N ASP C 134 -5.28 -18.22 -28.68
CA ASP C 134 -4.56 -17.32 -29.59
C ASP C 134 -3.05 -17.50 -29.47
N TRP C 135 -2.54 -17.65 -28.25
CA TRP C 135 -1.10 -17.87 -28.09
C TRP C 135 -0.64 -19.12 -28.82
N PHE C 136 -1.35 -20.23 -28.61
CA PHE C 136 -0.92 -21.47 -29.27
C PHE C 136 -1.18 -21.45 -30.77
N ARG C 137 -2.20 -20.70 -31.22
CA ARG C 137 -2.43 -20.55 -32.65
C ARG C 137 -1.30 -19.78 -33.30
N GLN C 138 -0.80 -18.74 -32.64
CA GLN C 138 0.36 -18.03 -33.16
C GLN C 138 1.58 -18.93 -33.19
N ARG C 139 1.76 -19.76 -32.17
CA ARG C 139 2.95 -20.61 -32.14
C ARG C 139 2.89 -21.74 -33.16
N LEU C 140 1.71 -22.29 -33.45
CA LEU C 140 1.62 -23.51 -34.24
C LEU C 140 1.05 -23.32 -35.64
N HIS C 141 0.14 -22.36 -35.84
CA HIS C 141 -0.49 -22.11 -37.13
C HIS C 141 -1.11 -23.39 -37.69
N PRO C 142 -2.23 -23.86 -37.14
CA PRO C 142 -2.80 -25.14 -37.60
C PRO C 142 -3.44 -25.08 -38.98
N GLU C 143 -3.73 -23.89 -39.51
CA GLU C 143 -4.41 -23.79 -40.80
C GLU C 143 -3.52 -24.14 -41.98
N ASP C 144 -2.22 -24.32 -41.77
CA ASP C 144 -1.27 -24.59 -42.85
C ASP C 144 -1.00 -26.08 -43.03
N ALA C 145 -1.74 -26.94 -42.34
CA ALA C 145 -1.53 -28.38 -42.43
C ALA C 145 -2.75 -29.10 -43.01
N GLU C 146 -3.73 -28.36 -43.51
CA GLU C 146 -4.98 -28.97 -43.97
C GLU C 146 -4.83 -29.77 -45.26
N SER C 147 -3.71 -29.68 -45.95
CA SER C 147 -3.58 -30.26 -47.28
C SER C 147 -2.13 -30.72 -47.46
N GLN C 148 -1.74 -30.92 -48.72
CA GLN C 148 -0.41 -31.42 -49.03
C GLN C 148 0.65 -30.43 -48.54
N PRO C 149 1.86 -30.92 -48.27
CA PRO C 149 2.90 -30.05 -47.70
C PRO C 149 3.15 -28.81 -48.53
N LEU C 150 3.40 -27.71 -47.84
CA LEU C 150 3.69 -26.42 -48.44
C LEU C 150 5.15 -26.05 -48.20
N THR C 151 5.59 -25.01 -48.90
CA THR C 151 6.91 -24.44 -48.70
C THR C 151 6.88 -23.26 -47.74
N ASP C 152 5.72 -22.66 -47.52
CA ASP C 152 5.56 -21.50 -46.65
C ASP C 152 4.99 -21.88 -45.29
N ASP C 153 5.37 -23.04 -44.75
CA ASP C 153 4.88 -23.48 -43.45
C ASP C 153 5.37 -22.51 -42.37
N ARG C 154 4.42 -21.89 -41.68
CA ARG C 154 4.76 -20.87 -40.69
C ARG C 154 4.96 -21.43 -39.29
N CYS C 155 4.94 -22.76 -39.13
CA CYS C 155 5.13 -23.35 -37.81
C CYS C 155 6.51 -23.03 -37.26
N SER C 156 6.59 -22.81 -35.96
CA SER C 156 7.84 -22.46 -35.30
C SER C 156 8.57 -23.65 -34.70
N VAL C 157 8.03 -24.86 -34.87
CA VAL C 157 8.64 -26.07 -34.33
C VAL C 157 9.13 -26.91 -35.50
N ALA C 158 10.39 -27.32 -35.44
CA ALA C 158 10.99 -28.07 -36.53
C ALA C 158 10.33 -29.43 -36.70
N ALA C 159 10.01 -30.10 -35.59
CA ALA C 159 9.47 -31.45 -35.64
C ALA C 159 7.99 -31.48 -36.04
N LEU C 160 7.29 -30.35 -35.99
CA LEU C 160 5.87 -30.29 -36.34
C LEU C 160 5.62 -29.77 -37.74
N ARG C 161 6.68 -29.48 -38.51
CA ARG C 161 6.52 -29.02 -39.88
C ARG C 161 6.17 -30.18 -40.79
N LEU C 162 5.37 -29.90 -41.81
CA LEU C 162 4.93 -30.92 -42.74
C LEU C 162 5.90 -30.99 -43.87
N ARG C 163 6.88 -31.88 -43.72
CA ARG C 163 7.92 -32.03 -44.71
C ARG C 163 7.59 -33.09 -45.74
N ASP C 164 7.16 -32.64 -46.91
CA ASP C 164 6.80 -33.48 -48.05
C ASP C 164 7.70 -34.68 -48.30
N GLY C 165 7.08 -35.83 -48.53
CA GLY C 165 7.82 -37.05 -48.78
C GLY C 165 7.61 -38.09 -47.72
N GLU C 166 6.59 -37.90 -46.90
CA GLU C 166 6.31 -38.83 -45.83
C GLU C 166 4.85 -38.65 -45.41
N GLU C 167 3.99 -39.60 -45.73
CA GLU C 167 2.59 -39.47 -45.40
C GLU C 167 2.09 -40.12 -44.11
N PRO C 168 2.83 -41.08 -43.56
CA PRO C 168 2.33 -41.67 -42.32
C PRO C 168 2.56 -40.77 -41.11
N LEU C 169 3.65 -39.99 -41.11
CA LEU C 169 3.97 -39.12 -40.00
C LEU C 169 3.25 -37.81 -40.08
N ASN C 170 2.78 -37.45 -41.25
CA ASN C 170 2.09 -36.20 -41.40
C ASN C 170 0.73 -36.18 -40.75
N GLU C 171 0.04 -37.30 -40.80
CA GLU C 171 -1.27 -37.38 -40.21
C GLU C 171 -1.21 -37.05 -38.75
N LEU C 172 -0.15 -37.50 -38.12
CA LEU C 172 0.02 -37.27 -36.68
C LEU C 172 0.31 -35.81 -36.37
N ARG C 173 1.14 -35.15 -37.19
CA ARG C 173 1.42 -33.74 -36.99
C ARG C 173 0.15 -32.90 -37.13
N ARG C 174 -0.65 -33.21 -38.16
CA ARG C 174 -1.93 -32.52 -38.35
C ARG C 174 -2.81 -32.65 -37.12
N LYS C 175 -2.94 -33.88 -36.60
CA LYS C 175 -3.79 -34.12 -35.45
C LYS C 175 -3.30 -33.33 -34.23
N ILE C 176 -1.99 -33.38 -33.96
CA ILE C 176 -1.46 -32.71 -32.78
C ILE C 176 -1.61 -31.20 -32.91
N ARG C 177 -1.30 -30.66 -34.09
CA ARG C 177 -1.39 -29.21 -34.28
C ARG C 177 -2.81 -28.71 -34.16
N GLN C 178 -3.79 -29.47 -34.66
CA GLN C 178 -5.18 -29.04 -34.53
C GLN C 178 -5.66 -29.19 -33.09
N ASP C 179 -5.22 -30.25 -32.39
CA ASP C 179 -5.70 -30.48 -31.03
C ASP C 179 -5.17 -29.41 -30.08
N LEU C 180 -3.91 -29.01 -30.22
CA LEU C 180 -3.30 -28.12 -29.23
C LEU C 180 -3.93 -26.73 -29.19
N CYS C 181 -4.74 -26.35 -30.19
CA CYS C 181 -5.34 -25.03 -30.24
C CYS C 181 -6.84 -25.04 -29.94
N HIS C 182 -7.33 -26.09 -29.28
CA HIS C 182 -8.75 -26.23 -28.93
C HIS C 182 -8.91 -26.59 -27.46
N PHE C 183 -8.25 -25.85 -26.59
CA PHE C 183 -8.53 -25.97 -25.16
C PHE C 183 -10.00 -25.66 -24.89
N GLU C 184 -10.63 -26.51 -24.08
CA GLU C 184 -12.03 -26.34 -23.74
C GLU C 184 -12.24 -26.83 -22.31
N GLY C 185 -13.20 -26.22 -21.61
CA GLY C 185 -13.34 -26.47 -20.18
C GLY C 185 -13.75 -27.90 -19.85
N ASN C 186 -14.68 -28.46 -20.62
CA ASN C 186 -15.20 -29.79 -20.30
C ASN C 186 -14.17 -30.88 -20.56
N ALA C 187 -13.41 -30.76 -21.65
CA ALA C 187 -12.34 -31.73 -21.92
C ALA C 187 -11.30 -31.69 -20.81
N GLN C 188 -10.92 -30.49 -20.38
CA GLN C 188 -9.99 -30.36 -19.26
C GLN C 188 -10.59 -30.90 -17.97
N GLY C 189 -11.90 -30.78 -17.79
CA GLY C 189 -12.53 -31.36 -16.61
C GLY C 189 -12.46 -32.87 -16.61
N ILE C 190 -12.68 -33.50 -17.76
CA ILE C 190 -12.55 -34.95 -17.87
C ILE C 190 -11.11 -35.36 -17.57
N ARG C 191 -10.15 -34.66 -18.17
CA ARG C 191 -8.74 -34.96 -17.94
C ARG C 191 -8.38 -34.80 -16.46
N LEU C 192 -8.90 -33.76 -15.81
CA LEU C 192 -8.62 -33.52 -14.40
C LEU C 192 -9.21 -34.62 -13.53
N VAL C 193 -10.45 -35.03 -13.81
CA VAL C 193 -11.09 -36.05 -12.99
C VAL C 193 -10.39 -37.39 -13.15
N HIS C 194 -9.94 -37.72 -14.36
CA HIS C 194 -9.32 -39.03 -14.55
C HIS C 194 -7.82 -39.02 -14.25
N THR C 195 -7.05 -38.19 -14.94
CA THR C 195 -5.59 -38.31 -14.93
C THR C 195 -4.93 -37.54 -13.78
N LEU C 196 -5.30 -36.28 -13.57
CA LEU C 196 -4.56 -35.42 -12.65
C LEU C 196 -4.89 -35.67 -11.19
N MET C 197 -6.17 -35.81 -10.85
CA MET C 197 -6.57 -36.00 -9.46
C MET C 197 -6.65 -37.46 -9.05
N ARG C 198 -6.95 -38.36 -10.00
CA ARG C 198 -7.07 -39.80 -9.73
C ARG C 198 -8.12 -40.07 -8.65
N MET C 199 -9.36 -39.69 -8.96
CA MET C 199 -10.46 -39.87 -8.04
C MET C 199 -11.12 -41.24 -8.15
N ASN C 200 -10.98 -41.92 -9.28
CA ASN C 200 -11.50 -43.27 -9.50
C ASN C 200 -13.02 -43.30 -9.29
N LEU C 201 -13.71 -42.54 -10.14
CA LEU C 201 -15.17 -42.49 -10.11
C LEU C 201 -15.75 -43.64 -10.93
N THR C 202 -17.04 -43.89 -10.71
CA THR C 202 -17.76 -44.91 -11.46
C THR C 202 -17.94 -44.45 -12.91
N TRP C 203 -18.27 -45.42 -13.77
CA TRP C 203 -18.41 -45.13 -15.19
C TRP C 203 -19.55 -44.16 -15.46
N ALA C 204 -20.69 -44.35 -14.78
CA ALA C 204 -21.83 -43.47 -14.98
C ALA C 204 -21.53 -42.05 -14.56
N GLN C 205 -20.82 -41.86 -13.43
CA GLN C 205 -20.48 -40.52 -12.98
C GLN C 205 -19.57 -39.81 -13.97
N VAL C 206 -18.60 -40.53 -14.55
CA VAL C 206 -17.73 -39.92 -15.55
C VAL C 206 -18.51 -39.62 -16.83
N GLY C 207 -19.45 -40.50 -17.21
CA GLY C 207 -20.22 -40.25 -18.40
C GLY C 207 -21.19 -39.09 -18.25
N GLY C 208 -21.59 -38.80 -17.01
CA GLY C 208 -22.50 -37.70 -16.77
C GLY C 208 -21.91 -36.33 -17.05
N ILE C 209 -20.58 -36.22 -17.11
CA ILE C 209 -19.94 -34.94 -17.38
C ILE C 209 -19.37 -34.85 -18.78
N LEU C 210 -19.71 -35.80 -19.66
CA LEU C 210 -19.36 -35.71 -21.08
C LEU C 210 -20.50 -35.01 -21.80
N LYS C 211 -20.31 -33.70 -22.05
CA LYS C 211 -21.39 -32.88 -22.56
C LYS C 211 -21.45 -32.88 -24.08
N TYR C 212 -20.30 -32.73 -24.75
CA TYR C 212 -20.22 -32.72 -26.20
C TYR C 212 -19.29 -33.82 -26.67
N THR C 213 -19.48 -34.24 -27.92
CA THR C 213 -18.86 -35.45 -28.42
C THR C 213 -17.86 -35.21 -29.56
N ARG C 214 -17.61 -33.96 -29.92
CA ARG C 214 -16.68 -33.74 -31.04
C ARG C 214 -15.24 -33.86 -30.56
N PRO C 215 -14.42 -34.69 -31.21
CA PRO C 215 -13.00 -34.74 -30.86
C PRO C 215 -12.30 -33.41 -31.12
N ALA C 216 -11.29 -33.13 -30.30
CA ALA C 216 -10.57 -31.87 -30.43
C ALA C 216 -9.74 -31.78 -31.71
N TRP C 217 -9.31 -32.92 -32.26
CA TRP C 217 -8.51 -32.93 -33.47
C TRP C 217 -9.35 -33.01 -34.75
N TRP C 218 -10.65 -32.70 -34.66
CA TRP C 218 -11.52 -32.80 -35.81
C TRP C 218 -11.25 -31.68 -36.82
N ARG C 219 -11.20 -32.05 -38.10
CA ARG C 219 -11.10 -31.09 -39.18
C ARG C 219 -12.22 -31.34 -40.17
N GLY C 220 -12.93 -30.29 -40.55
CA GLY C 220 -13.94 -30.36 -41.58
C GLY C 220 -15.35 -30.21 -41.06
N GLU C 221 -16.29 -30.69 -41.84
CA GLU C 221 -17.71 -30.61 -41.51
C GLU C 221 -18.14 -31.85 -40.75
N THR C 222 -19.11 -31.66 -39.86
CA THR C 222 -19.71 -32.71 -39.06
C THR C 222 -20.96 -33.24 -39.73
N PRO C 223 -21.34 -34.49 -39.47
CA PRO C 223 -22.55 -35.04 -40.10
C PRO C 223 -23.79 -34.26 -39.71
N GLU C 224 -24.73 -34.17 -40.64
CA GLU C 224 -25.95 -33.42 -40.42
C GLU C 224 -26.83 -34.02 -39.33
N THR C 225 -26.59 -35.29 -38.97
CA THR C 225 -27.35 -35.94 -37.92
C THR C 225 -26.74 -35.74 -36.53
N HIS C 226 -25.65 -34.99 -36.43
CA HIS C 226 -25.02 -34.73 -35.13
C HIS C 226 -24.57 -33.28 -34.98
N HIS C 227 -25.13 -32.34 -35.75
CA HIS C 227 -24.57 -31.00 -35.79
C HIS C 227 -24.74 -30.25 -34.47
N TYR C 228 -25.67 -30.67 -33.61
CA TYR C 228 -25.80 -30.02 -32.31
C TYR C 228 -24.95 -30.70 -31.24
N LEU C 229 -24.86 -32.02 -31.27
CA LEU C 229 -24.06 -32.75 -30.28
C LEU C 229 -22.56 -32.57 -30.51
N MET C 230 -22.16 -31.97 -31.62
CA MET C 230 -20.76 -31.79 -31.97
C MET C 230 -20.46 -30.33 -32.29
N LYS C 231 -21.02 -29.39 -31.52
CA LYS C 231 -20.76 -27.98 -31.77
C LYS C 231 -19.53 -27.49 -31.02
N LYS C 232 -19.09 -28.23 -30.01
CA LYS C 232 -17.91 -27.88 -29.24
C LYS C 232 -17.01 -29.10 -29.08
N PRO C 233 -15.71 -28.91 -28.85
CA PRO C 233 -14.84 -30.05 -28.55
C PRO C 233 -15.29 -30.77 -27.29
N GLY C 234 -15.13 -32.09 -27.29
CA GLY C 234 -15.58 -32.89 -26.16
C GLY C 234 -14.47 -33.50 -25.34
N TYR C 235 -13.39 -33.92 -26.00
CA TYR C 235 -12.27 -34.54 -25.30
C TYR C 235 -11.01 -34.37 -26.12
N TYR C 236 -9.87 -34.56 -25.45
CA TYR C 236 -8.56 -34.37 -26.06
C TYR C 236 -8.06 -35.69 -26.67
N LEU C 237 -6.89 -35.61 -27.30
CA LEU C 237 -6.29 -36.79 -27.92
C LEU C 237 -5.64 -37.73 -26.91
N SER C 238 -5.25 -37.21 -25.75
CA SER C 238 -4.62 -38.03 -24.73
C SER C 238 -5.62 -38.90 -23.96
N GLU C 239 -6.92 -38.67 -24.14
CA GLU C 239 -7.95 -39.45 -23.46
C GLU C 239 -8.69 -40.39 -24.40
N GLU C 240 -8.33 -40.42 -25.68
CA GLU C 240 -9.08 -41.18 -26.69
C GLU C 240 -9.31 -42.62 -26.25
N ALA C 241 -8.22 -43.32 -25.96
CA ALA C 241 -8.32 -44.71 -25.51
C ALA C 241 -9.30 -44.83 -24.34
N TYR C 242 -9.13 -43.97 -23.33
CA TYR C 242 -10.03 -43.97 -22.18
C TYR C 242 -11.48 -43.87 -22.64
N ILE C 243 -11.76 -42.87 -23.48
CA ILE C 243 -13.14 -42.66 -23.92
C ILE C 243 -13.66 -43.91 -24.62
N ALA C 244 -12.81 -44.56 -25.41
CA ALA C 244 -13.23 -45.79 -26.08
C ALA C 244 -13.78 -46.79 -25.07
N ARG C 245 -13.01 -47.08 -24.02
CA ARG C 245 -13.49 -48.03 -23.03
C ARG C 245 -14.77 -47.55 -22.38
N LEU C 246 -14.88 -46.24 -22.15
CA LEU C 246 -16.10 -45.69 -21.57
C LEU C 246 -17.31 -46.09 -22.40
N ARG C 247 -17.20 -45.99 -23.72
CA ARG C 247 -18.32 -46.38 -24.57
C ARG C 247 -18.65 -47.85 -24.39
N LYS C 248 -17.62 -48.72 -24.34
CA LYS C 248 -17.88 -50.13 -24.13
C LYS C 248 -18.55 -50.39 -22.79
N GLU C 249 -18.35 -49.50 -21.83
CA GLU C 249 -18.97 -49.70 -20.52
C GLU C 249 -20.38 -49.14 -20.44
N LEU C 250 -20.81 -48.34 -21.42
CA LEU C 250 -22.12 -47.72 -21.37
C LEU C 250 -22.94 -47.96 -22.63
N ASN C 251 -22.49 -48.82 -23.53
CA ASN C 251 -23.20 -49.15 -24.77
C ASN C 251 -23.54 -47.90 -25.57
N LEU C 252 -22.54 -47.04 -25.75
CA LEU C 252 -22.69 -45.82 -26.51
C LEU C 252 -21.97 -45.96 -27.85
N ALA C 253 -22.65 -45.54 -28.92
CA ALA C 253 -22.05 -45.54 -30.24
C ALA C 253 -21.13 -44.33 -30.39
N LEU C 254 -20.48 -44.25 -31.55
CA LEU C 254 -19.61 -43.11 -31.83
C LEU C 254 -20.42 -41.82 -31.84
N TYR C 255 -19.89 -40.78 -31.19
CA TYR C 255 -20.47 -39.45 -31.16
C TYR C 255 -21.85 -39.44 -30.50
N SER C 256 -22.07 -40.33 -29.53
CA SER C 256 -23.32 -40.39 -28.80
C SER C 256 -23.15 -39.80 -27.41
N ARG C 257 -24.27 -39.67 -26.72
CA ARG C 257 -24.35 -38.96 -25.45
C ARG C 257 -25.11 -39.80 -24.43
N PHE C 258 -24.69 -39.68 -23.17
CA PHE C 258 -25.29 -40.34 -22.02
C PHE C 258 -26.57 -39.63 -21.60
N PRO C 259 -27.67 -40.38 -21.39
CA PRO C 259 -28.99 -39.77 -21.19
C PRO C 259 -29.06 -38.64 -20.18
N LEU C 260 -28.67 -38.91 -18.93
CA LEU C 260 -28.90 -37.96 -17.85
C LEU C 260 -28.24 -36.61 -18.11
N THR C 261 -27.21 -36.57 -18.96
CA THR C 261 -26.56 -35.30 -19.30
C THR C 261 -27.57 -34.26 -19.74
N TRP C 262 -28.58 -34.66 -20.52
CA TRP C 262 -29.58 -33.70 -20.96
C TRP C 262 -30.14 -32.92 -19.78
N ILE C 263 -30.55 -33.62 -18.72
CA ILE C 263 -31.13 -32.95 -17.56
C ILE C 263 -30.17 -31.89 -17.05
N MET C 264 -28.90 -32.26 -16.88
CA MET C 264 -27.92 -31.32 -16.34
C MET C 264 -27.84 -30.09 -17.22
N GLU C 265 -27.79 -30.27 -18.53
CA GLU C 265 -27.71 -29.14 -19.45
C GLU C 265 -28.89 -28.20 -19.21
N ALA C 266 -30.09 -28.77 -19.07
CA ALA C 266 -31.28 -27.95 -18.85
C ALA C 266 -31.09 -27.04 -17.65
N ALA C 267 -30.59 -27.60 -16.54
CA ALA C 267 -30.42 -26.79 -15.34
C ALA C 267 -29.49 -25.62 -15.62
N ASP C 268 -28.38 -25.88 -16.32
CA ASP C 268 -27.38 -24.84 -16.53
C ASP C 268 -27.97 -23.68 -17.33
N ASP C 269 -29.11 -23.90 -17.95
CA ASP C 269 -29.81 -22.88 -18.74
C ASP C 269 -30.82 -22.02 -17.99
N ILE C 270 -31.37 -22.49 -16.89
CA ILE C 270 -32.32 -21.68 -16.14
C ILE C 270 -31.59 -20.70 -15.24
N SER C 271 -30.85 -21.23 -14.26
CA SER C 271 -30.15 -20.37 -13.30
C SER C 271 -29.36 -19.30 -14.02
N TYR C 272 -28.71 -19.69 -15.13
CA TYR C 272 -27.80 -18.82 -15.88
C TYR C 272 -28.33 -17.40 -16.00
N CYS C 273 -29.65 -17.26 -16.18
CA CYS C 273 -30.20 -15.92 -16.29
C CYS C 273 -30.36 -15.28 -14.92
N VAL C 274 -31.27 -15.85 -14.11
CA VAL C 274 -31.92 -15.06 -13.07
C VAL C 274 -30.90 -14.57 -12.05
N ALA C 275 -30.01 -15.47 -11.61
CA ALA C 275 -29.03 -15.13 -10.58
C ALA C 275 -28.29 -13.85 -10.92
N ASP C 276 -27.78 -13.75 -12.16
CA ASP C 276 -26.96 -12.58 -12.49
C ASP C 276 -27.74 -11.29 -12.19
N LEU C 277 -29.01 -11.26 -12.57
CA LEU C 277 -29.80 -10.06 -12.43
C LEU C 277 -29.81 -9.60 -10.98
N GLU C 278 -30.01 -10.54 -10.04
CA GLU C 278 -30.11 -10.15 -8.64
C GLU C 278 -28.85 -9.44 -8.18
N ASP C 279 -27.69 -9.96 -8.59
CA ASP C 279 -26.44 -9.38 -8.10
C ASP C 279 -26.30 -7.94 -8.54
N ALA C 280 -26.88 -7.59 -9.70
CA ALA C 280 -26.79 -6.22 -10.19
C ALA C 280 -27.39 -5.25 -9.18
N VAL C 281 -28.46 -5.66 -8.50
CA VAL C 281 -29.08 -4.78 -7.51
C VAL C 281 -28.20 -4.66 -6.28
N GLU C 282 -27.50 -5.73 -5.92
CA GLU C 282 -26.79 -5.75 -4.64
C GLU C 282 -25.53 -4.89 -4.70
N LYS C 283 -24.98 -4.71 -5.90
CA LYS C 283 -23.81 -3.85 -6.09
C LYS C 283 -24.20 -2.39 -6.33
N ARG C 284 -25.46 -2.04 -6.14
CA ARG C 284 -25.96 -0.68 -6.30
C ARG C 284 -25.75 -0.16 -7.71
N ILE C 285 -26.27 -0.89 -8.70
CA ILE C 285 -26.23 -0.46 -10.09
C ILE C 285 -27.54 0.21 -10.51
N PHE C 286 -28.66 -0.43 -10.22
CA PHE C 286 -29.97 0.16 -10.46
C PHE C 286 -30.97 -0.50 -9.51
N THR C 287 -32.23 -0.22 -9.69
CA THR C 287 -33.18 -0.79 -8.77
C THR C 287 -34.41 -1.42 -9.40
N VAL C 288 -35.15 -2.09 -8.53
CA VAL C 288 -36.37 -2.81 -8.85
C VAL C 288 -37.28 -2.14 -9.91
N GLU C 289 -37.57 -0.85 -9.73
CA GLU C 289 -38.37 -0.07 -10.65
C GLU C 289 -37.76 -0.07 -12.06
N GLN C 290 -36.45 0.14 -12.15
CA GLN C 290 -35.73 0.05 -13.41
C GLN C 290 -35.75 -1.36 -13.97
N LEU C 291 -35.70 -2.37 -13.10
CA LEU C 291 -35.83 -3.75 -13.54
C LEU C 291 -37.13 -3.96 -14.31
N TYR C 292 -38.25 -3.57 -13.69
CA TYR C 292 -39.54 -3.76 -14.36
C TYR C 292 -39.64 -2.94 -15.63
N HIS C 293 -39.14 -1.70 -15.59
CA HIS C 293 -39.23 -0.84 -16.77
C HIS C 293 -38.47 -1.45 -17.95
N HIS C 294 -37.24 -1.92 -17.69
CA HIS C 294 -36.43 -2.52 -18.75
C HIS C 294 -37.07 -3.81 -19.25
N LEU C 295 -37.59 -4.64 -18.33
CA LEU C 295 -38.23 -5.87 -18.75
C LEU C 295 -39.43 -5.60 -19.65
N HIS C 296 -40.28 -4.65 -19.24
CA HIS C 296 -41.48 -4.32 -20.00
C HIS C 296 -41.12 -3.73 -21.35
N GLU C 297 -40.10 -2.88 -21.40
CA GLU C 297 -39.66 -2.31 -22.67
C GLU C 297 -39.07 -3.36 -23.61
N ALA C 298 -38.31 -4.31 -23.09
CA ALA C 298 -37.66 -5.32 -23.92
C ALA C 298 -38.58 -6.48 -24.27
N TRP C 299 -39.73 -6.62 -23.62
CA TRP C 299 -40.65 -7.70 -23.96
C TRP C 299 -41.14 -7.58 -25.39
N PHE C 308 -45.90 -14.45 -20.36
CA PHE C 308 -45.34 -13.22 -19.81
C PHE C 308 -46.23 -12.63 -18.73
N SER C 309 -47.54 -12.62 -18.99
CA SER C 309 -48.48 -11.96 -18.08
C SER C 309 -48.43 -12.58 -16.69
N LEU C 310 -48.47 -13.91 -16.62
CA LEU C 310 -48.57 -14.59 -15.33
C LEU C 310 -47.39 -14.26 -14.42
N VAL C 311 -46.18 -14.66 -14.82
CA VAL C 311 -45.02 -14.53 -13.94
C VAL C 311 -44.70 -13.07 -13.66
N VAL C 312 -44.61 -12.26 -14.73
CA VAL C 312 -44.19 -10.87 -14.57
C VAL C 312 -45.23 -10.09 -13.77
N GLU C 313 -46.50 -10.23 -14.13
CA GLU C 313 -47.54 -9.48 -13.41
C GLU C 313 -47.66 -9.92 -11.97
N ASN C 314 -47.61 -11.23 -11.68
CA ASN C 314 -47.68 -11.67 -10.30
C ASN C 314 -46.50 -11.15 -9.50
N ALA C 315 -45.30 -11.21 -10.08
CA ALA C 315 -44.12 -10.73 -9.37
C ALA C 315 -44.20 -9.23 -9.10
N TRP C 316 -44.68 -8.47 -10.07
CA TRP C 316 -44.68 -7.02 -9.93
C TRP C 316 -45.80 -6.54 -9.02
N GLU C 317 -46.94 -7.24 -9.01
CA GLU C 317 -48.10 -6.79 -8.25
C GLU C 317 -48.17 -7.35 -6.84
N LYS C 318 -47.79 -8.62 -6.63
CA LYS C 318 -47.77 -9.17 -5.29
C LYS C 318 -46.66 -8.57 -4.43
N SER C 319 -45.70 -7.89 -5.04
CA SER C 319 -44.63 -7.27 -4.29
C SER C 319 -45.03 -5.93 -3.68
N ARG C 320 -46.15 -5.37 -4.12
CA ARG C 320 -46.60 -4.07 -3.62
C ARG C 320 -47.93 -4.20 -2.89
N ASP C 330 -34.93 -8.51 -0.87
CA ASP C 330 -34.55 -9.82 -0.41
C ASP C 330 -35.70 -10.81 -0.53
N GLN C 331 -36.93 -10.28 -0.55
CA GLN C 331 -38.12 -11.10 -0.67
C GLN C 331 -38.77 -11.05 -2.04
N PHE C 332 -38.33 -10.12 -2.91
CA PHE C 332 -38.87 -10.08 -4.27
C PHE C 332 -38.33 -11.24 -5.10
N PHE C 333 -37.03 -11.50 -5.01
CA PHE C 333 -36.43 -12.57 -5.80
C PHE C 333 -36.87 -13.93 -5.31
N MET C 334 -37.04 -14.08 -3.99
CA MET C 334 -37.50 -15.34 -3.44
C MET C 334 -38.90 -15.68 -3.94
N TYR C 335 -39.67 -14.67 -4.34
CA TYR C 335 -40.96 -14.91 -4.98
C TYR C 335 -40.83 -15.08 -6.49
N LEU C 336 -39.86 -14.42 -7.10
CA LEU C 336 -39.72 -14.50 -8.56
C LEU C 336 -39.17 -15.85 -9.01
N ARG C 337 -38.27 -16.43 -8.23
CA ARG C 337 -37.72 -17.71 -8.60
C ARG C 337 -38.76 -18.77 -8.65
N VAL C 338 -39.56 -18.86 -7.58
CA VAL C 338 -40.49 -19.97 -7.39
C VAL C 338 -41.44 -20.09 -8.58
N ASN C 339 -41.98 -18.98 -9.05
CA ASN C 339 -42.91 -19.01 -10.17
C ASN C 339 -42.23 -19.51 -11.44
N THR C 340 -41.01 -19.02 -11.69
CA THR C 340 -40.26 -19.48 -12.86
C THR C 340 -39.98 -20.97 -12.79
N LEU C 341 -39.62 -21.48 -11.61
CA LEU C 341 -39.37 -22.91 -11.48
C LEU C 341 -40.64 -23.72 -11.72
N ASN C 342 -41.75 -23.31 -11.11
CA ASN C 342 -43.01 -24.01 -11.32
C ASN C 342 -43.52 -23.89 -12.75
N LYS C 343 -43.04 -22.92 -13.52
CA LYS C 343 -43.41 -22.85 -14.93
C LYS C 343 -42.46 -23.63 -15.84
N LEU C 344 -41.19 -23.78 -15.45
CA LEU C 344 -40.20 -24.39 -16.31
C LEU C 344 -39.95 -25.88 -16.06
N VAL C 345 -39.91 -26.32 -14.79
CA VAL C 345 -39.51 -27.70 -14.51
C VAL C 345 -40.45 -28.73 -15.11
N PRO C 346 -41.78 -28.62 -14.95
CA PRO C 346 -42.66 -29.62 -15.59
C PRO C 346 -42.51 -29.69 -17.10
N TYR C 347 -42.25 -28.56 -17.76
CA TYR C 347 -42.02 -28.59 -19.21
C TYR C 347 -40.80 -29.44 -19.55
N ALA C 348 -39.71 -29.28 -18.79
CA ALA C 348 -38.51 -30.08 -19.02
C ALA C 348 -38.78 -31.56 -18.74
N ALA C 349 -39.53 -31.85 -17.67
CA ALA C 349 -39.86 -33.25 -17.38
C ALA C 349 -40.67 -33.89 -18.50
N GLN C 350 -41.66 -33.16 -19.03
CA GLN C 350 -42.47 -33.71 -20.09
C GLN C 350 -41.66 -33.86 -21.38
N ARG C 351 -40.74 -32.92 -21.65
CA ARG C 351 -39.90 -33.06 -22.83
C ARG C 351 -38.96 -34.26 -22.70
N PHE C 352 -38.45 -34.51 -21.49
CA PHE C 352 -37.62 -35.68 -21.27
C PHE C 352 -38.41 -36.97 -21.49
N ILE C 353 -39.61 -37.04 -20.92
CA ILE C 353 -40.38 -38.29 -20.99
C ILE C 353 -40.92 -38.53 -22.40
N ASP C 354 -41.30 -37.47 -23.12
CA ASP C 354 -41.90 -37.64 -24.44
C ASP C 354 -40.90 -38.24 -25.44
N ASN C 355 -39.65 -37.77 -25.43
CA ASN C 355 -38.64 -38.20 -26.39
C ASN C 355 -37.64 -39.18 -25.76
N LEU C 356 -38.12 -40.02 -24.85
CA LEU C 356 -37.27 -40.93 -24.08
C LEU C 356 -36.50 -41.93 -24.92
N PRO C 357 -37.11 -42.60 -25.92
CA PRO C 357 -36.31 -43.56 -26.72
C PRO C 357 -35.13 -42.93 -27.42
N ALA C 358 -35.29 -41.72 -27.98
CA ALA C 358 -34.17 -41.07 -28.66
C ALA C 358 -33.06 -40.70 -27.68
N ILE C 359 -33.44 -40.22 -26.49
CA ILE C 359 -32.43 -39.88 -25.48
C ILE C 359 -31.71 -41.14 -25.02
N PHE C 360 -32.44 -42.22 -24.79
CA PHE C 360 -31.81 -43.47 -24.38
C PHE C 360 -30.90 -44.03 -25.46
N ALA C 361 -31.22 -43.78 -26.73
CA ALA C 361 -30.32 -44.18 -27.80
C ALA C 361 -29.08 -43.29 -27.86
N GLY C 362 -29.21 -42.03 -27.44
CA GLY C 362 -28.09 -41.11 -27.46
C GLY C 362 -27.97 -40.26 -28.70
N THR C 363 -29.00 -40.24 -29.55
CA THR C 363 -28.93 -39.53 -30.82
C THR C 363 -29.89 -38.35 -30.93
N PHE C 364 -30.48 -37.92 -29.81
CA PHE C 364 -31.39 -36.78 -29.82
C PHE C 364 -30.62 -35.50 -30.11
N ASN C 365 -30.88 -34.88 -31.27
CA ASN C 365 -30.09 -33.75 -31.75
C ASN C 365 -30.67 -32.40 -31.34
N HIS C 366 -31.37 -32.35 -30.21
CA HIS C 366 -31.96 -31.12 -29.72
C HIS C 366 -31.73 -31.01 -28.22
N ALA C 367 -32.10 -29.86 -27.66
CA ALA C 367 -32.09 -29.64 -26.23
C ALA C 367 -33.52 -29.67 -25.69
N LEU C 368 -33.64 -29.89 -24.38
CA LEU C 368 -34.95 -30.02 -23.77
C LEU C 368 -35.74 -28.71 -23.85
N LEU C 369 -35.11 -27.60 -23.47
CA LEU C 369 -35.78 -26.31 -23.45
C LEU C 369 -35.72 -25.56 -24.78
N GLU C 370 -35.01 -26.10 -25.77
CA GLU C 370 -34.96 -25.44 -27.08
C GLU C 370 -36.24 -25.70 -27.84
N ALA C 372 -40.21 -23.32 -29.20
CA ALA C 372 -40.87 -22.06 -29.47
C ALA C 372 -41.91 -21.70 -28.40
N SER C 373 -41.89 -22.38 -27.26
CA SER C 373 -42.87 -22.12 -26.21
C SER C 373 -42.58 -20.79 -25.51
N GLU C 374 -43.44 -20.47 -24.54
CA GLU C 374 -43.26 -19.23 -23.79
C GLU C 374 -42.02 -19.30 -22.91
N CYS C 375 -41.53 -20.51 -22.62
CA CYS C 375 -40.32 -20.66 -21.83
C CYS C 375 -39.11 -20.03 -22.53
N SER C 376 -38.98 -20.27 -23.83
CA SER C 376 -37.90 -19.66 -24.60
C SER C 376 -38.00 -18.15 -24.57
N ASP C 377 -39.22 -17.62 -24.72
CA ASP C 377 -39.41 -16.17 -24.68
C ASP C 377 -39.02 -15.58 -23.33
N LEU C 378 -39.42 -16.22 -22.23
CA LEU C 378 -39.07 -15.71 -20.91
C LEU C 378 -37.56 -15.75 -20.68
N LEU C 379 -36.93 -16.86 -21.06
CA LEU C 379 -35.48 -16.98 -20.89
C LEU C 379 -34.75 -15.94 -21.74
N LYS C 380 -35.21 -15.72 -22.97
CA LYS C 380 -34.60 -14.70 -23.82
C LYS C 380 -34.81 -13.31 -23.25
N LEU C 381 -35.96 -13.06 -22.63
CA LEU C 381 -36.21 -11.77 -21.97
C LEU C 381 -35.17 -11.53 -20.89
N TYR C 382 -35.00 -12.51 -19.99
CA TYR C 382 -34.02 -12.37 -18.92
C TYR C 382 -32.62 -12.17 -19.48
N LYS C 383 -32.27 -12.95 -20.50
CA LYS C 383 -30.92 -12.89 -21.07
C LYS C 383 -30.65 -11.52 -21.71
N ASN C 384 -31.60 -10.99 -22.47
CA ASN C 384 -31.35 -9.71 -23.13
C ASN C 384 -31.34 -8.55 -22.14
N VAL C 385 -32.18 -8.60 -21.10
CA VAL C 385 -32.08 -7.57 -20.07
C VAL C 385 -30.71 -7.61 -19.40
N ALA C 386 -30.22 -8.82 -19.09
CA ALA C 386 -28.91 -8.94 -18.46
C ALA C 386 -27.80 -8.44 -19.38
N VAL C 387 -27.87 -8.74 -20.67
CA VAL C 387 -26.87 -8.26 -21.61
C VAL C 387 -26.92 -6.74 -21.73
N LYS C 388 -28.11 -6.15 -21.72
CA LYS C 388 -28.23 -4.71 -21.90
C LYS C 388 -27.75 -3.94 -20.68
N HIS C 389 -28.09 -4.38 -19.47
CA HIS C 389 -27.90 -3.54 -18.29
C HIS C 389 -26.81 -4.03 -17.34
N VAL C 390 -26.24 -5.22 -17.54
CA VAL C 390 -25.30 -5.76 -16.56
C VAL C 390 -23.93 -5.99 -17.20
N PHE C 391 -23.90 -6.74 -18.31
CA PHE C 391 -22.63 -7.08 -18.92
C PHE C 391 -21.95 -5.91 -19.62
N SER C 392 -22.64 -4.78 -19.77
CA SER C 392 -22.07 -3.60 -20.43
C SER C 392 -21.45 -2.63 -19.43
N HIS C 393 -21.42 -2.99 -18.15
CA HIS C 393 -20.82 -2.14 -17.15
C HIS C 393 -19.30 -2.08 -17.35
N PRO C 394 -18.68 -0.91 -17.09
CA PRO C 394 -17.23 -0.79 -17.36
C PRO C 394 -16.38 -1.76 -16.56
N ASP C 395 -16.77 -2.09 -15.33
CA ASP C 395 -15.92 -2.94 -14.49
C ASP C 395 -15.74 -4.33 -15.08
N VAL C 396 -16.80 -4.92 -15.61
CA VAL C 396 -16.71 -6.26 -16.19
C VAL C 396 -15.78 -6.25 -17.39
N GLU C 397 -15.96 -5.22 -18.19
CA GLU C 397 -15.16 -5.04 -19.38
C GLU C 397 -13.67 -4.88 -19.06
N ARG C 398 -13.34 -4.11 -18.06
CA ARG C 398 -11.97 -3.89 -17.58
C ARG C 398 -11.37 -5.18 -17.03
N LEU C 399 -12.16 -5.92 -16.25
CA LEU C 399 -11.67 -7.18 -15.70
C LEU C 399 -11.36 -8.18 -16.80
N GLU C 400 -12.17 -8.19 -17.84
CA GLU C 400 -12.02 -9.05 -18.99
C GLU C 400 -10.75 -8.77 -19.77
N LEU C 401 -10.40 -7.51 -19.95
CA LEU C 401 -9.16 -7.13 -20.60
C LEU C 401 -7.95 -7.46 -19.74
N GLN C 402 -8.04 -7.19 -18.44
CA GLN C 402 -6.93 -7.47 -17.54
C GLN C 402 -6.63 -8.97 -17.48
N GLY C 403 -7.67 -9.80 -17.43
CA GLY C 403 -7.44 -11.24 -17.42
C GLY C 403 -6.79 -11.75 -18.68
N TYR C 404 -7.23 -11.25 -19.84
CA TYR C 404 -6.59 -11.61 -21.10
C TYR C 404 -5.11 -11.29 -21.06
N ARG C 405 -4.76 -10.07 -20.65
CA ARG C 405 -3.35 -9.68 -20.62
C ARG C 405 -2.55 -10.53 -19.63
N VAL C 406 -3.13 -10.86 -18.48
CA VAL C 406 -2.40 -11.65 -17.49
C VAL C 406 -2.09 -13.05 -18.03
N ILE C 407 -3.08 -13.69 -18.66
CA ILE C 407 -2.83 -15.04 -19.18
C ILE C 407 -1.77 -15.00 -20.28
N SER C 408 -1.84 -14.01 -21.17
CA SER C 408 -0.83 -13.90 -22.21
C SER C 408 0.57 -13.70 -21.61
N GLY C 409 0.67 -12.86 -20.58
CA GLY C 409 1.96 -12.61 -19.95
C GLY C 409 2.53 -13.85 -19.29
N LEU C 410 1.68 -14.63 -18.61
CA LEU C 410 2.17 -15.86 -17.98
C LEU C 410 2.68 -16.85 -19.02
N LEU C 411 1.95 -16.99 -20.14
CA LEU C 411 2.43 -17.89 -21.20
C LEU C 411 3.76 -17.40 -21.77
N GLU C 412 3.89 -16.09 -21.97
CA GLU C 412 5.16 -15.56 -22.45
C GLU C 412 6.30 -15.83 -21.47
N ILE C 413 6.02 -15.71 -20.18
CA ILE C 413 7.04 -15.96 -19.17
C ILE C 413 7.50 -17.41 -19.21
N TYR C 414 6.56 -18.35 -19.34
CA TYR C 414 6.92 -19.76 -19.32
C TYR C 414 7.33 -20.29 -20.69
N ARG C 415 7.33 -19.45 -21.72
CA ARG C 415 7.79 -19.88 -23.04
C ARG C 415 9.15 -20.55 -23.09
N PRO C 416 10.20 -20.08 -22.38
CA PRO C 416 11.52 -20.71 -22.53
C PRO C 416 11.55 -22.21 -22.26
N LEU C 417 10.58 -22.75 -21.51
CA LEU C 417 10.54 -24.20 -21.29
C LEU C 417 10.21 -24.96 -22.57
N LEU C 418 9.54 -24.33 -23.53
CA LEU C 418 9.15 -25.00 -24.77
C LEU C 418 10.19 -24.89 -25.87
N SER C 419 11.26 -24.12 -25.66
CA SER C 419 12.30 -23.94 -26.66
C SER C 419 13.47 -24.91 -26.49
N LEU C 420 13.44 -25.76 -25.48
CA LEU C 420 14.54 -26.68 -25.22
C LEU C 420 14.48 -27.83 -26.23
N SER C 421 15.35 -28.81 -26.05
CA SER C 421 15.43 -29.98 -26.89
C SER C 421 14.99 -31.21 -26.11
N LEU C 422 14.85 -32.33 -26.81
CA LEU C 422 14.42 -33.57 -26.18
C LEU C 422 15.41 -34.02 -25.11
N SER C 423 16.70 -34.03 -25.45
CA SER C 423 17.72 -34.48 -24.51
C SER C 423 17.80 -33.56 -23.30
N ASP C 424 17.75 -32.25 -23.54
CA ASP C 424 17.86 -31.29 -22.45
C ASP C 424 16.68 -31.41 -21.49
N PHE C 425 15.46 -31.47 -22.03
CA PHE C 425 14.29 -31.60 -21.16
C PHE C 425 14.28 -32.94 -20.44
N THR C 426 14.70 -34.02 -21.11
CA THR C 426 14.77 -35.32 -20.45
C THR C 426 15.75 -35.30 -19.29
N GLU C 427 16.94 -34.74 -19.49
CA GLU C 427 17.92 -34.63 -18.42
C GLU C 427 17.40 -33.76 -17.29
N LEU C 428 16.70 -32.68 -17.63
CA LEU C 428 16.16 -31.79 -16.63
C LEU C 428 15.09 -32.49 -15.79
N VAL C 429 14.35 -33.42 -16.38
CA VAL C 429 13.32 -34.15 -15.62
C VAL C 429 13.87 -35.14 -14.61
N GLU C 430 14.93 -35.86 -14.96
CA GLU C 430 15.53 -36.88 -14.09
C GLU C 430 16.23 -36.40 -12.82
N LYS C 431 16.63 -35.14 -12.78
CA LYS C 431 17.29 -34.60 -11.60
C LYS C 431 16.50 -33.40 -11.06
N VAL C 434 20.17 -29.21 -12.75
CA VAL C 434 21.23 -29.21 -13.74
C VAL C 434 22.07 -27.95 -13.57
N LYS C 435 23.28 -27.97 -14.15
CA LYS C 435 24.19 -26.85 -14.04
C LYS C 435 24.22 -25.98 -15.29
N ARG C 436 23.68 -26.45 -16.41
CA ARG C 436 23.69 -25.67 -17.65
C ARG C 436 22.42 -24.88 -17.88
N PHE C 437 21.35 -25.13 -17.13
CA PHE C 437 20.06 -24.47 -17.34
C PHE C 437 19.51 -23.97 -16.01
N PRO C 438 20.07 -22.89 -15.47
CA PRO C 438 19.59 -22.37 -14.18
C PRO C 438 18.17 -21.83 -14.23
N ILE C 439 17.92 -20.91 -15.17
CA ILE C 439 16.60 -20.29 -15.29
C ILE C 439 15.55 -21.35 -15.62
N GLU C 440 15.86 -22.22 -16.57
CA GLU C 440 14.90 -23.26 -16.97
C GLU C 440 14.64 -24.23 -15.82
N SER C 441 15.68 -24.60 -15.07
CA SER C 441 15.47 -25.51 -13.94
C SER C 441 14.58 -24.87 -12.87
N ARG C 442 14.80 -23.59 -12.57
CA ARG C 442 13.94 -22.94 -11.59
C ARG C 442 12.50 -22.84 -12.07
N LEU C 443 12.31 -22.48 -13.35
CA LEU C 443 10.96 -22.43 -13.91
C LEU C 443 10.27 -23.78 -13.83
N PHE C 444 11.00 -24.85 -14.16
CA PHE C 444 10.42 -26.18 -14.09
C PHE C 444 10.09 -26.58 -12.66
N HIS C 445 10.96 -26.27 -11.71
CA HIS C 445 10.68 -26.57 -10.31
C HIS C 445 9.49 -25.77 -9.79
N LYS C 446 9.15 -24.65 -10.42
CA LYS C 446 7.99 -23.88 -10.00
C LYS C 446 6.68 -24.60 -10.27
N LEU C 447 6.65 -25.59 -11.17
CA LEU C 447 5.42 -26.31 -11.48
C LEU C 447 5.04 -27.25 -10.34
N SER C 448 3.79 -27.71 -10.39
CA SER C 448 3.24 -28.55 -9.33
C SER C 448 3.72 -30.00 -9.50
N THR C 449 3.55 -30.77 -8.41
CA THR C 449 4.03 -32.14 -8.41
C THR C 449 3.14 -33.06 -9.25
N ARG C 450 1.82 -32.88 -9.14
CA ARG C 450 0.89 -33.76 -9.83
C ARG C 450 1.05 -33.69 -11.35
N HIS C 451 1.21 -32.47 -11.88
CA HIS C 451 1.36 -32.32 -13.33
C HIS C 451 2.64 -32.98 -13.83
N ARG C 452 3.75 -32.82 -13.10
CA ARG C 452 4.99 -33.46 -13.48
C ARG C 452 4.89 -34.98 -13.42
N LEU C 453 4.23 -35.50 -12.38
CA LEU C 453 4.03 -36.95 -12.31
C LEU C 453 3.18 -37.44 -13.47
N ALA C 454 2.14 -36.69 -13.84
CA ALA C 454 1.33 -37.07 -14.99
C ALA C 454 2.15 -37.11 -16.26
N TYR C 455 3.03 -36.12 -16.44
CA TYR C 455 3.92 -36.12 -17.60
C TYR C 455 4.82 -37.35 -17.60
N VAL C 456 5.38 -37.68 -16.43
CA VAL C 456 6.31 -38.81 -16.35
C VAL C 456 5.60 -40.10 -16.71
N GLU C 457 4.41 -40.33 -16.14
CA GLU C 457 3.66 -41.55 -16.46
C GLU C 457 3.25 -41.59 -17.92
N ALA C 458 2.83 -40.45 -18.48
CA ALA C 458 2.42 -40.44 -19.89
C ALA C 458 3.59 -40.75 -20.81
N VAL C 459 4.77 -40.21 -20.52
CA VAL C 459 5.90 -40.39 -21.42
C VAL C 459 6.55 -41.76 -21.25
N SER C 460 6.47 -42.34 -20.04
CA SER C 460 7.14 -43.63 -19.80
C SER C 460 6.59 -44.73 -20.71
N LYS C 461 5.27 -44.74 -20.93
CA LYS C 461 4.62 -45.78 -21.72
C LYS C 461 4.91 -45.69 -23.21
N LEU C 462 5.50 -44.61 -23.72
CA LEU C 462 5.75 -44.46 -25.13
C LEU C 462 6.90 -45.35 -25.59
N PRO C 463 6.78 -45.96 -26.77
CA PRO C 463 7.93 -46.71 -27.33
C PRO C 463 9.08 -45.77 -27.65
N SER C 464 10.24 -46.08 -27.09
CA SER C 464 11.41 -45.21 -27.20
C SER C 464 12.20 -45.40 -28.49
N ASP C 465 11.65 -46.12 -29.47
CA ASP C 465 12.36 -46.37 -30.71
C ASP C 465 11.64 -45.85 -31.95
N SER C 466 10.34 -45.59 -31.87
CA SER C 466 9.60 -45.15 -33.03
C SER C 466 10.00 -43.73 -33.43
N PRO C 467 9.85 -43.38 -34.70
CA PRO C 467 10.15 -42.00 -35.13
C PRO C 467 9.08 -41.01 -34.68
N GLU C 468 8.07 -41.49 -33.95
CA GLU C 468 6.99 -40.65 -33.46
C GLU C 468 7.19 -40.17 -32.03
N PHE C 469 8.31 -40.52 -31.40
CA PHE C 469 8.55 -40.11 -30.02
C PHE C 469 8.62 -38.60 -29.83
N PRO C 470 9.38 -37.82 -30.62
CA PRO C 470 9.42 -36.37 -30.38
C PRO C 470 8.07 -35.69 -30.50
N LEU C 471 7.23 -36.13 -31.43
CA LEU C 471 5.91 -35.54 -31.59
C LEU C 471 5.08 -35.70 -30.32
N TRP C 472 5.02 -36.91 -29.80
CA TRP C 472 4.27 -37.16 -28.58
C TRP C 472 4.86 -36.43 -27.39
N GLU C 473 6.19 -36.37 -27.30
CA GLU C 473 6.82 -35.68 -26.18
C GLU C 473 6.49 -34.19 -26.20
N TYR C 474 6.51 -33.57 -27.39
CA TYR C 474 6.12 -32.18 -27.49
C TYR C 474 4.66 -31.97 -27.12
N TYR C 475 3.80 -32.89 -27.57
CA TYR C 475 2.38 -32.80 -27.22
C TYR C 475 2.18 -32.84 -25.72
N TYR C 476 2.88 -33.74 -25.03
CA TYR C 476 2.70 -33.87 -23.59
C TYR C 476 3.34 -32.70 -22.84
N ARG C 477 4.43 -32.13 -23.38
CA ARG C 477 4.98 -30.92 -22.78
C ARG C 477 4.00 -29.75 -22.84
N CYS C 478 3.38 -29.56 -24.01
CA CYS C 478 2.36 -28.52 -24.12
C CYS C 478 1.17 -28.80 -23.22
N ARG C 479 0.78 -30.07 -23.09
CA ARG C 479 -0.29 -30.42 -22.17
C ARG C 479 0.07 -30.08 -20.74
N LEU C 480 1.31 -30.34 -20.33
CA LEU C 480 1.76 -29.99 -18.99
C LEU C 480 1.65 -28.49 -18.76
N LEU C 481 2.09 -27.69 -19.73
CA LEU C 481 1.98 -26.24 -19.59
C LEU C 481 0.53 -25.80 -19.46
N GLN C 482 -0.36 -26.36 -20.29
CA GLN C 482 -1.77 -25.95 -20.24
C GLN C 482 -2.43 -26.38 -18.94
N ASP C 483 -2.10 -27.57 -18.42
CA ASP C 483 -2.62 -27.98 -17.11
C ASP C 483 -2.17 -27.02 -16.02
N TYR C 484 -0.89 -26.65 -16.02
CA TYR C 484 -0.42 -25.71 -15.01
C TYR C 484 -1.15 -24.37 -15.09
N ILE C 485 -1.29 -23.84 -16.31
CA ILE C 485 -1.92 -22.54 -16.47
C ILE C 485 -3.39 -22.60 -16.06
N SER C 486 -4.08 -23.68 -16.41
CA SER C 486 -5.51 -23.79 -16.12
C SER C 486 -5.80 -24.21 -14.69
N GLY C 487 -4.80 -24.65 -13.94
CA GLY C 487 -5.04 -25.08 -12.58
C GLY C 487 -4.93 -24.01 -11.52
N MET C 488 -4.97 -22.75 -11.92
CA MET C 488 -4.85 -21.63 -10.99
C MET C 488 -6.20 -20.99 -10.72
N THR C 489 -6.23 -20.14 -9.69
CA THR C 489 -7.35 -19.23 -9.45
C THR C 489 -7.03 -17.86 -10.04
N ASP C 490 -8.04 -16.98 -10.04
CA ASP C 490 -7.84 -15.64 -10.56
C ASP C 490 -6.82 -14.87 -9.73
N LEU C 491 -6.98 -14.86 -8.41
CA LEU C 491 -6.07 -14.13 -7.55
C LEU C 491 -4.67 -14.70 -7.56
N TYR C 492 -4.54 -16.03 -7.56
CA TYR C 492 -3.21 -16.64 -7.58
C TYR C 492 -2.48 -16.31 -8.88
N ALA C 493 -3.17 -16.43 -10.02
CA ALA C 493 -2.54 -16.10 -11.29
C ALA C 493 -2.15 -14.62 -11.37
N TRP C 494 -3.02 -13.75 -10.90
CA TRP C 494 -2.70 -12.35 -10.89
C TRP C 494 -1.50 -12.00 -10.03
N ASP C 495 -1.48 -12.53 -8.83
CA ASP C 495 -0.33 -12.28 -7.95
C ASP C 495 0.95 -12.86 -8.51
N GLU C 496 0.89 -14.09 -9.05
CA GLU C 496 2.08 -14.70 -9.61
C GLU C 496 2.58 -13.92 -10.83
N TYR C 497 1.64 -13.38 -11.61
CA TYR C 497 2.03 -12.56 -12.75
C TYR C 497 2.74 -11.28 -12.31
N ARG C 498 2.31 -10.63 -11.28
CA ARG C 498 3.03 -9.46 -10.84
C ARG C 498 4.34 -9.83 -10.19
N ARG C 499 4.42 -10.95 -9.49
CA ARG C 499 5.69 -11.34 -8.88
C ARG C 499 6.74 -11.69 -9.92
N LEU C 500 6.36 -12.43 -10.96
CA LEU C 500 7.34 -12.83 -11.96
C LEU C 500 7.77 -11.67 -12.86
N MET C 501 7.03 -10.57 -12.87
CA MET C 501 7.40 -9.39 -13.63
C MET C 501 8.16 -8.36 -12.82
N ALA C 502 8.52 -8.68 -11.58
CA ALA C 502 9.29 -7.78 -10.71
C ALA C 502 8.55 -6.48 -10.45
N VAL C 503 7.22 -6.52 -10.46
CA VAL C 503 6.44 -5.32 -10.15
C VAL C 503 6.20 -5.21 -8.65
N GLU C 504 5.99 -6.33 -7.97
CA GLU C 504 5.88 -6.36 -6.52
C GLU C 504 6.87 -7.38 -5.97
N GLN C 505 7.28 -7.15 -4.72
CA GLN C 505 8.23 -8.04 -4.07
C GLN C 505 7.62 -9.41 -3.80
N GLN D 3 -28.23 61.53 4.07
CA GLN D 3 -27.54 61.87 2.83
C GLN D 3 -26.69 60.68 2.41
N ILE D 4 -26.75 60.33 1.13
CA ILE D 4 -25.99 59.23 0.57
C ILE D 4 -24.80 59.80 -0.19
N ASP D 5 -23.61 59.38 0.20
CA ASP D 5 -22.37 59.82 -0.46
C ASP D 5 -21.35 58.70 -0.30
N PHE D 6 -21.13 57.95 -1.38
CA PHE D 6 -20.26 56.79 -1.32
C PHE D 6 -18.78 57.16 -1.24
N ARG D 7 -18.43 58.45 -1.25
CA ARG D 7 -17.05 58.84 -1.02
C ARG D 7 -16.65 58.74 0.44
N LYS D 8 -17.63 58.74 1.36
CA LYS D 8 -17.36 58.57 2.78
C LYS D 8 -17.26 57.10 3.19
N LYS D 9 -17.51 56.18 2.28
CA LYS D 9 -17.48 54.75 2.57
C LYS D 9 -16.38 54.00 1.85
N ILE D 10 -15.97 54.44 0.67
CA ILE D 10 -14.90 53.79 -0.09
C ILE D 10 -13.61 54.48 0.31
N ASN D 11 -12.93 53.91 1.30
CA ASN D 11 -11.70 54.47 1.86
C ASN D 11 -10.51 53.67 1.33
N TRP D 12 -9.55 54.37 0.71
CA TRP D 12 -8.37 53.75 0.13
C TRP D 12 -7.14 53.90 1.02
N HIS D 13 -7.31 54.40 2.24
CA HIS D 13 -6.21 54.49 3.17
C HIS D 13 -5.86 53.11 3.72
N ARG D 14 -4.68 53.02 4.33
CA ARG D 14 -4.17 51.77 4.87
C ARG D 14 -3.78 51.98 6.32
N ARG D 15 -3.56 50.86 7.02
CA ARG D 15 -3.12 50.90 8.41
C ARG D 15 -1.65 51.25 8.54
N TYR D 16 -0.82 50.78 7.61
CA TYR D 16 0.62 51.02 7.63
C TYR D 16 1.05 51.65 6.31
N ARG D 17 1.87 52.69 6.39
CA ARG D 17 2.41 53.39 5.22
C ARG D 17 1.30 53.82 4.27
N SER D 18 0.28 54.46 4.85
CA SER D 18 -0.90 54.81 4.08
C SER D 18 -0.58 55.90 3.07
N PRO D 19 -1.20 55.84 1.88
CA PRO D 19 -1.04 56.90 0.89
C PRO D 19 -1.86 58.13 1.26
N GLN D 20 -1.17 59.19 1.65
CA GLN D 20 -1.84 60.42 2.06
C GLN D 20 -1.88 61.42 0.91
N GLY D 21 -2.66 62.48 1.10
CA GLY D 21 -2.78 63.52 0.12
C GLY D 21 -3.97 63.34 -0.80
N VAL D 22 -3.97 64.10 -1.89
CA VAL D 22 -5.03 64.06 -2.89
C VAL D 22 -4.63 63.10 -3.99
N LYS D 23 -5.63 62.49 -4.63
CA LYS D 23 -5.40 61.54 -5.70
C LYS D 23 -6.52 61.63 -6.71
N THR D 24 -6.24 61.21 -7.94
CA THR D 24 -7.20 61.19 -9.02
C THR D 24 -7.79 59.80 -9.17
N GLU D 25 -8.61 59.63 -10.23
CA GLU D 25 -9.24 58.33 -10.47
C GLU D 25 -8.19 57.26 -10.78
N HIS D 26 -7.17 57.61 -11.57
CA HIS D 26 -6.18 56.64 -12.00
C HIS D 26 -5.39 56.10 -10.82
N GLU D 27 -4.97 56.98 -9.89
CA GLU D 27 -4.21 56.52 -8.73
C GLU D 27 -5.05 55.61 -7.84
N ILE D 28 -6.33 55.95 -7.64
CA ILE D 28 -7.22 55.10 -6.84
C ILE D 28 -7.39 53.74 -7.50
N LEU D 29 -7.59 53.71 -8.82
CA LEU D 29 -7.72 52.45 -9.53
C LEU D 29 -6.46 51.62 -9.41
N ARG D 30 -5.28 52.27 -9.49
CA ARG D 30 -4.04 51.54 -9.30
C ARG D 30 -3.91 50.98 -7.89
N ILE D 31 -4.36 51.72 -6.89
CA ILE D 31 -4.35 51.22 -5.51
C ILE D 31 -5.18 49.95 -5.40
N PHE D 32 -6.39 49.97 -5.95
CA PHE D 32 -7.24 48.79 -5.82
C PHE D 32 -6.75 47.62 -6.67
N GLU D 33 -6.12 47.90 -7.82
CA GLU D 33 -5.48 46.84 -8.58
C GLU D 33 -4.32 46.22 -7.79
N SER D 34 -3.55 47.04 -7.08
CA SER D 34 -2.51 46.50 -6.23
C SER D 34 -3.08 45.62 -5.13
N ASP D 35 -4.20 46.03 -4.53
CA ASP D 35 -4.85 45.20 -3.52
C ASP D 35 -5.27 43.86 -4.10
N ARG D 36 -5.84 43.86 -5.32
CA ARG D 36 -6.14 42.62 -6.00
C ARG D 36 -4.89 41.77 -6.18
N GLY D 37 -3.78 42.42 -6.52
CA GLY D 37 -2.52 41.69 -6.67
C GLY D 37 -2.06 41.03 -5.39
N ARG D 38 -2.28 41.64 -4.26
CA ARG D 38 -1.89 41.00 -3.04
C ARG D 38 -2.84 39.87 -2.71
N ILE D 39 -4.12 40.05 -2.98
CA ILE D 39 -5.06 39.01 -2.57
C ILE D 39 -4.91 37.75 -3.43
N ILE D 40 -4.78 37.91 -4.75
CA ILE D 40 -4.81 36.74 -5.63
C ILE D 40 -3.58 35.86 -5.44
N ASN D 41 -2.42 36.44 -5.16
CA ASN D 41 -1.16 35.70 -5.08
C ASN D 41 -0.82 35.30 -3.65
N SER D 42 -1.82 34.97 -2.84
CA SER D 42 -1.60 34.63 -1.44
C SER D 42 -1.65 33.12 -1.23
N PRO D 43 -0.90 32.61 -0.25
CA PRO D 43 -0.96 31.16 0.03
C PRO D 43 -2.31 30.67 0.49
N ALA D 44 -3.18 31.56 1.01
CA ALA D 44 -4.50 31.14 1.45
C ALA D 44 -5.33 30.62 0.28
N ILE D 45 -5.23 31.25 -0.88
CA ILE D 45 -5.96 30.79 -2.06
C ILE D 45 -5.46 29.41 -2.51
N ARG D 46 -4.14 29.22 -2.53
CA ARG D 46 -3.60 27.92 -2.89
C ARG D 46 -3.97 26.86 -1.87
N ARG D 47 -4.21 27.26 -0.61
CA ARG D 47 -4.75 26.32 0.36
C ARG D 47 -6.21 26.00 0.06
N LEU D 48 -6.98 27.00 -0.37
CA LEU D 48 -8.35 26.75 -0.83
C LEU D 48 -8.36 25.75 -1.97
N GLN D 49 -7.30 25.71 -2.76
CA GLN D 49 -7.23 24.79 -3.90
C GLN D 49 -7.44 23.34 -3.50
N GLN D 50 -7.08 22.96 -2.26
CA GLN D 50 -7.14 21.57 -1.82
C GLN D 50 -7.98 21.39 -0.56
N LYS D 51 -9.17 22.00 -0.52
CA LYS D 51 -10.15 21.75 0.51
C LYS D 51 -11.46 21.33 -0.15
N THR D 52 -12.14 20.36 0.47
CA THR D 52 -13.32 19.76 -0.13
C THR D 52 -14.55 20.64 0.06
N GLN D 53 -15.47 20.57 -0.90
CA GLN D 53 -16.73 21.27 -0.84
C GLN D 53 -17.86 20.36 -0.38
N VAL D 54 -18.12 19.28 -1.12
CA VAL D 54 -19.12 18.29 -0.72
C VAL D 54 -18.50 16.90 -0.73
N PHE D 55 -17.95 16.50 -1.89
CA PHE D 55 -17.41 15.16 -2.10
C PHE D 55 -15.91 15.11 -1.82
N PRO D 56 -15.41 13.94 -1.44
CA PRO D 56 -13.96 13.82 -1.19
C PRO D 56 -13.15 14.09 -2.44
N LEU D 57 -11.94 14.58 -2.24
CA LEU D 57 -11.06 14.95 -3.34
C LEU D 57 -10.50 13.69 -3.98
N GLU D 58 -10.79 13.49 -5.27
CA GLU D 58 -10.32 12.32 -5.99
C GLU D 58 -8.93 12.52 -6.54
N ALA D 61 -11.84 12.37 -10.45
CA ALA D 61 -12.85 13.02 -11.27
C ALA D 61 -12.68 14.53 -11.27
N ALA D 62 -13.66 15.24 -11.82
CA ALA D 62 -13.61 16.70 -11.90
C ALA D 62 -14.52 17.38 -10.89
N VAL D 63 -14.60 16.84 -9.67
CA VAL D 63 -15.40 17.48 -8.64
C VAL D 63 -14.79 18.82 -8.26
N ARG D 64 -15.63 19.68 -7.68
CA ARG D 64 -15.25 21.03 -7.28
C ARG D 64 -14.59 21.18 -5.94
N THR D 65 -13.66 22.11 -5.86
CA THR D 65 -12.99 22.46 -4.62
C THR D 65 -13.56 23.80 -4.11
N ARG D 66 -12.94 24.34 -3.07
CA ARG D 66 -13.34 25.66 -2.59
C ARG D 66 -13.09 26.73 -3.64
N LEU D 67 -12.01 26.59 -4.39
CA LEU D 67 -11.55 27.64 -5.29
C LEU D 67 -12.52 27.83 -6.46
N THR D 68 -12.94 26.72 -7.08
CA THR D 68 -13.87 26.81 -8.20
C THR D 68 -15.22 27.38 -7.76
N HIS D 69 -15.68 27.02 -6.56
CA HIS D 69 -16.91 27.61 -6.03
C HIS D 69 -16.74 29.11 -5.80
N SER D 70 -15.58 29.52 -5.29
CA SER D 70 -15.32 30.94 -5.10
C SER D 70 -15.33 31.69 -6.42
N MET D 71 -14.97 31.00 -7.49
CA MET D 71 -14.94 31.55 -8.83
C MET D 71 -16.33 31.78 -9.44
N GLU D 72 -17.32 31.02 -9.01
CA GLU D 72 -18.72 31.24 -9.34
C GLU D 72 -19.31 32.36 -8.48
N VAL D 73 -18.98 32.36 -7.20
CA VAL D 73 -19.48 33.44 -6.33
C VAL D 73 -18.96 34.79 -6.82
N GLN D 74 -17.70 34.84 -7.24
CA GLN D 74 -17.12 36.08 -7.76
C GLN D 74 -17.86 36.55 -9.00
N GLN D 75 -18.16 35.63 -9.93
CA GLN D 75 -18.86 36.00 -11.15
C GLN D 75 -20.25 36.54 -10.86
N VAL D 76 -20.99 35.86 -9.96
CA VAL D 76 -22.34 36.32 -9.63
C VAL D 76 -22.29 37.70 -8.98
N GLY D 77 -21.36 37.90 -8.05
CA GLY D 77 -21.25 39.21 -7.41
C GLY D 77 -20.92 40.31 -8.39
N ARG D 78 -20.05 40.06 -9.33
CA ARG D 78 -19.70 41.06 -10.32
C ARG D 78 -20.86 41.38 -11.22
N TYR D 79 -21.64 40.37 -11.58
CA TYR D 79 -22.78 40.62 -12.45
C TYR D 79 -23.86 41.43 -11.74
N ILE D 80 -24.10 41.12 -10.46
CA ILE D 80 -25.07 41.91 -9.69
C ILE D 80 -24.61 43.35 -9.51
N ALA D 81 -23.32 43.54 -9.23
CA ALA D 81 -22.80 44.90 -9.09
C ALA D 81 -22.96 45.70 -10.37
N LYS D 82 -22.66 45.07 -11.52
CA LYS D 82 -22.82 45.75 -12.80
C LYS D 82 -24.28 46.10 -13.07
N GLU D 83 -25.20 45.19 -12.74
CA GLU D 83 -26.62 45.50 -12.92
C GLU D 83 -27.05 46.67 -12.06
N ILE D 84 -26.58 46.71 -10.80
CA ILE D 84 -26.93 47.82 -9.91
C ILE D 84 -26.41 49.13 -10.47
N LEU D 85 -25.15 49.14 -10.93
CA LEU D 85 -24.56 50.36 -11.47
C LEU D 85 -25.30 50.82 -12.72
N SER D 86 -25.66 49.89 -13.61
CA SER D 86 -26.40 50.27 -14.81
C SER D 86 -27.76 50.86 -14.47
N ARG D 87 -28.49 50.22 -13.55
CA ARG D 87 -29.81 50.73 -13.18
C ARG D 87 -29.71 52.10 -12.52
N LEU D 88 -28.69 52.32 -11.69
CA LEU D 88 -28.51 53.64 -11.10
C LEU D 88 -28.14 54.68 -12.15
N LYS D 89 -27.33 54.31 -13.14
CA LYS D 89 -26.96 55.25 -14.19
C LYS D 89 -28.16 55.62 -15.07
N GLU D 90 -29.07 54.67 -15.29
CA GLU D 90 -30.25 54.95 -16.10
C GLU D 90 -31.11 56.04 -15.48
N LEU D 91 -31.28 55.99 -14.16
CA LEU D 91 -32.16 56.92 -13.45
C LEU D 91 -31.48 58.24 -13.10
N LYS D 92 -30.27 58.48 -13.58
CA LYS D 92 -29.55 59.73 -13.38
C LYS D 92 -29.32 60.03 -11.89
N LEU D 93 -29.07 58.98 -11.12
CA LEU D 93 -28.71 59.11 -9.71
C LEU D 93 -27.26 58.73 -9.43
N LEU D 94 -26.49 58.42 -10.47
CA LEU D 94 -25.10 57.98 -10.25
C LEU D 94 -24.23 59.12 -9.74
N GLU D 95 -24.37 60.31 -10.30
CA GLU D 95 -23.57 61.46 -9.89
C GLU D 95 -24.05 62.08 -8.59
N ALA D 96 -25.33 61.95 -8.27
CA ALA D 96 -25.85 62.48 -7.01
C ALA D 96 -25.50 61.62 -5.81
N TYR D 97 -25.07 60.38 -6.03
CA TYR D 97 -24.70 59.48 -4.94
C TYR D 97 -23.20 59.36 -4.76
N GLY D 98 -22.41 60.13 -5.48
CA GLY D 98 -20.97 60.11 -5.32
C GLY D 98 -20.26 58.95 -5.96
N LEU D 99 -20.92 58.23 -6.86
CA LEU D 99 -20.35 57.04 -7.50
C LEU D 99 -19.86 57.33 -8.92
N ASP D 100 -19.75 58.59 -9.31
CA ASP D 100 -19.39 58.92 -10.69
C ASP D 100 -17.99 58.42 -11.03
N GLU D 101 -17.04 58.56 -10.10
CA GLU D 101 -15.66 58.17 -10.33
C GLU D 101 -15.23 57.00 -9.45
N LEU D 102 -16.16 56.12 -9.10
CA LEU D 102 -15.85 55.02 -8.18
C LEU D 102 -16.51 53.71 -8.59
N THR D 103 -16.78 53.51 -9.88
CA THR D 103 -17.42 52.28 -10.32
C THR D 103 -16.45 51.10 -10.30
N GLY D 104 -15.22 51.33 -10.77
CA GLY D 104 -14.19 50.31 -10.77
C GLY D 104 -13.86 49.79 -9.40
N PRO D 105 -13.60 50.70 -8.43
CA PRO D 105 -13.43 50.25 -7.04
C PRO D 105 -14.63 49.50 -6.50
N PHE D 106 -15.84 49.93 -6.85
CA PHE D 106 -17.06 49.24 -6.45
C PHE D 106 -17.01 47.77 -6.86
N GLU D 107 -16.87 47.54 -8.17
CA GLU D 107 -16.88 46.17 -8.68
C GLU D 107 -15.71 45.37 -8.13
N SER D 108 -14.52 45.98 -8.05
CA SER D 108 -13.35 45.26 -7.55
C SER D 108 -13.53 44.84 -6.10
N ILE D 109 -14.07 45.73 -5.26
CA ILE D 109 -14.28 45.40 -3.85
C ILE D 109 -15.29 44.26 -3.72
N VAL D 110 -16.38 44.32 -4.49
CA VAL D 110 -17.36 43.23 -4.41
C VAL D 110 -16.74 41.90 -4.83
N GLU D 111 -15.99 41.90 -5.95
CA GLU D 111 -15.38 40.67 -6.41
C GLU D 111 -14.40 40.10 -5.39
N MET D 112 -13.55 40.95 -4.83
CA MET D 112 -12.54 40.47 -3.89
C MET D 112 -13.17 40.01 -2.58
N SER D 113 -14.27 40.64 -2.15
CA SER D 113 -14.98 40.13 -0.98
C SER D 113 -15.58 38.77 -1.27
N CYS D 114 -16.11 38.56 -2.48
CA CYS D 114 -16.64 37.24 -2.82
C CYS D 114 -15.54 36.19 -2.91
N LEU D 115 -14.32 36.60 -3.26
CA LEU D 115 -13.23 35.62 -3.38
C LEU D 115 -12.72 35.18 -2.01
N MET D 116 -12.83 36.05 -0.99
CA MET D 116 -12.27 35.76 0.33
C MET D 116 -13.29 35.22 1.31
N HIS D 117 -14.44 34.72 0.85
CA HIS D 117 -15.46 34.23 1.76
C HIS D 117 -15.01 33.00 2.54
N ASP D 118 -14.28 32.07 1.91
CA ASP D 118 -13.96 30.79 2.51
C ASP D 118 -12.50 30.71 2.97
N ILE D 119 -11.88 31.87 3.20
CA ILE D 119 -10.46 31.90 3.55
C ILE D 119 -10.21 31.34 4.95
N GLY D 120 -11.18 31.42 5.86
CA GLY D 120 -10.95 31.10 7.25
C GLY D 120 -11.62 29.86 7.81
N ASN D 121 -12.21 29.00 6.96
CA ASN D 121 -12.82 27.79 7.47
C ASN D 121 -11.74 26.78 7.85
N PRO D 122 -11.97 25.97 8.88
CA PRO D 122 -11.02 24.94 9.25
C PRO D 122 -11.16 23.72 8.36
N PRO D 123 -10.23 22.77 8.42
CA PRO D 123 -10.40 21.53 7.65
C PRO D 123 -11.68 20.81 8.05
N PHE D 124 -12.33 20.22 7.05
CA PHE D 124 -13.58 19.46 7.14
C PHE D 124 -14.79 20.35 7.40
N GLY D 125 -14.62 21.67 7.49
CA GLY D 125 -15.77 22.56 7.45
C GLY D 125 -16.53 22.61 8.76
N HIS D 126 -17.82 22.38 8.62
CA HIS D 126 -18.76 22.40 9.70
C HIS D 126 -18.48 21.39 10.76
N PHE D 127 -17.76 20.35 10.43
CA PHE D 127 -17.47 19.34 11.41
C PHE D 127 -16.15 19.56 12.11
N GLY D 128 -15.35 20.50 11.61
CA GLY D 128 -14.11 20.90 12.23
C GLY D 128 -14.41 21.89 13.33
N GLU D 129 -15.25 22.88 13.04
CA GLU D 129 -15.67 23.89 14.00
C GLU D 129 -16.39 23.26 15.18
N ALA D 130 -17.26 22.29 14.89
CA ALA D 130 -17.96 21.59 15.97
C ALA D 130 -16.98 20.91 16.90
N ALA D 131 -15.97 20.22 16.35
CA ALA D 131 -15.01 19.51 17.17
C ALA D 131 -14.21 20.45 18.06
N ILE D 132 -13.74 21.56 17.48
CA ILE D 132 -12.98 22.54 18.27
C ILE D 132 -13.85 23.08 19.39
N ASN D 133 -15.09 23.44 19.06
CA ASN D 133 -15.98 24.01 20.06
C ASN D 133 -16.27 23.04 21.19
N ASP D 134 -16.53 21.77 20.88
CA ASP D 134 -16.82 20.80 21.94
C ASP D 134 -15.59 20.53 22.81
N TRP D 135 -14.41 20.41 22.18
CA TRP D 135 -13.19 20.19 22.97
C TRP D 135 -12.97 21.33 23.96
N PHE D 136 -13.04 22.58 23.47
CA PHE D 136 -12.79 23.70 24.37
C PHE D 136 -13.91 23.91 25.37
N ARG D 137 -15.14 23.53 25.01
CA ARG D 137 -16.24 23.59 25.96
C ARG D 137 -16.04 22.61 27.10
N GLN D 138 -15.56 21.40 26.79
CA GLN D 138 -15.24 20.45 27.84
C GLN D 138 -14.11 20.97 28.72
N ARG D 139 -13.10 21.60 28.11
CA ARG D 139 -11.97 22.08 28.91
C ARG D 139 -12.33 23.28 29.79
N LEU D 140 -13.21 24.17 29.33
CA LEU D 140 -13.43 25.43 30.01
C LEU D 140 -14.78 25.56 30.72
N HIS D 141 -15.84 24.91 30.23
CA HIS D 141 -17.17 24.99 30.82
C HIS D 141 -17.61 26.44 31.00
N PRO D 142 -17.96 27.14 29.92
CA PRO D 142 -18.29 28.57 30.06
C PRO D 142 -19.64 28.84 30.72
N GLU D 143 -20.52 27.84 30.83
CA GLU D 143 -21.83 28.07 31.40
C GLU D 143 -21.82 28.27 32.92
N ASP D 144 -20.69 28.05 33.58
CA ASP D 144 -20.59 28.15 35.02
C ASP D 144 -20.09 29.51 35.49
N ALA D 145 -19.96 30.47 34.58
CA ALA D 145 -19.45 31.79 34.92
C ALA D 145 -20.50 32.89 34.69
N GLU D 146 -21.74 32.51 34.40
CA GLU D 146 -22.77 33.48 34.03
C GLU D 146 -23.23 34.34 35.20
N SER D 147 -22.86 34.01 36.43
CA SER D 147 -23.42 34.66 37.61
C SER D 147 -22.35 34.71 38.70
N GLN D 148 -22.79 34.92 39.94
CA GLN D 148 -21.87 35.04 41.06
C GLN D 148 -21.06 33.76 41.23
N PRO D 149 -19.87 33.85 41.82
CA PRO D 149 -19.00 32.68 41.93
C PRO D 149 -19.68 31.51 42.61
N LEU D 150 -19.38 30.32 42.11
CA LEU D 150 -19.91 29.07 42.64
C LEU D 150 -18.80 28.29 43.32
N THR D 151 -19.20 27.23 44.03
CA THR D 151 -18.27 26.30 44.64
C THR D 151 -18.03 25.08 43.76
N ASP D 152 -18.92 24.80 42.81
CA ASP D 152 -18.81 23.66 41.91
C ASP D 152 -18.29 24.04 40.53
N ASP D 153 -17.35 25.00 40.47
CA ASP D 153 -16.77 25.41 39.20
C ASP D 153 -16.02 24.25 38.56
N ARG D 154 -16.45 23.84 37.38
CA ARG D 154 -15.88 22.68 36.71
C ARG D 154 -14.71 23.02 35.81
N CYS D 155 -14.25 24.27 35.81
CA CYS D 155 -13.13 24.65 34.95
C CYS D 155 -11.86 23.91 35.36
N SER D 156 -11.06 23.53 34.37
CA SER D 156 -9.83 22.78 34.59
C SER D 156 -8.60 23.66 34.70
N VAL D 157 -8.75 24.98 34.62
CA VAL D 157 -7.63 25.91 34.70
C VAL D 157 -7.76 26.69 35.99
N ALA D 158 -6.68 26.72 36.78
CA ALA D 158 -6.71 27.38 38.08
C ALA D 158 -6.92 28.88 37.92
N ALA D 159 -6.27 29.49 36.94
CA ALA D 159 -6.33 30.94 36.77
C ALA D 159 -7.64 31.43 36.18
N LEU D 160 -8.44 30.54 35.58
CA LEU D 160 -9.71 30.93 34.97
C LEU D 160 -10.92 30.63 35.86
N ARG D 161 -10.69 30.14 37.07
CA ARG D 161 -11.79 29.88 37.99
C ARG D 161 -12.29 31.19 38.61
N LEU D 162 -13.59 31.24 38.87
CA LEU D 162 -14.20 32.43 39.42
C LEU D 162 -14.17 32.34 40.91
N ARG D 163 -13.12 32.90 41.50
CA ARG D 163 -12.92 32.85 42.93
C ARG D 163 -13.50 34.05 43.64
N ASP D 164 -14.67 33.85 44.23
CA ASP D 164 -15.41 34.89 44.97
C ASP D 164 -14.56 35.81 45.84
N GLY D 165 -14.83 37.10 45.75
CA GLY D 165 -14.11 38.07 46.53
C GLY D 165 -13.31 39.02 45.69
N GLU D 166 -13.60 39.05 44.40
CA GLU D 166 -12.88 39.91 43.49
C GLU D 166 -13.73 40.10 42.24
N GLU D 167 -14.30 41.28 42.05
CA GLU D 167 -15.15 41.51 40.90
C GLU D 167 -14.53 42.15 39.65
N PRO D 168 -13.38 42.80 39.79
CA PRO D 168 -12.81 43.38 38.57
C PRO D 168 -12.14 42.33 37.68
N LEU D 169 -11.57 41.29 38.28
CA LEU D 169 -10.89 40.24 37.53
C LEU D 169 -11.84 39.21 37.01
N ASN D 170 -13.01 39.11 37.60
CA ASN D 170 -13.96 38.14 37.16
C ASN D 170 -14.55 38.43 35.81
N GLU D 171 -14.77 39.70 35.52
CA GLU D 171 -15.35 40.08 34.26
C GLU D 171 -14.49 39.61 33.14
N LEU D 172 -13.19 39.67 33.34
CA LEU D 172 -12.23 39.27 32.31
C LEU D 172 -12.25 37.75 32.09
N ARG D 173 -12.33 36.98 33.18
CA ARG D 173 -12.41 35.52 33.07
C ARG D 173 -13.66 35.10 32.31
N ARG D 174 -14.79 35.72 32.63
CA ARG D 174 -16.04 35.45 31.92
C ARG D 174 -15.88 35.70 30.43
N LYS D 175 -15.32 36.86 30.07
CA LYS D 175 -15.15 37.19 28.67
C LYS D 175 -14.26 36.18 27.96
N ILE D 176 -13.12 35.85 28.56
CA ILE D 176 -12.18 34.93 27.90
C ILE D 176 -12.80 33.55 27.75
N ARG D 177 -13.47 33.06 28.79
CA ARG D 177 -14.05 31.73 28.76
C ARG D 177 -15.16 31.64 27.73
N GLN D 178 -15.97 32.69 27.59
CA GLN D 178 -17.02 32.65 26.58
C GLN D 178 -16.44 32.79 25.17
N ASP D 179 -15.40 33.60 25.01
CA ASP D 179 -14.84 33.81 23.68
C ASP D 179 -14.16 32.56 23.15
N LEU D 180 -13.44 31.83 24.01
CA LEU D 180 -12.63 30.72 23.54
C LEU D 180 -13.46 29.56 22.98
N CYS D 181 -14.77 29.52 23.21
CA CYS D 181 -15.61 28.44 22.73
C CYS D 181 -16.52 28.84 21.58
N HIS D 182 -16.18 29.91 20.86
CA HIS D 182 -16.96 30.41 19.73
C HIS D 182 -16.07 30.66 18.52
N PHE D 183 -15.25 29.67 18.18
CA PHE D 183 -14.53 29.71 16.90
C PHE D 183 -15.53 29.82 15.75
N GLU D 184 -15.25 30.72 14.82
CA GLU D 184 -16.11 30.92 13.66
C GLU D 184 -15.24 31.30 12.47
N GLY D 185 -15.68 30.92 11.27
CA GLY D 185 -14.82 31.05 10.10
C GLY D 185 -14.52 32.49 9.73
N ASN D 186 -15.51 33.37 9.81
CA ASN D 186 -15.32 34.75 9.37
C ASN D 186 -14.43 35.53 10.33
N ALA D 187 -14.58 35.32 11.63
CA ALA D 187 -13.69 35.95 12.60
C ALA D 187 -12.24 35.52 12.38
N GLN D 188 -12.05 34.22 12.15
CA GLN D 188 -10.71 33.73 11.85
C GLN D 188 -10.19 34.28 10.53
N GLY D 189 -11.07 34.51 9.56
CA GLY D 189 -10.64 35.13 8.33
C GLY D 189 -10.15 36.54 8.51
N ILE D 190 -10.86 37.33 9.33
CA ILE D 190 -10.42 38.68 9.65
C ILE D 190 -9.06 38.65 10.35
N ARG D 191 -8.93 37.75 11.34
CA ARG D 191 -7.66 37.62 12.06
C ARG D 191 -6.53 37.22 11.12
N LEU D 192 -6.81 36.31 10.19
CA LEU D 192 -5.79 35.86 9.24
C LEU D 192 -5.37 36.99 8.31
N VAL D 193 -6.34 37.75 7.80
CA VAL D 193 -6.01 38.83 6.87
C VAL D 193 -5.23 39.93 7.57
N HIS D 194 -5.55 40.24 8.82
CA HIS D 194 -4.84 41.33 9.48
C HIS D 194 -3.57 40.88 10.17
N THR D 195 -3.66 39.93 11.11
CA THR D 195 -2.56 39.63 12.01
C THR D 195 -1.58 38.60 11.45
N LEU D 196 -2.07 37.48 10.94
CA LEU D 196 -1.21 36.35 10.60
C LEU D 196 -0.46 36.53 9.27
N MET D 197 -1.15 36.99 8.22
CA MET D 197 -0.53 37.16 6.93
C MET D 197 0.08 38.54 6.71
N ARG D 198 -0.47 39.57 7.34
CA ARG D 198 0.01 40.94 7.21
C ARG D 198 -0.01 41.39 5.74
N MET D 199 -1.22 41.39 5.18
CA MET D 199 -1.41 41.79 3.79
C MET D 199 -1.56 43.29 3.61
N ASN D 200 -1.98 44.02 4.66
CA ASN D 200 -2.11 45.48 4.62
C ASN D 200 -3.08 45.92 3.52
N LEU D 201 -4.33 45.48 3.68
CA LEU D 201 -5.39 45.83 2.75
C LEU D 201 -6.01 47.17 3.14
N THR D 202 -6.74 47.76 2.19
CA THR D 202 -7.44 49.00 2.44
C THR D 202 -8.60 48.77 3.40
N TRP D 203 -9.11 49.88 3.96
CA TRP D 203 -10.18 49.78 4.95
C TRP D 203 -11.45 49.21 4.35
N ALA D 204 -11.80 49.63 3.14
CA ALA D 204 -13.02 49.13 2.50
C ALA D 204 -12.93 47.65 2.21
N GLN D 205 -11.77 47.17 1.76
CA GLN D 205 -11.61 45.75 1.48
C GLN D 205 -11.77 44.91 2.75
N VAL D 206 -11.21 45.38 3.87
CA VAL D 206 -11.37 44.66 5.13
C VAL D 206 -12.82 44.71 5.60
N GLY D 207 -13.49 45.86 5.41
CA GLY D 207 -14.87 45.95 5.84
C GLY D 207 -15.81 45.11 5.00
N GLY D 208 -15.41 44.82 3.75
CA GLY D 208 -16.24 44.00 2.89
C GLY D 208 -16.37 42.56 3.34
N ILE D 209 -15.47 42.09 4.20
CA ILE D 209 -15.52 40.70 4.68
C ILE D 209 -16.00 40.61 6.11
N LEU D 210 -16.53 41.69 6.68
CA LEU D 210 -17.18 41.66 7.99
C LEU D 210 -18.66 41.37 7.77
N LYS D 211 -19.05 40.10 7.95
CA LYS D 211 -20.39 39.67 7.60
C LYS D 211 -21.37 39.84 8.75
N TYR D 212 -20.98 39.45 9.95
CA TYR D 212 -21.83 39.56 11.13
C TYR D 212 -21.13 40.40 12.19
N THR D 213 -21.93 40.98 13.08
CA THR D 213 -21.44 42.01 13.99
C THR D 213 -21.49 41.61 15.46
N ARG D 214 -21.88 40.39 15.78
CA ARG D 214 -21.96 40.03 17.20
C ARG D 214 -20.57 39.69 17.73
N PRO D 215 -20.14 40.30 18.83
CA PRO D 215 -18.87 39.92 19.44
C PRO D 215 -18.90 38.50 19.94
N ALA D 216 -17.73 37.85 19.91
CA ALA D 216 -17.63 36.46 20.33
C ALA D 216 -17.85 36.28 21.83
N TRP D 217 -17.56 37.29 22.64
CA TRP D 217 -17.72 37.20 24.09
C TRP D 217 -19.10 37.63 24.56
N TRP D 218 -20.08 37.70 23.66
CA TRP D 218 -21.41 38.16 24.03
C TRP D 218 -22.14 37.12 24.86
N ARG D 219 -22.81 37.58 25.92
CA ARG D 219 -23.67 36.74 26.73
C ARG D 219 -25.04 37.41 26.83
N GLY D 220 -26.08 36.64 26.57
CA GLY D 220 -27.45 37.10 26.76
C GLY D 220 -28.19 37.29 25.46
N GLU D 221 -29.24 38.10 25.54
CA GLU D 221 -30.09 38.38 24.39
C GLU D 221 -29.59 39.62 23.65
N THR D 222 -29.80 39.62 22.34
CA THR D 222 -29.43 40.71 21.46
C THR D 222 -30.63 41.63 21.24
N PRO D 223 -30.38 42.91 20.94
CA PRO D 223 -31.50 43.83 20.74
C PRO D 223 -32.39 43.40 19.58
N GLU D 224 -33.68 43.68 19.72
CA GLU D 224 -34.65 43.28 18.70
C GLU D 224 -34.44 43.99 17.37
N THR D 225 -33.69 45.09 17.37
CA THR D 225 -33.41 45.83 16.15
C THR D 225 -32.16 45.34 15.43
N HIS D 226 -31.50 44.29 15.95
CA HIS D 226 -30.32 43.74 15.31
C HIS D 226 -30.29 42.21 15.32
N HIS D 227 -31.45 41.56 15.47
CA HIS D 227 -31.45 40.11 15.72
C HIS D 227 -30.97 39.31 14.51
N TYR D 228 -30.99 39.89 13.31
CA TYR D 228 -30.46 39.18 12.15
C TYR D 228 -28.99 39.48 11.92
N LEU D 229 -28.56 40.73 12.14
CA LEU D 229 -27.17 41.08 11.93
C LEU D 229 -26.26 40.51 13.01
N MET D 230 -26.83 39.95 14.08
CA MET D 230 -26.07 39.41 15.20
C MET D 230 -26.46 37.96 15.49
N LYS D 231 -26.65 37.15 14.44
CA LYS D 231 -27.02 35.76 14.66
C LYS D 231 -25.79 34.86 14.79
N LYS D 232 -24.63 35.35 14.35
CA LYS D 232 -23.38 34.60 14.45
C LYS D 232 -22.28 35.49 15.01
N PRO D 233 -21.25 34.93 15.62
CA PRO D 233 -20.11 35.75 16.03
C PRO D 233 -19.45 36.41 14.84
N GLY D 234 -18.96 37.64 15.08
CA GLY D 234 -18.37 38.41 14.01
C GLY D 234 -16.87 38.60 14.12
N TYR D 235 -16.37 38.76 15.34
CA TYR D 235 -14.94 38.97 15.56
C TYR D 235 -14.57 38.53 16.96
N TYR D 236 -13.28 38.32 17.18
CA TYR D 236 -12.75 37.84 18.43
C TYR D 236 -12.38 39.01 19.35
N LEU D 237 -11.94 38.67 20.57
CA LEU D 237 -11.56 39.69 21.54
C LEU D 237 -10.20 40.30 21.24
N SER D 238 -9.33 39.58 20.53
CA SER D 238 -8.00 40.09 20.21
C SER D 238 -8.01 41.12 19.08
N GLU D 239 -9.14 41.29 18.38
CA GLU D 239 -9.26 42.24 17.30
C GLU D 239 -10.11 43.45 17.67
N GLU D 240 -10.64 43.50 18.89
CA GLU D 240 -11.60 44.54 19.28
C GLU D 240 -11.09 45.93 18.95
N ALA D 241 -9.91 46.28 19.47
CA ALA D 241 -9.32 47.58 19.19
C ALA D 241 -9.27 47.84 17.69
N TYR D 242 -8.76 46.88 16.93
CA TYR D 242 -8.70 47.02 15.47
C TYR D 242 -10.08 47.37 14.92
N ILE D 243 -11.10 46.59 15.30
CA ILE D 243 -12.43 46.83 14.76
C ILE D 243 -12.89 48.23 15.10
N ALA D 244 -12.58 48.69 16.32
CA ALA D 244 -12.95 50.05 16.70
C ALA D 244 -12.45 51.06 15.68
N ARG D 245 -11.15 51.00 15.36
CA ARG D 245 -10.62 51.95 14.40
C ARG D 245 -11.29 51.78 13.05
N LEU D 246 -11.60 50.54 12.66
CA LEU D 246 -12.28 50.31 11.40
C LEU D 246 -13.57 51.11 11.33
N ARG D 247 -14.33 51.12 12.43
CA ARG D 247 -15.58 51.90 12.43
C ARG D 247 -15.28 53.37 12.22
N LYS D 248 -14.27 53.90 12.91
CA LYS D 248 -13.92 55.31 12.74
C LYS D 248 -13.51 55.61 11.31
N GLU D 249 -13.02 54.60 10.58
CA GLU D 249 -12.60 54.84 9.21
C GLU D 249 -13.75 54.68 8.21
N LEU D 250 -14.89 54.15 8.63
CA LEU D 250 -16.00 53.92 7.71
C LEU D 250 -17.32 54.51 8.20
N ASN D 251 -17.29 55.30 9.28
CA ASN D 251 -18.49 55.94 9.83
C ASN D 251 -19.59 54.91 10.11
N LEU D 252 -19.21 53.84 10.79
CA LEU D 252 -20.14 52.79 11.17
C LEU D 252 -20.41 52.86 12.67
N ALA D 253 -21.68 52.76 13.04
CA ALA D 253 -22.06 52.72 14.44
C ALA D 253 -21.82 51.32 15.01
N LEU D 254 -22.09 51.17 16.30
CA LEU D 254 -21.95 49.87 16.94
C LEU D 254 -22.91 48.87 16.32
N TYR D 255 -22.41 47.66 16.04
CA TYR D 255 -23.20 46.55 15.52
C TYR D 255 -23.80 46.86 14.15
N SER D 256 -23.11 47.68 13.35
CA SER D 256 -23.55 48.03 12.01
C SER D 256 -22.73 47.27 10.98
N ARG D 257 -23.15 47.39 9.72
CA ARG D 257 -22.63 46.60 8.63
C ARG D 257 -22.32 47.51 7.43
N PHE D 258 -21.26 47.16 6.71
CA PHE D 258 -20.79 47.84 5.50
C PHE D 258 -21.68 47.48 4.32
N PRO D 259 -22.14 48.48 3.55
CA PRO D 259 -23.15 48.25 2.52
C PRO D 259 -22.89 47.09 1.56
N LEU D 260 -21.76 47.11 0.87
CA LEU D 260 -21.53 46.15 -0.21
C LEU D 260 -21.57 44.71 0.26
N THR D 261 -21.37 44.47 1.56
CA THR D 261 -21.45 43.11 2.10
C THR D 261 -22.76 42.44 1.70
N TRP D 262 -23.87 43.19 1.73
CA TRP D 262 -25.15 42.60 1.35
C TRP D 262 -25.06 41.90 0.01
N ILE D 263 -24.50 42.57 -1.01
CA ILE D 263 -24.39 41.97 -2.33
C ILE D 263 -23.66 40.65 -2.24
N MET D 264 -22.52 40.62 -1.55
CA MET D 264 -21.75 39.40 -1.45
C MET D 264 -22.58 38.28 -0.85
N GLU D 265 -23.30 38.59 0.24
CA GLU D 265 -24.13 37.57 0.87
C GLU D 265 -25.11 36.98 -0.14
N ALA D 266 -25.75 37.85 -0.93
CA ALA D 266 -26.71 37.38 -1.93
C ALA D 266 -26.07 36.35 -2.84
N ALA D 267 -24.87 36.62 -3.33
CA ALA D 267 -24.22 35.68 -4.23
C ALA D 267 -24.05 34.33 -3.56
N ASP D 268 -23.60 34.33 -2.30
CA ASP D 268 -23.30 33.08 -1.62
C ASP D 268 -24.54 32.22 -1.49
N ASP D 269 -25.72 32.81 -1.68
CA ASP D 269 -26.99 32.12 -1.60
C ASP D 269 -27.51 31.50 -2.89
N ILE D 270 -27.09 32.01 -4.05
CA ILE D 270 -27.56 31.42 -5.31
C ILE D 270 -26.74 30.19 -5.66
N SER D 271 -25.44 30.38 -5.90
CA SER D 271 -24.58 29.27 -6.30
C SER D 271 -24.73 28.10 -5.35
N TYR D 272 -24.84 28.39 -4.05
CA TYR D 272 -24.89 27.39 -3.00
C TYR D 272 -25.76 26.20 -3.38
N CYS D 273 -26.87 26.46 -4.07
CA CYS D 273 -27.72 25.33 -4.45
C CYS D 273 -27.16 24.64 -5.68
N VAL D 274 -27.17 25.35 -6.82
CA VAL D 274 -27.22 24.67 -8.11
C VAL D 274 -25.98 23.82 -8.32
N ALA D 275 -24.81 24.38 -8.02
CA ALA D 275 -23.55 23.68 -8.25
C ALA D 275 -23.58 22.28 -7.65
N ASP D 276 -24.01 22.16 -6.38
CA ASP D 276 -23.94 20.86 -5.74
C ASP D 276 -24.67 19.82 -6.58
N LEU D 277 -25.86 20.19 -7.08
CA LEU D 277 -26.68 19.24 -7.81
C LEU D 277 -25.92 18.66 -8.99
N GLU D 278 -25.22 19.51 -9.74
CA GLU D 278 -24.54 19.04 -10.94
C GLU D 278 -23.52 17.95 -10.58
N ASP D 279 -22.78 18.17 -9.49
CA ASP D 279 -21.73 17.21 -9.15
C ASP D 279 -22.31 15.84 -8.86
N ALA D 280 -23.55 15.79 -8.36
CA ALA D 280 -24.17 14.51 -8.06
C ALA D 280 -24.26 13.64 -9.31
N VAL D 281 -24.51 14.27 -10.47
CA VAL D 281 -24.60 13.51 -11.71
C VAL D 281 -23.22 13.02 -12.14
N GLU D 282 -22.18 13.81 -11.88
CA GLU D 282 -20.86 13.50 -12.41
C GLU D 282 -20.22 12.34 -11.69
N LYS D 283 -20.61 12.12 -10.42
CA LYS D 283 -20.12 10.99 -9.65
C LYS D 283 -20.96 9.73 -9.83
N ARG D 284 -21.87 9.74 -10.80
CA ARG D 284 -22.71 8.59 -11.13
C ARG D 284 -23.59 8.19 -9.95
N ILE D 285 -24.37 9.12 -9.42
CA ILE D 285 -25.33 8.84 -8.37
C ILE D 285 -26.72 8.61 -8.92
N PHE D 286 -27.19 9.51 -9.78
CA PHE D 286 -28.47 9.34 -10.47
C PHE D 286 -28.42 10.15 -11.75
N THR D 287 -29.55 10.26 -12.43
CA THR D 287 -29.50 10.99 -13.68
C THR D 287 -30.60 12.00 -13.88
N VAL D 288 -30.43 12.75 -14.96
CA VAL D 288 -31.31 13.82 -15.39
C VAL D 288 -32.82 13.54 -15.20
N GLU D 289 -33.29 12.38 -15.65
CA GLU D 289 -34.67 11.95 -15.50
C GLU D 289 -35.09 11.92 -14.03
N GLN D 290 -34.25 11.36 -13.17
CA GLN D 290 -34.48 11.36 -11.74
C GLN D 290 -34.45 12.78 -11.18
N LEU D 291 -33.58 13.64 -11.71
CA LEU D 291 -33.56 15.04 -11.31
C LEU D 291 -34.93 15.68 -11.51
N TYR D 292 -35.49 15.57 -12.71
CA TYR D 292 -36.78 16.18 -12.97
C TYR D 292 -37.87 15.54 -12.14
N HIS D 293 -37.85 14.22 -11.98
CA HIS D 293 -38.88 13.55 -11.20
C HIS D 293 -38.87 14.03 -9.75
N HIS D 294 -37.68 14.10 -9.15
CA HIS D 294 -37.59 14.56 -7.76
C HIS D 294 -38.00 16.03 -7.63
N LEU D 295 -37.58 16.86 -8.58
CA LEU D 295 -37.96 18.27 -8.53
C LEU D 295 -39.47 18.43 -8.61
N HIS D 296 -40.10 17.73 -9.56
CA HIS D 296 -41.55 17.83 -9.73
C HIS D 296 -42.28 17.30 -8.52
N GLU D 297 -41.81 16.20 -7.94
CA GLU D 297 -42.43 15.66 -6.74
C GLU D 297 -42.29 16.59 -5.53
N ALA D 298 -41.14 17.23 -5.37
CA ALA D 298 -40.90 18.10 -4.23
C ALA D 298 -41.46 19.50 -4.39
N TRP D 299 -41.87 19.89 -5.61
CA TRP D 299 -42.44 21.22 -5.81
C TRP D 299 -43.72 21.38 -5.00
N PHE D 308 -42.15 28.77 -11.18
CA PHE D 308 -41.74 27.39 -11.39
C PHE D 308 -41.89 26.97 -12.84
N SER D 309 -43.01 27.35 -13.45
CA SER D 309 -43.32 26.90 -14.81
C SER D 309 -42.25 27.34 -15.80
N LEU D 310 -41.85 28.60 -15.74
CA LEU D 310 -40.94 29.16 -16.74
C LEU D 310 -39.61 28.41 -16.74
N VAL D 311 -38.85 28.49 -15.65
CA VAL D 311 -37.50 27.96 -15.63
C VAL D 311 -37.51 26.44 -15.79
N VAL D 312 -38.32 25.76 -14.98
CA VAL D 312 -38.31 24.30 -14.99
C VAL D 312 -38.79 23.76 -16.32
N GLU D 313 -39.91 24.28 -16.83
CA GLU D 313 -40.44 23.79 -18.09
C GLU D 313 -39.51 24.10 -19.26
N ASN D 314 -38.93 25.30 -19.32
CA ASN D 314 -38.00 25.61 -20.39
C ASN D 314 -36.78 24.69 -20.34
N ALA D 315 -36.25 24.47 -19.14
CA ALA D 315 -35.07 23.61 -19.00
C ALA D 315 -35.39 22.17 -19.41
N TRP D 316 -36.57 21.68 -19.03
CA TRP D 316 -36.89 20.28 -19.29
C TRP D 316 -37.27 20.05 -20.75
N GLU D 317 -37.90 21.04 -21.39
CA GLU D 317 -38.40 20.85 -22.74
C GLU D 317 -37.41 21.28 -23.82
N LYS D 318 -36.65 22.35 -23.62
CA LYS D 318 -35.65 22.74 -24.60
C LYS D 318 -34.48 21.76 -24.64
N SER D 319 -34.35 20.90 -23.63
CA SER D 319 -33.26 19.93 -23.60
C SER D 319 -33.57 18.71 -24.46
N ARG D 320 -34.81 18.53 -24.88
CA ARG D 320 -35.19 17.37 -25.68
C ARG D 320 -35.68 17.80 -27.06
N ASP D 330 -23.71 18.04 -20.13
CA ASP D 330 -22.76 19.15 -20.12
C ASP D 330 -23.41 20.42 -20.65
N GLN D 331 -24.47 20.26 -21.45
CA GLN D 331 -25.18 21.40 -22.01
C GLN D 331 -26.52 21.66 -21.34
N PHE D 332 -27.00 20.75 -20.50
CA PHE D 332 -28.24 20.99 -19.77
C PHE D 332 -28.05 22.03 -18.67
N PHE D 333 -26.97 21.90 -17.91
CA PHE D 333 -26.72 22.84 -16.81
C PHE D 333 -26.33 24.21 -17.34
N MET D 334 -25.60 24.26 -18.45
CA MET D 334 -25.25 25.55 -19.05
C MET D 334 -26.49 26.31 -19.49
N TYR D 335 -27.59 25.60 -19.75
CA TYR D 335 -28.85 26.26 -20.03
C TYR D 335 -29.65 26.54 -18.76
N LEU D 336 -29.51 25.70 -17.74
CA LEU D 336 -30.28 25.88 -16.52
C LEU D 336 -29.78 27.07 -15.70
N ARG D 337 -28.48 27.29 -15.68
CA ARG D 337 -27.95 28.39 -14.92
C ARG D 337 -28.44 29.71 -15.43
N VAL D 338 -28.34 29.90 -16.74
CA VAL D 338 -28.59 31.20 -17.35
C VAL D 338 -29.98 31.71 -17.01
N ASN D 339 -30.99 30.84 -17.09
CA ASN D 339 -32.35 31.25 -16.79
C ASN D 339 -32.50 31.66 -15.33
N THR D 340 -31.90 30.88 -14.43
CA THR D 340 -31.95 31.21 -13.01
C THR D 340 -31.28 32.56 -12.74
N LEU D 341 -30.14 32.83 -13.38
CA LEU D 341 -29.47 34.10 -13.19
C LEU D 341 -30.32 35.26 -13.70
N ASN D 342 -30.87 35.12 -14.91
CA ASN D 342 -31.73 36.17 -15.46
C ASN D 342 -33.03 36.34 -14.68
N LYS D 343 -33.42 35.36 -13.87
CA LYS D 343 -34.59 35.53 -13.01
C LYS D 343 -34.24 36.11 -11.64
N LEU D 344 -33.02 35.86 -11.14
CA LEU D 344 -32.65 36.25 -9.79
C LEU D 344 -31.89 37.56 -9.68
N VAL D 345 -30.96 37.85 -10.60
CA VAL D 345 -30.10 39.02 -10.43
C VAL D 345 -30.87 40.34 -10.45
N PRO D 346 -31.78 40.59 -11.40
CA PRO D 346 -32.54 41.85 -11.35
C PRO D 346 -33.35 42.03 -10.08
N TYR D 347 -33.88 40.94 -9.51
CA TYR D 347 -34.60 41.06 -8.24
C TYR D 347 -33.68 41.56 -7.14
N ALA D 348 -32.46 41.02 -7.06
CA ALA D 348 -31.51 41.48 -6.06
C ALA D 348 -31.10 42.93 -6.30
N ALA D 349 -30.91 43.31 -7.56
CA ALA D 349 -30.57 44.70 -7.86
C ALA D 349 -31.68 45.65 -7.42
N GLN D 350 -32.94 45.29 -7.71
CA GLN D 350 -34.04 46.16 -7.32
C GLN D 350 -34.21 46.20 -5.80
N ARG D 351 -33.96 45.08 -5.12
CA ARG D 351 -34.04 45.09 -3.66
C ARG D 351 -32.94 45.96 -3.06
N PHE D 352 -31.75 45.93 -3.66
CA PHE D 352 -30.66 46.79 -3.19
C PHE D 352 -31.02 48.26 -3.39
N ILE D 353 -31.53 48.61 -4.56
CA ILE D 353 -31.78 50.02 -4.87
C ILE D 353 -32.98 50.55 -4.08
N ASP D 354 -34.00 49.72 -3.86
CA ASP D 354 -35.21 50.18 -3.18
C ASP D 354 -34.93 50.58 -1.74
N ASN D 355 -34.14 49.78 -1.02
CA ASN D 355 -33.88 49.99 0.41
C ASN D 355 -32.48 50.59 0.63
N LEU D 356 -32.03 51.43 -0.29
CA LEU D 356 -30.68 51.98 -0.27
C LEU D 356 -30.35 52.80 0.97
N PRO D 357 -31.23 53.72 1.44
CA PRO D 357 -30.87 54.49 2.65
C PRO D 357 -30.62 53.63 3.87
N ALA D 358 -31.42 52.58 4.08
CA ALA D 358 -31.21 51.71 5.23
C ALA D 358 -29.90 50.95 5.12
N ILE D 359 -29.57 50.47 3.92
CA ILE D 359 -28.31 49.76 3.72
C ILE D 359 -27.13 50.70 3.94
N PHE D 360 -27.22 51.93 3.41
CA PHE D 360 -26.15 52.90 3.61
C PHE D 360 -26.00 53.29 5.07
N ALA D 361 -27.09 53.27 5.83
CA ALA D 361 -26.99 53.50 7.26
C ALA D 361 -26.37 52.31 7.99
N GLY D 362 -26.54 51.11 7.47
CA GLY D 362 -26.00 49.91 8.08
C GLY D 362 -26.93 49.20 9.03
N THR D 363 -28.22 49.54 9.06
CA THR D 363 -29.16 48.99 10.02
C THR D 363 -30.25 48.13 9.38
N PHE D 364 -30.11 47.78 8.11
CA PHE D 364 -31.11 46.94 7.44
C PHE D 364 -31.08 45.54 8.01
N ASN D 365 -32.17 45.14 8.67
CA ASN D 365 -32.20 43.90 9.44
C ASN D 365 -32.76 42.72 8.62
N HIS D 366 -32.58 42.75 7.30
CA HIS D 366 -33.05 41.69 6.42
C HIS D 366 -31.99 41.37 5.39
N ALA D 367 -32.24 40.33 4.61
CA ALA D 367 -31.40 39.98 3.48
C ALA D 367 -32.11 40.34 2.18
N LEU D 368 -31.32 40.46 1.12
CA LEU D 368 -31.87 40.89 -0.17
C LEU D 368 -32.86 39.87 -0.73
N LEU D 369 -32.48 38.59 -0.73
CA LEU D 369 -33.32 37.55 -1.30
C LEU D 369 -34.30 36.95 -0.31
N GLU D 370 -34.26 37.37 0.95
CA GLU D 370 -35.20 36.86 1.94
C GLU D 370 -36.55 37.54 1.76
N ALA D 372 -40.97 36.53 0.12
CA ALA D 372 -41.98 35.54 -0.22
C ALA D 372 -42.17 35.38 -1.72
N SER D 373 -41.25 35.91 -2.53
CA SER D 373 -41.40 35.83 -3.98
C SER D 373 -41.13 34.42 -4.48
N GLU D 374 -41.24 34.25 -5.80
CA GLU D 374 -41.00 32.94 -6.40
C GLU D 374 -39.52 32.56 -6.30
N CYS D 375 -38.65 33.55 -6.11
CA CYS D 375 -37.22 33.27 -5.95
C CYS D 375 -36.96 32.40 -4.72
N SER D 376 -37.60 32.73 -3.59
CA SER D 376 -37.45 31.93 -2.40
C SER D 376 -37.94 30.50 -2.63
N ASP D 377 -39.07 30.36 -3.33
CA ASP D 377 -39.59 29.03 -3.63
C ASP D 377 -38.64 28.22 -4.49
N LEU D 378 -38.07 28.83 -5.53
CA LEU D 378 -37.14 28.10 -6.39
C LEU D 378 -35.88 27.70 -5.63
N LEU D 379 -35.33 28.61 -4.83
CA LEU D 379 -34.14 28.30 -4.04
C LEU D 379 -34.42 27.19 -3.04
N LYS D 380 -35.59 27.24 -2.38
CA LYS D 380 -35.96 26.18 -1.45
C LYS D 380 -36.15 24.86 -2.17
N LEU D 381 -36.68 24.87 -3.39
CA LEU D 381 -36.81 23.66 -4.18
C LEU D 381 -35.44 23.01 -4.41
N TYR D 382 -34.49 23.81 -4.90
CA TYR D 382 -33.14 23.30 -5.14
C TYR D 382 -32.53 22.76 -3.85
N LYS D 383 -32.68 23.52 -2.76
CA LYS D 383 -32.07 23.12 -1.50
C LYS D 383 -32.64 21.81 -0.97
N ASN D 384 -33.98 21.65 -1.01
CA ASN D 384 -34.55 20.43 -0.47
C ASN D 384 -34.27 19.22 -1.35
N VAL D 385 -34.21 19.40 -2.68
CA VAL D 385 -33.80 18.30 -3.53
C VAL D 385 -32.36 17.87 -3.19
N ALA D 386 -31.47 18.86 -3.00
CA ALA D 386 -30.09 18.54 -2.67
C ALA D 386 -29.99 17.83 -1.32
N VAL D 387 -30.77 18.29 -0.33
CA VAL D 387 -30.74 17.63 0.98
C VAL D 387 -31.28 16.21 0.89
N LYS D 388 -32.31 15.99 0.08
CA LYS D 388 -32.91 14.66 0.01
C LYS D 388 -32.04 13.66 -0.73
N HIS D 389 -31.40 14.06 -1.84
CA HIS D 389 -30.76 13.08 -2.72
C HIS D 389 -29.24 13.15 -2.74
N VAL D 390 -28.62 14.14 -2.11
CA VAL D 390 -27.17 14.29 -2.22
C VAL D 390 -26.50 14.19 -0.86
N PHE D 391 -26.95 15.01 0.10
CA PHE D 391 -26.30 15.04 1.41
C PHE D 391 -26.57 13.81 2.25
N SER D 392 -27.48 12.93 1.83
CA SER D 392 -27.81 11.72 2.56
C SER D 392 -27.01 10.51 2.07
N HIS D 393 -26.10 10.72 1.14
CA HIS D 393 -25.27 9.63 0.64
C HIS D 393 -24.30 9.17 1.74
N PRO D 394 -24.02 7.86 1.81
CA PRO D 394 -23.16 7.37 2.89
C PRO D 394 -21.76 7.96 2.91
N ASP D 395 -21.19 8.27 1.75
CA ASP D 395 -19.81 8.75 1.69
C ASP D 395 -19.66 10.09 2.41
N VAL D 396 -20.60 11.01 2.21
CA VAL D 396 -20.52 12.32 2.85
C VAL D 396 -20.56 12.16 4.38
N GLU D 397 -21.49 11.31 4.79
CA GLU D 397 -21.70 11.03 6.18
C GLU D 397 -20.46 10.43 6.85
N ARG D 398 -19.80 9.49 6.19
CA ARG D 398 -18.57 8.86 6.65
C ARG D 398 -17.43 9.86 6.72
N LEU D 399 -17.31 10.72 5.70
CA LEU D 399 -16.25 11.73 5.71
C LEU D 399 -16.43 12.70 6.86
N GLU D 400 -17.67 13.05 7.16
CA GLU D 400 -18.02 13.94 8.23
C GLU D 400 -17.66 13.40 9.60
N LEU D 401 -17.87 12.12 9.83
CA LEU D 401 -17.48 11.46 11.07
C LEU D 401 -15.96 11.35 11.19
N GLN D 402 -15.30 10.98 10.09
CA GLN D 402 -13.85 10.85 10.10
C GLN D 402 -13.17 12.19 10.40
N GLY D 403 -13.66 13.28 9.80
CA GLY D 403 -13.08 14.58 10.06
C GLY D 403 -13.25 15.01 11.52
N TYR D 404 -14.43 14.78 12.08
CA TYR D 404 -14.65 15.06 13.49
C TYR D 404 -13.62 14.34 14.37
N ARG D 405 -13.45 13.04 14.12
CA ARG D 405 -12.52 12.26 14.93
C ARG D 405 -11.09 12.74 14.76
N VAL D 406 -10.70 13.12 13.54
CA VAL D 406 -9.33 13.56 13.30
C VAL D 406 -9.04 14.86 14.05
N ILE D 407 -9.97 15.82 14.00
CA ILE D 407 -9.74 17.08 14.69
C ILE D 407 -9.65 16.86 16.20
N SER D 408 -10.54 16.02 16.74
CA SER D 408 -10.47 15.74 18.17
C SER D 408 -9.14 15.08 18.54
N GLY D 409 -8.66 14.15 17.73
CA GLY D 409 -7.40 13.50 18.02
C GLY D 409 -6.21 14.45 17.98
N LEU D 410 -6.20 15.37 17.01
CA LEU D 410 -5.11 16.34 16.94
C LEU D 410 -5.10 17.24 18.17
N LEU D 411 -6.28 17.70 18.60
CA LEU D 411 -6.34 18.51 19.81
C LEU D 411 -5.86 17.75 21.03
N GLU D 412 -6.24 16.47 21.14
CA GLU D 412 -5.77 15.65 22.26
C GLU D 412 -4.26 15.49 22.22
N ILE D 413 -3.69 15.33 21.02
CA ILE D 413 -2.24 15.17 20.90
C ILE D 413 -1.52 16.44 21.36
N TYR D 414 -2.03 17.61 20.97
CA TYR D 414 -1.36 18.85 21.32
C TYR D 414 -1.75 19.38 22.70
N ARG D 415 -2.64 18.69 23.41
CA ARG D 415 -3.00 19.09 24.77
C ARG D 415 -1.83 19.35 25.72
N PRO D 416 -0.77 18.55 25.77
CA PRO D 416 0.29 18.79 26.78
C PRO D 416 0.89 20.18 26.73
N LEU D 417 0.80 20.90 25.60
CA LEU D 417 1.32 22.27 25.56
C LEU D 417 0.51 23.21 26.43
N LEU D 418 -0.76 22.91 26.69
CA LEU D 418 -1.63 23.77 27.47
C LEU D 418 -1.58 23.49 28.96
N SER D 419 -0.88 22.44 29.38
CA SER D 419 -0.79 22.07 30.80
C SER D 419 0.44 22.64 31.48
N LEU D 420 1.29 23.36 30.76
CA LEU D 420 2.51 23.91 31.34
C LEU D 420 2.17 25.12 32.20
N SER D 421 3.20 25.79 32.70
CA SER D 421 3.06 26.97 33.52
C SER D 421 3.57 28.20 32.76
N LEU D 422 3.35 29.37 33.34
CA LEU D 422 3.77 30.61 32.71
C LEU D 422 5.29 30.65 32.54
N SER D 423 6.02 30.34 33.60
CA SER D 423 7.48 30.39 33.54
C SER D 423 8.03 29.36 32.56
N ASP D 424 7.47 28.14 32.59
CA ASP D 424 7.95 27.09 31.70
C ASP D 424 7.72 27.44 30.24
N PHE D 425 6.51 27.90 29.91
CA PHE D 425 6.24 28.26 28.52
C PHE D 425 7.06 29.47 28.09
N THR D 426 7.25 30.44 28.98
CA THR D 426 8.07 31.59 28.64
C THR D 426 9.51 31.19 28.34
N GLU D 427 10.09 30.34 29.20
CA GLU D 427 11.44 29.85 28.96
C GLU D 427 11.52 29.05 27.66
N LEU D 428 10.49 28.25 27.40
CA LEU D 428 10.46 27.45 26.17
C LEU D 428 10.41 28.34 24.93
N VAL D 429 9.75 29.49 25.03
CA VAL D 429 9.69 30.40 23.87
C VAL D 429 11.00 31.09 23.52
N GLU D 430 11.74 31.52 24.54
CA GLU D 430 13.02 32.23 24.33
C GLU D 430 14.17 31.45 23.73
N LYS D 431 14.15 30.13 23.82
CA LYS D 431 15.20 29.31 23.25
C LYS D 431 14.63 28.33 22.22
N VAL D 434 15.09 23.48 25.39
CA VAL D 434 15.24 23.28 26.82
C VAL D 434 15.61 21.82 27.09
N LYS D 435 16.14 21.55 28.28
CA LYS D 435 16.55 20.21 28.65
C LYS D 435 15.55 19.50 29.56
N ARG D 436 14.60 20.21 30.13
CA ARG D 436 13.63 19.60 31.03
C ARG D 436 12.32 19.23 30.34
N PHE D 437 12.08 19.69 29.12
CA PHE D 437 10.82 19.44 28.42
C PHE D 437 11.10 18.99 26.98
N PRO D 438 11.54 17.74 26.81
CA PRO D 438 11.85 17.25 25.45
C PRO D 438 10.62 17.14 24.56
N ILE D 439 9.60 16.43 25.04
CA ILE D 439 8.38 16.22 24.25
C ILE D 439 7.71 17.55 23.96
N GLU D 440 7.59 18.41 24.98
CA GLU D 440 6.94 19.70 24.80
C GLU D 440 7.72 20.59 23.85
N SER D 441 9.05 20.56 23.94
CA SER D 441 9.86 21.38 23.03
C SER D 441 9.70 20.91 21.58
N ARG D 442 9.68 19.60 21.35
CA ARG D 442 9.48 19.12 19.99
C ARG D 442 8.09 19.48 19.47
N LEU D 443 7.06 19.33 20.30
CA LEU D 443 5.72 19.70 19.89
C LEU D 443 5.64 21.18 19.54
N PHE D 444 6.27 22.03 20.36
CA PHE D 444 6.26 23.46 20.09
C PHE D 444 7.01 23.79 18.80
N HIS D 445 8.16 23.14 18.57
CA HIS D 445 8.90 23.38 17.34
C HIS D 445 8.14 22.91 16.11
N LYS D 446 7.18 21.99 16.28
CA LYS D 446 6.38 21.54 15.16
C LYS D 446 5.45 22.63 14.62
N LEU D 447 5.15 23.66 15.41
CA LEU D 447 4.26 24.73 14.96
C LEU D 447 4.95 25.62 13.93
N SER D 448 4.13 26.42 13.24
CA SER D 448 4.63 27.26 12.16
C SER D 448 5.28 28.52 12.72
N THR D 449 6.06 29.20 11.87
CA THR D 449 6.80 30.38 12.30
C THR D 449 5.87 31.58 12.48
N ARG D 450 4.93 31.77 11.56
CA ARG D 450 4.07 32.95 11.61
C ARG D 450 3.22 32.98 12.88
N HIS D 451 2.67 31.84 13.28
CA HIS D 451 1.84 31.80 14.48
C HIS D 451 2.65 32.12 15.73
N ARG D 452 3.87 31.57 15.83
CA ARG D 452 4.72 31.87 16.98
C ARG D 452 5.12 33.34 17.00
N LEU D 453 5.42 33.93 15.85
CA LEU D 453 5.73 35.36 15.80
C LEU D 453 4.52 36.20 16.24
N ALA D 454 3.32 35.80 15.80
CA ALA D 454 2.12 36.50 16.22
C ALA D 454 1.95 36.44 17.73
N TYR D 455 2.19 35.26 18.33
CA TYR D 455 2.13 35.13 19.77
C TYR D 455 3.14 36.05 20.46
N VAL D 456 4.37 36.08 19.93
CA VAL D 456 5.41 36.89 20.54
C VAL D 456 5.03 38.37 20.53
N GLU D 457 4.58 38.86 19.37
CA GLU D 457 4.18 40.26 19.27
C GLU D 457 2.98 40.58 20.16
N ALA D 458 2.01 39.66 20.23
CA ALA D 458 0.83 39.90 21.06
C ALA D 458 1.21 39.98 22.53
N VAL D 459 2.10 39.09 22.99
CA VAL D 459 2.41 39.03 24.41
C VAL D 459 3.39 40.14 24.82
N SER D 460 4.23 40.60 23.89
CA SER D 460 5.23 41.60 24.24
C SER D 460 4.57 42.90 24.71
N LYS D 461 3.48 43.31 24.07
CA LYS D 461 2.80 44.56 24.38
C LYS D 461 2.07 44.55 25.72
N LEU D 462 1.89 43.40 26.36
CA LEU D 462 1.14 43.34 27.61
C LEU D 462 1.96 43.91 28.76
N PRO D 463 1.31 44.64 29.68
CA PRO D 463 2.00 45.09 30.89
C PRO D 463 2.39 43.91 31.76
N SER D 464 3.68 43.81 32.09
CA SER D 464 4.21 42.67 32.80
C SER D 464 4.05 42.76 34.32
N ASP D 465 3.24 43.70 34.81
CA ASP D 465 3.06 43.87 36.24
C ASP D 465 1.62 43.69 36.71
N SER D 466 0.65 43.80 35.80
CA SER D 466 -0.74 43.71 36.21
C SER D 466 -1.10 42.28 36.62
N PRO D 467 -2.10 42.11 37.49
CA PRO D 467 -2.53 40.76 37.86
C PRO D 467 -3.32 40.08 36.75
N GLU D 468 -3.47 40.74 35.60
CA GLU D 468 -4.19 40.19 34.47
C GLU D 468 -3.29 39.53 33.43
N PHE D 469 -1.98 39.48 33.67
CA PHE D 469 -1.06 38.89 32.70
C PHE D 469 -1.32 37.41 32.44
N PRO D 470 -1.47 36.54 33.46
CA PRO D 470 -1.71 35.11 33.16
C PRO D 470 -2.95 34.85 32.33
N LEU D 471 -4.03 35.61 32.59
CA LEU D 471 -5.26 35.43 31.83
C LEU D 471 -5.03 35.68 30.34
N TRP D 472 -4.41 36.82 30.02
CA TRP D 472 -4.14 37.15 28.63
C TRP D 472 -3.16 36.15 28.00
N GLU D 473 -2.16 35.72 28.75
CA GLU D 473 -1.20 34.76 28.21
C GLU D 473 -1.87 33.44 27.86
N TYR D 474 -2.77 32.96 28.74
CA TYR D 474 -3.50 31.75 28.44
C TYR D 474 -4.41 31.93 27.22
N TYR D 475 -5.05 33.10 27.12
CA TYR D 475 -5.91 33.37 25.97
C TYR D 475 -5.10 33.31 24.67
N TYR D 476 -3.92 33.91 24.67
CA TYR D 476 -3.11 33.93 23.45
C TYR D 476 -2.51 32.57 23.15
N ARG D 477 -2.21 31.77 24.17
CA ARG D 477 -1.77 30.40 23.94
C ARG D 477 -2.86 29.57 23.26
N CYS D 478 -4.09 29.67 23.76
CA CYS D 478 -5.21 28.97 23.12
C CYS D 478 -5.44 29.49 21.70
N ARG D 479 -5.28 30.80 21.48
CA ARG D 479 -5.41 31.35 20.14
C ARG D 479 -4.34 30.77 19.21
N LEU D 480 -3.11 30.63 19.70
CA LEU D 480 -2.05 30.04 18.90
C LEU D 480 -2.40 28.60 18.50
N LEU D 481 -2.91 27.82 19.45
CA LEU D 481 -3.31 26.45 19.13
C LEU D 481 -4.42 26.42 18.08
N GLN D 482 -5.43 27.29 18.23
CA GLN D 482 -6.53 27.29 17.27
C GLN D 482 -6.09 27.77 15.88
N ASP D 483 -5.20 28.75 15.81
CA ASP D 483 -4.65 29.15 14.51
C ASP D 483 -3.91 28.00 13.84
N TYR D 484 -3.08 27.29 14.61
CA TYR D 484 -2.36 26.16 14.01
C TYR D 484 -3.34 25.10 13.50
N ILE D 485 -4.35 24.76 14.30
CA ILE D 485 -5.27 23.70 13.89
C ILE D 485 -6.07 24.13 12.67
N SER D 486 -6.50 25.40 12.63
CA SER D 486 -7.33 25.87 11.53
C SER D 486 -6.54 26.21 10.28
N GLY D 487 -5.21 26.27 10.36
CA GLY D 487 -4.42 26.62 9.20
C GLY D 487 -3.98 25.46 8.33
N MET D 488 -4.61 24.30 8.49
CA MET D 488 -4.27 23.11 7.73
C MET D 488 -5.28 22.85 6.62
N THR D 489 -4.90 21.94 5.72
CA THR D 489 -5.82 21.37 4.75
C THR D 489 -6.34 20.03 5.26
N ASP D 490 -7.32 19.47 4.55
CA ASP D 490 -7.88 18.19 4.94
C ASP D 490 -6.83 17.08 4.86
N LEU D 491 -6.14 17.00 3.72
CA LEU D 491 -5.14 15.95 3.53
C LEU D 491 -3.97 16.10 4.49
N TYR D 492 -3.49 17.34 4.70
CA TYR D 492 -2.37 17.54 5.59
C TYR D 492 -2.73 17.15 7.03
N ALA D 493 -3.91 17.57 7.50
CA ALA D 493 -4.32 17.21 8.85
C ALA D 493 -4.50 15.71 8.98
N TRP D 494 -5.09 15.06 8.01
CA TRP D 494 -5.25 13.64 8.05
C TRP D 494 -3.94 12.88 8.09
N ASP D 495 -3.03 13.25 7.23
CA ASP D 495 -1.72 12.60 7.23
C ASP D 495 -0.96 12.86 8.52
N GLU D 496 -1.00 14.10 9.02
CA GLU D 496 -0.29 14.40 10.27
C GLU D 496 -0.91 13.64 11.43
N TYR D 497 -2.23 13.47 11.42
CA TYR D 497 -2.89 12.70 12.46
C TYR D 497 -2.45 11.23 12.43
N ARG D 498 -2.31 10.63 11.29
CA ARG D 498 -1.84 9.27 11.28
C ARG D 498 -0.37 9.18 11.63
N ARG D 499 0.44 10.15 11.25
CA ARG D 499 1.85 10.10 11.59
C ARG D 499 2.07 10.25 13.09
N LEU D 500 1.36 11.17 13.75
CA LEU D 500 1.56 11.37 15.17
C LEU D 500 0.99 10.24 16.01
N MET D 501 0.13 9.40 15.45
CA MET D 501 -0.40 8.25 16.16
C MET D 501 0.37 6.97 15.90
N ALA D 502 1.49 7.05 15.18
CA ALA D 502 2.35 5.89 14.89
C ALA D 502 1.60 4.82 14.10
N VAL D 503 0.63 5.24 13.29
CA VAL D 503 -0.09 4.29 12.44
C VAL D 503 0.64 4.09 11.12
N GLU D 504 1.23 5.15 10.57
CA GLU D 504 2.05 5.06 9.38
C GLU D 504 3.41 5.70 9.67
N GLN D 505 4.41 5.25 8.92
CA GLN D 505 5.77 5.76 9.09
C GLN D 505 5.87 7.21 8.64
N GLN E 3 -7.19 53.07 -41.62
CA GLN E 3 -8.14 53.61 -40.68
C GLN E 3 -8.32 52.62 -39.53
N ILE E 4 -8.30 53.12 -38.31
CA ILE E 4 -8.47 52.30 -37.12
C ILE E 4 -9.88 52.48 -36.60
N ASP E 5 -10.62 51.38 -36.49
CA ASP E 5 -11.99 51.40 -35.98
C ASP E 5 -12.24 50.05 -35.32
N PHE E 6 -12.22 50.03 -34.00
CA PHE E 6 -12.36 48.77 -33.26
C PHE E 6 -13.78 48.22 -33.28
N ARG E 7 -14.73 48.90 -33.91
CA ARG E 7 -16.06 48.32 -34.08
C ARG E 7 -16.09 47.26 -35.17
N LYS E 8 -15.12 47.26 -36.07
CA LYS E 8 -15.02 46.23 -37.11
C LYS E 8 -14.28 44.99 -36.63
N LYS E 9 -13.75 44.99 -35.41
CA LYS E 9 -13.00 43.88 -34.88
C LYS E 9 -13.67 43.20 -33.69
N ILE E 10 -14.43 43.93 -32.89
CA ILE E 10 -15.12 43.36 -31.73
C ILE E 10 -16.49 42.94 -32.23
N ASN E 11 -16.61 41.66 -32.60
CA ASN E 11 -17.83 41.12 -33.15
C ASN E 11 -18.51 40.27 -32.09
N TRP E 12 -19.78 40.57 -31.80
CA TRP E 12 -20.55 39.87 -30.78
C TRP E 12 -21.52 38.85 -31.39
N HIS E 13 -21.42 38.61 -32.69
CA HIS E 13 -22.25 37.59 -33.32
C HIS E 13 -21.74 36.20 -32.96
N ARG E 14 -22.59 35.21 -33.21
CA ARG E 14 -22.29 33.81 -32.89
C ARG E 14 -22.48 32.96 -34.12
N ARG E 15 -21.97 31.72 -34.05
CA ARG E 15 -22.13 30.77 -35.14
C ARG E 15 -23.52 30.18 -35.19
N TYR E 16 -24.14 29.95 -34.02
CA TYR E 16 -25.47 29.37 -33.93
C TYR E 16 -26.37 30.28 -33.11
N ARG E 17 -27.58 30.51 -33.62
CA ARG E 17 -28.60 31.31 -32.94
C ARG E 17 -28.04 32.70 -32.58
N SER E 18 -27.41 33.33 -33.57
CA SER E 18 -26.72 34.59 -33.34
C SER E 18 -27.72 35.71 -33.05
N PRO E 19 -27.37 36.62 -32.15
CA PRO E 19 -28.22 37.79 -31.87
C PRO E 19 -28.10 38.82 -32.99
N GLN E 20 -29.15 38.95 -33.77
CA GLN E 20 -29.15 39.89 -34.89
C GLN E 20 -29.83 41.20 -34.50
N GLY E 21 -29.69 42.19 -35.36
CA GLY E 21 -30.28 43.49 -35.14
C GLY E 21 -29.34 44.47 -34.48
N VAL E 22 -29.91 45.57 -34.01
CA VAL E 22 -29.17 46.64 -33.36
C VAL E 22 -29.20 46.40 -31.85
N LYS E 23 -28.15 46.86 -31.17
CA LYS E 23 -28.04 46.69 -29.73
C LYS E 23 -27.30 47.88 -29.15
N THR E 24 -27.52 48.12 -27.86
CA THR E 24 -26.90 49.20 -27.12
C THR E 24 -25.71 48.65 -26.33
N GLU E 25 -25.10 49.53 -25.52
CA GLU E 25 -23.95 49.13 -24.72
C GLU E 25 -24.34 48.06 -23.70
N HIS E 26 -25.50 48.20 -23.08
CA HIS E 26 -25.90 47.27 -22.03
C HIS E 26 -26.10 45.86 -22.56
N GLU E 27 -26.73 45.73 -23.73
CA GLU E 27 -26.94 44.41 -24.31
C GLU E 27 -25.63 43.74 -24.68
N ILE E 28 -24.69 44.52 -25.24
CA ILE E 28 -23.38 43.99 -25.59
C ILE E 28 -22.64 43.52 -24.34
N LEU E 29 -22.69 44.33 -23.28
CA LEU E 29 -22.05 43.95 -22.03
C LEU E 29 -22.66 42.68 -21.46
N ARG E 30 -23.99 42.55 -21.55
CA ARG E 30 -24.64 41.32 -21.09
C ARG E 30 -24.22 40.11 -21.92
N ILE E 31 -24.05 40.30 -23.24
CA ILE E 31 -23.58 39.22 -24.09
C ILE E 31 -22.21 38.73 -23.63
N PHE E 32 -21.29 39.66 -23.39
CA PHE E 32 -19.95 39.25 -23.00
C PHE E 32 -19.91 38.68 -21.58
N GLU E 33 -20.77 39.17 -20.69
CA GLU E 33 -20.89 38.56 -19.37
C GLU E 33 -21.41 37.12 -19.49
N SER E 34 -22.36 36.88 -20.38
CA SER E 34 -22.83 35.52 -20.62
C SER E 34 -21.70 34.64 -21.13
N ASP E 35 -20.88 35.16 -22.04
CA ASP E 35 -19.73 34.38 -22.53
C ASP E 35 -18.78 34.03 -21.39
N ARG E 36 -18.52 34.99 -20.50
CA ARG E 36 -17.73 34.68 -19.31
C ARG E 36 -18.38 33.58 -18.49
N GLY E 37 -19.71 33.62 -18.37
CA GLY E 37 -20.41 32.58 -17.64
C GLY E 37 -20.25 31.20 -18.25
N ARG E 38 -20.19 31.11 -19.55
CA ARG E 38 -19.98 29.82 -20.14
C ARG E 38 -18.55 29.38 -19.95
N ILE E 39 -17.61 30.30 -20.04
CA ILE E 39 -16.21 29.88 -19.97
C ILE E 39 -15.84 29.44 -18.56
N ILE E 40 -16.25 30.18 -17.54
CA ILE E 40 -15.77 29.91 -16.18
C ILE E 40 -16.31 28.59 -15.66
N ASN E 41 -17.55 28.23 -16.01
CA ASN E 41 -18.23 27.05 -15.46
C ASN E 41 -18.06 25.82 -16.35
N SER E 42 -16.91 25.68 -17.01
CA SER E 42 -16.68 24.58 -17.93
C SER E 42 -15.83 23.48 -17.29
N PRO E 43 -16.03 22.23 -17.69
CA PRO E 43 -15.20 21.14 -17.15
C PRO E 43 -13.72 21.26 -17.49
N ALA E 44 -13.37 22.01 -18.54
CA ALA E 44 -11.97 22.18 -18.89
C ALA E 44 -11.19 22.90 -17.80
N ILE E 45 -11.81 23.89 -17.16
CA ILE E 45 -11.15 24.61 -16.07
C ILE E 45 -10.93 23.68 -14.87
N ARG E 46 -11.95 22.89 -14.53
CA ARG E 46 -11.80 21.95 -13.42
C ARG E 46 -10.77 20.87 -13.76
N ARG E 47 -10.56 20.58 -15.05
CA ARG E 47 -9.47 19.70 -15.43
C ARG E 47 -8.12 20.40 -15.25
N LEU E 48 -8.06 21.70 -15.57
CA LEU E 48 -6.86 22.48 -15.29
C LEU E 48 -6.52 22.45 -13.81
N GLN E 49 -7.53 22.30 -12.96
CA GLN E 49 -7.31 22.28 -11.52
C GLN E 49 -6.32 21.20 -11.10
N GLN E 50 -6.22 20.10 -11.83
CA GLN E 50 -5.38 18.97 -11.46
C GLN E 50 -4.37 18.59 -12.54
N LYS E 51 -3.68 19.59 -13.09
CA LYS E 51 -2.55 19.36 -13.97
C LYS E 51 -1.34 20.10 -13.43
N THR E 52 -0.18 19.49 -13.53
CA THR E 52 1.03 20.02 -12.91
C THR E 52 1.65 21.12 -13.75
N GLN E 53 2.30 22.07 -13.07
CA GLN E 53 3.00 23.16 -13.72
C GLN E 53 4.50 22.87 -13.80
N VAL E 54 5.16 22.70 -12.64
CA VAL E 54 6.57 22.33 -12.60
C VAL E 54 6.76 21.11 -11.73
N PHE E 55 6.31 21.19 -10.47
CA PHE E 55 6.51 20.14 -9.48
C PHE E 55 5.32 19.18 -9.42
N PRO E 56 5.55 17.94 -9.01
CA PRO E 56 4.45 16.98 -8.91
C PRO E 56 3.43 17.43 -7.88
N LEU E 57 2.17 17.03 -8.12
CA LEU E 57 1.06 17.42 -7.26
C LEU E 57 1.14 16.65 -5.95
N GLU E 58 1.26 17.37 -4.84
CA GLU E 58 1.36 16.74 -3.53
C GLU E 58 -0.02 16.46 -2.95
N ALA E 61 1.87 19.99 -0.15
CA ALA E 61 2.24 21.39 0.00
C ALA E 61 1.31 22.30 -0.79
N ALA E 62 1.69 23.57 -0.90
CA ALA E 62 0.88 24.56 -1.62
C ALA E 62 1.48 24.92 -2.97
N VAL E 63 2.02 23.94 -3.69
CA VAL E 63 2.55 24.21 -5.03
C VAL E 63 1.39 24.59 -5.97
N ARG E 64 1.76 25.27 -7.05
CA ARG E 64 0.83 25.75 -8.05
C ARG E 64 0.41 24.78 -9.12
N THR E 65 -0.85 24.88 -9.53
CA THR E 65 -1.37 24.09 -10.64
C THR E 65 -1.51 24.98 -11.87
N ARG E 66 -2.14 24.46 -12.93
CA ARG E 66 -2.38 25.28 -14.11
C ARG E 66 -3.33 26.43 -13.78
N LEU E 67 -4.30 26.19 -12.90
CA LEU E 67 -5.36 27.15 -12.65
C LEU E 67 -4.84 28.41 -11.96
N THR E 68 -4.02 28.23 -10.92
CA THR E 68 -3.47 29.37 -10.21
C THR E 68 -2.56 30.21 -11.10
N HIS E 69 -1.79 29.56 -11.97
CA HIS E 69 -0.97 30.28 -12.94
C HIS E 69 -1.84 31.06 -13.92
N SER E 70 -2.93 30.45 -14.37
CA SER E 70 -3.86 31.16 -15.25
C SER E 70 -4.45 32.39 -14.58
N MET E 71 -4.58 32.32 -13.25
CA MET E 71 -5.12 33.42 -12.45
C MET E 71 -4.16 34.60 -12.30
N GLU E 72 -2.87 34.37 -12.42
CA GLU E 72 -1.85 35.43 -12.50
C GLU E 72 -1.79 36.00 -13.91
N VAL E 73 -1.86 35.14 -14.92
CA VAL E 73 -1.84 35.62 -16.30
C VAL E 73 -3.06 36.53 -16.55
N GLN E 74 -4.21 36.13 -16.01
CA GLN E 74 -5.42 36.94 -16.17
C GLN E 74 -5.24 38.32 -15.53
N GLN E 75 -4.68 38.36 -14.32
CA GLN E 75 -4.48 39.63 -13.63
C GLN E 75 -3.54 40.54 -14.41
N VAL E 76 -2.43 39.99 -14.89
CA VAL E 76 -1.47 40.80 -15.64
C VAL E 76 -2.10 41.34 -16.92
N GLY E 77 -2.85 40.49 -17.63
CA GLY E 77 -3.50 40.94 -18.86
C GLY E 77 -4.51 42.04 -18.60
N ARG E 78 -5.27 41.94 -17.54
CA ARG E 78 -6.25 42.96 -17.22
C ARG E 78 -5.58 44.27 -16.85
N TYR E 79 -4.46 44.20 -16.14
CA TYR E 79 -3.78 45.42 -15.74
C TYR E 79 -3.17 46.12 -16.96
N ILE E 80 -2.59 45.35 -17.88
CA ILE E 80 -2.04 45.94 -19.10
C ILE E 80 -3.15 46.56 -19.94
N ALA E 81 -4.29 45.88 -20.07
CA ALA E 81 -5.40 46.43 -20.84
C ALA E 81 -5.89 47.74 -20.25
N LYS E 82 -6.00 47.79 -18.91
CA LYS E 82 -6.43 49.03 -18.25
C LYS E 82 -5.44 50.15 -18.47
N GLU E 83 -4.14 49.85 -18.41
CA GLU E 83 -3.13 50.88 -18.67
C GLU E 83 -3.24 51.40 -20.09
N ILE E 84 -3.43 50.50 -21.07
CA ILE E 84 -3.57 50.94 -22.46
C ILE E 84 -4.78 51.84 -22.62
N LEU E 85 -5.91 51.45 -22.03
CA LEU E 85 -7.12 52.25 -22.15
C LEU E 85 -6.94 53.63 -21.51
N SER E 86 -6.31 53.67 -20.34
CA SER E 86 -6.08 54.95 -19.68
C SER E 86 -5.18 55.86 -20.51
N ARG E 87 -4.09 55.31 -21.04
CA ARG E 87 -3.18 56.13 -21.84
C ARG E 87 -3.85 56.62 -23.11
N LEU E 88 -4.69 55.79 -23.74
CA LEU E 88 -5.43 56.26 -24.91
C LEU E 88 -6.44 57.33 -24.56
N LYS E 89 -7.10 57.20 -23.40
CA LYS E 89 -8.07 58.21 -22.98
C LYS E 89 -7.39 59.54 -22.67
N GLU E 90 -6.17 59.51 -22.13
CA GLU E 90 -5.47 60.75 -21.81
C GLU E 90 -5.19 61.57 -23.07
N LEU E 91 -4.81 60.90 -24.16
CA LEU E 91 -4.43 61.58 -25.39
C LEU E 91 -5.62 61.92 -26.28
N LYS E 92 -6.84 61.71 -25.81
CA LYS E 92 -8.06 62.07 -26.54
C LYS E 92 -8.16 61.33 -27.87
N LEU E 93 -7.69 60.09 -27.90
CA LEU E 93 -7.83 59.22 -29.07
C LEU E 93 -8.82 58.08 -28.85
N LEU E 94 -9.48 58.03 -27.69
CA LEU E 94 -10.37 56.92 -27.40
C LEU E 94 -11.61 56.94 -28.29
N GLU E 95 -12.20 58.11 -28.50
CA GLU E 95 -13.39 58.24 -29.32
C GLU E 95 -13.09 58.19 -30.81
N ALA E 96 -11.89 58.59 -31.23
CA ALA E 96 -11.52 58.52 -32.64
C ALA E 96 -11.17 57.11 -33.10
N TYR E 97 -10.93 56.19 -32.17
CA TYR E 97 -10.60 54.82 -32.51
C TYR E 97 -11.77 53.86 -32.34
N GLY E 98 -12.96 54.36 -32.03
CA GLY E 98 -14.13 53.51 -31.91
C GLY E 98 -14.24 52.74 -30.62
N LEU E 99 -13.46 53.09 -29.61
CA LEU E 99 -13.44 52.36 -28.35
C LEU E 99 -14.23 53.06 -27.24
N ASP E 100 -15.04 54.07 -27.59
CA ASP E 100 -15.74 54.84 -26.58
C ASP E 100 -16.72 53.98 -25.79
N GLU E 101 -17.44 53.09 -26.46
CA GLU E 101 -18.43 52.25 -25.83
C GLU E 101 -18.05 50.77 -25.84
N LEU E 102 -16.75 50.46 -25.81
CA LEU E 102 -16.29 49.08 -25.92
C LEU E 102 -15.13 48.77 -24.98
N THR E 103 -15.02 49.48 -23.85
CA THR E 103 -13.92 49.23 -22.93
C THR E 103 -14.15 47.94 -22.15
N GLY E 104 -15.37 47.72 -21.67
CA GLY E 104 -15.70 46.52 -20.93
C GLY E 104 -15.49 45.25 -21.74
N PRO E 105 -16.01 45.20 -22.97
CA PRO E 105 -15.70 44.06 -23.84
C PRO E 105 -14.20 43.88 -24.08
N PHE E 106 -13.46 44.98 -24.24
CA PHE E 106 -12.02 44.92 -24.39
C PHE E 106 -11.37 44.16 -23.25
N GLU E 107 -11.60 44.64 -22.02
CA GLU E 107 -10.97 44.02 -20.86
C GLU E 107 -11.45 42.58 -20.68
N SER E 108 -12.75 42.33 -20.88
CA SER E 108 -13.28 40.99 -20.70
C SER E 108 -12.68 40.01 -21.69
N ILE E 109 -12.54 40.41 -22.95
CA ILE E 109 -11.95 39.54 -23.96
C ILE E 109 -10.50 39.23 -23.63
N VAL E 110 -9.74 40.24 -23.21
CA VAL E 110 -8.34 39.99 -22.85
C VAL E 110 -8.25 39.02 -21.68
N GLU E 111 -9.06 39.24 -20.64
CA GLU E 111 -9.03 38.36 -19.47
C GLU E 111 -9.38 36.92 -19.84
N MET E 112 -10.45 36.75 -20.62
CA MET E 112 -10.90 35.40 -20.96
C MET E 112 -9.90 34.70 -21.89
N SER E 113 -9.24 35.44 -22.78
CA SER E 113 -8.18 34.85 -23.57
C SER E 113 -7.02 34.39 -22.70
N CYS E 114 -6.67 35.20 -21.68
CA CYS E 114 -5.60 34.78 -20.77
C CYS E 114 -6.00 33.57 -19.95
N LEU E 115 -7.30 33.40 -19.67
CA LEU E 115 -7.73 32.26 -18.86
C LEU E 115 -7.71 30.96 -19.65
N MET E 116 -7.89 31.03 -20.97
CA MET E 116 -8.00 29.84 -21.81
C MET E 116 -6.69 29.47 -22.51
N HIS E 117 -5.55 29.98 -22.03
CA HIS E 117 -4.28 29.67 -22.69
C HIS E 117 -3.89 28.20 -22.58
N ASP E 118 -4.15 27.56 -21.45
CA ASP E 118 -3.66 26.21 -21.19
C ASP E 118 -4.76 25.17 -21.28
N ILE E 119 -5.85 25.49 -21.99
CA ILE E 119 -6.99 24.59 -22.06
C ILE E 119 -6.69 23.32 -22.86
N GLY E 120 -5.76 23.38 -23.81
CA GLY E 120 -5.55 22.29 -24.74
C GLY E 120 -4.26 21.51 -24.63
N ASN E 121 -3.47 21.71 -23.58
CA ASN E 121 -2.25 20.93 -23.44
C ASN E 121 -2.57 19.50 -23.00
N PRO E 122 -1.78 18.53 -23.45
CA PRO E 122 -2.00 17.15 -23.03
C PRO E 122 -1.40 16.91 -21.66
N PRO E 123 -1.69 15.77 -21.04
CA PRO E 123 -1.04 15.45 -19.77
C PRO E 123 0.47 15.40 -19.92
N PHE E 124 1.16 15.90 -18.89
CA PHE E 124 2.61 15.99 -18.76
C PHE E 124 3.23 17.06 -19.66
N GLY E 125 2.42 17.79 -20.42
CA GLY E 125 2.91 18.99 -21.07
C GLY E 125 3.75 18.70 -22.30
N HIS E 126 4.93 19.28 -22.28
CA HIS E 126 5.90 19.20 -23.34
C HIS E 126 6.35 17.80 -23.62
N PHE E 127 6.23 16.92 -22.64
CA PHE E 127 6.66 15.57 -22.85
C PHE E 127 5.56 14.66 -23.33
N GLY E 128 4.32 15.14 -23.29
CA GLY E 128 3.18 14.43 -23.81
C GLY E 128 3.11 14.64 -25.31
N GLU E 129 3.25 15.88 -25.75
CA GLU E 129 3.25 16.25 -27.16
C GLU E 129 4.38 15.56 -27.90
N ALA E 130 5.56 15.53 -27.29
CA ALA E 130 6.68 14.83 -27.91
C ALA E 130 6.36 13.36 -28.14
N ALA E 131 5.78 12.70 -27.14
CA ALA E 131 5.47 11.28 -27.26
C ALA E 131 4.46 11.02 -28.37
N ILE E 132 3.39 11.82 -28.42
CA ILE E 132 2.39 11.65 -29.46
C ILE E 132 3.02 11.84 -30.83
N ASN E 133 3.84 12.89 -30.97
CA ASN E 133 4.46 13.19 -32.25
C ASN E 133 5.38 12.07 -32.70
N ASP E 134 6.20 11.53 -31.80
CA ASP E 134 7.12 10.46 -32.19
C ASP E 134 6.37 9.18 -32.54
N TRP E 135 5.34 8.83 -31.77
CA TRP E 135 4.56 7.64 -32.10
C TRP E 135 3.94 7.75 -33.49
N PHE E 136 3.28 8.86 -33.78
CA PHE E 136 2.64 8.99 -35.09
C PHE E 136 3.66 9.16 -36.21
N ARG E 137 4.83 9.74 -35.92
CA ARG E 137 5.87 9.82 -36.92
C ARG E 137 6.40 8.45 -37.28
N GLN E 138 6.56 7.57 -36.29
CA GLN E 138 6.96 6.20 -36.58
C GLN E 138 5.88 5.49 -37.39
N ARG E 139 4.61 5.72 -37.07
CA ARG E 139 3.55 5.02 -37.80
C ARG E 139 3.38 5.52 -39.22
N LEU E 140 3.59 6.82 -39.48
CA LEU E 140 3.24 7.39 -40.77
C LEU E 140 4.43 7.78 -41.65
N HIS E 141 5.56 8.16 -41.07
CA HIS E 141 6.74 8.58 -41.82
C HIS E 141 6.40 9.67 -42.84
N PRO E 142 6.15 10.90 -42.39
CA PRO E 142 5.72 11.95 -43.34
C PRO E 142 6.82 12.45 -44.26
N GLU E 143 8.10 12.17 -43.96
CA GLU E 143 9.19 12.69 -44.77
C GLU E 143 9.32 12.00 -46.12
N ASP E 144 8.59 10.91 -46.35
CA ASP E 144 8.70 10.13 -47.58
C ASP E 144 7.65 10.53 -48.62
N ALA E 145 6.90 11.59 -48.37
CA ALA E 145 5.85 12.02 -49.29
C ALA E 145 6.12 13.41 -49.87
N GLU E 146 7.32 13.95 -49.64
CA GLU E 146 7.63 15.32 -50.04
C GLU E 146 7.77 15.49 -51.55
N SER E 147 7.83 14.41 -52.31
CA SER E 147 8.17 14.50 -53.73
C SER E 147 7.42 13.39 -54.47
N GLN E 148 7.89 13.06 -55.67
CA GLN E 148 7.24 12.07 -56.51
C GLN E 148 7.25 10.71 -55.82
N PRO E 149 6.30 9.84 -56.15
CA PRO E 149 6.19 8.55 -55.45
C PRO E 149 7.49 7.75 -55.50
N LEU E 150 7.76 7.08 -54.37
CA LEU E 150 8.93 6.25 -54.22
C LEU E 150 8.51 4.78 -54.16
N THR E 151 9.50 3.90 -54.25
CA THR E 151 9.31 2.47 -54.08
C THR E 151 9.58 2.02 -52.64
N ASP E 152 10.31 2.82 -51.87
CA ASP E 152 10.66 2.49 -50.49
C ASP E 152 9.78 3.22 -49.48
N ASP E 153 8.50 3.40 -49.79
CA ASP E 153 7.59 4.09 -48.87
C ASP E 153 7.45 3.28 -47.60
N ARG E 154 7.82 3.87 -46.47
CA ARG E 154 7.84 3.18 -45.19
C ARG E 154 6.51 3.29 -44.44
N CYS E 155 5.49 3.88 -45.03
CA CYS E 155 4.21 4.03 -44.35
C CYS E 155 3.59 2.66 -44.06
N SER E 156 2.94 2.54 -42.91
CA SER E 156 2.34 1.29 -42.47
C SER E 156 0.86 1.18 -42.83
N VAL E 157 0.29 2.18 -43.52
CA VAL E 157 -1.11 2.18 -43.90
C VAL E 157 -1.18 2.05 -45.41
N ALA E 158 -1.98 1.09 -45.88
CA ALA E 158 -2.08 0.84 -47.31
C ALA E 158 -2.69 2.02 -48.05
N ALA E 159 -3.72 2.63 -47.46
CA ALA E 159 -4.44 3.71 -48.11
C ALA E 159 -3.69 5.04 -48.11
N LEU E 160 -2.66 5.18 -47.29
CA LEU E 160 -1.89 6.42 -47.21
C LEU E 160 -0.57 6.36 -47.97
N ARG E 161 -0.31 5.26 -48.67
CA ARG E 161 0.90 5.15 -49.47
C ARG E 161 0.76 5.94 -50.77
N LEU E 162 1.86 6.49 -51.23
CA LEU E 162 1.85 7.30 -52.45
C LEU E 162 2.12 6.41 -53.61
N ARG E 163 1.05 5.92 -54.22
CA ARG E 163 1.14 5.00 -55.32
C ARG E 163 1.14 5.71 -56.67
N ASP E 164 2.32 5.86 -57.25
CA ASP E 164 2.53 6.52 -58.54
C ASP E 164 1.49 6.22 -59.62
N GLY E 165 1.04 7.26 -60.29
CA GLY E 165 0.07 7.11 -61.34
C GLY E 165 -1.24 7.79 -61.03
N GLU E 166 -1.22 8.65 -60.03
CA GLU E 166 -2.42 9.36 -59.62
C GLU E 166 -2.01 10.60 -58.84
N GLU E 167 -2.18 11.78 -59.43
CA GLU E 167 -1.76 13.00 -58.76
C GLU E 167 -2.82 13.78 -57.98
N PRO E 168 -4.11 13.55 -58.25
CA PRO E 168 -5.08 14.30 -57.46
C PRO E 168 -5.25 13.75 -56.05
N LEU E 169 -5.10 12.45 -55.88
CA LEU E 169 -5.26 11.81 -54.58
C LEU E 169 -4.01 11.89 -53.75
N ASN E 170 -2.88 12.11 -54.37
CA ASN E 170 -1.65 12.19 -53.65
C ASN E 170 -1.54 13.43 -52.80
N GLU E 171 -2.04 14.53 -53.30
CA GLU E 171 -1.97 15.77 -52.57
C GLU E 171 -2.64 15.63 -51.24
N LEU E 172 -3.72 14.89 -51.21
CA LEU E 172 -4.49 14.70 -49.98
C LEU E 172 -3.75 13.82 -48.99
N ARG E 173 -3.09 12.75 -49.47
CA ARG E 173 -2.30 11.89 -48.60
C ARG E 173 -1.16 12.67 -47.96
N ARG E 174 -0.46 13.48 -48.75
CA ARG E 174 0.60 14.33 -48.23
C ARG E 174 0.10 15.23 -47.12
N LYS E 175 -1.04 15.90 -47.36
CA LYS E 175 -1.59 16.82 -46.36
C LYS E 175 -1.93 16.08 -45.07
N ILE E 176 -2.62 14.93 -45.19
CA ILE E 176 -3.04 14.20 -43.99
C ILE E 176 -1.84 13.69 -43.22
N ARG E 177 -0.86 13.13 -43.93
CA ARG E 177 0.31 12.57 -43.27
C ARG E 177 1.13 13.64 -42.57
N GLN E 178 1.25 14.83 -43.16
CA GLN E 178 1.98 15.89 -42.49
C GLN E 178 1.19 16.45 -41.31
N ASP E 179 -0.14 16.55 -41.44
CA ASP E 179 -0.94 17.12 -40.37
C ASP E 179 -0.95 16.23 -39.14
N LEU E 180 -1.05 14.91 -39.33
CA LEU E 180 -1.23 14.02 -38.20
C LEU E 180 -0.03 13.98 -37.24
N CYS E 181 1.13 14.51 -37.64
CA CYS E 181 2.32 14.47 -36.81
C CYS E 181 2.68 15.84 -36.23
N HIS E 182 1.73 16.76 -36.16
CA HIS E 182 1.94 18.12 -35.63
C HIS E 182 0.85 18.47 -34.62
N PHE E 183 0.61 17.58 -33.66
CA PHE E 183 -0.22 17.95 -32.52
C PHE E 183 0.37 19.15 -31.80
N GLU E 184 -0.48 20.11 -31.47
CA GLU E 184 -0.06 21.32 -30.77
C GLU E 184 -1.18 21.78 -29.86
N GLY E 185 -0.81 22.40 -28.74
CA GLY E 185 -1.80 22.70 -27.71
C GLY E 185 -2.86 23.69 -28.14
N ASN E 186 -2.45 24.74 -28.85
CA ASN E 186 -3.40 25.80 -29.21
C ASN E 186 -4.40 25.34 -30.27
N ALA E 187 -3.94 24.56 -31.25
CA ALA E 187 -4.85 24.01 -32.24
C ALA E 187 -5.88 23.09 -31.57
N GLN E 188 -5.42 22.25 -30.65
CA GLN E 188 -6.34 21.39 -29.90
C GLN E 188 -7.28 22.21 -29.04
N GLY E 189 -6.82 23.36 -28.52
CA GLY E 189 -7.71 24.22 -27.75
C GLY E 189 -8.82 24.80 -28.61
N ILE E 190 -8.48 25.24 -29.82
CA ILE E 190 -9.50 25.74 -30.75
C ILE E 190 -10.50 24.63 -31.07
N ARG E 191 -9.99 23.44 -31.38
CA ARG E 191 -10.87 22.31 -31.68
C ARG E 191 -11.78 21.98 -30.50
N LEU E 192 -11.23 22.02 -29.28
CA LEU E 192 -12.01 21.73 -28.09
C LEU E 192 -13.10 22.76 -27.87
N VAL E 193 -12.77 24.04 -28.02
CA VAL E 193 -13.74 25.10 -27.79
C VAL E 193 -14.86 25.04 -28.83
N HIS E 194 -14.54 24.73 -30.08
CA HIS E 194 -15.58 24.73 -31.10
C HIS E 194 -16.32 23.39 -31.21
N THR E 195 -15.59 22.31 -31.48
CA THR E 195 -16.21 21.05 -31.86
C THR E 195 -16.60 20.16 -30.68
N LEU E 196 -15.69 19.96 -29.73
CA LEU E 196 -15.90 18.95 -28.69
C LEU E 196 -16.83 19.41 -27.58
N MET E 197 -16.67 20.64 -27.09
CA MET E 197 -17.50 21.14 -26.00
C MET E 197 -18.75 21.86 -26.47
N ARG E 198 -18.72 22.48 -27.64
CA ARG E 198 -19.84 23.22 -28.20
C ARG E 198 -20.31 24.32 -27.24
N MET E 199 -19.39 25.26 -27.00
CA MET E 199 -19.67 26.38 -26.10
C MET E 199 -20.33 27.56 -26.79
N ASN E 200 -20.19 27.67 -28.12
CA ASN E 200 -20.83 28.73 -28.91
C ASN E 200 -20.41 30.11 -28.41
N LEU E 201 -19.11 30.38 -28.51
CA LEU E 201 -18.56 31.66 -28.12
C LEU E 201 -18.66 32.67 -29.27
N THR E 202 -18.51 33.94 -28.94
CA THR E 202 -18.51 35.00 -29.94
C THR E 202 -17.25 34.91 -30.80
N TRP E 203 -17.30 35.59 -31.95
CA TRP E 203 -16.20 35.53 -32.89
C TRP E 203 -14.92 36.14 -32.30
N ALA E 204 -15.05 37.26 -31.59
CA ALA E 204 -13.88 37.90 -31.01
C ALA E 204 -13.24 37.03 -29.94
N GLN E 205 -14.05 36.36 -29.12
CA GLN E 205 -13.49 35.49 -28.09
C GLN E 205 -12.71 34.32 -28.70
N VAL E 206 -13.24 33.74 -29.78
CA VAL E 206 -12.52 32.66 -30.45
C VAL E 206 -11.26 33.18 -31.12
N GLY E 207 -11.31 34.38 -31.69
CA GLY E 207 -10.13 34.93 -32.33
C GLY E 207 -9.05 35.31 -31.34
N GLY E 208 -9.43 35.59 -30.10
CA GLY E 208 -8.46 35.94 -29.08
C GLY E 208 -7.54 34.81 -28.68
N ILE E 209 -7.90 33.56 -28.97
CA ILE E 209 -7.08 32.41 -28.63
C ILE E 209 -6.38 31.80 -29.83
N LEU E 210 -6.40 32.49 -30.98
CA LEU E 210 -5.62 32.08 -32.14
C LEU E 210 -4.27 32.77 -32.06
N LYS E 211 -3.26 32.04 -31.59
CA LYS E 211 -1.96 32.63 -31.29
C LYS E 211 -1.03 32.62 -32.49
N TYR E 212 -0.95 31.50 -33.21
CA TYR E 212 -0.10 31.36 -34.38
C TYR E 212 -0.95 30.98 -35.59
N THR E 213 -0.42 31.30 -36.77
CA THR E 213 -1.21 31.24 -38.00
C THR E 213 -0.72 30.19 -39.00
N ARG E 214 0.29 29.40 -38.66
CA ARG E 214 0.77 28.43 -39.64
C ARG E 214 -0.13 27.20 -39.66
N PRO E 215 -0.63 26.79 -40.82
CA PRO E 215 -1.40 25.55 -40.90
C PRO E 215 -0.55 24.35 -40.54
N ALA E 216 -1.22 23.33 -39.96
CA ALA E 216 -0.50 22.14 -39.54
C ALA E 216 0.02 21.31 -40.71
N TRP E 217 -0.61 21.39 -41.88
CA TRP E 217 -0.19 20.63 -43.04
C TRP E 217 0.82 21.37 -43.90
N TRP E 218 1.47 22.40 -43.36
CA TRP E 218 2.41 23.19 -44.13
C TRP E 218 3.71 22.42 -44.38
N ARG E 219 4.20 22.49 -45.61
CA ARG E 219 5.49 21.94 -45.97
C ARG E 219 6.32 23.02 -46.64
N GLY E 220 7.55 23.19 -46.20
CA GLY E 220 8.50 24.09 -46.83
C GLY E 220 8.80 25.31 -45.99
N GLU E 221 9.29 26.35 -46.67
CA GLU E 221 9.66 27.59 -46.03
C GLU E 221 8.48 28.55 -46.01
N THR E 222 8.44 29.37 -44.97
CA THR E 222 7.43 30.40 -44.78
C THR E 222 7.93 31.73 -45.31
N PRO E 223 7.01 32.61 -45.71
CA PRO E 223 7.44 33.92 -46.24
C PRO E 223 8.22 34.72 -45.20
N GLU E 224 9.20 35.49 -45.69
CA GLU E 224 10.04 36.27 -44.80
C GLU E 224 9.27 37.36 -44.06
N THR E 225 8.07 37.71 -44.54
CA THR E 225 7.26 38.72 -43.88
C THR E 225 6.34 38.14 -42.80
N HIS E 226 6.42 36.83 -42.55
CA HIS E 226 5.59 36.21 -41.52
C HIS E 226 6.36 35.18 -40.70
N HIS E 227 7.69 35.26 -40.67
CA HIS E 227 8.47 34.16 -40.08
C HIS E 227 8.28 34.04 -38.57
N TYR E 228 7.80 35.09 -37.91
CA TYR E 228 7.53 34.99 -36.48
C TYR E 228 6.10 34.55 -36.19
N LEU E 229 5.14 35.04 -36.98
CA LEU E 229 3.74 34.67 -36.77
C LEU E 229 3.46 33.24 -37.19
N MET E 230 4.40 32.58 -37.86
CA MET E 230 4.22 31.22 -38.36
C MET E 230 5.34 30.30 -37.87
N LYS E 231 5.74 30.43 -36.60
CA LYS E 231 6.80 29.58 -36.09
C LYS E 231 6.25 28.29 -35.50
N LYS E 232 4.95 28.25 -35.21
CA LYS E 232 4.30 27.06 -34.66
C LYS E 232 3.02 26.79 -35.42
N PRO E 233 2.54 25.55 -35.44
CA PRO E 233 1.22 25.28 -36.04
C PRO E 233 0.12 26.04 -35.32
N GLY E 234 -0.87 26.47 -36.09
CA GLY E 234 -1.95 27.25 -35.52
C GLY E 234 -3.29 26.55 -35.46
N TYR E 235 -3.59 25.73 -36.48
CA TYR E 235 -4.85 25.03 -36.52
C TYR E 235 -4.71 23.77 -37.37
N TYR E 236 -5.66 22.87 -37.21
CA TYR E 236 -5.64 21.58 -37.90
C TYR E 236 -6.39 21.67 -39.23
N LEU E 237 -6.40 20.56 -39.96
CA LEU E 237 -7.08 20.51 -41.25
C LEU E 237 -8.59 20.37 -41.11
N SER E 238 -9.07 19.83 -39.99
CA SER E 238 -10.50 19.67 -39.77
C SER E 238 -11.21 20.98 -39.41
N GLU E 239 -10.45 22.04 -39.12
CA GLU E 239 -11.03 23.33 -38.77
C GLU E 239 -10.87 24.37 -39.87
N GLU E 240 -10.26 24.01 -41.00
CA GLU E 240 -9.90 24.97 -42.04
C GLU E 240 -11.11 25.82 -42.44
N ALA E 241 -12.20 25.16 -42.85
CA ALA E 241 -13.41 25.87 -43.24
C ALA E 241 -13.83 26.84 -42.15
N TYR E 242 -13.89 26.35 -40.90
CA TYR E 242 -14.26 27.21 -39.78
C TYR E 242 -13.38 28.45 -39.75
N ILE E 243 -12.05 28.25 -39.81
CA ILE E 243 -11.13 29.38 -39.72
C ILE E 243 -11.42 30.36 -40.84
N ALA E 244 -11.72 29.85 -42.04
CA ALA E 244 -12.04 30.72 -43.16
C ALA E 244 -13.15 31.70 -42.78
N ARG E 245 -14.26 31.17 -42.28
CA ARG E 245 -15.36 32.05 -41.91
C ARG E 245 -14.94 33.02 -40.82
N LEU E 246 -14.10 32.56 -39.88
CA LEU E 246 -13.61 33.45 -38.83
C LEU E 246 -12.96 34.68 -39.43
N ARG E 247 -12.13 34.48 -40.47
CA ARG E 247 -11.49 35.63 -41.09
C ARG E 247 -12.53 36.57 -41.69
N LYS E 248 -13.54 36.02 -42.37
CA LYS E 248 -14.58 36.88 -42.93
C LYS E 248 -15.32 37.64 -41.85
N GLU E 249 -15.33 37.12 -40.63
CA GLU E 249 -16.04 37.81 -39.55
C GLU E 249 -15.16 38.84 -38.85
N LEU E 250 -13.86 38.84 -39.08
CA LEU E 250 -12.96 39.77 -38.39
C LEU E 250 -12.06 40.55 -39.34
N ASN E 251 -12.32 40.48 -40.65
CA ASN E 251 -11.55 41.21 -41.66
C ASN E 251 -10.05 40.95 -41.53
N LEU E 252 -9.70 39.67 -41.42
CA LEU E 252 -8.31 39.24 -41.32
C LEU E 252 -7.87 38.61 -42.63
N ALA E 253 -6.68 39.00 -43.11
CA ALA E 253 -6.12 38.41 -44.30
C ALA E 253 -5.51 37.05 -43.96
N LEU E 254 -4.99 36.37 -44.98
CA LEU E 254 -4.33 35.10 -44.78
C LEU E 254 -3.11 35.26 -43.89
N TYR E 255 -2.96 34.35 -42.92
CA TYR E 255 -1.82 34.31 -42.02
C TYR E 255 -1.70 35.57 -41.16
N SER E 256 -2.83 36.19 -40.84
CA SER E 256 -2.86 37.38 -40.00
C SER E 256 -3.33 37.02 -38.60
N ARG E 257 -3.25 38.00 -37.71
CA ARG E 257 -3.47 37.81 -36.29
C ARG E 257 -4.39 38.90 -35.76
N PHE E 258 -5.22 38.52 -34.79
CA PHE E 258 -6.17 39.39 -34.09
C PHE E 258 -5.43 40.25 -33.06
N PRO E 259 -5.70 41.57 -33.06
CA PRO E 259 -4.90 42.51 -32.25
C PRO E 259 -4.67 42.12 -30.80
N LEU E 260 -5.75 41.94 -30.04
CA LEU E 260 -5.64 41.77 -28.60
C LEU E 260 -4.77 40.57 -28.21
N THR E 261 -4.60 39.60 -29.11
CA THR E 261 -3.75 38.45 -28.83
C THR E 261 -2.37 38.90 -28.36
N TRP E 262 -1.82 39.95 -28.97
CA TRP E 262 -0.50 40.42 -28.56
C TRP E 262 -0.45 40.63 -27.06
N ILE E 263 -1.43 41.34 -26.51
CA ILE E 263 -1.43 41.62 -25.07
C ILE E 263 -1.35 40.32 -24.29
N MET E 264 -2.19 39.34 -24.66
CA MET E 264 -2.19 38.08 -23.94
C MET E 264 -0.81 37.44 -23.97
N GLU E 265 -0.18 37.42 -25.15
CA GLU E 265 1.15 36.83 -25.25
C GLU E 265 2.10 37.48 -24.28
N ALA E 266 2.05 38.82 -24.20
CA ALA E 266 2.94 39.54 -23.30
C ALA E 266 2.80 39.04 -21.87
N ALA E 267 1.56 38.86 -21.42
CA ALA E 267 1.35 38.39 -20.05
C ALA E 267 2.01 37.05 -19.84
N ASP E 268 1.84 36.13 -20.80
CA ASP E 268 2.34 34.78 -20.62
C ASP E 268 3.85 34.77 -20.48
N ASP E 269 4.50 35.88 -20.83
CA ASP E 269 5.95 36.02 -20.75
C ASP E 269 6.48 36.58 -19.43
N ILE E 270 5.68 37.34 -18.69
CA ILE E 270 6.16 37.87 -17.41
C ILE E 270 6.04 36.82 -16.32
N SER E 271 4.81 36.42 -16.00
CA SER E 271 4.60 35.46 -14.92
C SER E 271 5.49 34.25 -15.09
N TYR E 272 5.64 33.78 -16.34
CA TYR E 272 6.37 32.57 -16.66
C TYR E 272 7.65 32.43 -15.85
N CYS E 273 8.34 33.55 -15.62
CA CYS E 273 9.56 33.45 -14.84
C CYS E 273 9.26 33.37 -13.34
N VAL E 274 8.71 34.47 -12.81
CA VAL E 274 8.88 34.76 -11.38
C VAL E 274 8.23 33.67 -10.53
N ALA E 275 7.01 33.28 -10.89
CA ALA E 275 6.28 32.29 -10.10
C ALA E 275 7.11 31.05 -9.84
N ASP E 276 7.74 30.50 -10.89
CA ASP E 276 8.47 29.25 -10.69
C ASP E 276 9.48 29.39 -9.57
N LEU E 277 10.20 30.52 -9.57
CA LEU E 277 11.27 30.72 -8.58
C LEU E 277 10.73 30.58 -7.16
N GLU E 278 9.57 31.19 -6.90
CA GLU E 278 9.04 31.18 -5.54
C GLU E 278 8.81 29.75 -5.08
N ASP E 279 8.26 28.92 -5.96
CA ASP E 279 7.91 27.56 -5.53
C ASP E 279 9.16 26.79 -5.13
N ALA E 280 10.31 27.12 -5.71
CA ALA E 280 11.54 26.43 -5.36
C ALA E 280 11.85 26.58 -3.89
N VAL E 281 11.55 27.75 -3.32
CA VAL E 281 11.81 27.97 -1.90
C VAL E 281 10.82 27.17 -1.05
N GLU E 282 9.59 27.02 -1.53
CA GLU E 282 8.55 26.44 -0.69
C GLU E 282 8.73 24.93 -0.54
N LYS E 283 9.38 24.30 -1.52
CA LYS E 283 9.68 22.88 -1.46
C LYS E 283 10.99 22.58 -0.77
N ARG E 284 11.60 23.58 -0.13
CA ARG E 284 12.84 23.43 0.62
C ARG E 284 13.99 22.96 -0.27
N ILE E 285 14.25 23.70 -1.35
CA ILE E 285 15.38 23.42 -2.23
C ILE E 285 16.58 24.30 -1.89
N PHE E 286 16.36 25.60 -1.76
CA PHE E 286 17.41 26.52 -1.32
C PHE E 286 16.74 27.74 -0.68
N THR E 287 17.51 28.76 -0.38
CA THR E 287 16.90 29.88 0.25
C THR E 287 17.28 31.24 -0.31
N VAL E 288 16.55 32.23 0.20
CA VAL E 288 16.69 33.62 -0.19
C VAL E 288 18.13 34.11 -0.45
N GLU E 289 19.05 33.82 0.48
CA GLU E 289 20.46 34.17 0.35
C GLU E 289 21.07 33.57 -0.91
N GLN E 290 20.80 32.29 -1.16
CA GLN E 290 21.22 31.63 -2.39
C GLN E 290 20.56 32.26 -3.62
N LEU E 291 19.30 32.66 -3.49
CA LEU E 291 18.63 33.37 -4.59
C LEU E 291 19.42 34.59 -5.01
N TYR E 292 19.74 35.46 -4.04
CA TYR E 292 20.47 36.67 -4.38
C TYR E 292 21.86 36.36 -4.91
N HIS E 293 22.55 35.38 -4.32
CA HIS E 293 23.89 35.05 -4.77
C HIS E 293 23.88 34.57 -6.22
N HIS E 294 22.94 33.68 -6.55
CA HIS E 294 22.85 33.18 -7.92
C HIS E 294 22.46 34.29 -8.89
N LEU E 295 21.53 35.15 -8.51
CA LEU E 295 21.13 36.25 -9.37
C LEU E 295 22.31 37.18 -9.65
N HIS E 296 23.04 37.54 -8.60
CA HIS E 296 24.17 38.45 -8.75
C HIS E 296 25.28 37.81 -9.59
N GLU E 297 25.54 36.52 -9.39
CA GLU E 297 26.54 35.83 -10.19
C GLU E 297 26.14 35.72 -11.66
N ALA E 298 24.87 35.47 -11.94
CA ALA E 298 24.41 35.29 -13.32
C ALA E 298 24.13 36.60 -14.04
N TRP E 299 24.08 37.73 -13.32
CA TRP E 299 23.85 39.01 -13.97
C TRP E 299 24.98 39.34 -14.94
N PHE E 308 18.82 46.80 -13.63
CA PHE E 308 19.16 45.79 -12.63
C PHE E 308 19.26 46.38 -11.23
N SER E 309 19.90 47.54 -11.13
CA SER E 309 20.16 48.14 -9.83
C SER E 309 18.87 48.42 -9.07
N LEU E 310 17.90 49.03 -9.73
CA LEU E 310 16.68 49.46 -9.07
C LEU E 310 15.94 48.29 -8.42
N VAL E 311 15.45 47.37 -9.25
CA VAL E 311 14.58 46.30 -8.75
C VAL E 311 15.35 45.39 -7.79
N VAL E 312 16.52 44.92 -8.21
CA VAL E 312 17.26 43.94 -7.41
C VAL E 312 17.71 44.56 -6.10
N GLU E 313 18.31 45.76 -6.16
CA GLU E 313 18.79 46.39 -4.94
C GLU E 313 17.65 46.75 -3.99
N ASN E 314 16.53 47.28 -4.51
CA ASN E 314 15.41 47.59 -3.63
C ASN E 314 14.87 46.34 -2.97
N ALA E 315 14.74 45.25 -3.75
CA ALA E 315 14.22 44.01 -3.19
C ALA E 315 15.14 43.45 -2.13
N TRP E 316 16.46 43.52 -2.37
CA TRP E 316 17.40 42.89 -1.45
C TRP E 316 17.60 43.74 -0.19
N GLU E 317 17.52 45.06 -0.31
CA GLU E 317 17.81 45.93 0.82
C GLU E 317 16.58 46.29 1.65
N LYS E 318 15.43 46.50 1.02
CA LYS E 318 14.22 46.78 1.79
C LYS E 318 13.72 45.56 2.54
N SER E 319 14.22 44.38 2.21
CA SER E 319 13.81 43.16 2.90
C SER E 319 14.55 42.98 4.22
N ARG E 320 15.62 43.72 4.44
CA ARG E 320 16.41 43.59 5.67
C ARG E 320 16.37 44.88 6.49
N ASP E 330 7.33 35.11 2.70
CA ASP E 330 5.96 35.35 2.25
C ASP E 330 5.77 36.82 1.88
N GLN E 331 6.60 37.69 2.44
CA GLN E 331 6.53 39.11 2.17
C GLN E 331 7.63 39.61 1.25
N PHE E 332 8.64 38.79 0.96
CA PHE E 332 9.69 39.20 0.03
C PHE E 332 9.17 39.19 -1.41
N PHE E 333 8.45 38.13 -1.79
CA PHE E 333 7.95 38.03 -3.15
C PHE E 333 6.83 39.03 -3.40
N MET E 334 6.00 39.29 -2.39
CA MET E 334 4.94 40.28 -2.54
C MET E 334 5.52 41.67 -2.80
N TYR E 335 6.77 41.91 -2.39
CA TYR E 335 7.45 43.15 -2.73
C TYR E 335 8.19 43.05 -4.06
N LEU E 336 8.68 41.86 -4.41
CA LEU E 336 9.44 41.72 -5.65
C LEU E 336 8.53 41.79 -6.88
N ARG E 337 7.33 41.26 -6.81
CA ARG E 337 6.44 41.31 -7.93
C ARG E 337 6.09 42.71 -8.32
N VAL E 338 5.70 43.50 -7.33
CA VAL E 338 5.12 44.82 -7.57
C VAL E 338 6.10 45.68 -8.38
N ASN E 339 7.37 45.67 -8.00
CA ASN E 339 8.37 46.48 -8.71
C ASN E 339 8.53 46.03 -10.15
N THR E 340 8.56 44.72 -10.37
CA THR E 340 8.67 44.19 -11.72
C THR E 340 7.46 44.58 -12.56
N LEU E 341 6.27 44.53 -11.99
CA LEU E 341 5.08 44.93 -12.73
C LEU E 341 5.11 46.42 -13.08
N ASN E 342 5.45 47.26 -12.10
CA ASN E 342 5.54 48.70 -12.38
C ASN E 342 6.68 49.05 -13.32
N LYS E 343 7.65 48.16 -13.52
CA LYS E 343 8.67 48.40 -14.52
C LYS E 343 8.31 47.86 -15.90
N LEU E 344 7.51 46.80 -15.97
CA LEU E 344 7.23 46.14 -17.23
C LEU E 344 5.93 46.56 -17.90
N VAL E 345 4.84 46.76 -17.15
CA VAL E 345 3.54 47.01 -17.77
C VAL E 345 3.52 48.29 -18.61
N PRO E 346 3.99 49.44 -18.12
CA PRO E 346 3.99 50.64 -18.97
C PRO E 346 4.79 50.48 -20.25
N TYR E 347 5.89 49.72 -20.22
CA TYR E 347 6.65 49.47 -21.44
C TYR E 347 5.80 48.74 -22.47
N ALA E 348 5.06 47.71 -22.03
CA ALA E 348 4.19 46.98 -22.94
C ALA E 348 3.06 47.86 -23.47
N ALA E 349 2.50 48.70 -22.61
CA ALA E 349 1.45 49.61 -23.06
C ALA E 349 1.97 50.58 -24.12
N GLN E 350 3.15 51.13 -23.91
CA GLN E 350 3.71 52.07 -24.89
C GLN E 350 4.08 51.35 -26.19
N ARG E 351 4.56 50.11 -26.09
CA ARG E 351 4.87 49.37 -27.31
C ARG E 351 3.59 49.05 -28.09
N PHE E 352 2.50 48.73 -27.38
CA PHE E 352 1.23 48.50 -28.06
C PHE E 352 0.74 49.77 -28.75
N ILE E 353 0.79 50.90 -28.06
CA ILE E 353 0.23 52.13 -28.63
C ILE E 353 1.10 52.66 -29.76
N ASP E 354 2.42 52.52 -29.66
CA ASP E 354 3.31 53.08 -30.67
C ASP E 354 3.12 52.40 -32.03
N ASN E 355 2.99 51.08 -32.06
CA ASN E 355 2.88 50.31 -33.29
C ASN E 355 1.45 49.86 -33.56
N LEU E 356 0.48 50.69 -33.19
CA LEU E 356 -0.94 50.36 -33.27
C LEU E 356 -1.42 50.06 -34.69
N PRO E 357 -1.09 50.86 -35.71
CA PRO E 357 -1.58 50.53 -37.06
C PRO E 357 -1.15 49.16 -37.57
N ALA E 358 0.10 48.76 -37.30
CA ALA E 358 0.57 47.45 -37.74
C ALA E 358 -0.17 46.33 -37.01
N ILE E 359 -0.40 46.50 -35.71
CA ILE E 359 -1.13 45.49 -34.95
C ILE E 359 -2.57 45.39 -35.43
N PHE E 360 -3.21 46.54 -35.68
CA PHE E 360 -4.58 46.53 -36.20
C PHE E 360 -4.66 45.91 -37.58
N ALA E 361 -3.60 46.04 -38.38
CA ALA E 361 -3.57 45.36 -39.67
C ALA E 361 -3.35 43.86 -39.51
N GLY E 362 -2.68 43.44 -38.45
CA GLY E 362 -2.41 42.03 -38.21
C GLY E 362 -1.11 41.52 -38.76
N THR E 363 -0.20 42.39 -39.20
CA THR E 363 1.03 41.98 -39.84
C THR E 363 2.28 42.32 -39.03
N PHE E 364 2.14 42.72 -37.77
CA PHE E 364 3.30 43.04 -36.93
C PHE E 364 4.09 41.77 -36.64
N ASN E 365 5.32 41.70 -37.15
CA ASN E 365 6.12 40.49 -37.10
C ASN E 365 7.05 40.44 -35.90
N HIS E 366 6.66 41.09 -34.79
CA HIS E 366 7.46 41.10 -33.58
C HIS E 366 6.55 40.91 -32.37
N ALA E 367 7.17 40.76 -31.21
CA ALA E 367 6.46 40.73 -29.94
C ALA E 367 6.65 42.04 -29.20
N LEU E 368 5.75 42.29 -28.25
CA LEU E 368 5.78 43.56 -27.52
C LEU E 368 7.04 43.69 -26.68
N LEU E 369 7.38 42.66 -25.91
CA LEU E 369 8.53 42.70 -25.02
C LEU E 369 9.83 42.28 -25.68
N GLU E 370 9.79 41.84 -26.94
CA GLU E 370 11.01 41.44 -27.62
C GLU E 370 11.77 42.69 -28.08
N ALA E 372 15.73 45.18 -26.93
CA ALA E 372 17.03 45.22 -26.29
C ALA E 372 17.02 46.03 -24.99
N SER E 373 15.85 46.35 -24.46
CA SER E 373 15.77 47.17 -23.26
C SER E 373 16.18 46.37 -22.03
N GLU E 374 16.15 47.03 -20.88
CA GLU E 374 16.50 46.37 -19.62
C GLU E 374 15.48 45.30 -19.25
N CYS E 375 14.26 45.41 -19.80
CA CYS E 375 13.25 44.40 -19.53
C CYS E 375 13.66 43.03 -20.03
N SER E 376 14.22 42.96 -21.23
CA SER E 376 14.71 41.69 -21.76
C SER E 376 15.81 41.12 -20.88
N ASP E 377 16.72 41.99 -20.41
CA ASP E 377 17.80 41.54 -19.54
C ASP E 377 17.27 40.98 -18.22
N LEU E 378 16.30 41.67 -17.60
CA LEU E 378 15.74 41.18 -16.35
C LEU E 378 15.02 39.85 -16.54
N LEU E 379 14.22 39.74 -17.61
CA LEU E 379 13.51 38.49 -17.87
C LEU E 379 14.49 37.35 -18.15
N LYS E 380 15.56 37.63 -18.90
CA LYS E 380 16.57 36.60 -19.16
C LYS E 380 17.29 36.21 -17.88
N LEU E 381 17.53 37.16 -16.98
CA LEU E 381 18.12 36.85 -15.68
C LEU E 381 17.26 35.86 -14.92
N TYR E 382 15.98 36.16 -14.79
CA TYR E 382 15.07 35.26 -14.07
C TYR E 382 15.03 33.89 -14.74
N LYS E 383 14.95 33.87 -16.07
CA LYS E 383 14.85 32.61 -16.81
C LYS E 383 16.11 31.75 -16.62
N ASN E 384 17.29 32.35 -16.72
CA ASN E 384 18.50 31.55 -16.59
C ASN E 384 18.72 31.08 -15.16
N VAL E 385 18.37 31.89 -14.16
CA VAL E 385 18.45 31.40 -12.78
C VAL E 385 17.52 30.21 -12.60
N ALA E 386 16.29 30.30 -13.13
CA ALA E 386 15.35 29.20 -13.00
C ALA E 386 15.86 27.94 -13.71
N VAL E 387 16.44 28.09 -14.90
CA VAL E 387 16.97 26.93 -15.61
C VAL E 387 18.14 26.31 -14.85
N LYS E 388 18.99 27.14 -14.24
CA LYS E 388 20.16 26.61 -13.56
C LYS E 388 19.82 25.89 -12.26
N HIS E 389 18.90 26.44 -11.46
CA HIS E 389 18.71 25.94 -10.10
C HIS E 389 17.39 25.22 -9.86
N VAL E 390 16.46 25.22 -10.82
CA VAL E 390 15.15 24.64 -10.56
C VAL E 390 14.86 23.48 -11.51
N PHE E 391 14.98 23.72 -12.81
CA PHE E 391 14.64 22.70 -13.80
C PHE E 391 15.64 21.57 -13.86
N SER E 392 16.78 21.69 -13.20
CA SER E 392 17.81 20.65 -13.20
C SER E 392 17.67 19.70 -12.01
N HIS E 393 16.64 19.89 -11.19
CA HIS E 393 16.43 19.01 -10.06
C HIS E 393 16.02 17.61 -10.53
N PRO E 394 16.47 16.56 -9.84
CA PRO E 394 16.19 15.19 -10.30
C PRO E 394 14.71 14.86 -10.41
N ASP E 395 13.87 15.41 -9.52
CA ASP E 395 12.46 15.05 -9.51
C ASP E 395 11.76 15.46 -10.80
N VAL E 396 12.05 16.67 -11.30
CA VAL E 396 11.42 17.14 -12.53
C VAL E 396 11.78 16.24 -13.70
N GLU E 397 13.07 15.92 -13.73
CA GLU E 397 13.62 15.08 -14.75
C GLU E 397 13.00 13.69 -14.77
N ARG E 398 12.81 13.09 -13.60
CA ARG E 398 12.19 11.79 -13.43
C ARG E 398 10.72 11.83 -13.84
N LEU E 399 10.00 12.89 -13.45
CA LEU E 399 8.60 13.01 -13.82
C LEU E 399 8.44 13.12 -15.34
N GLU E 400 9.35 13.82 -15.98
CA GLU E 400 9.38 14.01 -17.40
C GLU E 400 9.58 12.72 -18.17
N LEU E 401 10.45 11.85 -17.69
CA LEU E 401 10.67 10.54 -18.30
C LEU E 401 9.47 9.62 -18.07
N GLN E 402 8.91 9.64 -16.85
CA GLN E 402 7.76 8.80 -16.55
C GLN E 402 6.55 9.17 -17.40
N GLY E 403 6.31 10.48 -17.59
CA GLY E 403 5.19 10.90 -18.42
C GLY E 403 5.35 10.47 -19.87
N TYR E 404 6.56 10.62 -20.41
CA TYR E 404 6.83 10.15 -21.76
C TYR E 404 6.49 8.67 -21.91
N ARG E 405 6.98 7.85 -20.97
CA ARG E 405 6.72 6.42 -21.06
C ARG E 405 5.24 6.10 -20.93
N VAL E 406 4.52 6.81 -20.06
CA VAL E 406 3.09 6.54 -19.88
C VAL E 406 2.31 6.83 -21.16
N ILE E 407 2.60 7.97 -21.79
CA ILE E 407 1.86 8.31 -23.01
C ILE E 407 2.16 7.31 -24.12
N SER E 408 3.43 6.91 -24.26
CA SER E 408 3.76 5.90 -25.26
C SER E 408 3.02 4.59 -24.99
N GLY E 409 2.97 4.16 -23.73
CA GLY E 409 2.28 2.93 -23.40
C GLY E 409 0.80 2.98 -23.68
N LEU E 410 0.15 4.10 -23.37
CA LEU E 410 -1.28 4.22 -23.67
C LEU E 410 -1.53 4.14 -25.17
N LEU E 411 -0.71 4.82 -25.97
CA LEU E 411 -0.89 4.73 -27.42
C LEU E 411 -0.68 3.31 -27.92
N GLU E 412 0.32 2.61 -27.38
CA GLU E 412 0.52 1.21 -27.78
C GLU E 412 -0.68 0.35 -27.41
N ILE E 413 -1.27 0.60 -26.23
CA ILE E 413 -2.43 -0.18 -25.80
C ILE E 413 -3.60 0.04 -26.74
N TYR E 414 -3.85 1.29 -27.14
CA TYR E 414 -4.99 1.57 -28.00
C TYR E 414 -4.70 1.39 -29.49
N ARG E 415 -3.48 0.99 -29.85
CA ARG E 415 -3.15 0.70 -31.24
C ARG E 415 -4.12 -0.24 -31.96
N PRO E 416 -4.59 -1.36 -31.39
CA PRO E 416 -5.43 -2.28 -32.17
C PRO E 416 -6.68 -1.64 -32.79
N LEU E 417 -7.15 -0.51 -32.26
CA LEU E 417 -8.29 0.15 -32.88
C LEU E 417 -7.96 0.74 -34.25
N LEU E 418 -6.68 1.04 -34.52
CA LEU E 418 -6.27 1.63 -35.78
C LEU E 418 -5.92 0.60 -36.84
N SER E 419 -5.89 -0.68 -36.49
CA SER E 419 -5.54 -1.74 -37.44
C SER E 419 -6.76 -2.37 -38.11
N LEU E 420 -7.96 -1.94 -37.76
CA LEU E 420 -9.17 -2.52 -38.32
C LEU E 420 -9.36 -2.00 -39.76
N SER E 421 -10.49 -2.36 -40.35
CA SER E 421 -10.85 -1.96 -41.70
C SER E 421 -12.03 -0.99 -41.64
N LEU E 422 -12.35 -0.41 -42.80
CA LEU E 422 -13.46 0.54 -42.88
C LEU E 422 -14.78 -0.12 -42.51
N SER E 423 -15.05 -1.29 -43.08
CA SER E 423 -16.32 -1.97 -42.82
C SER E 423 -16.41 -2.40 -41.36
N ASP E 424 -15.32 -2.94 -40.81
CA ASP E 424 -15.33 -3.40 -39.43
C ASP E 424 -15.56 -2.25 -38.46
N PHE E 425 -14.84 -1.15 -38.64
CA PHE E 425 -15.01 -0.01 -37.75
C PHE E 425 -16.40 0.62 -37.91
N THR E 426 -16.91 0.67 -39.14
CA THR E 426 -18.25 1.21 -39.35
C THR E 426 -19.31 0.36 -38.64
N GLU E 427 -19.21 -0.98 -38.78
CA GLU E 427 -20.14 -1.86 -38.08
C GLU E 427 -20.01 -1.72 -36.58
N LEU E 428 -18.78 -1.58 -36.08
CA LEU E 428 -18.55 -1.43 -34.66
C LEU E 428 -19.16 -0.13 -34.13
N VAL E 429 -19.19 0.92 -34.95
CA VAL E 429 -19.80 2.18 -34.51
C VAL E 429 -21.31 2.14 -34.37
N GLU E 430 -22.00 1.51 -35.31
CA GLU E 430 -23.46 1.43 -35.32
C GLU E 430 -24.13 0.66 -34.20
N LYS E 431 -23.41 -0.26 -33.56
CA LYS E 431 -23.98 -1.03 -32.46
C LYS E 431 -23.16 -0.83 -31.19
N VAL E 434 -20.52 -6.02 -31.07
CA VAL E 434 -20.31 -7.00 -32.10
C VAL E 434 -19.84 -8.29 -31.47
N LYS E 435 -19.94 -9.39 -32.22
CA LYS E 435 -19.54 -10.71 -31.72
C LYS E 435 -18.18 -11.16 -32.24
N ARG E 436 -17.64 -10.51 -33.27
CA ARG E 436 -16.36 -10.90 -33.83
C ARG E 436 -15.18 -10.11 -33.29
N PHE E 437 -15.42 -9.01 -32.57
CA PHE E 437 -14.36 -8.14 -32.08
C PHE E 437 -14.60 -7.81 -30.61
N PRO E 438 -14.35 -8.76 -29.71
CA PRO E 438 -14.59 -8.50 -28.28
C PRO E 438 -13.65 -7.46 -27.69
N ILE E 439 -12.34 -7.67 -27.87
CA ILE E 439 -11.34 -6.76 -27.32
C ILE E 439 -11.51 -5.36 -27.92
N GLU E 440 -11.67 -5.30 -29.25
CA GLU E 440 -11.83 -4.01 -29.91
C GLU E 440 -13.10 -3.30 -29.48
N SER E 441 -14.20 -4.05 -29.32
CA SER E 441 -15.44 -3.43 -28.87
C SER E 441 -15.31 -2.86 -27.46
N ARG E 442 -14.66 -3.61 -26.56
CA ARG E 442 -14.47 -3.07 -25.21
C ARG E 442 -13.57 -1.83 -25.22
N LEU E 443 -12.49 -1.87 -25.99
CA LEU E 443 -11.62 -0.70 -26.09
C LEU E 443 -12.37 0.50 -26.62
N PHE E 444 -13.21 0.31 -27.64
CA PHE E 444 -13.98 1.40 -28.20
C PHE E 444 -15.00 1.94 -27.19
N HIS E 445 -15.66 1.04 -26.46
CA HIS E 445 -16.61 1.50 -25.45
C HIS E 445 -15.93 2.23 -24.31
N LYS E 446 -14.62 2.02 -24.13
CA LYS E 446 -13.91 2.76 -23.09
C LYS E 446 -13.77 4.24 -23.40
N LEU E 447 -13.93 4.66 -24.66
CA LEU E 447 -13.80 6.06 -25.02
C LEU E 447 -15.01 6.86 -24.55
N SER E 448 -14.85 8.18 -24.54
CA SER E 448 -15.88 9.08 -24.05
C SER E 448 -16.99 9.28 -25.08
N THR E 449 -18.12 9.80 -24.61
CA THR E 449 -19.28 9.96 -25.48
C THR E 449 -19.09 11.12 -26.45
N ARG E 450 -18.54 12.24 -25.95
CA ARG E 450 -18.41 13.44 -26.78
C ARG E 450 -17.52 13.21 -27.99
N HIS E 451 -16.40 12.51 -27.79
CA HIS E 451 -15.47 12.25 -28.88
C HIS E 451 -16.11 11.36 -29.95
N ARG E 452 -16.84 10.33 -29.53
CA ARG E 452 -17.52 9.47 -30.49
C ARG E 452 -18.61 10.22 -31.26
N LEU E 453 -19.36 11.08 -30.56
CA LEU E 453 -20.35 11.90 -31.25
C LEU E 453 -19.70 12.83 -32.27
N ALA E 454 -18.56 13.43 -31.90
CA ALA E 454 -17.84 14.28 -32.84
C ALA E 454 -17.41 13.50 -34.07
N TYR E 455 -16.91 12.28 -33.87
CA TYR E 455 -16.55 11.43 -35.00
C TYR E 455 -17.76 11.15 -35.89
N VAL E 456 -18.90 10.83 -35.27
CA VAL E 456 -20.09 10.50 -36.04
C VAL E 456 -20.53 11.68 -36.89
N GLU E 457 -20.59 12.87 -36.28
CA GLU E 457 -21.00 14.06 -37.04
C GLU E 457 -20.00 14.39 -38.13
N ALA E 458 -18.70 14.26 -37.86
CA ALA E 458 -17.70 14.56 -38.88
C ALA E 458 -17.80 13.61 -40.06
N VAL E 459 -18.02 12.32 -39.80
CA VAL E 459 -18.02 11.34 -40.89
C VAL E 459 -19.34 11.35 -41.65
N SER E 460 -20.44 11.73 -41.00
CA SER E 460 -21.74 11.70 -41.67
C SER E 460 -21.78 12.64 -42.87
N LYS E 461 -21.18 13.81 -42.75
CA LYS E 461 -21.20 14.82 -43.81
C LYS E 461 -20.35 14.46 -45.02
N LEU E 462 -19.50 13.45 -44.96
CA LEU E 462 -18.63 13.10 -46.07
C LEU E 462 -19.41 12.44 -47.20
N PRO E 463 -19.10 12.75 -48.45
CA PRO E 463 -19.71 12.03 -49.58
C PRO E 463 -19.27 10.58 -49.58
N SER E 464 -20.26 9.68 -49.58
CA SER E 464 -20.00 8.25 -49.45
C SER E 464 -19.66 7.57 -50.77
N ASP E 465 -19.38 8.33 -51.82
CA ASP E 465 -19.07 7.76 -53.12
C ASP E 465 -17.70 8.13 -53.66
N SER E 466 -17.08 9.19 -53.14
CA SER E 466 -15.80 9.63 -53.66
C SER E 466 -14.70 8.63 -53.28
N PRO E 467 -13.62 8.56 -54.07
CA PRO E 467 -12.50 7.69 -53.71
C PRO E 467 -11.67 8.24 -52.55
N GLU E 468 -12.08 9.38 -52.01
CA GLU E 468 -11.38 10.01 -50.90
C GLU E 468 -11.97 9.67 -49.54
N PHE E 469 -13.01 8.84 -49.49
CA PHE E 469 -13.64 8.50 -48.21
C PHE E 469 -12.70 7.79 -47.24
N PRO E 470 -11.96 6.75 -47.62
CA PRO E 470 -11.09 6.08 -46.63
C PRO E 470 -10.04 7.00 -46.03
N LEU E 471 -9.48 7.92 -46.83
CA LEU E 471 -8.47 8.84 -46.32
C LEU E 471 -9.04 9.70 -45.20
N TRP E 472 -10.21 10.31 -45.44
CA TRP E 472 -10.83 11.15 -44.44
C TRP E 472 -11.24 10.33 -43.21
N GLU E 473 -11.74 9.12 -43.43
CA GLU E 473 -12.15 8.29 -42.28
C GLU E 473 -10.96 7.94 -41.40
N TYR E 474 -9.82 7.61 -42.02
CA TYR E 474 -8.62 7.35 -41.23
C TYR E 474 -8.16 8.60 -40.48
N TYR E 475 -8.23 9.76 -41.16
CA TYR E 475 -7.86 11.01 -40.49
C TYR E 475 -8.71 11.26 -39.27
N TYR E 476 -10.02 11.05 -39.38
CA TYR E 476 -10.90 11.32 -38.25
C TYR E 476 -10.76 10.27 -37.16
N ARG E 477 -10.43 9.03 -37.52
CA ARG E 477 -10.15 8.01 -36.49
C ARG E 477 -8.92 8.40 -35.68
N CYS E 478 -7.84 8.83 -36.36
CA CYS E 478 -6.66 9.29 -35.63
C CYS E 478 -6.96 10.52 -34.80
N ARG E 479 -7.80 11.42 -35.30
CA ARG E 479 -8.21 12.58 -34.52
C ARG E 479 -8.95 12.16 -33.26
N LEU E 480 -9.84 11.17 -33.38
CA LEU E 480 -10.57 10.67 -32.21
C LEU E 480 -9.60 10.12 -31.17
N LEU E 481 -8.61 9.35 -31.61
CA LEU E 481 -7.62 8.82 -30.67
C LEU E 481 -6.84 9.94 -29.98
N GLN E 482 -6.42 10.95 -30.74
CA GLN E 482 -5.65 12.04 -30.15
C GLN E 482 -6.50 12.88 -29.19
N ASP E 483 -7.77 13.12 -29.51
CA ASP E 483 -8.64 13.81 -28.58
C ASP E 483 -8.79 13.03 -27.27
N TYR E 484 -8.99 11.72 -27.37
CA TYR E 484 -9.12 10.93 -26.15
C TYR E 484 -7.84 11.01 -25.31
N ILE E 485 -6.69 10.86 -25.96
CA ILE E 485 -5.43 10.86 -25.20
C ILE E 485 -5.18 12.22 -24.57
N SER E 486 -5.49 13.30 -25.30
CA SER E 486 -5.20 14.63 -24.80
C SER E 486 -6.26 15.14 -23.81
N GLY E 487 -7.38 14.45 -23.70
CA GLY E 487 -8.43 14.91 -22.79
C GLY E 487 -8.34 14.38 -21.37
N MET E 488 -7.18 13.86 -20.98
CA MET E 488 -7.00 13.31 -19.65
C MET E 488 -6.20 14.26 -18.76
N THR E 489 -6.20 13.95 -17.47
CA THR E 489 -5.30 14.58 -16.52
C THR E 489 -4.08 13.68 -16.30
N ASP E 490 -3.09 14.20 -15.57
CA ASP E 490 -1.89 13.42 -15.29
C ASP E 490 -2.22 12.19 -14.44
N LEU E 491 -2.95 12.40 -13.35
CA LEU E 491 -3.28 11.30 -12.45
C LEU E 491 -4.19 10.28 -13.11
N TYR E 492 -5.19 10.74 -13.88
CA TYR E 492 -6.09 9.80 -14.54
C TYR E 492 -5.35 8.95 -15.56
N ALA E 493 -4.49 9.58 -16.38
CA ALA E 493 -3.73 8.82 -17.37
C ALA E 493 -2.78 7.84 -16.69
N TRP E 494 -2.12 8.25 -15.63
CA TRP E 494 -1.25 7.36 -14.91
C TRP E 494 -1.95 6.16 -14.32
N ASP E 495 -3.06 6.41 -13.67
CA ASP E 495 -3.82 5.31 -13.08
C ASP E 495 -4.38 4.38 -14.15
N GLU E 496 -4.91 4.95 -15.25
CA GLU E 496 -5.45 4.11 -16.32
C GLU E 496 -4.34 3.29 -16.97
N TYR E 497 -3.14 3.86 -17.08
CA TYR E 497 -2.01 3.11 -17.63
C TYR E 497 -1.64 1.94 -16.74
N ARG E 498 -1.64 2.09 -15.44
CA ARG E 498 -1.34 0.95 -14.61
C ARG E 498 -2.47 -0.05 -14.60
N ARG E 499 -3.70 0.38 -14.68
CA ARG E 499 -4.82 -0.56 -14.70
C ARG E 499 -4.83 -1.40 -15.98
N LEU E 500 -4.59 -0.77 -17.13
CA LEU E 500 -4.63 -1.52 -18.38
C LEU E 500 -3.43 -2.44 -18.56
N MET E 501 -2.37 -2.25 -17.78
CA MET E 501 -1.21 -3.12 -17.83
C MET E 501 -1.25 -4.23 -16.77
N ALA E 502 -2.35 -4.36 -16.04
CA ALA E 502 -2.52 -5.41 -15.03
C ALA E 502 -1.47 -5.30 -13.92
N VAL E 503 -1.00 -4.09 -13.65
CA VAL E 503 -0.05 -3.88 -12.56
C VAL E 503 -0.79 -3.67 -11.24
N GLU E 504 -1.91 -2.96 -11.27
CA GLU E 504 -2.76 -2.80 -10.10
C GLU E 504 -4.18 -3.23 -10.45
N GLN E 505 -4.92 -3.64 -9.43
CA GLN E 505 -6.29 -4.09 -9.62
C GLN E 505 -7.20 -2.93 -10.02
N GLN F 3 51.61 -1.03 44.00
CA GLN F 3 52.35 -1.85 43.04
C GLN F 3 51.44 -2.11 41.84
N ILE F 4 51.99 -1.95 40.65
CA ILE F 4 51.26 -2.18 39.40
C ILE F 4 51.69 -3.53 38.84
N ASP F 5 50.72 -4.42 38.64
CA ASP F 5 50.99 -5.74 38.08
C ASP F 5 49.72 -6.16 37.34
N PHE F 6 49.75 -6.08 36.01
CA PHE F 6 48.57 -6.37 35.21
C PHE F 6 48.24 -7.86 35.13
N ARG F 7 49.04 -8.72 35.76
CA ARG F 7 48.67 -10.13 35.84
C ARG F 7 47.58 -10.39 36.86
N LYS F 8 47.38 -9.48 37.82
CA LYS F 8 46.31 -9.59 38.79
C LYS F 8 44.98 -9.03 38.28
N LYS F 9 44.97 -8.43 37.09
CA LYS F 9 43.76 -7.84 36.54
C LYS F 9 43.25 -8.54 35.28
N ILE F 10 44.13 -9.14 34.48
CA ILE F 10 43.74 -9.85 33.27
C ILE F 10 43.51 -11.30 33.68
N ASN F 11 42.26 -11.63 33.99
CA ASN F 11 41.88 -12.95 34.46
C ASN F 11 41.19 -13.70 33.32
N TRP F 12 41.71 -14.89 33.00
CA TRP F 12 41.18 -15.70 31.91
C TRP F 12 40.31 -16.85 32.41
N HIS F 13 39.99 -16.85 33.71
CA HIS F 13 39.09 -17.86 34.25
C HIS F 13 37.65 -17.55 33.83
N ARG F 14 36.79 -18.56 34.00
CA ARG F 14 35.39 -18.46 33.61
C ARG F 14 34.52 -18.84 34.79
N ARG F 15 33.23 -18.53 34.67
CA ARG F 15 32.26 -18.88 35.70
C ARG F 15 31.90 -20.36 35.65
N TYR F 16 31.82 -20.94 34.46
CA TYR F 16 31.44 -22.33 34.28
C TYR F 16 32.52 -23.04 33.48
N ARG F 17 32.92 -24.23 33.93
CA ARG F 17 33.91 -25.07 33.25
C ARG F 17 35.20 -24.29 32.99
N SER F 18 35.68 -23.63 34.05
CA SER F 18 36.82 -22.74 33.91
C SER F 18 38.09 -23.54 33.63
N PRO F 19 38.99 -23.00 32.79
CA PRO F 19 40.28 -23.65 32.55
C PRO F 19 41.23 -23.42 33.72
N GLN F 20 41.49 -24.48 34.46
CA GLN F 20 42.37 -24.40 35.63
C GLN F 20 43.78 -24.84 35.27
N GLY F 21 44.71 -24.59 36.20
CA GLY F 21 46.09 -24.97 36.03
C GLY F 21 46.94 -23.85 35.45
N VAL F 22 48.13 -24.23 35.02
CA VAL F 22 49.10 -23.29 34.45
C VAL F 22 48.93 -23.28 32.93
N LYS F 23 49.25 -22.14 32.32
CA LYS F 23 49.14 -21.98 30.88
C LYS F 23 50.22 -21.04 30.39
N THR F 24 50.55 -21.16 29.12
CA THR F 24 51.54 -20.33 28.46
C THR F 24 50.86 -19.20 27.70
N GLU F 25 51.67 -18.43 26.96
CA GLU F 25 51.13 -17.32 26.19
C GLU F 25 50.18 -17.80 25.11
N HIS F 26 50.53 -18.90 24.44
CA HIS F 26 49.72 -19.38 23.32
C HIS F 26 48.34 -19.82 23.78
N GLU F 27 48.25 -20.54 24.91
CA GLU F 27 46.96 -20.98 25.40
C GLU F 27 46.08 -19.80 25.79
N ILE F 28 46.67 -18.79 26.44
CA ILE F 28 45.92 -17.59 26.82
C ILE F 28 45.40 -16.87 25.57
N LEU F 29 46.26 -16.74 24.56
CA LEU F 29 45.84 -16.10 23.32
C LEU F 29 44.71 -16.87 22.66
N ARG F 30 44.78 -18.20 22.69
CA ARG F 30 43.69 -19.01 22.14
C ARG F 30 42.41 -18.83 22.92
N ILE F 31 42.50 -18.70 24.25
CA ILE F 31 41.31 -18.45 25.06
C ILE F 31 40.64 -17.15 24.63
N PHE F 32 41.43 -16.08 24.48
CA PHE F 32 40.83 -14.80 24.14
C PHE F 32 40.33 -14.78 22.70
N GLU F 33 40.99 -15.50 21.78
CA GLU F 33 40.46 -15.66 20.44
C GLU F 33 39.12 -16.39 20.45
N SER F 34 38.99 -17.41 21.30
CA SER F 34 37.71 -18.10 21.44
C SER F 34 36.64 -17.15 21.95
N ASP F 35 36.98 -16.30 22.92
CA ASP F 35 36.02 -15.32 23.42
C ASP F 35 35.57 -14.38 22.30
N ARG F 36 36.51 -13.93 21.48
CA ARG F 36 36.15 -13.13 20.31
C ARG F 36 35.19 -13.90 19.40
N GLY F 37 35.45 -15.19 19.22
CA GLY F 37 34.57 -16.02 18.41
C GLY F 37 33.15 -16.10 18.96
N ARG F 38 33.00 -16.11 20.26
CA ARG F 38 31.66 -16.15 20.78
C ARG F 38 31.01 -14.80 20.63
N ILE F 39 31.76 -13.72 20.82
CA ILE F 39 31.13 -12.41 20.78
C ILE F 39 30.69 -12.04 19.37
N ILE F 40 31.56 -12.28 18.37
CA ILE F 40 31.27 -11.77 17.03
C ILE F 40 30.07 -12.49 16.41
N ASN F 41 29.90 -13.78 16.69
CA ASN F 41 28.87 -14.59 16.04
C ASN F 41 27.60 -14.67 16.87
N SER F 42 27.23 -13.59 17.59
CA SER F 42 26.07 -13.59 18.45
C SER F 42 24.89 -12.89 17.79
N PRO F 43 23.65 -13.30 18.11
CA PRO F 43 22.48 -12.62 17.55
C PRO F 43 22.36 -11.16 17.96
N ALA F 44 22.99 -10.75 19.07
CA ALA F 44 22.92 -9.36 19.49
C ALA F 44 23.56 -8.42 18.46
N ILE F 45 24.67 -8.85 17.86
CA ILE F 45 25.32 -8.03 16.84
C ILE F 45 24.43 -7.90 15.60
N ARG F 46 23.82 -9.00 15.17
CA ARG F 46 22.92 -8.94 14.03
C ARG F 46 21.67 -8.10 14.34
N ARG F 47 21.30 -8.02 15.62
CA ARG F 47 20.24 -7.09 16.01
C ARG F 47 20.73 -5.65 15.93
N LEU F 48 21.98 -5.41 16.32
CA LEU F 48 22.57 -4.08 16.13
C LEU F 48 22.56 -3.68 14.67
N GLN F 49 22.62 -4.66 13.77
CA GLN F 49 22.63 -4.37 12.33
C GLN F 49 21.43 -3.53 11.90
N GLN F 50 20.29 -3.63 12.59
CA GLN F 50 19.07 -2.96 12.18
C GLN F 50 18.48 -2.09 13.29
N LYS F 51 19.32 -1.28 13.92
CA LYS F 51 18.88 -0.24 14.84
C LYS F 51 19.46 1.10 14.39
N THR F 52 18.65 2.15 14.50
CA THR F 52 19.02 3.44 13.97
C THR F 52 19.97 4.18 14.89
N GLN F 53 20.84 5.00 14.29
CA GLN F 53 21.77 5.84 15.04
C GLN F 53 21.25 7.27 15.17
N VAL F 54 21.02 7.95 14.04
CA VAL F 54 20.45 9.28 14.03
C VAL F 54 19.25 9.33 13.11
N PHE F 55 19.46 8.96 11.83
CA PHE F 55 18.43 9.05 10.79
C PHE F 55 17.69 7.73 10.64
N PRO F 56 16.44 7.80 10.17
CA PRO F 56 15.67 6.56 9.97
C PRO F 56 16.32 5.66 8.92
N LEU F 57 16.10 4.35 9.09
CA LEU F 57 16.71 3.36 8.21
C LEU F 57 16.00 3.38 6.86
N GLU F 58 16.73 3.68 5.80
CA GLU F 58 16.16 3.75 4.46
C GLU F 58 16.13 2.38 3.80
N ALA F 61 19.44 4.92 1.28
CA ALA F 61 20.77 5.52 1.21
C ALA F 61 21.77 4.70 2.01
N ALA F 62 22.97 5.26 2.21
CA ALA F 62 24.04 4.58 2.94
C ALA F 62 24.24 5.16 4.33
N VAL F 63 23.15 5.50 5.03
CA VAL F 63 23.28 5.99 6.40
C VAL F 63 23.79 4.87 7.30
N ARG F 64 24.35 5.27 8.43
CA ARG F 64 24.94 4.37 9.41
C ARG F 64 23.99 3.76 10.41
N THR F 65 24.26 2.51 10.78
CA THR F 65 23.51 1.82 11.82
C THR F 65 24.36 1.77 13.08
N ARG F 66 23.90 1.01 14.08
CA ARG F 66 24.69 0.83 15.29
C ARG F 66 26.00 0.09 14.99
N LEU F 67 25.95 -0.86 14.05
CA LEU F 67 27.08 -1.75 13.81
C LEU F 67 28.26 -1.00 13.20
N THR F 68 28.00 -0.17 12.20
CA THR F 68 29.08 0.59 11.57
C THR F 68 29.71 1.58 12.54
N HIS F 69 28.92 2.18 13.41
CA HIS F 69 29.46 3.05 14.45
C HIS F 69 30.32 2.27 15.44
N SER F 70 29.87 1.07 15.80
CA SER F 70 30.67 0.22 16.68
C SER F 70 32.01 -0.14 16.04
N MET F 71 32.03 -0.21 14.71
CA MET F 71 33.22 -0.52 13.95
C MET F 71 34.25 0.61 13.92
N GLU F 72 33.82 1.84 14.07
CA GLU F 72 34.69 3.00 14.25
C GLU F 72 35.19 3.08 15.69
N VAL F 73 34.30 2.82 16.65
CA VAL F 73 34.72 2.84 18.05
C VAL F 73 35.79 1.78 18.29
N GLN F 74 35.60 0.60 17.70
CA GLN F 74 36.59 -0.47 17.83
C GLN F 74 37.94 -0.06 17.27
N GLN F 75 37.95 0.57 16.09
CA GLN F 75 39.20 1.00 15.48
C GLN F 75 39.92 2.03 16.35
N VAL F 76 39.18 3.02 16.85
CA VAL F 76 39.79 4.05 17.68
C VAL F 76 40.37 3.44 18.96
N GLY F 77 39.61 2.54 19.60
CA GLY F 77 40.10 1.90 20.81
C GLY F 77 41.37 1.10 20.57
N ARG F 78 41.43 0.38 19.47
CA ARG F 78 42.60 -0.41 19.16
C ARG F 78 43.79 0.47 18.89
N TYR F 79 43.59 1.60 18.23
CA TYR F 79 44.71 2.48 17.92
C TYR F 79 45.24 3.13 19.20
N ILE F 80 44.36 3.52 20.11
CA ILE F 80 44.79 4.10 21.38
C ILE F 80 45.55 3.06 22.22
N ALA F 81 45.05 1.82 22.25
CA ALA F 81 45.73 0.77 23.00
C ALA F 81 47.13 0.52 22.45
N LYS F 82 47.25 0.48 21.12
CA LYS F 82 48.57 0.28 20.51
C LYS F 82 49.51 1.44 20.83
N GLU F 83 49.01 2.68 20.80
CA GLU F 83 49.85 3.81 21.16
C GLU F 83 50.33 3.72 22.60
N ILE F 84 49.44 3.33 23.52
CA ILE F 84 49.81 3.19 24.93
C ILE F 84 50.89 2.13 25.09
N LEU F 85 50.71 0.98 24.43
CA LEU F 85 51.69 -0.09 24.54
C LEU F 85 53.04 0.33 23.98
N SER F 86 53.04 1.02 22.83
CA SER F 86 54.30 1.47 22.25
C SER F 86 55.02 2.47 23.17
N ARG F 87 54.28 3.43 23.72
CA ARG F 87 54.91 4.41 24.60
C ARG F 87 55.43 3.76 25.88
N LEU F 88 54.72 2.77 26.41
CA LEU F 88 55.24 2.05 27.58
C LEU F 88 56.48 1.23 27.23
N LYS F 89 56.51 0.63 26.05
CA LYS F 89 57.68 -0.16 25.64
C LYS F 89 58.90 0.73 25.43
N GLU F 90 58.69 1.96 24.95
CA GLU F 90 59.82 2.87 24.71
C GLU F 90 60.52 3.21 26.02
N LEU F 91 59.76 3.42 27.09
CA LEU F 91 60.31 3.84 28.38
C LEU F 91 60.81 2.67 29.23
N LYS F 92 60.81 1.45 28.69
CA LYS F 92 61.32 0.27 29.39
C LYS F 92 60.55 -0.01 30.68
N LEU F 93 59.24 0.25 30.66
CA LEU F 93 58.36 -0.07 31.77
C LEU F 93 57.40 -1.20 31.44
N LEU F 94 57.50 -1.82 30.26
CA LEU F 94 56.57 -2.85 29.88
C LEU F 94 56.74 -4.11 30.71
N GLU F 95 57.98 -4.53 30.95
CA GLU F 95 58.26 -5.72 31.73
C GLU F 95 58.08 -5.52 33.23
N ALA F 96 58.27 -4.29 33.72
CA ALA F 96 58.09 -4.00 35.13
C ALA F 96 56.62 -3.90 35.53
N TYR F 97 55.71 -3.76 34.57
CA TYR F 97 54.28 -3.66 34.84
C TYR F 97 53.54 -4.95 34.59
N GLY F 98 54.23 -6.03 34.25
CA GLY F 98 53.59 -7.31 34.03
C GLY F 98 52.90 -7.48 32.70
N LEU F 99 53.17 -6.60 31.74
CA LEU F 99 52.51 -6.63 30.44
C LEU F 99 53.37 -7.25 29.35
N ASP F 100 54.47 -7.90 29.71
CA ASP F 100 55.39 -8.43 28.71
C ASP F 100 54.74 -9.48 27.84
N GLU F 101 53.93 -10.37 28.44
CA GLU F 101 53.29 -11.45 27.71
C GLU F 101 51.77 -11.30 27.67
N LEU F 102 51.26 -10.06 27.67
CA LEU F 102 49.82 -9.83 27.73
C LEU F 102 49.38 -8.68 26.82
N THR F 103 50.12 -8.40 25.74
CA THR F 103 49.74 -7.31 24.86
C THR F 103 48.54 -7.69 23.99
N GLY F 104 48.53 -8.91 23.46
CA GLY F 104 47.43 -9.39 22.65
C GLY F 104 46.11 -9.41 23.39
N PRO F 105 46.09 -10.00 24.59
CA PRO F 105 44.87 -9.90 25.41
C PRO F 105 44.45 -8.47 25.71
N PHE F 106 45.41 -7.58 25.96
CA PHE F 106 45.12 -6.17 26.18
C PHE F 106 44.31 -5.60 25.01
N GLU F 107 44.87 -5.67 23.81
CA GLU F 107 44.22 -5.10 22.64
C GLU F 107 42.88 -5.78 22.36
N SER F 108 42.84 -7.11 22.49
CA SER F 108 41.60 -7.83 22.22
C SER F 108 40.49 -7.44 23.19
N ILE F 109 40.81 -7.31 24.47
CA ILE F 109 39.82 -6.92 25.46
C ILE F 109 39.30 -5.52 25.17
N VAL F 110 40.20 -4.59 24.84
CA VAL F 110 39.74 -3.23 24.53
C VAL F 110 38.83 -3.23 23.31
N GLU F 111 39.22 -3.94 22.26
CA GLU F 111 38.40 -3.98 21.05
C GLU F 111 37.03 -4.57 21.32
N MET F 112 36.98 -5.70 22.05
CA MET F 112 35.70 -6.35 22.29
C MET F 112 34.82 -5.53 23.22
N SER F 113 35.41 -4.81 24.18
CA SER F 113 34.61 -3.90 24.99
C SER F 113 34.02 -2.78 24.14
N CYS F 114 34.81 -2.26 23.19
CA CYS F 114 34.27 -1.22 22.30
C CYS F 114 33.17 -1.77 21.40
N LEU F 115 33.22 -3.05 21.05
CA LEU F 115 32.21 -3.61 20.17
C LEU F 115 30.88 -3.83 20.89
N MET F 116 30.92 -4.07 22.20
CA MET F 116 29.72 -4.40 22.97
C MET F 116 29.12 -3.21 23.71
N HIS F 117 29.46 -1.98 23.31
CA HIS F 117 28.94 -0.81 24.00
C HIS F 117 27.43 -0.65 23.84
N ASP F 118 26.89 -0.94 22.66
CA ASP F 118 25.49 -0.65 22.36
C ASP F 118 24.63 -1.91 22.34
N ILE F 119 25.09 -2.97 23.02
CA ILE F 119 24.38 -4.23 22.99
C ILE F 119 23.05 -4.18 23.73
N GLY F 120 22.91 -3.30 24.72
CA GLY F 120 21.76 -3.30 25.60
C GLY F 120 20.79 -2.15 25.51
N ASN F 121 20.91 -1.28 24.51
CA ASN F 121 19.96 -0.19 24.38
C ASN F 121 18.62 -0.71 23.86
N PRO F 122 17.52 -0.11 24.29
CA PRO F 122 16.20 -0.50 23.79
C PRO F 122 15.95 0.11 22.43
N PRO F 123 14.89 -0.32 21.74
CA PRO F 123 14.52 0.34 20.48
C PRO F 123 14.24 1.82 20.70
N PHE F 124 14.66 2.63 19.72
CA PHE F 124 14.53 4.09 19.67
C PHE F 124 15.45 4.80 20.65
N GLY F 125 16.26 4.09 21.41
CA GLY F 125 17.35 4.73 22.15
C GLY F 125 16.87 5.44 23.38
N HIS F 126 17.26 6.70 23.45
CA HIS F 126 16.98 7.58 24.55
C HIS F 126 15.52 7.81 24.77
N PHE F 127 14.71 7.60 23.75
CA PHE F 127 13.30 7.80 23.91
C PHE F 127 12.55 6.55 24.29
N GLY F 128 13.23 5.41 24.22
CA GLY F 128 12.68 4.14 24.64
C GLY F 128 12.84 4.02 26.15
N GLU F 129 14.01 4.33 26.66
CA GLU F 129 14.32 4.31 28.08
C GLU F 129 13.41 5.28 28.84
N ALA F 130 13.23 6.47 28.28
CA ALA F 130 12.34 7.45 28.91
C ALA F 130 10.92 6.89 29.05
N ALA F 131 10.41 6.27 28.00
CA ALA F 131 9.05 5.74 28.02
C ALA F 131 8.90 4.64 29.07
N ILE F 132 9.86 3.71 29.11
CA ILE F 132 9.79 2.64 30.11
C ILE F 132 9.83 3.23 31.51
N ASN F 133 10.74 4.18 31.74
CA ASN F 133 10.88 4.78 33.05
C ASN F 133 9.60 5.49 33.49
N ASP F 134 8.98 6.27 32.59
CA ASP F 134 7.76 6.98 32.97
C ASP F 134 6.60 6.02 33.22
N TRP F 135 6.46 4.99 32.39
CA TRP F 135 5.39 4.02 32.61
C TRP F 135 5.52 3.36 33.98
N PHE F 136 6.72 2.87 34.30
CA PHE F 136 6.88 2.19 35.58
C PHE F 136 6.84 3.15 36.75
N ARG F 137 7.24 4.41 36.55
CA ARG F 137 7.11 5.41 37.60
C ARG F 137 5.65 5.70 37.92
N GLN F 138 4.82 5.77 36.88
CA GLN F 138 3.38 5.93 37.11
C GLN F 138 2.81 4.72 37.84
N ARG F 139 3.26 3.53 37.48
CA ARG F 139 2.71 2.33 38.11
C ARG F 139 3.16 2.17 39.57
N LEU F 140 4.39 2.57 39.90
CA LEU F 140 4.96 2.24 41.20
C LEU F 140 5.11 3.42 42.15
N HIS F 141 5.34 4.63 41.64
CA HIS F 141 5.54 5.83 42.46
C HIS F 141 6.61 5.61 43.52
N PRO F 142 7.89 5.57 43.13
CA PRO F 142 8.94 5.26 44.11
C PRO F 142 9.22 6.38 45.11
N GLU F 143 8.77 7.61 44.84
CA GLU F 143 9.07 8.73 45.73
C GLU F 143 8.31 8.68 47.04
N ASP F 144 7.34 7.78 47.18
CA ASP F 144 6.50 7.70 48.37
C ASP F 144 7.00 6.67 49.38
N ALA F 145 8.19 6.11 49.16
CA ALA F 145 8.73 5.09 50.06
C ALA F 145 10.02 5.55 50.72
N GLU F 146 10.39 6.82 50.57
CA GLU F 146 11.68 7.32 51.06
C GLU F 146 11.75 7.41 52.57
N SER F 147 10.64 7.26 53.28
CA SER F 147 10.61 7.54 54.71
C SER F 147 9.59 6.59 55.37
N GLN F 148 9.15 6.94 56.58
CA GLN F 148 8.23 6.10 57.32
C GLN F 148 6.91 5.94 56.56
N PRO F 149 6.19 4.84 56.80
CA PRO F 149 4.97 4.57 56.03
C PRO F 149 3.99 5.72 56.09
N LEU F 150 3.33 5.95 54.96
CA LEU F 150 2.32 6.98 54.80
C LEU F 150 0.95 6.35 54.66
N THR F 151 -0.08 7.19 54.74
CA THR F 151 -1.45 6.78 54.48
C THR F 151 -1.88 7.06 53.04
N ASP F 152 -1.16 7.94 52.34
CA ASP F 152 -1.48 8.31 50.96
C ASP F 152 -0.58 7.61 49.96
N ASP F 153 -0.21 6.35 50.21
CA ASP F 153 0.64 5.60 49.30
C ASP F 153 -0.07 5.40 47.97
N ARG F 154 0.51 5.93 46.90
CA ARG F 154 -0.12 5.89 45.58
C ARG F 154 0.23 4.65 44.78
N CYS F 155 0.94 3.69 45.36
CA CYS F 155 1.33 2.48 44.63
C CYS F 155 0.09 1.69 44.25
N SER F 156 0.12 1.09 43.06
CA SER F 156 -0.99 0.32 42.53
C SER F 156 -0.89 -1.17 42.82
N VAL F 157 0.16 -1.61 43.53
CA VAL F 157 0.36 -3.02 43.85
C VAL F 157 0.18 -3.19 45.35
N ALA F 158 -0.67 -4.15 45.73
CA ALA F 158 -0.97 -4.35 47.15
C ALA F 158 0.26 -4.82 47.92
N ALA F 159 1.05 -5.71 47.31
CA ALA F 159 2.20 -6.29 47.99
C ALA F 159 3.39 -5.34 48.10
N LEU F 160 3.40 -4.25 47.32
CA LEU F 160 4.52 -3.30 47.33
C LEU F 160 4.21 -2.06 48.16
N ARG F 161 3.06 -1.99 48.81
CA ARG F 161 2.72 -0.86 49.66
C ARG F 161 3.46 -0.95 50.98
N LEU F 162 3.81 0.20 51.53
CA LEU F 162 4.55 0.26 52.78
C LEU F 162 3.57 0.33 53.91
N ARG F 163 3.24 -0.84 54.44
CA ARG F 163 2.27 -0.95 55.50
C ARG F 163 2.91 -0.91 56.88
N ASP F 164 2.84 0.24 57.52
CA ASP F 164 3.40 0.49 58.85
C ASP F 164 3.21 -0.63 59.86
N GLY F 165 4.28 -0.96 60.57
CA GLY F 165 4.25 -2.00 61.57
C GLY F 165 5.13 -3.16 61.24
N GLU F 166 6.03 -2.96 60.28
CA GLU F 166 6.93 -4.01 59.87
C GLU F 166 8.13 -3.38 59.16
N GLU F 167 9.29 -3.39 59.82
CA GLU F 167 10.46 -2.76 59.22
C GLU F 167 11.43 -3.65 58.44
N PRO F 168 11.40 -4.96 58.64
CA PRO F 168 12.33 -5.76 57.85
C PRO F 168 11.87 -5.94 56.40
N LEU F 169 10.56 -5.98 56.18
CA LEU F 169 10.02 -6.18 54.83
C LEU F 169 9.95 -4.89 54.06
N ASN F 170 9.96 -3.77 54.75
CA ASN F 170 9.88 -2.50 54.09
C ASN F 170 11.11 -2.16 53.30
N GLU F 171 12.26 -2.52 53.83
CA GLU F 171 13.52 -2.21 53.18
C GLU F 171 13.53 -2.82 51.82
N LEU F 172 12.97 -4.01 51.71
CA LEU F 172 12.96 -4.73 50.43
C LEU F 172 12.02 -4.08 49.43
N ARG F 173 10.85 -3.62 49.88
CA ARG F 173 9.91 -2.94 49.00
C ARG F 173 10.53 -1.65 48.46
N ARG F 174 11.18 -0.88 49.32
CA ARG F 174 11.88 0.33 48.89
C ARG F 174 12.90 0.02 47.81
N LYS F 175 13.72 -1.00 48.03
CA LYS F 175 14.75 -1.36 47.06
C LYS F 175 14.14 -1.74 45.72
N ILE F 176 13.12 -2.60 45.74
CA ILE F 176 12.51 -3.07 44.50
C ILE F 176 11.85 -1.92 43.75
N ARG F 177 11.12 -1.08 44.47
CA ARG F 177 10.41 0.03 43.83
C ARG F 177 11.37 1.03 43.23
N GLN F 178 12.50 1.30 43.89
CA GLN F 178 13.47 2.23 43.30
C GLN F 178 14.20 1.59 42.12
N ASP F 179 14.49 0.28 42.20
CA ASP F 179 15.24 -0.36 41.13
C ASP F 179 14.41 -0.45 39.85
N LEU F 180 13.11 -0.75 39.97
CA LEU F 180 12.31 -1.02 38.78
C LEU F 180 12.13 0.21 37.87
N CYS F 181 12.45 1.42 38.35
CA CYS F 181 12.27 2.63 37.57
C CYS F 181 13.59 3.23 37.08
N HIS F 182 14.65 2.43 37.02
CA HIS F 182 15.97 2.87 36.58
C HIS F 182 16.55 1.92 35.55
N PHE F 183 15.75 1.58 34.53
CA PHE F 183 16.29 0.88 33.37
C PHE F 183 17.42 1.69 32.74
N GLU F 184 18.52 1.01 32.43
CA GLU F 184 19.68 1.65 31.82
C GLU F 184 20.33 0.66 30.88
N GLY F 185 20.94 1.18 29.81
CA GLY F 185 21.44 0.31 28.76
C GLY F 185 22.57 -0.61 29.18
N ASN F 186 23.51 -0.08 29.96
CA ASN F 186 24.68 -0.87 30.35
C ASN F 186 24.34 -1.98 31.33
N ALA F 187 23.45 -1.70 32.29
CA ALA F 187 23.00 -2.74 33.20
C ALA F 187 22.29 -3.86 32.45
N GLN F 188 21.43 -3.49 31.50
CA GLN F 188 20.77 -4.49 30.68
C GLN F 188 21.76 -5.25 29.81
N GLY F 189 22.84 -4.60 29.37
CA GLY F 189 23.87 -5.29 28.62
C GLY F 189 24.59 -6.35 29.45
N ILE F 190 24.90 -6.01 30.70
CA ILE F 190 25.51 -6.98 31.60
C ILE F 190 24.56 -8.15 31.83
N ARG F 191 23.29 -7.85 32.10
CA ARG F 191 22.30 -8.91 32.30
C ARG F 191 22.17 -9.79 31.06
N LEU F 192 22.18 -9.19 29.89
CA LEU F 192 22.06 -9.94 28.63
C LEU F 192 23.27 -10.84 28.42
N VAL F 193 24.47 -10.33 28.66
CA VAL F 193 25.67 -11.12 28.44
C VAL F 193 25.75 -12.28 29.43
N HIS F 194 25.33 -12.07 30.67
CA HIS F 194 25.45 -13.15 31.64
C HIS F 194 24.24 -14.09 31.65
N THR F 195 23.04 -13.55 31.89
CA THR F 195 21.88 -14.38 32.18
C THR F 195 21.13 -14.85 30.94
N LEU F 196 20.82 -13.93 30.02
CA LEU F 196 19.91 -14.24 28.92
C LEU F 196 20.56 -15.03 27.79
N MET F 197 21.77 -14.66 27.37
CA MET F 197 22.44 -15.33 26.28
C MET F 197 23.33 -16.49 26.73
N ARG F 198 23.88 -16.42 27.94
CA ARG F 198 24.76 -17.44 28.49
C ARG F 198 25.97 -17.68 27.57
N MET F 199 26.76 -16.61 27.41
CA MET F 199 27.94 -16.67 26.55
C MET F 199 29.18 -17.19 27.28
N ASN F 200 29.21 -17.09 28.62
CA ASN F 200 30.32 -17.59 29.43
C ASN F 200 31.64 -16.95 29.03
N LEU F 201 31.69 -15.63 29.20
CA LEU F 201 32.90 -14.87 28.91
C LEU F 201 33.84 -14.88 30.10
N THR F 202 35.10 -14.51 29.84
CA THR F 202 36.09 -14.40 30.89
C THR F 202 35.77 -13.22 31.81
N TRP F 203 36.40 -13.22 32.98
CA TRP F 203 36.12 -12.18 33.97
C TRP F 203 36.55 -10.81 33.47
N ALA F 204 37.71 -10.72 32.81
CA ALA F 204 38.18 -9.43 32.32
C ALA F 204 37.27 -8.87 31.23
N GLN F 205 36.77 -9.74 30.34
CA GLN F 205 35.87 -9.27 29.29
C GLN F 205 34.58 -8.72 29.88
N VAL F 206 34.03 -9.38 30.90
CA VAL F 206 32.82 -8.88 31.54
C VAL F 206 33.11 -7.59 32.29
N GLY F 207 34.28 -7.48 32.93
CA GLY F 207 34.61 -6.26 33.65
C GLY F 207 34.85 -5.08 32.73
N GLY F 208 35.24 -5.36 31.47
CA GLY F 208 35.49 -4.29 30.52
C GLY F 208 34.24 -3.53 30.11
N ILE F 209 33.06 -4.11 30.33
CA ILE F 209 31.81 -3.46 29.96
C ILE F 209 31.05 -2.91 31.16
N LEU F 210 31.67 -2.88 32.33
CA LEU F 210 31.09 -2.25 33.52
C LEU F 210 31.57 -0.80 33.52
N LYS F 211 30.70 0.10 33.06
CA LYS F 211 31.10 1.50 32.85
C LYS F 211 30.89 2.35 34.09
N TYR F 212 29.74 2.22 34.74
CA TYR F 212 29.42 2.97 35.93
C TYR F 212 29.12 2.02 37.09
N THR F 213 29.29 2.52 38.31
CA THR F 213 29.31 1.67 39.50
C THR F 213 28.15 1.94 40.46
N ARG F 214 27.23 2.84 40.12
CA ARG F 214 26.15 3.12 41.06
C ARG F 214 25.08 2.03 40.99
N PRO F 215 24.70 1.42 42.10
CA PRO F 215 23.60 0.46 42.08
C PRO F 215 22.29 1.12 41.70
N ALA F 216 21.42 0.35 41.04
CA ALA F 216 20.15 0.89 40.58
C ALA F 216 19.20 1.22 41.72
N TRP F 217 19.32 0.55 42.87
CA TRP F 217 18.45 0.78 44.01
C TRP F 217 18.99 1.86 44.95
N TRP F 218 19.93 2.68 44.50
CA TRP F 218 20.52 3.69 45.35
C TRP F 218 19.55 4.84 45.60
N ARG F 219 19.48 5.27 46.86
CA ARG F 219 18.72 6.45 47.26
C ARG F 219 19.63 7.40 48.02
N GLY F 220 19.61 8.66 47.63
CA GLY F 220 20.33 9.69 48.36
C GLY F 220 21.53 10.23 47.60
N GLU F 221 22.44 10.83 48.35
CA GLU F 221 23.64 11.43 47.80
C GLU F 221 24.78 10.41 47.77
N THR F 222 25.64 10.56 46.78
CA THR F 222 26.82 9.72 46.59
C THR F 222 28.03 10.39 47.22
N PRO F 223 29.03 9.60 47.62
CA PRO F 223 30.23 10.20 48.23
C PRO F 223 30.93 11.14 47.28
N GLU F 224 31.53 12.20 47.84
CA GLU F 224 32.20 13.21 47.03
C GLU F 224 33.43 12.65 46.33
N THR F 225 33.94 11.50 46.75
CA THR F 225 35.09 10.89 46.13
C THR F 225 34.71 9.94 44.98
N HIS F 226 33.43 9.83 44.67
CA HIS F 226 32.98 8.97 43.58
C HIS F 226 31.89 9.62 42.73
N HIS F 227 31.75 10.94 42.76
CA HIS F 227 30.58 11.58 42.14
C HIS F 227 30.56 11.44 40.63
N TYR F 228 31.70 11.17 39.99
CA TYR F 228 31.70 10.96 38.56
C TYR F 228 31.51 9.49 38.19
N LEU F 229 32.11 8.58 38.96
CA LEU F 229 31.97 7.16 38.67
C LEU F 229 30.59 6.62 39.01
N MET F 230 29.75 7.43 39.67
CA MET F 230 28.42 7.02 40.08
C MET F 230 27.36 8.00 39.61
N LYS F 231 27.49 8.48 38.37
CA LYS F 231 26.50 9.42 37.85
C LYS F 231 25.34 8.71 37.16
N LYS F 232 25.52 7.44 36.82
CA LYS F 232 24.48 6.64 36.19
C LYS F 232 24.37 5.29 36.88
N PRO F 233 23.22 4.62 36.81
CA PRO F 233 23.13 3.25 37.33
C PRO F 233 24.08 2.32 36.61
N GLY F 234 24.63 1.37 37.34
CA GLY F 234 25.61 0.46 36.78
C GLY F 234 25.12 -0.96 36.64
N TYR F 235 24.32 -1.44 37.58
CA TYR F 235 23.82 -2.81 37.53
C TYR F 235 22.52 -2.89 38.33
N TYR F 236 21.78 -3.96 38.07
CA TYR F 236 20.48 -4.18 38.70
C TYR F 236 20.63 -4.98 39.98
N LEU F 237 19.50 -5.19 40.67
CA LEU F 237 19.49 -5.94 41.92
C LEU F 237 19.61 -7.45 41.70
N SER F 238 19.20 -7.94 40.54
CA SER F 238 19.28 -9.37 40.25
C SER F 238 20.68 -9.84 39.93
N GLU F 239 21.64 -8.92 39.73
CA GLU F 239 23.02 -9.28 39.43
C GLU F 239 23.96 -9.02 40.59
N GLU F 240 23.45 -8.52 41.72
CA GLU F 240 24.31 -8.08 42.82
C GLU F 240 25.31 -9.16 43.20
N ALA F 241 24.81 -10.36 43.54
CA ALA F 241 25.69 -11.46 43.90
C ALA F 241 26.76 -11.67 42.84
N TYR F 242 26.34 -11.75 41.58
CA TYR F 242 27.30 -11.90 40.49
C TYR F 242 28.38 -10.85 40.57
N ILE F 243 27.98 -9.58 40.67
CA ILE F 243 28.95 -8.50 40.68
C ILE F 243 29.91 -8.68 41.84
N ALA F 244 29.40 -9.12 42.99
CA ALA F 244 30.27 -9.35 44.15
C ALA F 244 31.41 -10.27 43.77
N ARG F 245 31.10 -11.43 43.18
CA ARG F 245 32.15 -12.36 42.82
C ARG F 245 33.09 -11.73 41.81
N LEU F 246 32.55 -10.93 40.88
CA LEU F 246 33.40 -10.27 39.90
C LEU F 246 34.48 -9.45 40.59
N ARG F 247 34.11 -8.73 41.65
CA ARG F 247 35.11 -7.94 42.37
C ARG F 247 36.18 -8.85 42.97
N LYS F 248 35.76 -9.97 43.57
CA LYS F 248 36.75 -10.90 44.13
C LYS F 248 37.66 -11.46 43.06
N GLU F 249 37.20 -11.49 41.80
CA GLU F 249 38.04 -12.01 40.74
C GLU F 249 38.96 -10.97 40.13
N LEU F 250 38.74 -9.68 40.43
CA LEU F 250 39.54 -8.62 39.83
C LEU F 250 40.14 -7.66 40.86
N ASN F 251 40.05 -7.99 42.14
CA ASN F 251 40.61 -7.17 43.22
C ASN F 251 40.12 -5.73 43.14
N LEU F 252 38.80 -5.57 42.98
CA LEU F 252 38.17 -4.26 42.92
C LEU F 252 37.41 -3.99 44.22
N ALA F 253 37.59 -2.80 44.76
CA ALA F 253 36.86 -2.38 45.94
C ALA F 253 35.44 -1.98 45.56
N LEU F 254 34.65 -1.62 46.57
CA LEU F 254 33.29 -1.15 46.33
C LEU F 254 33.31 0.11 45.50
N TYR F 255 32.43 0.17 44.49
CA TYR F 255 32.25 1.35 43.64
C TYR F 255 33.51 1.69 42.86
N SER F 256 34.32 0.70 42.52
CA SER F 256 35.53 0.90 41.74
C SER F 256 35.32 0.44 40.31
N ARG F 257 36.31 0.73 39.48
CA ARG F 257 36.22 0.56 38.04
C ARG F 257 37.46 -0.16 37.52
N PHE F 258 37.27 -0.99 36.50
CA PHE F 258 38.30 -1.76 35.80
C PHE F 258 39.09 -0.84 34.87
N PRO F 259 40.43 -0.90 34.91
CA PRO F 259 41.26 0.08 34.20
C PRO F 259 40.90 0.32 32.73
N LEU F 260 40.93 -0.74 31.92
CA LEU F 260 40.81 -0.58 30.48
C LEU F 260 39.52 0.11 30.07
N THR F 261 38.49 0.08 30.92
CA THR F 261 37.24 0.75 30.62
C THR F 261 37.48 2.21 30.24
N TRP F 262 38.41 2.88 30.93
CA TRP F 262 38.68 4.28 30.60
C TRP F 262 38.95 4.45 29.11
N ILE F 263 39.84 3.62 28.55
CA ILE F 263 40.17 3.72 27.14
C ILE F 263 38.91 3.65 26.29
N MET F 264 38.06 2.66 26.58
CA MET F 264 36.85 2.49 25.79
C MET F 264 35.99 3.75 25.84
N GLU F 265 35.82 4.31 27.04
CA GLU F 265 35.03 5.52 27.18
C GLU F 265 35.57 6.62 26.29
N ALA F 266 36.90 6.78 26.28
CA ALA F 266 37.52 7.81 25.45
C ALA F 266 37.09 7.66 24.00
N ALA F 267 37.15 6.44 23.48
CA ALA F 267 36.78 6.22 22.08
C ALA F 267 35.36 6.68 21.83
N ASP F 268 34.43 6.32 22.72
CA ASP F 268 33.02 6.62 22.50
C ASP F 268 32.79 8.12 22.42
N ASP F 269 33.76 8.91 22.87
CA ASP F 269 33.69 10.37 22.85
C ASP F 269 34.22 11.05 21.59
N ILE F 270 35.11 10.41 20.85
CA ILE F 270 35.63 11.03 19.63
C ILE F 270 34.65 10.82 18.48
N SER F 271 34.47 9.56 18.08
CA SER F 271 33.61 9.25 16.95
C SER F 271 32.26 9.92 17.09
N TYR F 272 31.73 9.95 18.33
CA TYR F 272 30.39 10.46 18.61
C TYR F 272 30.10 11.75 17.85
N CYS F 273 31.11 12.60 17.70
CA CYS F 273 30.85 13.84 16.97
C CYS F 273 30.89 13.60 15.47
N VAL F 274 32.08 13.26 14.96
CA VAL F 274 32.40 13.54 13.57
C VAL F 274 31.47 12.79 12.64
N ALA F 275 31.25 11.50 12.92
CA ALA F 275 30.44 10.66 12.04
C ALA F 275 29.10 11.31 11.76
N ASP F 276 28.40 11.80 12.81
CA ASP F 276 27.07 12.33 12.58
C ASP F 276 27.10 13.40 11.50
N LEU F 277 28.09 14.29 11.59
CA LEU F 277 28.17 15.41 10.67
C LEU F 277 28.18 14.93 9.22
N GLU F 278 28.98 13.90 8.94
CA GLU F 278 29.11 13.45 7.56
C GLU F 278 27.76 13.02 7.01
N ASP F 279 26.98 12.30 7.83
CA ASP F 279 25.72 11.78 7.32
C ASP F 279 24.78 12.92 6.92
N ALA F 280 24.89 14.07 7.58
CA ALA F 280 24.04 15.19 7.24
C ALA F 280 24.22 15.61 5.79
N VAL F 281 25.44 15.51 5.28
CA VAL F 281 25.67 15.87 3.88
C VAL F 281 25.08 14.82 2.94
N GLU F 282 25.11 13.56 3.36
CA GLU F 282 24.73 12.49 2.44
C GLU F 282 23.23 12.44 2.23
N LYS F 283 22.46 12.93 3.20
CA LYS F 283 21.01 13.01 3.08
C LYS F 283 20.53 14.30 2.43
N ARG F 284 21.46 15.08 1.87
CA ARG F 284 21.15 16.33 1.18
C ARG F 284 20.47 17.33 2.10
N ILE F 285 21.11 17.65 3.21
CA ILE F 285 20.61 18.67 4.12
C ILE F 285 21.30 20.01 3.89
N PHE F 286 22.63 20.02 3.81
CA PHE F 286 23.39 21.20 3.47
C PHE F 286 24.73 20.76 2.87
N THR F 287 25.62 21.70 2.65
CA THR F 287 26.86 21.30 2.06
C THR F 287 28.11 21.85 2.71
N VAL F 288 29.23 21.33 2.22
CA VAL F 288 30.57 21.65 2.68
C VAL F 288 30.82 23.13 3.04
N GLU F 289 30.43 24.04 2.13
CA GLU F 289 30.54 25.48 2.34
C GLU F 289 29.80 25.92 3.60
N GLN F 290 28.56 25.45 3.77
CA GLN F 290 27.79 25.70 4.97
C GLN F 290 28.45 25.08 6.20
N LEU F 291 29.06 23.90 6.05
CA LEU F 291 29.81 23.30 7.15
C LEU F 291 30.88 24.25 7.66
N TYR F 292 31.73 24.75 6.76
CA TYR F 292 32.80 25.64 7.19
C TYR F 292 32.24 26.94 7.77
N HIS F 293 31.20 27.49 7.15
CA HIS F 293 30.63 28.74 7.64
C HIS F 293 30.10 28.58 9.06
N HIS F 294 29.35 27.50 9.31
CA HIS F 294 28.81 27.27 10.65
C HIS F 294 29.91 27.01 11.65
N LEU F 295 30.94 26.24 11.27
CA LEU F 295 32.05 25.97 12.18
C LEU F 295 32.76 27.25 12.56
N HIS F 296 33.06 28.09 11.56
CA HIS F 296 33.76 29.34 11.81
C HIS F 296 32.93 30.29 12.66
N GLU F 297 31.62 30.35 12.40
CA GLU F 297 30.75 31.20 13.21
C GLU F 297 30.64 30.72 14.65
N ALA F 298 30.57 29.40 14.88
CA ALA F 298 30.40 28.85 16.21
C ALA F 298 31.71 28.74 16.98
N TRP F 299 32.86 28.89 16.32
CA TRP F 299 34.13 28.84 17.04
C TRP F 299 34.24 29.95 18.06
N PHE F 308 42.63 25.10 16.88
CA PHE F 308 41.62 25.32 15.85
C PHE F 308 42.25 25.59 14.49
N SER F 309 43.30 26.40 14.48
CA SER F 309 43.91 26.83 13.22
C SER F 309 44.41 25.63 12.42
N LEU F 310 45.15 24.74 13.07
CA LEU F 310 45.79 23.63 12.38
C LEU F 310 44.78 22.76 11.64
N VAL F 311 43.90 22.08 12.39
CA VAL F 311 43.01 21.09 11.79
C VAL F 311 42.05 21.76 10.82
N VAL F 312 41.37 22.82 11.28
CA VAL F 312 40.33 23.43 10.46
C VAL F 312 40.93 24.05 9.20
N GLU F 313 42.01 24.81 9.35
CA GLU F 313 42.62 25.45 8.20
C GLU F 313 43.19 24.43 7.22
N ASN F 314 43.88 23.39 7.71
CA ASN F 314 44.40 22.37 6.80
C ASN F 314 43.26 21.68 6.05
N ALA F 315 42.19 21.34 6.76
CA ALA F 315 41.07 20.66 6.12
C ALA F 315 40.42 21.55 5.07
N TRP F 316 40.27 22.84 5.37
CA TRP F 316 39.54 23.73 4.47
C TRP F 316 40.40 24.11 3.27
N GLU F 317 41.71 24.24 3.44
CA GLU F 317 42.58 24.71 2.38
C GLU F 317 43.16 23.60 1.52
N LYS F 318 43.53 22.45 2.10
CA LYS F 318 44.03 21.34 1.30
C LYS F 318 42.93 20.71 0.46
N SER F 319 41.67 21.00 0.75
CA SER F 319 40.57 20.45 -0.02
C SER F 319 40.34 21.21 -1.32
N ARG F 320 40.91 22.40 -1.46
CA ARG F 320 40.71 23.22 -2.64
C ARG F 320 42.02 23.42 -3.40
N ASP F 330 33.62 12.79 -0.53
CA ASP F 330 34.07 11.46 -0.12
C ASP F 330 35.52 11.47 0.31
N GLN F 331 36.28 12.46 -0.17
CA GLN F 331 37.68 12.59 0.18
C GLN F 331 37.96 13.71 1.17
N PHE F 332 36.98 14.57 1.46
CA PHE F 332 37.17 15.61 2.45
C PHE F 332 37.18 15.03 3.87
N PHE F 333 36.23 14.13 4.15
CA PHE F 333 36.15 13.56 5.49
C PHE F 333 37.30 12.59 5.74
N MET F 334 37.74 11.88 4.71
CA MET F 334 38.88 10.97 4.87
C MET F 334 40.14 11.74 5.22
N TYR F 335 40.19 13.03 4.88
CA TYR F 335 41.30 13.88 5.32
C TYR F 335 41.02 14.52 6.67
N LEU F 336 39.75 14.80 6.98
CA LEU F 336 39.45 15.46 8.25
C LEU F 336 39.59 14.53 9.44
N ARG F 337 39.27 13.26 9.27
CA ARG F 337 39.40 12.33 10.37
C ARG F 337 40.81 12.18 10.81
N VAL F 338 41.70 11.97 9.85
CA VAL F 338 43.09 11.60 10.14
C VAL F 338 43.76 12.65 11.03
N ASN F 339 43.55 13.93 10.71
CA ASN F 339 44.17 14.99 11.49
C ASN F 339 43.64 15.00 12.92
N THR F 340 42.32 14.82 13.07
CA THR F 340 41.72 14.78 14.40
C THR F 340 42.27 13.61 15.21
N LEU F 341 42.42 12.44 14.58
CA LEU F 341 42.97 11.30 15.29
C LEU F 341 44.41 11.54 15.71
N ASN F 342 45.24 12.06 14.80
CA ASN F 342 46.63 12.35 15.14
C ASN F 342 46.76 13.48 16.16
N LYS F 343 45.72 14.29 16.35
CA LYS F 343 45.76 15.29 17.42
C LYS F 343 45.21 14.79 18.74
N LEU F 344 44.29 13.82 18.72
CA LEU F 344 43.62 13.37 19.93
C LEU F 344 44.21 12.12 20.57
N VAL F 345 44.62 11.12 19.78
CA VAL F 345 45.04 9.84 20.37
C VAL F 345 46.26 9.97 21.25
N PRO F 346 47.35 10.64 20.85
CA PRO F 346 48.50 10.78 21.77
C PRO F 346 48.16 11.48 23.07
N TYR F 347 47.23 12.45 23.04
CA TYR F 347 46.81 13.10 24.28
C TYR F 347 46.17 12.09 25.23
N ALA F 348 45.30 11.23 24.71
CA ALA F 348 44.67 10.21 25.54
C ALA F 348 45.69 9.21 26.06
N ALA F 349 46.66 8.83 25.22
CA ALA F 349 47.70 7.91 25.68
C ALA F 349 48.51 8.51 26.82
N GLN F 350 48.89 9.79 26.69
CA GLN F 350 49.68 10.42 27.73
C GLN F 350 48.86 10.62 29.00
N ARG F 351 47.56 10.90 28.86
CA ARG F 351 46.73 11.02 30.05
C ARG F 351 46.57 9.68 30.76
N PHE F 352 46.47 8.59 29.99
CA PHE F 352 46.41 7.26 30.58
C PHE F 352 47.70 6.94 31.33
N ILE F 353 48.84 7.20 30.70
CA ILE F 353 50.12 6.81 31.31
C ILE F 353 50.46 7.68 32.51
N ASP F 354 50.11 8.98 32.46
CA ASP F 354 50.48 9.89 33.53
C ASP F 354 49.78 9.53 34.85
N ASN F 355 48.50 9.19 34.80
CA ASN F 355 47.70 8.90 35.99
C ASN F 355 47.47 7.40 36.17
N LEU F 356 48.45 6.60 35.80
CA LEU F 356 48.34 5.14 35.81
C LEU F 356 48.06 4.54 37.18
N PRO F 357 48.75 4.95 38.26
CA PRO F 357 48.44 4.34 39.57
C PRO F 357 47.00 4.53 40.01
N ALA F 358 46.42 5.72 39.78
CA ALA F 358 45.03 5.94 40.17
C ALA F 358 44.07 5.09 39.35
N ILE F 359 44.34 4.96 38.06
CA ILE F 359 43.49 4.11 37.20
C ILE F 359 43.60 2.66 37.62
N PHE F 360 44.82 2.18 37.91
CA PHE F 360 45.00 0.81 38.36
C PHE F 360 44.34 0.56 39.70
N ALA F 361 44.27 1.58 40.55
CA ALA F 361 43.54 1.44 41.80
C ALA F 361 42.02 1.44 41.58
N GLY F 362 41.56 2.09 40.53
CA GLY F 362 40.13 2.14 40.23
C GLY F 362 39.39 3.32 40.81
N THR F 363 40.10 4.33 41.32
CA THR F 363 39.47 5.45 41.99
C THR F 363 39.65 6.78 41.27
N PHE F 364 40.11 6.77 40.01
CA PHE F 364 40.29 7.99 39.25
C PHE F 364 38.93 8.61 38.93
N ASN F 365 38.65 9.78 39.49
CA ASN F 365 37.31 10.38 39.41
C ASN F 365 37.18 11.35 38.24
N HIS F 366 37.93 11.14 37.16
CA HIS F 366 37.88 11.99 35.99
C HIS F 366 37.89 11.12 34.74
N ALA F 367 37.70 11.76 33.59
CA ALA F 367 37.83 11.14 32.30
C ALA F 367 39.12 11.56 31.63
N LEU F 368 39.56 10.75 30.65
CA LEU F 368 40.84 11.02 30.00
C LEU F 368 40.81 12.32 29.22
N LEU F 369 39.77 12.54 28.41
CA LEU F 369 39.68 13.73 27.58
C LEU F 369 39.02 14.90 28.27
N GLU F 370 38.54 14.74 29.50
CA GLU F 370 37.93 15.84 30.21
C GLU F 370 39.02 16.76 30.77
N ALA F 372 40.91 21.11 29.93
CA ALA F 372 40.77 22.43 29.35
C ALA F 372 41.63 22.62 28.10
N SER F 373 42.16 21.53 27.54
CA SER F 373 43.03 21.65 26.37
C SER F 373 42.22 21.99 25.12
N GLU F 374 42.95 22.12 24.01
CA GLU F 374 42.29 22.44 22.74
C GLU F 374 41.42 21.28 22.27
N CYS F 375 41.68 20.07 22.76
CA CYS F 375 40.87 18.92 22.40
C CYS F 375 39.42 19.09 22.84
N SER F 376 39.21 19.57 24.06
CA SER F 376 37.86 19.84 24.55
C SER F 376 37.17 20.89 23.68
N ASP F 377 37.90 21.93 23.31
CA ASP F 377 37.32 22.97 22.46
C ASP F 377 36.92 22.43 21.09
N LEU F 378 37.77 21.61 20.47
CA LEU F 378 37.44 21.06 19.16
C LEU F 378 36.23 20.12 19.25
N LEU F 379 36.20 19.26 20.28
CA LEU F 379 35.06 18.36 20.44
C LEU F 379 33.78 19.14 20.69
N LYS F 380 33.85 20.18 21.51
CA LYS F 380 32.67 21.01 21.75
C LYS F 380 32.23 21.74 20.49
N LEU F 381 33.17 22.16 19.65
CA LEU F 381 32.83 22.76 18.37
C LEU F 381 32.01 21.81 17.52
N TYR F 382 32.52 20.58 17.35
CA TYR F 382 31.81 19.59 16.56
C TYR F 382 30.43 19.32 17.14
N LYS F 383 30.36 19.16 18.47
CA LYS F 383 29.10 18.83 19.12
C LYS F 383 28.07 19.93 18.94
N ASN F 384 28.46 21.20 19.13
CA ASN F 384 27.49 22.27 19.02
C ASN F 384 27.05 22.50 17.58
N VAL F 385 27.96 22.33 16.61
CA VAL F 385 27.52 22.40 15.21
C VAL F 385 26.50 21.30 14.91
N ALA F 386 26.76 20.08 15.39
CA ALA F 386 25.82 18.98 15.17
C ALA F 386 24.47 19.25 15.83
N VAL F 387 24.48 19.78 17.05
CA VAL F 387 23.23 20.11 17.74
C VAL F 387 22.47 21.20 17.00
N LYS F 388 23.17 22.19 16.46
CA LYS F 388 22.50 23.31 15.81
C LYS F 388 21.90 22.92 14.45
N HIS F 389 22.62 22.14 13.65
CA HIS F 389 22.22 21.95 12.26
C HIS F 389 21.73 20.55 11.92
N VAL F 390 21.83 19.59 12.84
CA VAL F 390 21.46 18.21 12.49
C VAL F 390 20.33 17.70 13.37
N PHE F 391 20.50 17.79 14.68
CA PHE F 391 19.50 17.23 15.60
C PHE F 391 18.21 18.05 15.64
N SER F 392 18.18 19.24 15.04
CA SER F 392 16.99 20.08 15.02
C SER F 392 16.14 19.86 13.78
N HIS F 393 16.52 18.91 12.93
CA HIS F 393 15.74 18.62 11.74
C HIS F 393 14.40 18.00 12.13
N PRO F 394 13.33 18.32 11.40
CA PRO F 394 12.01 17.79 11.78
C PRO F 394 11.91 16.28 11.81
N ASP F 395 12.62 15.57 10.91
CA ASP F 395 12.48 14.13 10.82
C ASP F 395 12.95 13.43 12.09
N VAL F 396 14.06 13.88 12.67
CA VAL F 396 14.58 13.26 13.89
C VAL F 396 13.58 13.43 15.04
N GLU F 397 13.06 14.65 15.10
CA GLU F 397 12.10 15.01 16.10
C GLU F 397 10.81 14.18 16.02
N ARG F 398 10.30 13.97 14.82
CA ARG F 398 9.12 13.16 14.55
C ARG F 398 9.38 11.69 14.89
N LEU F 399 10.55 11.18 14.53
CA LEU F 399 10.88 9.79 14.84
C LEU F 399 10.94 9.57 16.35
N GLU F 400 11.46 10.55 17.07
CA GLU F 400 11.58 10.52 18.50
C GLU F 400 10.24 10.49 19.21
N LEU F 401 9.27 11.23 18.72
CA LEU F 401 7.91 11.21 19.27
C LEU F 401 7.21 9.90 18.94
N GLN F 402 7.37 9.41 17.70
CA GLN F 402 6.73 8.17 17.31
C GLN F 402 7.26 6.98 18.12
N GLY F 403 8.57 6.94 18.36
CA GLY F 403 9.12 5.86 19.17
C GLY F 403 8.61 5.88 20.60
N TYR F 404 8.54 7.07 21.20
CA TYR F 404 7.97 7.19 22.54
C TYR F 404 6.56 6.62 22.59
N ARG F 405 5.72 7.03 21.64
CA ARG F 405 4.34 6.54 21.63
C ARG F 405 4.26 5.03 21.42
N VAL F 406 5.12 4.48 20.57
CA VAL F 406 5.08 3.04 20.30
C VAL F 406 5.44 2.25 21.56
N ILE F 407 6.50 2.67 22.26
CA ILE F 407 6.88 1.94 23.47
C ILE F 407 5.80 2.02 24.53
N SER F 408 5.20 3.20 24.71
CA SER F 408 4.10 3.32 25.68
C SER F 408 2.94 2.42 25.30
N GLY F 409 2.59 2.35 24.02
CA GLY F 409 1.49 1.51 23.59
C GLY F 409 1.76 0.03 23.82
N LEU F 410 2.98 -0.42 23.54
CA LEU F 410 3.32 -1.83 23.77
C LEU F 410 3.22 -2.17 25.25
N LEU F 411 3.70 -1.29 26.12
CA LEU F 411 3.59 -1.55 27.56
C LEU F 411 2.13 -1.60 27.99
N GLU F 412 1.30 -0.69 27.46
CA GLU F 412 -0.12 -0.72 27.78
C GLU F 412 -0.76 -2.03 27.31
N ILE F 413 -0.38 -2.51 26.14
CA ILE F 413 -0.95 -3.75 25.62
C ILE F 413 -0.58 -4.92 26.52
N TYR F 414 0.66 -4.99 26.96
CA TYR F 414 1.09 -6.12 27.79
C TYR F 414 0.79 -5.94 29.28
N ARG F 415 0.19 -4.82 29.67
CA ARG F 415 -0.21 -4.61 31.06
C ARG F 415 -1.02 -5.75 31.69
N PRO F 416 -2.02 -6.35 31.03
CA PRO F 416 -2.83 -7.38 31.72
C PRO F 416 -2.04 -8.52 32.32
N LEU F 417 -0.82 -8.79 31.84
CA LEU F 417 -0.01 -9.84 32.44
C LEU F 417 0.44 -9.50 33.84
N LEU F 418 0.52 -8.21 34.18
CA LEU F 418 0.98 -7.78 35.50
C LEU F 418 -0.13 -7.64 36.52
N SER F 419 -1.39 -7.80 36.10
CA SER F 419 -2.53 -7.67 37.00
C SER F 419 -2.98 -9.00 37.59
N LEU F 420 -2.35 -10.10 37.21
CA LEU F 420 -2.76 -11.41 37.70
C LEU F 420 -2.30 -11.60 39.13
N SER F 421 -2.50 -12.79 39.66
CA SER F 421 -2.09 -13.15 41.01
C SER F 421 -0.96 -14.17 40.95
N LEU F 422 -0.39 -14.45 42.13
CA LEU F 422 0.72 -15.40 42.22
C LEU F 422 0.30 -16.79 41.74
N SER F 423 -0.84 -17.27 42.25
CA SER F 423 -1.30 -18.61 41.89
C SER F 423 -1.65 -18.69 40.41
N ASP F 424 -2.32 -17.67 39.89
CA ASP F 424 -2.72 -17.68 38.48
C ASP F 424 -1.51 -17.68 37.56
N PHE F 425 -0.53 -16.80 37.82
CA PHE F 425 0.66 -16.75 36.99
C PHE F 425 1.48 -18.03 37.13
N THR F 426 1.56 -18.59 38.34
CA THR F 426 2.29 -19.85 38.51
C THR F 426 1.65 -20.98 37.72
N GLU F 427 0.32 -21.11 37.78
CA GLU F 427 -0.38 -22.12 37.01
C GLU F 427 -0.20 -21.89 35.52
N LEU F 428 -0.22 -20.63 35.09
CA LEU F 428 -0.05 -20.31 33.68
C LEU F 428 1.35 -20.69 33.20
N VAL F 429 2.35 -20.60 34.07
CA VAL F 429 3.72 -20.97 33.67
C VAL F 429 3.93 -22.46 33.46
N GLU F 430 3.36 -23.28 34.33
CA GLU F 430 3.52 -24.74 34.28
C GLU F 430 2.90 -25.48 33.08
N LYS F 431 1.92 -24.87 32.44
CA LYS F 431 1.29 -25.49 31.27
C LYS F 431 1.41 -24.59 30.05
N VAL F 434 -4.10 -22.78 29.78
CA VAL F 434 -5.15 -22.77 30.76
C VAL F 434 -6.48 -22.47 30.08
N LYS F 435 -7.58 -22.79 30.76
CA LYS F 435 -8.91 -22.57 30.22
C LYS F 435 -9.60 -21.32 30.77
N ARG F 436 -9.08 -20.75 31.85
CA ARG F 436 -9.71 -19.58 32.45
C ARG F 436 -9.08 -18.26 32.01
N PHE F 437 -7.93 -18.29 31.34
CA PHE F 437 -7.21 -17.08 30.94
C PHE F 437 -6.78 -17.18 29.48
N PRO F 438 -7.72 -17.05 28.55
CA PRO F 438 -7.36 -17.17 27.12
C PRO F 438 -6.45 -16.05 26.63
N ILE F 439 -6.88 -14.80 26.85
CA ILE F 439 -6.10 -13.65 26.41
C ILE F 439 -4.74 -13.62 27.06
N GLU F 440 -4.70 -13.85 28.37
CA GLU F 440 -3.44 -13.82 29.11
C GLU F 440 -2.52 -14.95 28.65
N SER F 441 -3.08 -16.14 28.40
CA SER F 441 -2.25 -17.25 27.94
C SER F 441 -1.65 -16.96 26.57
N ARG F 442 -2.43 -16.39 25.66
CA ARG F 442 -1.89 -16.05 24.34
C ARG F 442 -0.80 -14.97 24.46
N LEU F 443 -1.04 -13.96 25.27
CA LEU F 443 -0.04 -12.91 25.48
C LEU F 443 1.26 -13.50 26.04
N PHE F 444 1.14 -14.41 27.00
CA PHE F 444 2.32 -15.03 27.59
C PHE F 444 3.05 -15.90 26.57
N HIS F 445 2.31 -16.66 25.76
CA HIS F 445 2.95 -17.47 24.74
C HIS F 445 3.63 -16.62 23.67
N LYS F 446 3.22 -15.36 23.52
CA LYS F 446 3.87 -14.49 22.57
C LYS F 446 5.31 -14.13 22.96
N LEU F 447 5.68 -14.29 24.23
CA LEU F 447 7.03 -13.97 24.67
C LEU F 447 8.03 -15.01 24.18
N SER F 448 9.31 -14.65 24.26
CA SER F 448 10.38 -15.51 23.76
C SER F 448 10.70 -16.62 24.76
N THR F 449 11.41 -17.63 24.26
CA THR F 449 11.72 -18.79 25.09
C THR F 449 12.79 -18.47 26.12
N ARG F 450 13.83 -17.75 25.72
CA ARG F 450 14.96 -17.47 26.61
C ARG F 450 14.52 -16.68 27.84
N HIS F 451 13.67 -15.67 27.65
CA HIS F 451 13.23 -14.86 28.78
C HIS F 451 12.40 -15.68 29.77
N ARG F 452 11.52 -16.54 29.26
CA ARG F 452 10.73 -17.39 30.14
C ARG F 452 11.60 -18.39 30.89
N LEU F 453 12.61 -18.96 30.22
CA LEU F 453 13.54 -19.85 30.91
C LEU F 453 14.30 -19.11 31.99
N ALA F 454 14.73 -17.88 31.71
CA ALA F 454 15.42 -17.09 32.72
C ALA F 454 14.52 -16.84 33.93
N TYR F 455 13.25 -16.54 33.68
CA TYR F 455 12.31 -16.36 34.79
C TYR F 455 12.17 -17.64 35.60
N VAL F 456 12.07 -18.78 34.93
CA VAL F 456 11.89 -20.06 35.62
C VAL F 456 13.09 -20.35 36.52
N GLU F 457 14.30 -20.20 35.97
CA GLU F 457 15.51 -20.45 36.77
C GLU F 457 15.63 -19.47 37.92
N ALA F 458 15.30 -18.20 37.69
CA ALA F 458 15.39 -17.21 38.76
C ALA F 458 14.41 -17.52 39.89
N VAL F 459 13.20 -17.93 39.56
CA VAL F 459 12.19 -18.13 40.59
C VAL F 459 12.36 -19.47 41.29
N SER F 460 12.95 -20.46 40.62
CA SER F 460 13.09 -21.79 41.23
C SER F 460 13.96 -21.75 42.48
N LYS F 461 15.03 -20.96 42.45
CA LYS F 461 15.98 -20.88 43.55
C LYS F 461 15.45 -20.16 44.78
N LEU F 462 14.31 -19.47 44.70
CA LEU F 462 13.78 -18.73 45.84
C LEU F 462 13.19 -19.67 46.88
N PRO F 463 13.40 -19.37 48.16
CA PRO F 463 12.74 -20.15 49.22
C PRO F 463 11.23 -19.94 49.17
N SER F 464 10.50 -21.05 49.08
CA SER F 464 9.06 -21.01 48.88
C SER F 464 8.27 -20.84 50.18
N ASP F 465 8.93 -20.50 51.28
CA ASP F 465 8.26 -20.36 52.57
C ASP F 465 8.39 -18.96 53.18
N SER F 466 9.36 -18.17 52.75
CA SER F 466 9.56 -16.86 53.34
C SER F 466 8.43 -15.91 52.95
N PRO F 467 8.16 -14.91 53.79
CA PRO F 467 7.13 -13.92 53.44
C PRO F 467 7.60 -12.95 52.36
N GLU F 468 8.82 -13.15 51.85
CA GLU F 468 9.37 -12.30 50.80
C GLU F 468 9.19 -12.87 49.40
N PHE F 469 8.54 -14.02 49.26
CA PHE F 469 8.37 -14.62 47.94
C PHE F 469 7.56 -13.76 46.97
N PRO F 470 6.39 -13.21 47.33
CA PRO F 470 5.64 -12.40 46.35
C PRO F 470 6.41 -11.19 45.84
N LEU F 471 7.19 -10.54 46.71
CA LEU F 471 7.98 -9.38 46.30
C LEU F 471 8.96 -9.75 45.20
N TRP F 472 9.73 -10.81 45.43
CA TRP F 472 10.70 -11.26 44.43
C TRP F 472 10.02 -11.72 43.16
N GLU F 473 8.89 -12.42 43.27
CA GLU F 473 8.19 -12.89 42.09
C GLU F 473 7.70 -11.72 41.24
N TYR F 474 7.16 -10.68 41.87
CA TYR F 474 6.76 -9.50 41.13
C TYR F 474 7.95 -8.81 40.47
N TYR F 475 9.07 -8.73 41.20
CA TYR F 475 10.27 -8.13 40.63
C TYR F 475 10.71 -8.87 39.38
N TYR F 476 10.71 -10.21 39.42
CA TYR F 476 11.17 -10.98 38.27
C TYR F 476 10.16 -10.94 37.13
N ARG F 477 8.86 -10.84 37.44
CA ARG F 477 7.87 -10.64 36.38
C ARG F 477 8.08 -9.33 35.64
N CYS F 478 8.31 -8.25 36.39
CA CYS F 478 8.61 -6.97 35.74
C CYS F 478 9.92 -7.04 34.95
N ARG F 479 10.91 -7.75 35.48
CA ARG F 479 12.15 -7.93 34.73
C ARG F 479 11.92 -8.67 33.43
N LEU F 480 11.07 -9.70 33.46
CA LEU F 480 10.74 -10.44 32.23
C LEU F 480 10.10 -9.52 31.20
N LEU F 481 9.16 -8.67 31.64
CA LEU F 481 8.53 -7.73 30.72
C LEU F 481 9.54 -6.76 30.12
N GLN F 482 10.43 -6.23 30.97
CA GLN F 482 11.42 -5.27 30.46
C GLN F 482 12.42 -5.92 29.51
N ASP F 483 12.84 -7.16 29.79
CA ASP F 483 13.71 -7.87 28.86
C ASP F 483 13.02 -8.07 27.51
N TYR F 484 11.75 -8.48 27.52
CA TYR F 484 11.05 -8.65 26.25
C TYR F 484 10.96 -7.34 25.49
N ILE F 485 10.60 -6.25 26.16
CA ILE F 485 10.44 -4.98 25.48
C ILE F 485 11.77 -4.48 24.92
N SER F 486 12.85 -4.66 25.68
CA SER F 486 14.15 -4.15 25.28
C SER F 486 14.85 -5.06 24.28
N GLY F 487 14.36 -6.28 24.07
CA GLY F 487 15.03 -7.19 23.15
C GLY F 487 14.55 -7.10 21.71
N MET F 488 13.87 -6.03 21.34
CA MET F 488 13.36 -5.85 19.99
C MET F 488 14.22 -4.88 19.19
N THR F 489 13.97 -4.86 17.88
CA THR F 489 14.48 -3.82 17.01
C THR F 489 13.41 -2.75 16.79
N ASP F 490 13.80 -1.66 16.14
CA ASP F 490 12.86 -0.58 15.87
C ASP F 490 11.74 -1.05 14.95
N LEU F 491 12.11 -1.68 13.83
CA LEU F 491 11.12 -2.13 12.87
C LEU F 491 10.22 -3.22 13.43
N TYR F 492 10.80 -4.17 14.18
CA TYR F 492 9.98 -5.24 14.75
C TYR F 492 8.99 -4.70 15.76
N ALA F 493 9.42 -3.80 16.64
CA ALA F 493 8.52 -3.21 17.61
C ALA F 493 7.43 -2.39 16.94
N TRP F 494 7.78 -1.63 15.93
CA TRP F 494 6.79 -0.86 15.21
C TRP F 494 5.76 -1.71 14.51
N ASP F 495 6.20 -2.73 13.83
CA ASP F 495 5.27 -3.63 13.16
C ASP F 495 4.39 -4.37 14.16
N GLU F 496 4.97 -4.86 15.25
CA GLU F 496 4.19 -5.58 16.25
C GLU F 496 3.18 -4.65 16.90
N TYR F 497 3.54 -3.38 17.10
CA TYR F 497 2.61 -2.42 17.65
C TYR F 497 1.43 -2.18 16.71
N ARG F 498 1.64 -2.08 15.44
CA ARG F 498 0.51 -1.92 14.55
C ARG F 498 -0.31 -3.19 14.45
N ARG F 499 0.31 -4.36 14.50
CA ARG F 499 -0.44 -5.60 14.42
C ARG F 499 -1.33 -5.80 15.65
N LEU F 500 -0.80 -5.53 16.84
CA LEU F 500 -1.58 -5.74 18.04
C LEU F 500 -2.69 -4.71 18.23
N MET F 501 -2.63 -3.60 17.50
CA MET F 501 -3.68 -2.59 17.55
C MET F 501 -4.71 -2.75 16.45
N ALA F 502 -4.64 -3.82 15.66
CA ALA F 502 -5.60 -4.09 14.58
C ALA F 502 -5.62 -2.98 13.54
N VAL F 503 -4.48 -2.32 13.34
CA VAL F 503 -4.37 -1.30 12.31
C VAL F 503 -3.97 -1.92 10.98
N GLU F 504 -3.11 -2.93 11.00
CA GLU F 504 -2.76 -3.69 9.80
C GLU F 504 -2.99 -5.16 10.07
N GLN F 505 -3.23 -5.90 9.00
CA GLN F 505 -3.46 -7.34 9.09
C GLN F 505 -2.20 -8.08 9.52
N GLN G 3 65.35 -18.04 -2.12
CA GLN G 3 65.52 -17.37 -0.84
C GLN G 3 64.20 -16.74 -0.44
N ILE G 4 63.80 -16.93 0.82
CA ILE G 4 62.57 -16.38 1.35
C ILE G 4 62.91 -15.17 2.19
N ASP G 5 62.33 -14.02 1.84
CA ASP G 5 62.55 -12.77 2.58
C ASP G 5 61.28 -11.94 2.40
N PHE G 6 60.46 -11.89 3.45
CA PHE G 6 59.18 -11.21 3.38
C PHE G 6 59.31 -9.69 3.38
N ARG G 7 60.52 -9.15 3.48
CA ARG G 7 60.70 -7.70 3.33
C ARG G 7 60.61 -7.25 1.88
N LYS G 8 60.80 -8.17 0.92
CA LYS G 8 60.65 -7.85 -0.48
C LYS G 8 59.21 -7.96 -0.96
N LYS G 9 58.29 -8.40 -0.12
CA LYS G 9 56.90 -8.57 -0.49
C LYS G 9 55.95 -7.64 0.25
N ILE G 10 56.27 -7.23 1.47
CA ILE G 10 55.43 -6.32 2.24
C ILE G 10 55.92 -4.91 1.93
N ASN G 11 55.28 -4.28 0.94
CA ASN G 11 55.67 -2.96 0.47
C ASN G 11 54.68 -1.93 1.02
N TRP G 12 55.19 -0.92 1.72
CA TRP G 12 54.36 0.11 2.31
C TRP G 12 54.36 1.40 1.49
N HIS G 13 54.93 1.37 0.29
CA HIS G 13 54.89 2.53 -0.59
C HIS G 13 53.49 2.69 -1.18
N ARG G 14 53.25 3.87 -1.74
CA ARG G 14 51.96 4.21 -2.32
C ARG G 14 52.15 4.71 -3.75
N ARG G 15 51.05 4.78 -4.49
CA ARG G 15 51.08 5.30 -5.85
C ARG G 15 51.20 6.82 -5.89
N TYR G 16 50.56 7.51 -4.95
CA TYR G 16 50.57 8.97 -4.89
C TYR G 16 51.07 9.41 -3.53
N ARG G 17 51.97 10.39 -3.51
CA ARG G 17 52.51 10.97 -2.29
C ARG G 17 53.08 9.89 -1.37
N SER G 18 53.89 9.02 -1.95
CA SER G 18 54.40 7.87 -1.24
C SER G 18 55.38 8.29 -0.13
N PRO G 19 55.37 7.61 1.01
CA PRO G 19 56.34 7.89 2.07
C PRO G 19 57.69 7.29 1.73
N GLN G 20 58.65 8.15 1.41
CA GLN G 20 59.98 7.71 1.04
C GLN G 20 60.93 7.76 2.24
N GLY G 21 62.10 7.17 2.06
CA GLY G 21 63.11 7.16 3.10
C GLY G 21 63.07 5.91 3.95
N VAL G 22 63.78 5.97 5.08
CA VAL G 22 63.87 4.87 6.02
C VAL G 22 62.81 5.05 7.10
N LYS G 23 62.33 3.93 7.65
CA LYS G 23 61.31 3.97 8.68
C LYS G 23 61.54 2.80 9.63
N THR G 24 61.02 2.95 10.85
CA THR G 24 61.11 1.95 11.89
C THR G 24 59.82 1.14 11.94
N GLU G 25 59.73 0.25 12.93
CA GLU G 25 58.55 -0.58 13.09
C GLU G 25 57.31 0.26 13.39
N HIS G 26 57.46 1.28 14.25
CA HIS G 26 56.32 2.08 14.67
C HIS G 26 55.71 2.85 13.49
N GLU G 27 56.56 3.43 12.64
CA GLU G 27 56.04 4.17 11.49
C GLU G 27 55.31 3.25 10.52
N ILE G 28 55.85 2.06 10.29
CA ILE G 28 55.20 1.09 9.39
C ILE G 28 53.85 0.68 9.97
N LEU G 29 53.81 0.41 11.27
CA LEU G 29 52.55 0.04 11.91
C LEU G 29 51.53 1.17 11.80
N ARG G 30 51.98 2.41 11.97
CA ARG G 30 51.07 3.55 11.81
C ARG G 30 50.56 3.66 10.37
N ILE G 31 51.41 3.38 9.39
CA ILE G 31 50.98 3.39 7.99
C ILE G 31 49.86 2.38 7.77
N PHE G 32 50.04 1.16 8.27
CA PHE G 32 49.03 0.14 8.05
C PHE G 32 47.76 0.41 8.86
N GLU G 33 47.88 1.00 10.04
CA GLU G 33 46.70 1.43 10.78
C GLU G 33 45.93 2.51 10.01
N SER G 34 46.66 3.44 9.37
CA SER G 34 46.00 4.44 8.55
C SER G 34 45.26 3.79 7.38
N ASP G 35 45.88 2.78 6.76
CA ASP G 35 45.20 2.07 5.67
C ASP G 35 43.92 1.41 6.16
N ARG G 36 43.97 0.79 7.35
CA ARG G 36 42.76 0.25 7.95
C ARG G 36 41.71 1.35 8.13
N GLY G 37 42.15 2.53 8.57
CA GLY G 37 41.23 3.64 8.74
C GLY G 37 40.56 4.06 7.45
N ARG G 38 41.25 4.00 6.34
CA ARG G 38 40.62 4.35 5.11
C ARG G 38 39.67 3.26 4.68
N ILE G 39 40.03 2.01 4.90
CA ILE G 39 39.18 0.93 4.40
C ILE G 39 37.87 0.84 5.19
N ILE G 40 37.95 0.93 6.52
CA ILE G 40 36.76 0.67 7.34
C ILE G 40 35.70 1.76 7.16
N ASN G 41 36.11 3.01 6.96
CA ASN G 41 35.19 4.14 6.90
C ASN G 41 34.80 4.49 5.47
N SER G 42 34.67 3.49 4.59
CA SER G 42 34.35 3.73 3.19
C SER G 42 32.88 3.46 2.91
N PRO G 43 32.29 4.17 1.93
CA PRO G 43 30.89 3.90 1.56
C PRO G 43 30.65 2.51 1.02
N ALA G 44 31.68 1.83 0.52
CA ALA G 44 31.50 0.48 0.00
C ALA G 44 31.07 -0.49 1.10
N ILE G 45 31.62 -0.35 2.30
CA ILE G 45 31.23 -1.20 3.41
C ILE G 45 29.78 -0.95 3.81
N ARG G 46 29.38 0.32 3.87
CA ARG G 46 27.99 0.62 4.20
C ARG G 46 27.04 0.16 3.10
N ARG G 47 27.54 0.06 1.86
CA ARG G 47 26.74 -0.58 0.81
C ARG G 47 26.64 -2.08 1.03
N LEU G 48 27.73 -2.70 1.48
CA LEU G 48 27.68 -4.12 1.86
C LEU G 48 26.65 -4.36 2.95
N GLN G 49 26.40 -3.35 3.78
CA GLN G 49 25.43 -3.49 4.88
C GLN G 49 24.05 -3.90 4.39
N GLN G 50 23.68 -3.54 3.15
CA GLN G 50 22.33 -3.80 2.64
C GLN G 50 22.35 -4.58 1.33
N LYS G 51 23.14 -5.65 1.27
CA LYS G 51 23.09 -6.60 0.18
C LYS G 51 22.85 -8.00 0.76
N THR G 52 22.04 -8.79 0.05
CA THR G 52 21.60 -10.07 0.57
C THR G 52 22.67 -11.14 0.36
N GLN G 53 22.70 -12.11 1.28
CA GLN G 53 23.61 -13.25 1.20
C GLN G 53 22.90 -14.47 0.64
N VAL G 54 21.85 -14.94 1.30
CA VAL G 54 21.05 -16.06 0.81
C VAL G 54 19.58 -15.66 0.78
N PHE G 55 19.04 -15.24 1.94
CA PHE G 55 17.63 -14.94 2.11
C PHE G 55 17.36 -13.45 1.89
N PRO G 56 16.14 -13.11 1.48
CA PRO G 56 15.79 -11.70 1.28
C PRO G 56 15.88 -10.92 2.59
N LEU G 57 16.19 -9.63 2.47
CA LEU G 57 16.36 -8.77 3.63
C LEU G 57 15.00 -8.45 4.23
N GLU G 58 14.80 -8.83 5.49
CA GLU G 58 13.53 -8.61 6.17
C GLU G 58 13.49 -7.22 6.79
N ALA G 61 13.63 -10.32 10.55
CA ALA G 61 14.39 -11.27 11.36
C ALA G 61 15.85 -10.85 11.45
N ALA G 62 16.69 -11.75 11.97
CA ALA G 62 18.11 -11.47 12.14
C ALA G 62 18.96 -12.21 11.12
N VAL G 63 18.50 -12.30 9.88
CA VAL G 63 19.30 -12.94 8.84
C VAL G 63 20.55 -12.11 8.57
N ARG G 64 21.55 -12.77 8.00
CA ARG G 64 22.84 -12.17 7.68
C ARG G 64 22.94 -11.43 6.38
N THR G 65 23.72 -10.35 6.39
CA THR G 65 24.02 -9.58 5.20
C THR G 65 25.45 -9.90 4.74
N ARG G 66 25.93 -9.15 3.76
CA ARG G 66 27.32 -9.31 3.33
C ARG G 66 28.29 -8.95 4.45
N LEU G 67 27.95 -7.94 5.24
CA LEU G 67 28.87 -7.38 6.21
C LEU G 67 29.15 -8.37 7.35
N THR G 68 28.11 -8.99 7.88
CA THR G 68 28.29 -9.95 8.96
C THR G 68 29.08 -11.18 8.50
N HIS G 69 28.86 -11.62 7.26
CA HIS G 69 29.66 -12.70 6.70
C HIS G 69 31.12 -12.30 6.55
N SER G 70 31.36 -11.06 6.12
CA SER G 70 32.72 -10.57 6.02
C SER G 70 33.40 -10.54 7.38
N MET G 71 32.62 -10.34 8.42
CA MET G 71 33.10 -10.31 9.80
C MET G 71 33.52 -11.67 10.35
N GLU G 72 32.95 -12.75 9.83
CA GLU G 72 33.38 -14.11 10.11
C GLU G 72 34.61 -14.47 9.30
N VAL G 73 34.63 -14.08 8.02
CA VAL G 73 35.79 -14.35 7.19
C VAL G 73 37.03 -13.66 7.77
N GLN G 74 36.86 -12.43 8.25
CA GLN G 74 37.96 -11.69 8.86
C GLN G 74 38.49 -12.42 10.09
N GLN G 75 37.58 -12.90 10.95
CA GLN G 75 38.01 -13.60 12.16
C GLN G 75 38.78 -14.88 11.82
N VAL G 76 38.27 -15.66 10.87
CA VAL G 76 38.94 -16.89 10.50
C VAL G 76 40.33 -16.61 9.92
N GLY G 77 40.42 -15.59 9.06
CA GLY G 77 41.72 -15.25 8.48
C GLY G 77 42.72 -14.82 9.53
N ARG G 78 42.28 -14.04 10.50
CA ARG G 78 43.17 -13.60 11.56
C ARG G 78 43.63 -14.74 12.42
N TYR G 79 42.75 -15.68 12.68
CA TYR G 79 43.13 -16.81 13.51
C TYR G 79 44.13 -17.72 12.79
N ILE G 80 43.93 -17.94 11.49
CA ILE G 80 44.89 -18.73 10.72
C ILE G 80 46.24 -18.04 10.64
N ALA G 81 46.25 -16.72 10.43
CA ALA G 81 47.50 -15.99 10.38
C ALA G 81 48.26 -16.09 11.71
N LYS G 82 47.54 -15.96 12.82
CA LYS G 82 48.18 -16.08 14.13
C LYS G 82 48.74 -17.47 14.35
N GLU G 83 48.01 -18.51 13.93
CA GLU G 83 48.53 -19.87 14.07
C GLU G 83 49.80 -20.06 13.23
N ILE G 84 49.82 -19.53 12.01
CA ILE G 84 51.01 -19.65 11.17
C ILE G 84 52.19 -18.96 11.82
N LEU G 85 51.98 -17.74 12.33
CA LEU G 85 53.07 -17.00 12.96
C LEU G 85 53.59 -17.72 14.21
N SER G 86 52.69 -18.27 15.02
CA SER G 86 53.11 -19.01 16.21
C SER G 86 53.93 -20.24 15.84
N ARG G 87 53.46 -21.00 14.85
CA ARG G 87 54.19 -22.21 14.46
C ARG G 87 55.55 -21.87 13.86
N LEU G 88 55.65 -20.78 13.10
CA LEU G 88 56.94 -20.36 12.59
C LEU G 88 57.86 -19.90 13.71
N LYS G 89 57.33 -19.20 14.71
CA LYS G 89 58.15 -18.75 15.83
C LYS G 89 58.66 -19.92 16.67
N GLU G 90 57.86 -20.99 16.79
CA GLU G 90 58.29 -22.14 17.57
C GLU G 90 59.53 -22.79 16.96
N LEU G 91 59.57 -22.89 15.63
CA LEU G 91 60.65 -23.57 14.93
C LEU G 91 61.87 -22.68 14.69
N LYS G 92 61.88 -21.47 15.23
CA LYS G 92 63.02 -20.56 15.13
C LYS G 92 63.34 -20.20 13.68
N LEU G 93 62.29 -20.08 12.85
CA LEU G 93 62.43 -19.64 11.47
C LEU G 93 61.84 -18.25 11.25
N LEU G 94 61.37 -17.58 12.30
CA LEU G 94 60.73 -16.29 12.12
C LEU G 94 61.72 -15.21 11.71
N GLU G 95 62.91 -15.19 12.33
CA GLU G 95 63.93 -14.21 12.02
C GLU G 95 64.68 -14.52 10.73
N ALA G 96 64.76 -15.78 10.33
CA ALA G 96 65.42 -16.15 9.09
C ALA G 96 64.57 -15.87 7.86
N TYR G 97 63.27 -15.64 8.04
CA TYR G 97 62.37 -15.37 6.92
C TYR G 97 62.02 -13.89 6.80
N GLY G 98 62.63 -13.03 7.60
CA GLY G 98 62.39 -11.61 7.50
C GLY G 98 61.10 -11.12 8.12
N LEU G 99 60.45 -11.94 8.95
CA LEU G 99 59.17 -11.59 9.55
C LEU G 99 59.30 -11.14 11.00
N ASP G 100 60.52 -10.85 11.47
CA ASP G 100 60.72 -10.52 12.86
C ASP G 100 59.99 -9.24 13.25
N GLU G 101 60.03 -8.23 12.38
CA GLU G 101 59.41 -6.94 12.66
C GLU G 101 58.23 -6.66 11.73
N LEU G 102 57.52 -7.68 11.28
CA LEU G 102 56.43 -7.50 10.32
C LEU G 102 55.21 -8.38 10.64
N THR G 103 55.01 -8.75 11.90
CA THR G 103 53.87 -9.60 12.25
C THR G 103 52.56 -8.81 12.21
N GLY G 104 52.57 -7.59 12.75
CA GLY G 104 51.41 -6.74 12.75
C GLY G 104 50.91 -6.42 11.36
N PRO G 105 51.80 -5.98 10.47
CA PRO G 105 51.40 -5.80 9.06
C PRO G 105 50.87 -7.08 8.42
N PHE G 106 51.47 -8.23 8.74
CA PHE G 106 50.99 -9.51 8.24
C PHE G 106 49.52 -9.71 8.58
N GLU G 107 49.21 -9.68 9.88
CA GLU G 107 47.84 -9.93 10.31
C GLU G 107 46.88 -8.86 9.78
N SER G 108 47.31 -7.60 9.78
CA SER G 108 46.43 -6.53 9.30
C SER G 108 46.11 -6.69 7.83
N ILE G 109 47.11 -7.03 7.01
CA ILE G 109 46.88 -7.22 5.58
C ILE G 109 45.92 -8.39 5.35
N VAL G 110 46.11 -9.49 6.07
CA VAL G 110 45.22 -10.63 5.88
C VAL G 110 43.78 -10.25 6.27
N GLU G 111 43.61 -9.58 7.40
CA GLU G 111 42.27 -9.18 7.84
C GLU G 111 41.61 -8.25 6.84
N MET G 112 42.34 -7.24 6.36
CA MET G 112 41.74 -6.28 5.44
C MET G 112 41.44 -6.90 4.09
N SER G 113 42.26 -7.85 3.63
CA SER G 113 41.92 -8.59 2.41
C SER G 113 40.66 -9.40 2.60
N CYS G 114 40.49 -10.03 3.76
CA CYS G 114 39.25 -10.77 4.02
C CYS G 114 38.04 -9.86 4.09
N LEU G 115 38.24 -8.61 4.52
CA LEU G 115 37.10 -7.69 4.65
C LEU G 115 36.64 -7.18 3.28
N MET G 116 37.55 -7.10 2.30
CA MET G 116 37.24 -6.52 1.01
C MET G 116 36.92 -7.57 -0.06
N HIS G 117 36.59 -8.79 0.33
CA HIS G 117 36.30 -9.83 -0.66
C HIS G 117 35.04 -9.54 -1.48
N ASP G 118 33.99 -9.00 -0.87
CA ASP G 118 32.71 -8.84 -1.52
C ASP G 118 32.42 -7.39 -1.92
N ILE G 119 33.47 -6.59 -2.06
CA ILE G 119 33.29 -5.17 -2.34
C ILE G 119 32.76 -4.93 -3.75
N GLY G 120 33.04 -5.82 -4.69
CA GLY G 120 32.74 -5.58 -6.09
C GLY G 120 31.64 -6.40 -6.74
N ASN G 121 30.87 -7.16 -5.98
CA ASN G 121 29.79 -7.92 -6.57
C ASN G 121 28.62 -7.00 -6.95
N PRO G 122 27.91 -7.30 -8.03
CA PRO G 122 26.76 -6.50 -8.41
C PRO G 122 25.55 -6.88 -7.59
N PRO G 123 24.47 -6.10 -7.66
CA PRO G 123 23.23 -6.50 -6.97
C PRO G 123 22.74 -7.86 -7.46
N PHE G 124 22.23 -8.64 -6.53
CA PHE G 124 21.68 -9.99 -6.72
C PHE G 124 22.76 -11.04 -6.97
N GLY G 125 24.03 -10.66 -6.99
CA GLY G 125 25.09 -11.65 -6.96
C GLY G 125 25.31 -12.32 -8.29
N HIS G 126 25.29 -13.64 -8.22
CA HIS G 126 25.51 -14.51 -9.35
C HIS G 126 24.52 -14.33 -10.45
N PHE G 127 23.35 -13.80 -10.13
CA PHE G 127 22.35 -13.61 -11.15
C PHE G 127 22.40 -12.24 -11.78
N GLY G 128 23.18 -11.34 -11.20
CA GLY G 128 23.40 -10.02 -11.73
C GLY G 128 24.48 -10.10 -12.80
N GLU G 129 25.57 -10.78 -12.49
CA GLU G 129 26.68 -10.99 -13.42
C GLU G 129 26.22 -11.74 -14.66
N ALA G 130 25.39 -12.78 -14.47
CA ALA G 130 24.87 -13.51 -15.61
C ALA G 130 24.07 -12.59 -16.53
N ALA G 131 23.22 -11.74 -15.96
CA ALA G 131 22.38 -10.85 -16.78
C ALA G 131 23.23 -9.88 -17.58
N ILE G 132 24.22 -9.26 -16.92
CA ILE G 132 25.10 -8.32 -17.62
C ILE G 132 25.84 -9.03 -18.75
N ASN G 133 26.36 -10.22 -18.46
CA ASN G 133 27.12 -10.96 -19.47
C ASN G 133 26.25 -11.33 -20.66
N ASP G 134 25.03 -11.81 -20.43
CA ASP G 134 24.16 -12.18 -21.56
C ASP G 134 23.74 -10.96 -22.38
N TRP G 135 23.41 -9.85 -21.71
CA TRP G 135 23.04 -8.65 -22.44
C TRP G 135 24.17 -8.19 -23.36
N PHE G 136 25.38 -8.09 -22.82
CA PHE G 136 26.50 -7.62 -23.63
C PHE G 136 26.91 -8.64 -24.67
N ARG G 137 26.72 -9.94 -24.40
CA ARG G 137 27.00 -10.96 -25.40
C ARG G 137 26.05 -10.85 -26.58
N GLN G 138 24.77 -10.58 -26.30
CA GLN G 138 23.83 -10.35 -27.38
C GLN G 138 24.20 -9.11 -28.18
N ARG G 139 24.64 -8.06 -27.50
CA ARG G 139 24.97 -6.83 -28.22
C ARG G 139 26.25 -6.95 -29.05
N LEU G 140 27.24 -7.71 -28.59
CA LEU G 140 28.56 -7.69 -29.21
C LEU G 140 28.92 -8.95 -29.98
N HIS G 141 28.43 -10.12 -29.55
CA HIS G 141 28.75 -11.40 -30.20
C HIS G 141 30.25 -11.59 -30.33
N PRO G 142 30.96 -11.88 -29.24
CA PRO G 142 32.42 -11.99 -29.31
C PRO G 142 32.93 -13.23 -30.02
N GLU G 143 32.09 -14.25 -30.23
CA GLU G 143 32.55 -15.49 -30.84
C GLU G 143 32.81 -15.36 -32.34
N ASP G 144 32.45 -14.24 -32.96
CA ASP G 144 32.59 -14.05 -34.39
C ASP G 144 33.87 -13.32 -34.76
N ALA G 145 34.76 -13.09 -33.80
CA ALA G 145 36.00 -12.37 -34.05
C ALA G 145 37.24 -13.24 -33.81
N GLU G 146 37.05 -14.53 -33.60
CA GLU G 146 38.15 -15.42 -33.23
C GLU G 146 39.12 -15.68 -34.38
N SER G 147 38.79 -15.30 -35.60
CA SER G 147 39.58 -15.69 -36.76
C SER G 147 39.50 -14.57 -37.80
N GLN G 148 39.83 -14.90 -39.05
CA GLN G 148 39.86 -13.91 -40.11
C GLN G 148 38.47 -13.31 -40.32
N PRO G 149 38.40 -12.09 -40.85
CA PRO G 149 37.11 -11.40 -40.98
C PRO G 149 36.10 -12.23 -41.75
N LEU G 150 34.85 -12.15 -41.29
CA LEU G 150 33.73 -12.83 -41.91
C LEU G 150 32.80 -11.82 -42.58
N THR G 151 31.87 -12.35 -43.37
CA THR G 151 30.82 -11.53 -43.98
C THR G 151 29.54 -11.54 -43.15
N ASP G 152 29.37 -12.51 -42.25
CA ASP G 152 28.19 -12.63 -41.42
C ASP G 152 28.42 -12.12 -40.00
N ASP G 153 29.20 -11.05 -39.84
CA ASP G 153 29.48 -10.48 -38.53
C ASP G 153 28.18 -9.96 -37.93
N ARG G 154 27.80 -10.51 -36.77
CA ARG G 154 26.53 -10.17 -36.14
C ARG G 154 26.63 -9.00 -35.17
N CYS G 155 27.79 -8.36 -35.09
CA CYS G 155 27.96 -7.24 -34.16
C CYS G 155 27.04 -6.09 -34.54
N SER G 156 26.50 -5.40 -33.54
CA SER G 156 25.57 -4.30 -33.75
C SER G 156 26.25 -2.94 -33.76
N VAL G 157 27.56 -2.89 -33.60
CA VAL G 157 28.32 -1.64 -33.59
C VAL G 157 29.16 -1.58 -34.85
N ALA G 158 29.05 -0.45 -35.57
CA ALA G 158 29.76 -0.32 -36.84
C ALA G 158 31.28 -0.31 -36.62
N ALA G 159 31.73 0.38 -35.58
CA ALA G 159 33.16 0.54 -35.33
C ALA G 159 33.82 -0.70 -34.77
N LEU G 160 33.05 -1.66 -34.27
CA LEU G 160 33.60 -2.89 -33.70
C LEU G 160 33.54 -4.07 -34.65
N ARG G 161 33.08 -3.87 -35.88
CA ARG G 161 33.04 -4.94 -36.86
C ARG G 161 34.43 -5.20 -37.43
N LEU G 162 34.70 -6.46 -37.74
CA LEU G 162 36.00 -6.84 -38.27
C LEU G 162 35.96 -6.74 -39.75
N ARG G 163 36.38 -5.59 -40.26
CA ARG G 163 36.36 -5.32 -41.68
C ARG G 163 37.67 -5.68 -42.35
N ASP G 164 37.70 -6.82 -43.01
CA ASP G 164 38.86 -7.35 -43.73
C ASP G 164 39.67 -6.33 -44.51
N GLY G 165 40.99 -6.39 -44.37
CA GLY G 165 41.86 -5.49 -45.06
C GLY G 165 42.64 -4.60 -44.13
N GLU G 166 42.64 -4.95 -42.86
CA GLU G 166 43.35 -4.16 -41.86
C GLU G 166 43.61 -5.03 -40.65
N GLU G 167 44.86 -5.42 -40.43
CA GLU G 167 45.17 -6.28 -39.31
C GLU G 167 45.64 -5.64 -38.01
N PRO G 168 46.11 -4.39 -38.05
CA PRO G 168 46.54 -3.81 -36.77
C PRO G 168 45.35 -3.37 -35.92
N LEU G 169 44.26 -2.93 -36.54
CA LEU G 169 43.09 -2.46 -35.82
C LEU G 169 42.20 -3.59 -35.39
N ASN G 170 42.32 -4.73 -36.04
CA ASN G 170 41.48 -5.84 -35.69
C ASN G 170 41.81 -6.44 -34.36
N GLU G 171 43.09 -6.49 -34.02
CA GLU G 171 43.50 -7.07 -32.77
C GLU G 171 42.85 -6.35 -31.63
N LEU G 172 42.71 -5.05 -31.78
CA LEU G 172 42.12 -4.23 -30.72
C LEU G 172 40.61 -4.48 -30.59
N ARG G 173 39.91 -4.63 -31.71
CA ARG G 173 38.48 -4.94 -31.67
C ARG G 173 38.23 -6.27 -31.00
N ARG G 174 39.03 -7.28 -31.35
CA ARG G 174 38.94 -8.59 -30.70
C ARG G 174 39.09 -8.48 -29.20
N LYS G 175 40.12 -7.76 -28.75
CA LYS G 175 40.37 -7.61 -27.33
C LYS G 175 39.20 -6.93 -26.62
N ILE G 176 38.71 -5.82 -27.20
CA ILE G 176 37.64 -5.09 -26.55
C ILE G 176 36.36 -5.92 -26.50
N ARG G 177 36.03 -6.60 -27.60
CA ARG G 177 34.81 -7.38 -27.65
C ARG G 177 34.85 -8.55 -26.68
N GLN G 178 36.01 -9.19 -26.53
CA GLN G 178 36.09 -10.29 -25.57
C GLN G 178 36.07 -9.77 -24.13
N ASP G 179 36.70 -8.62 -23.88
CA ASP G 179 36.76 -8.10 -22.52
C ASP G 179 35.39 -7.66 -22.03
N LEU G 180 34.60 -7.02 -22.89
CA LEU G 180 33.36 -6.42 -22.44
C LEU G 180 32.31 -7.44 -21.98
N CYS G 181 32.50 -8.73 -22.27
CA CYS G 181 31.54 -9.76 -21.89
C CYS G 181 32.04 -10.66 -20.76
N HIS G 182 33.00 -10.19 -19.97
CA HIS G 182 33.57 -10.94 -18.85
C HIS G 182 33.62 -10.09 -17.59
N PHE G 183 32.50 -9.44 -17.26
CA PHE G 183 32.38 -8.80 -15.95
C PHE G 183 32.57 -9.84 -14.85
N GLU G 184 33.38 -9.47 -13.85
CA GLU G 184 33.66 -10.35 -12.72
C GLU G 184 33.85 -9.49 -11.48
N GLY G 185 33.49 -10.05 -10.32
CA GLY G 185 33.44 -9.25 -9.11
C GLY G 185 34.79 -8.75 -8.65
N ASN G 186 35.81 -9.59 -8.74
CA ASN G 186 37.13 -9.21 -8.22
C ASN G 186 37.80 -8.14 -9.08
N ALA G 187 37.67 -8.27 -10.41
CA ALA G 187 38.21 -7.23 -11.29
C ALA G 187 37.54 -5.89 -11.04
N GLN G 188 36.21 -5.91 -10.87
CA GLN G 188 35.49 -4.68 -10.53
C GLN G 188 35.90 -4.15 -9.16
N GLY G 189 36.23 -5.03 -8.22
CA GLY G 189 36.71 -4.58 -6.94
C GLY G 189 38.05 -3.86 -7.03
N ILE G 190 38.96 -4.40 -7.84
CA ILE G 190 40.25 -3.74 -8.06
C ILE G 190 40.02 -2.37 -8.70
N ARG G 191 39.16 -2.33 -9.73
CA ARG G 191 38.86 -1.06 -10.40
C ARG G 191 38.26 -0.05 -9.43
N LEU G 192 37.36 -0.52 -8.56
CA LEU G 192 36.72 0.36 -7.59
C LEU G 192 37.72 0.90 -6.58
N VAL G 193 38.60 0.04 -6.08
CA VAL G 193 39.57 0.48 -5.08
C VAL G 193 40.56 1.46 -5.67
N HIS G 194 40.96 1.26 -6.93
CA HIS G 194 41.97 2.16 -7.50
C HIS G 194 41.34 3.40 -8.15
N THR G 195 40.47 3.20 -9.14
CA THR G 195 40.03 4.29 -10.00
C THR G 195 38.84 5.06 -9.46
N LEU G 196 37.78 4.37 -9.02
CA LEU G 196 36.52 5.04 -8.71
C LEU G 196 36.52 5.72 -7.34
N MET G 197 37.04 5.07 -6.31
CA MET G 197 37.04 5.64 -4.97
C MET G 197 38.30 6.44 -4.66
N ARG G 198 39.44 6.09 -5.25
CA ARG G 198 40.71 6.76 -5.03
C ARG G 198 41.09 6.74 -3.55
N MET G 199 41.27 5.52 -3.04
CA MET G 199 41.62 5.31 -1.64
C MET G 199 43.12 5.39 -1.38
N ASN G 200 43.95 5.16 -2.41
CA ASN G 200 45.40 5.24 -2.31
C ASN G 200 45.95 4.29 -1.24
N LEU G 201 45.71 3.00 -1.47
CA LEU G 201 46.20 1.97 -0.57
C LEU G 201 47.64 1.59 -0.92
N THR G 202 48.28 0.91 0.03
CA THR G 202 49.63 0.42 -0.19
C THR G 202 49.63 -0.71 -1.21
N TRP G 203 50.82 -1.00 -1.74
CA TRP G 203 50.93 -2.02 -2.78
C TRP G 203 50.56 -3.40 -2.28
N ALA G 204 50.98 -3.74 -1.06
CA ALA G 204 50.65 -5.06 -0.50
C ALA G 204 49.15 -5.22 -0.28
N GLN G 205 48.48 -4.16 0.19
CA GLN G 205 47.04 -4.25 0.40
C GLN G 205 46.30 -4.47 -0.92
N VAL G 206 46.71 -3.79 -1.98
CA VAL G 206 46.08 -3.99 -3.28
C VAL G 206 46.39 -5.38 -3.82
N GLY G 207 47.62 -5.87 -3.60
CA GLY G 207 47.96 -7.20 -4.08
C GLY G 207 47.24 -8.30 -3.33
N GLY G 208 46.83 -8.02 -2.10
CA GLY G 208 46.11 -9.01 -1.30
C GLY G 208 44.73 -9.34 -1.84
N ILE G 209 44.16 -8.49 -2.68
CA ILE G 209 42.83 -8.72 -3.23
C ILE G 209 42.87 -9.14 -4.69
N LEU G 210 44.05 -9.45 -5.22
CA LEU G 210 44.18 -10.03 -6.56
C LEU G 210 44.11 -11.54 -6.43
N LYS G 211 42.94 -12.11 -6.69
CA LYS G 211 42.70 -13.53 -6.42
C LYS G 211 43.09 -14.41 -7.61
N TYR G 212 42.69 -14.03 -8.82
CA TYR G 212 42.98 -14.78 -10.02
C TYR G 212 43.75 -13.90 -11.00
N THR G 213 44.49 -14.54 -11.90
CA THR G 213 45.47 -13.86 -12.72
C THR G 213 45.15 -13.88 -14.22
N ARG G 214 44.01 -14.44 -14.62
CA ARG G 214 43.73 -14.50 -16.05
C ARG G 214 43.21 -13.16 -16.54
N PRO G 215 43.80 -12.58 -17.58
CA PRO G 215 43.24 -11.35 -18.15
C PRO G 215 41.86 -11.58 -18.73
N ALA G 216 41.04 -10.53 -18.68
CA ALA G 216 39.67 -10.63 -19.17
C ALA G 216 39.59 -10.79 -20.69
N TRP G 217 40.58 -10.30 -21.42
CA TRP G 217 40.58 -10.39 -22.88
C TRP G 217 41.25 -11.67 -23.39
N TRP G 218 41.42 -12.67 -22.54
CA TRP G 218 42.10 -13.88 -22.93
C TRP G 218 41.23 -14.73 -23.85
N ARG G 219 41.84 -15.25 -24.92
CA ARG G 219 41.19 -16.20 -25.81
C ARG G 219 42.06 -17.44 -25.94
N GLY G 220 41.46 -18.60 -25.78
CA GLY G 220 42.14 -19.86 -26.01
C GLY G 220 42.39 -20.63 -24.73
N GLU G 221 43.35 -21.54 -24.81
CA GLU G 221 43.73 -22.39 -23.69
C GLU G 221 44.83 -21.74 -22.86
N THR G 222 44.80 -22.03 -21.57
CA THR G 222 45.78 -21.54 -20.62
C THR G 222 46.87 -22.59 -20.41
N PRO G 223 48.07 -22.17 -20.03
CA PRO G 223 49.16 -23.13 -19.82
C PRO G 223 48.82 -24.13 -18.74
N GLU G 224 49.31 -25.37 -18.91
CA GLU G 224 49.02 -26.44 -17.97
C GLU G 224 49.63 -26.19 -16.60
N THR G 225 50.60 -25.28 -16.51
CA THR G 225 51.22 -24.95 -15.23
C THR G 225 50.51 -23.83 -14.49
N HIS G 226 49.39 -23.32 -15.03
CA HIS G 226 48.64 -22.27 -14.36
C HIS G 226 47.13 -22.48 -14.45
N HIS G 227 46.66 -23.73 -14.69
CA HIS G 227 45.26 -23.93 -15.00
C HIS G 227 44.34 -23.65 -13.83
N TYR G 228 44.85 -23.64 -12.60
CA TYR G 228 44.02 -23.30 -11.46
C TYR G 228 44.07 -21.81 -11.14
N LEU G 229 45.24 -21.19 -11.27
CA LEU G 229 45.37 -19.76 -10.99
C LEU G 229 44.71 -18.90 -12.05
N MET G 230 44.28 -19.49 -13.17
CA MET G 230 43.68 -18.77 -14.28
C MET G 230 42.33 -19.35 -14.67
N LYS G 231 41.52 -19.73 -13.67
CA LYS G 231 40.21 -20.30 -13.98
C LYS G 231 39.14 -19.22 -14.09
N LYS G 232 39.42 -18.02 -13.58
CA LYS G 232 38.49 -16.91 -13.65
C LYS G 232 39.22 -15.65 -14.12
N PRO G 233 38.51 -14.69 -14.71
CA PRO G 233 39.16 -13.41 -15.03
C PRO G 233 39.67 -12.71 -13.78
N GLY G 234 40.81 -12.04 -13.93
CA GLY G 234 41.42 -11.39 -12.79
C GLY G 234 41.38 -9.86 -12.83
N TYR G 235 41.51 -9.29 -14.01
CA TYR G 235 41.50 -7.84 -14.15
C TYR G 235 41.07 -7.47 -15.56
N TYR G 236 40.67 -6.22 -15.72
CA TYR G 236 40.17 -5.70 -16.98
C TYR G 236 41.31 -5.10 -17.81
N LEU G 237 40.96 -4.65 -19.02
CA LEU G 237 41.95 -4.06 -19.92
C LEU G 237 42.32 -2.65 -19.53
N SER G 238 41.44 -1.93 -18.82
CA SER G 238 41.72 -0.57 -18.41
C SER G 238 42.68 -0.48 -17.23
N GLU G 239 43.00 -1.60 -16.58
CA GLU G 239 43.92 -1.63 -15.45
C GLU G 239 45.25 -2.26 -15.80
N GLU G 240 45.44 -2.71 -17.04
CA GLU G 240 46.63 -3.47 -17.42
C GLU G 240 47.91 -2.76 -16.99
N ALA G 241 48.09 -1.53 -17.44
CA ALA G 241 49.27 -0.76 -17.07
C ALA G 241 49.46 -0.75 -15.55
N TYR G 242 48.39 -0.43 -14.82
CA TYR G 242 48.46 -0.44 -13.36
C TYR G 242 48.99 -1.76 -12.85
N ILE G 243 48.40 -2.86 -13.31
CA ILE G 243 48.82 -4.18 -12.84
C ILE G 243 50.30 -4.40 -13.12
N ALA G 244 50.76 -3.95 -14.29
CA ALA G 244 52.17 -4.08 -14.62
C ALA G 244 53.04 -3.49 -13.52
N ARG G 245 52.77 -2.24 -13.15
CA ARG G 245 53.57 -1.61 -12.11
C ARG G 245 53.46 -2.38 -10.80
N LEU G 246 52.27 -2.89 -10.50
CA LEU G 246 52.08 -3.66 -9.28
C LEU G 246 53.08 -4.82 -9.24
N ARG G 247 53.26 -5.52 -10.36
CA ARG G 247 54.22 -6.61 -10.38
C ARG G 247 55.63 -6.11 -10.08
N LYS G 248 56.01 -4.98 -10.70
CA LYS G 248 57.33 -4.44 -10.44
C LYS G 248 57.50 -4.05 -8.97
N GLU G 249 56.40 -3.77 -8.28
CA GLU G 249 56.50 -3.40 -6.88
C GLU G 249 56.49 -4.60 -5.95
N LEU G 250 56.16 -5.80 -6.45
CA LEU G 250 56.07 -6.97 -5.58
C LEU G 250 56.88 -8.15 -6.12
N ASN G 251 57.71 -7.94 -7.14
CA ASN G 251 58.55 -8.99 -7.71
C ASN G 251 57.73 -10.23 -8.10
N LEU G 252 56.64 -9.99 -8.82
CA LEU G 252 55.76 -11.04 -9.29
C LEU G 252 55.94 -11.22 -10.79
N ALA G 253 56.06 -12.47 -11.22
CA ALA G 253 56.15 -12.77 -12.64
C ALA G 253 54.76 -12.72 -13.27
N LEU G 254 54.70 -12.94 -14.58
CA LEU G 254 53.43 -12.98 -15.28
C LEU G 254 52.56 -14.12 -14.76
N TYR G 255 51.28 -13.82 -14.52
CA TYR G 255 50.29 -14.80 -14.09
C TYR G 255 50.63 -15.41 -12.74
N SER G 256 51.29 -14.65 -11.88
CA SER G 256 51.64 -15.11 -10.54
C SER G 256 50.72 -14.46 -9.50
N ARG G 257 50.85 -14.94 -8.26
CA ARG G 257 49.95 -14.61 -7.19
C ARG G 257 50.73 -14.22 -5.94
N PHE G 258 50.19 -13.27 -5.18
CA PHE G 258 50.74 -12.77 -3.93
C PHE G 258 50.46 -13.76 -2.80
N PRO G 259 51.50 -14.09 -2.00
CA PRO G 259 51.39 -15.19 -1.03
C PRO G 259 50.15 -15.17 -0.13
N LEU G 260 49.96 -14.08 0.62
CA LEU G 260 48.93 -14.06 1.66
C LEU G 260 47.54 -14.31 1.10
N THR G 261 47.32 -14.07 -0.19
CA THR G 261 46.03 -14.34 -0.80
C THR G 261 45.55 -15.75 -0.51
N TRP G 262 46.47 -16.73 -0.55
CA TRP G 262 46.08 -18.10 -0.26
C TRP G 262 45.30 -18.19 1.05
N ILE G 263 45.84 -17.60 2.12
CA ILE G 263 45.17 -17.65 3.41
C ILE G 263 43.75 -17.13 3.30
N MET G 264 43.59 -15.97 2.64
CA MET G 264 42.25 -15.39 2.52
C MET G 264 41.31 -16.36 1.83
N GLU G 265 41.77 -16.96 0.73
CA GLU G 265 40.93 -17.91 0.01
C GLU G 265 40.47 -19.02 0.93
N ALA G 266 41.38 -19.56 1.75
CA ALA G 266 41.03 -20.63 2.66
C ALA G 266 39.87 -20.22 3.55
N ALA G 267 39.92 -19.01 4.11
CA ALA G 267 38.85 -18.57 5.00
C ALA G 267 37.52 -18.57 4.26
N ASP G 268 37.50 -18.06 3.03
CA ASP G 268 36.25 -17.92 2.29
C ASP G 268 35.61 -19.28 2.05
N ASP G 269 36.38 -20.35 2.23
CA ASP G 269 35.89 -21.72 2.06
C ASP G 269 35.31 -22.38 3.29
N ILE G 270 35.69 -21.96 4.49
CA ILE G 270 35.13 -22.58 5.69
C ILE G 270 33.77 -21.98 6.01
N SER G 271 33.74 -20.68 6.32
CA SER G 271 32.50 -20.03 6.71
C SER G 271 31.40 -20.32 5.69
N TYR G 272 31.77 -20.31 4.40
CA TYR G 272 30.83 -20.46 3.29
C TYR G 272 29.78 -21.51 3.57
N CYS G 273 30.18 -22.61 4.22
CA CYS G 273 29.19 -23.64 4.51
C CYS G 273 28.36 -23.27 5.73
N VAL G 274 29.02 -23.23 6.89
CA VAL G 274 28.30 -23.45 8.15
C VAL G 274 27.26 -22.37 8.38
N ALA G 275 27.63 -21.11 8.16
CA ALA G 275 26.73 -19.99 8.41
C ALA G 275 25.39 -20.20 7.73
N ASP G 276 25.39 -20.58 6.44
CA ASP G 276 24.12 -20.69 5.74
C ASP G 276 23.18 -21.61 6.48
N LEU G 277 23.70 -22.75 6.94
CA LEU G 277 22.87 -23.76 7.59
C LEU G 277 22.13 -23.15 8.77
N GLU G 278 22.82 -22.37 9.60
CA GLU G 278 22.19 -21.83 10.80
C GLU G 278 20.98 -20.99 10.43
N ASP G 279 21.11 -20.16 9.38
CA ASP G 279 20.02 -19.26 9.05
C ASP G 279 18.77 -20.02 8.66
N ALA G 280 18.94 -21.23 8.10
CA ALA G 280 17.79 -22.03 7.71
C ALA G 280 16.89 -22.32 8.91
N VAL G 281 17.51 -22.52 10.09
CA VAL G 281 16.71 -22.80 11.27
C VAL G 281 16.00 -21.54 11.74
N GLU G 282 16.62 -20.37 11.56
CA GLU G 282 16.08 -19.16 12.16
C GLU G 282 14.86 -18.66 11.39
N LYS G 283 14.77 -19.01 10.10
CA LYS G 283 13.61 -18.67 9.29
C LYS G 283 12.49 -19.70 9.38
N ARG G 284 12.60 -20.64 10.31
CA ARG G 284 11.60 -21.68 10.53
C ARG G 284 11.38 -22.54 9.29
N ILE G 285 12.46 -23.14 8.78
CA ILE G 285 12.37 -24.07 7.66
C ILE G 285 12.35 -25.51 8.14
N PHE G 286 13.27 -25.88 9.02
CA PHE G 286 13.27 -27.20 9.64
C PHE G 286 14.01 -27.10 10.97
N THR G 287 14.26 -28.22 11.60
CA THR G 287 14.92 -28.13 12.88
C THR G 287 16.08 -29.08 13.09
N VAL G 288 16.74 -28.84 14.21
CA VAL G 288 17.91 -29.58 14.65
C VAL G 288 17.90 -31.08 14.38
N GLU G 289 16.79 -31.76 14.75
CA GLU G 289 16.60 -33.18 14.51
C GLU G 289 16.71 -33.52 13.03
N GLN G 290 16.05 -32.74 12.18
CA GLN G 290 16.16 -32.88 10.73
C GLN G 290 17.58 -32.60 10.25
N LEU G 291 18.26 -31.64 10.87
CA LEU G 291 19.66 -31.38 10.55
C LEU G 291 20.50 -32.64 10.70
N TYR G 292 20.42 -33.27 11.87
CA TYR G 292 21.22 -34.46 12.11
C TYR G 292 20.80 -35.59 11.20
N HIS G 293 19.50 -35.77 10.97
CA HIS G 293 19.04 -36.85 10.11
C HIS G 293 19.57 -36.69 8.70
N HIS G 294 19.49 -35.48 8.15
CA HIS G 294 19.98 -35.23 6.80
C HIS G 294 21.50 -35.40 6.72
N LEU G 295 22.22 -34.91 7.73
CA LEU G 295 23.67 -35.06 7.74
C LEU G 295 24.06 -36.54 7.76
N HIS G 296 23.42 -37.31 8.64
CA HIS G 296 23.75 -38.73 8.75
C HIS G 296 23.39 -39.48 7.48
N GLU G 297 22.26 -39.14 6.86
CA GLU G 297 21.88 -39.79 5.60
C GLU G 297 22.84 -39.44 4.46
N ALA G 298 23.29 -38.19 4.39
CA ALA G 298 24.16 -37.76 3.30
C ALA G 298 25.62 -38.10 3.52
N TRP G 299 26.01 -38.51 4.73
CA TRP G 299 27.40 -38.88 4.97
C TRP G 299 27.80 -40.07 4.12
N PHE G 308 34.57 -37.70 10.74
CA PHE G 308 33.14 -37.52 10.89
C PHE G 308 32.67 -37.81 12.31
N SER G 309 33.21 -38.89 12.89
CA SER G 309 32.75 -39.34 14.20
C SER G 309 32.96 -38.27 15.26
N LEU G 310 34.16 -37.68 15.29
CA LEU G 310 34.51 -36.74 16.35
C LEU G 310 33.56 -35.55 16.39
N VAL G 311 33.58 -34.73 15.33
CA VAL G 311 32.83 -33.47 15.34
C VAL G 311 31.34 -33.74 15.43
N VAL G 312 30.83 -34.60 14.55
CA VAL G 312 29.38 -34.82 14.47
C VAL G 312 28.86 -35.45 15.76
N GLU G 313 29.54 -36.50 16.24
CA GLU G 313 29.08 -37.15 17.46
C GLU G 313 29.19 -36.26 18.67
N ASN G 314 30.28 -35.50 18.82
CA ASN G 314 30.39 -34.59 19.96
C ASN G 314 29.29 -33.53 19.91
N ALA G 315 29.04 -32.97 18.72
CA ALA G 315 28.01 -31.95 18.59
C ALA G 315 26.64 -32.51 18.91
N TRP G 316 26.35 -33.72 18.45
CA TRP G 316 25.00 -34.27 18.62
C TRP G 316 24.77 -34.76 20.05
N GLU G 317 25.81 -35.26 20.70
CA GLU G 317 25.65 -35.86 22.03
C GLU G 317 25.87 -34.88 23.17
N LYS G 318 26.81 -33.95 23.05
CA LYS G 318 26.99 -32.95 24.11
C LYS G 318 25.85 -31.95 24.15
N SER G 319 25.02 -31.90 23.10
CA SER G 319 23.90 -30.99 23.08
C SER G 319 22.70 -31.52 23.86
N ARG G 320 22.70 -32.80 24.20
CA ARG G 320 21.59 -33.40 24.93
C ARG G 320 22.03 -33.89 26.30
N ASP G 330 20.66 -21.66 19.94
CA ASP G 330 21.60 -20.56 20.05
C ASP G 330 22.95 -21.03 20.61
N GLN G 331 22.92 -22.14 21.35
CA GLN G 331 24.12 -22.69 21.93
C GLN G 331 24.63 -23.94 21.22
N PHE G 332 23.84 -24.51 20.30
CA PHE G 332 24.31 -25.66 19.54
C PHE G 332 25.36 -25.25 18.51
N PHE G 333 25.10 -24.16 17.79
CA PHE G 333 26.02 -23.72 16.76
C PHE G 333 27.29 -23.15 17.37
N MET G 334 27.18 -22.47 18.52
CA MET G 334 28.36 -21.95 19.19
C MET G 334 29.30 -23.08 19.62
N TYR G 335 28.76 -24.29 19.79
CA TYR G 335 29.60 -25.46 20.05
C TYR G 335 30.06 -26.13 18.77
N LEU G 336 29.24 -26.07 17.71
CA LEU G 336 29.61 -26.74 16.46
C LEU G 336 30.73 -26.01 15.72
N ARG G 337 30.74 -24.69 15.77
CA ARG G 337 31.77 -23.95 15.10
C ARG G 337 33.13 -24.26 15.66
N VAL G 338 33.24 -24.21 16.98
CA VAL G 338 34.54 -24.28 17.64
C VAL G 338 35.28 -25.55 17.26
N ASN G 339 34.58 -26.69 17.25
CA ASN G 339 35.22 -27.95 16.91
C ASN G 339 35.71 -27.96 15.47
N THR G 340 34.88 -27.43 14.56
CA THR G 340 35.29 -27.35 13.16
C THR G 340 36.51 -26.47 12.98
N LEU G 341 36.57 -25.34 13.70
CA LEU G 341 37.74 -24.47 13.60
C LEU G 341 38.98 -25.15 14.14
N ASN G 342 38.88 -25.79 15.31
CA ASN G 342 40.02 -26.50 15.87
C ASN G 342 40.44 -27.71 15.04
N LYS G 343 39.56 -28.21 14.17
CA LYS G 343 39.96 -29.29 13.26
C LYS G 343 40.53 -28.78 11.94
N LEU G 344 40.12 -27.59 11.48
CA LEU G 344 40.50 -27.10 10.17
C LEU G 344 41.69 -26.13 10.17
N VAL G 345 41.78 -25.22 11.14
CA VAL G 345 42.81 -24.17 11.08
C VAL G 345 44.22 -24.74 11.13
N PRO G 346 44.57 -25.65 12.05
CA PRO G 346 45.94 -26.19 12.03
C PRO G 346 46.30 -26.90 10.74
N TYR G 347 45.34 -27.55 10.09
CA TYR G 347 45.61 -28.18 8.80
C TYR G 347 46.03 -27.14 7.76
N ALA G 348 45.30 -26.02 7.71
CA ALA G 348 45.64 -24.95 6.78
C ALA G 348 47.00 -24.33 7.11
N ALA G 349 47.30 -24.16 8.40
CA ALA G 349 48.60 -23.62 8.79
C ALA G 349 49.73 -24.54 8.36
N GLN G 350 49.57 -25.85 8.56
CA GLN G 350 50.61 -26.79 8.17
C GLN G 350 50.75 -26.87 6.65
N ARG G 351 49.63 -26.76 5.92
CA ARG G 351 49.72 -26.75 4.46
C ARG G 351 50.43 -25.50 3.96
N PHE G 352 50.17 -24.36 4.61
CA PHE G 352 50.88 -23.13 4.23
C PHE G 352 52.38 -23.26 4.50
N ILE G 353 52.75 -23.77 5.67
CA ILE G 353 54.17 -23.82 6.03
C ILE G 353 54.92 -24.87 5.22
N ASP G 354 54.27 -26.00 4.91
CA ASP G 354 54.95 -27.08 4.21
C ASP G 354 55.35 -26.67 2.79
N ASN G 355 54.47 -25.98 2.06
CA ASN G 355 54.71 -25.60 0.68
C ASN G 355 55.07 -24.13 0.54
N LEU G 356 55.80 -23.60 1.52
CA LEU G 356 56.13 -22.17 1.60
C LEU G 356 56.95 -21.66 0.42
N PRO G 357 58.01 -22.35 -0.04
CA PRO G 357 58.76 -21.82 -1.19
C PRO G 357 57.93 -21.64 -2.44
N ALA G 358 57.03 -22.58 -2.74
CA ALA G 358 56.19 -22.45 -3.93
C ALA G 358 55.22 -21.27 -3.80
N ILE G 359 54.65 -21.09 -2.62
CA ILE G 359 53.74 -19.97 -2.39
C ILE G 359 54.49 -18.65 -2.51
N PHE G 360 55.70 -18.57 -1.92
CA PHE G 360 56.49 -17.36 -2.01
C PHE G 360 56.91 -17.07 -3.45
N ALA G 361 57.11 -18.11 -4.26
CA ALA G 361 57.38 -17.90 -5.68
C ALA G 361 56.14 -17.43 -6.44
N GLY G 362 54.96 -17.82 -5.98
CA GLY G 362 53.71 -17.44 -6.62
C GLY G 362 53.20 -18.42 -7.66
N THR G 363 53.75 -19.63 -7.73
CA THR G 363 53.39 -20.59 -8.75
C THR G 363 52.70 -21.83 -8.21
N PHE G 364 52.26 -21.83 -6.95
CA PHE G 364 51.58 -22.97 -6.38
C PHE G 364 50.21 -23.13 -7.02
N ASN G 365 50.01 -24.23 -7.75
CA ASN G 365 48.82 -24.42 -8.58
C ASN G 365 47.72 -25.19 -7.85
N HIS G 366 47.67 -25.08 -6.53
CA HIS G 366 46.66 -25.77 -5.73
C HIS G 366 46.13 -24.82 -4.66
N ALA G 367 45.10 -25.27 -3.96
CA ALA G 367 44.57 -24.57 -2.80
C ALA G 367 44.98 -25.27 -1.52
N LEU G 368 44.93 -24.53 -0.42
CA LEU G 368 45.38 -25.08 0.86
C LEU G 368 44.51 -26.24 1.31
N LEU G 369 43.19 -26.07 1.28
CA LEU G 369 42.27 -27.09 1.75
C LEU G 369 41.88 -28.10 0.68
N GLU G 370 42.34 -27.92 -0.56
CA GLU G 370 42.03 -28.89 -1.60
C GLU G 370 42.91 -30.12 -1.46
N ALA G 372 42.53 -34.71 -0.08
CA ALA G 372 41.70 -35.89 0.16
C ALA G 372 41.51 -36.17 1.65
N SER G 373 41.85 -35.24 2.52
CA SER G 373 41.73 -35.47 3.96
C SER G 373 40.27 -35.45 4.40
N GLU G 374 40.07 -35.67 5.69
CA GLU G 374 38.72 -35.65 6.24
C GLU G 374 38.11 -34.25 6.19
N CYS G 375 38.96 -33.23 6.09
CA CYS G 375 38.46 -31.86 5.98
C CYS G 375 37.62 -31.66 4.72
N SER G 376 38.09 -32.19 3.59
CA SER G 376 37.33 -32.10 2.36
C SER G 376 35.99 -32.82 2.49
N ASP G 377 35.99 -33.99 3.13
CA ASP G 377 34.75 -34.73 3.33
C ASP G 377 33.76 -33.96 4.19
N LEU G 378 34.24 -33.36 5.29
CA LEU G 378 33.33 -32.61 6.15
C LEU G 378 32.77 -31.38 5.44
N LEU G 379 33.62 -30.66 4.70
CA LEU G 379 33.15 -29.49 3.96
C LEU G 379 32.14 -29.89 2.89
N LYS G 380 32.40 -30.99 2.19
CA LYS G 380 31.46 -31.48 1.19
C LYS G 380 30.15 -31.91 1.82
N LEU G 381 30.20 -32.50 3.02
CA LEU G 381 28.99 -32.85 3.73
C LEU G 381 28.14 -31.62 3.99
N TYR G 382 28.74 -30.59 4.56
CA TYR G 382 28.02 -29.35 4.84
C TYR G 382 27.44 -28.76 3.55
N LYS G 383 28.27 -28.72 2.50
CA LYS G 383 27.83 -28.12 1.24
C LYS G 383 26.66 -28.86 0.63
N ASN G 384 26.71 -30.20 0.60
CA ASN G 384 25.62 -30.94 -0.03
C ASN G 384 24.34 -30.89 0.80
N VAL G 385 24.45 -30.88 2.13
CA VAL G 385 23.25 -30.68 2.94
C VAL G 385 22.63 -29.32 2.64
N ALA G 386 23.46 -28.27 2.56
CA ALA G 386 22.94 -26.94 2.26
C ALA G 386 22.29 -26.88 0.89
N VAL G 387 22.90 -27.52 -0.11
CA VAL G 387 22.31 -27.54 -1.45
C VAL G 387 20.99 -28.29 -1.46
N LYS G 388 20.90 -29.39 -0.71
CA LYS G 388 19.68 -30.20 -0.73
C LYS G 388 18.52 -29.52 -0.02
N HIS G 389 18.77 -28.90 1.15
CA HIS G 389 17.67 -28.47 2.00
C HIS G 389 17.49 -26.95 2.10
N VAL G 390 18.41 -26.15 1.54
CA VAL G 390 18.31 -24.71 1.73
C VAL G 390 18.16 -23.98 0.40
N PHE G 391 19.09 -24.24 -0.53
CA PHE G 391 19.08 -23.53 -1.81
C PHE G 391 17.94 -23.95 -2.72
N SER G 392 17.21 -25.01 -2.39
CA SER G 392 16.09 -25.48 -3.20
C SER G 392 14.75 -24.90 -2.74
N HIS G 393 14.77 -24.02 -1.76
CA HIS G 393 13.54 -23.40 -1.28
C HIS G 393 12.98 -22.47 -2.35
N PRO G 394 11.65 -22.38 -2.48
CA PRO G 394 11.07 -21.56 -3.55
C PRO G 394 11.44 -20.08 -3.46
N ASP G 395 11.60 -19.53 -2.26
CA ASP G 395 11.85 -18.10 -2.12
C ASP G 395 13.18 -17.70 -2.77
N VAL G 396 14.23 -18.50 -2.56
CA VAL G 396 15.53 -18.18 -3.14
C VAL G 396 15.47 -18.17 -4.65
N GLU G 397 14.79 -19.19 -5.15
CA GLU G 397 14.60 -19.37 -6.56
C GLU G 397 13.84 -18.20 -7.21
N ARG G 398 12.79 -17.74 -6.57
CA ARG G 398 11.99 -16.60 -7.01
C ARG G 398 12.80 -15.31 -6.97
N LEU G 399 13.57 -15.11 -5.91
CA LEU G 399 14.40 -13.91 -5.81
C LEU G 399 15.44 -13.87 -6.91
N GLU G 400 15.99 -15.02 -7.25
CA GLU G 400 16.97 -15.18 -8.29
C GLU G 400 16.45 -14.83 -9.67
N LEU G 401 15.22 -15.23 -9.97
CA LEU G 401 14.57 -14.87 -11.23
C LEU G 401 14.23 -13.38 -11.28
N GLN G 402 13.71 -12.85 -10.17
CA GLN G 402 13.36 -11.43 -10.13
C GLN G 402 14.59 -10.55 -10.32
N GLY G 403 15.70 -10.89 -9.69
CA GLY G 403 16.91 -10.11 -9.87
C GLY G 403 17.42 -10.12 -11.29
N TYR G 404 17.40 -11.30 -11.92
CA TYR G 404 17.78 -11.39 -13.33
C TYR G 404 16.95 -10.45 -14.19
N ARG G 405 15.62 -10.50 -14.01
CA ARG G 405 14.75 -9.65 -14.81
C ARG G 405 14.98 -8.17 -14.54
N VAL G 406 15.24 -7.80 -13.29
CA VAL G 406 15.45 -6.38 -12.96
C VAL G 406 16.72 -5.86 -13.63
N ILE G 407 17.80 -6.63 -13.58
CA ILE G 407 19.05 -6.16 -14.19
C ILE G 407 18.88 -6.03 -15.70
N SER G 408 18.22 -7.02 -16.33
CA SER G 408 17.99 -6.91 -17.78
C SER G 408 17.16 -5.68 -18.12
N GLY G 409 16.13 -5.40 -17.32
CA GLY G 409 15.30 -4.24 -17.59
C GLY G 409 16.05 -2.93 -17.45
N LEU G 410 16.90 -2.82 -16.43
CA LEU G 410 17.69 -1.60 -16.26
C LEU G 410 18.62 -1.38 -17.44
N LEU G 411 19.28 -2.45 -17.90
CA LEU G 411 20.16 -2.31 -19.06
C LEU G 411 19.37 -1.90 -20.30
N GLU G 412 18.18 -2.47 -20.49
CA GLU G 412 17.34 -2.07 -21.63
C GLU G 412 16.95 -0.60 -21.53
N ILE G 413 16.64 -0.13 -20.32
CA ILE G 413 16.26 1.27 -20.14
C ILE G 413 17.41 2.19 -20.49
N TYR G 414 18.63 1.85 -20.07
CA TYR G 414 19.76 2.73 -20.33
C TYR G 414 20.42 2.49 -21.69
N ARG G 415 19.90 1.55 -22.48
CA ARG G 415 20.42 1.33 -23.83
C ARG G 415 20.53 2.58 -24.71
N PRO G 416 19.56 3.50 -24.76
CA PRO G 416 19.69 4.64 -25.70
C PRO G 416 20.96 5.45 -25.55
N LEU G 417 21.63 5.41 -24.39
CA LEU G 417 22.89 6.12 -24.25
C LEU G 417 24.00 5.52 -25.10
N LEU G 418 23.91 4.24 -25.44
CA LEU G 418 24.94 3.57 -26.22
C LEU G 418 24.71 3.65 -27.72
N SER G 419 23.58 4.19 -28.16
CA SER G 419 23.27 4.30 -29.57
C SER G 419 23.67 5.64 -30.18
N LEU G 420 24.22 6.55 -29.39
CA LEU G 420 24.58 7.87 -29.87
C LEU G 420 25.87 7.76 -30.69
N SER G 421 26.39 8.92 -31.10
CA SER G 421 27.62 9.00 -31.87
C SER G 421 28.71 9.66 -31.02
N LEU G 422 29.93 9.66 -31.55
CA LEU G 422 31.06 10.23 -30.83
C LEU G 422 30.85 11.73 -30.59
N SER G 423 30.47 12.46 -31.63
CA SER G 423 30.29 13.91 -31.50
C SER G 423 29.13 14.23 -30.56
N ASP G 424 28.03 13.49 -30.67
CA ASP G 424 26.87 13.75 -29.82
C ASP G 424 27.19 13.51 -28.36
N PHE G 425 27.82 12.37 -28.05
CA PHE G 425 28.16 12.07 -26.66
C PHE G 425 29.20 13.04 -26.13
N THR G 426 30.17 13.44 -26.96
CA THR G 426 31.17 14.41 -26.52
C THR G 426 30.52 15.75 -26.19
N GLU G 427 29.62 16.24 -27.05
CA GLU G 427 28.92 17.49 -26.77
C GLU G 427 28.07 17.36 -25.53
N LEU G 428 27.43 16.22 -25.34
CA LEU G 428 26.59 15.99 -24.17
C LEU G 428 27.42 16.01 -22.89
N VAL G 429 28.67 15.55 -22.95
CA VAL G 429 29.52 15.57 -21.76
C VAL G 429 29.97 16.95 -21.32
N GLU G 430 30.32 17.80 -22.26
CA GLU G 430 30.81 19.16 -21.97
C GLU G 430 29.84 20.15 -21.35
N LYS G 431 28.54 19.92 -21.52
CA LYS G 431 27.54 20.80 -20.93
C LYS G 431 26.62 20.03 -20.00
N VAL G 434 21.90 19.90 -23.39
CA VAL G 434 21.74 20.08 -24.81
C VAL G 434 20.26 20.24 -25.14
N LYS G 435 19.97 20.79 -26.32
CA LYS G 435 18.59 21.00 -26.74
C LYS G 435 18.08 19.96 -27.72
N ARG G 436 18.97 19.15 -28.31
CA ARG G 436 18.56 18.15 -29.28
C ARG G 436 18.36 16.76 -28.68
N PHE G 437 18.80 16.54 -27.44
CA PHE G 437 18.73 15.21 -26.80
C PHE G 437 18.18 15.35 -25.40
N PRO G 438 16.86 15.58 -25.26
CA PRO G 438 16.28 15.73 -23.93
C PRO G 438 16.33 14.45 -23.09
N ILE G 439 15.81 13.35 -23.65
CA ILE G 439 15.76 12.08 -22.94
C ILE G 439 17.17 11.61 -22.60
N GLU G 440 18.07 11.67 -23.59
CA GLU G 440 19.44 11.24 -23.37
C GLU G 440 20.16 12.09 -22.34
N SER G 441 19.92 13.40 -22.37
CA SER G 441 20.56 14.27 -21.38
C SER G 441 20.06 13.97 -19.97
N ARG G 442 18.76 13.74 -19.81
CA ARG G 442 18.25 13.39 -18.48
C ARG G 442 18.81 12.05 -18.01
N LEU G 443 18.85 11.05 -18.89
CA LEU G 443 19.42 9.76 -18.54
C LEU G 443 20.88 9.90 -18.11
N PHE G 444 21.65 10.70 -18.84
CA PHE G 444 23.05 10.91 -18.50
C PHE G 444 23.20 11.62 -17.17
N HIS G 445 22.37 12.64 -16.93
CA HIS G 445 22.43 13.34 -15.65
C HIS G 445 22.03 12.45 -14.49
N LYS G 446 21.28 11.37 -14.75
CA LYS G 446 20.91 10.45 -13.68
C LYS G 446 22.12 9.67 -13.14
N LEU G 447 23.22 9.59 -13.87
CA LEU G 447 24.39 8.85 -13.41
C LEU G 447 25.12 9.61 -12.31
N SER G 448 26.00 8.90 -11.62
CA SER G 448 26.71 9.46 -10.47
C SER G 448 27.87 10.34 -10.94
N THR G 449 28.38 11.14 -10.01
CA THR G 449 29.44 12.09 -10.35
C THR G 449 30.78 11.38 -10.51
N ARG G 450 31.08 10.42 -9.62
CA ARG G 450 32.38 9.76 -9.66
C ARG G 450 32.60 9.00 -10.96
N HIS G 451 31.58 8.30 -11.44
CA HIS G 451 31.73 7.53 -12.68
C HIS G 451 31.97 8.46 -13.88
N ARG G 452 31.25 9.57 -13.94
CA ARG G 452 31.45 10.53 -15.03
C ARG G 452 32.84 11.15 -14.97
N LEU G 453 33.32 11.48 -13.77
CA LEU G 453 34.68 12.00 -13.63
C LEU G 453 35.71 10.96 -14.08
N ALA G 454 35.50 9.70 -13.72
CA ALA G 454 36.40 8.65 -14.16
C ALA G 454 36.43 8.54 -15.68
N TYR G 455 35.25 8.63 -16.31
CA TYR G 455 35.20 8.63 -17.77
C TYR G 455 35.98 9.81 -18.36
N VAL G 456 35.80 10.99 -17.77
CA VAL G 456 36.46 12.18 -18.29
C VAL G 456 37.97 12.04 -18.22
N GLU G 457 38.48 11.60 -17.06
CA GLU G 457 39.92 11.42 -16.90
C GLU G 457 40.46 10.33 -17.83
N ALA G 458 39.72 9.24 -17.99
CA ALA G 458 40.17 8.16 -18.86
C ALA G 458 40.24 8.62 -20.31
N VAL G 459 39.26 9.38 -20.77
CA VAL G 459 39.21 9.76 -22.18
C VAL G 459 40.16 10.92 -22.47
N SER G 460 40.45 11.77 -21.49
CA SER G 460 41.30 12.94 -21.75
C SER G 460 42.70 12.52 -22.17
N LYS G 461 43.24 11.47 -21.57
CA LYS G 461 44.60 11.01 -21.84
C LYS G 461 44.77 10.35 -23.21
N LEU G 462 43.70 10.03 -23.92
CA LEU G 462 43.80 9.36 -25.20
C LEU G 462 44.29 10.31 -26.29
N PRO G 463 45.15 9.84 -27.19
CA PRO G 463 45.54 10.66 -28.35
C PRO G 463 44.35 10.89 -29.26
N SER G 464 44.07 12.16 -29.53
CA SER G 464 42.88 12.55 -30.27
C SER G 464 43.06 12.49 -31.79
N ASP G 465 44.14 11.87 -32.28
CA ASP G 465 44.40 11.79 -33.70
C ASP G 465 44.48 10.37 -34.23
N SER G 466 44.70 9.38 -33.38
CA SER G 466 44.85 8.01 -33.85
C SER G 466 43.51 7.46 -34.35
N PRO G 467 43.55 6.50 -35.27
CA PRO G 467 42.29 5.88 -35.73
C PRO G 467 41.69 4.94 -34.69
N GLU G 468 42.32 4.84 -33.52
CA GLU G 468 41.85 3.97 -32.46
C GLU G 468 41.01 4.70 -31.42
N PHE G 469 40.76 6.00 -31.60
CA PHE G 469 39.98 6.76 -30.62
C PHE G 469 38.56 6.26 -30.45
N PRO G 470 37.77 6.03 -31.52
CA PRO G 470 36.38 5.56 -31.30
C PRO G 470 36.29 4.24 -30.55
N LEU G 471 37.21 3.32 -30.81
CA LEU G 471 37.21 2.03 -30.12
C LEU G 471 37.35 2.22 -28.62
N TRP G 472 38.35 2.99 -28.21
CA TRP G 472 38.57 3.24 -26.78
C TRP G 472 37.41 4.00 -26.17
N GLU G 473 36.86 4.98 -26.89
CA GLU G 473 35.74 5.74 -26.35
C GLU G 473 34.53 4.85 -26.11
N TYR G 474 34.23 3.94 -27.05
CA TYR G 474 33.14 3.01 -26.84
C TYR G 474 33.41 2.08 -25.67
N TYR G 475 34.66 1.61 -25.54
CA TYR G 475 35.02 0.76 -24.41
C TYR G 475 34.76 1.48 -23.09
N TYR G 476 35.18 2.74 -23.00
CA TYR G 476 35.01 3.46 -21.74
C TYR G 476 33.56 3.83 -21.48
N ARG G 477 32.76 4.05 -22.54
CA ARG G 477 31.33 4.27 -22.35
C ARG G 477 30.66 3.03 -21.76
N CYS G 478 30.98 1.85 -22.32
CA CYS G 478 30.43 0.62 -21.76
C CYS G 478 30.92 0.39 -20.33
N ARG G 479 32.18 0.74 -20.04
CA ARG G 479 32.68 0.63 -18.69
C ARG G 479 31.90 1.53 -17.73
N LEU G 480 31.59 2.75 -18.18
CA LEU G 480 30.80 3.66 -17.36
C LEU G 480 29.43 3.08 -17.04
N LEU G 481 28.78 2.50 -18.06
CA LEU G 481 27.48 1.88 -17.82
C LEU G 481 27.58 0.72 -16.84
N GLN G 482 28.60 -0.13 -16.99
CA GLN G 482 28.74 -1.27 -16.09
C GLN G 482 29.06 -0.84 -14.65
N ASP G 483 29.89 0.20 -14.48
CA ASP G 483 30.15 0.73 -13.15
C ASP G 483 28.87 1.25 -12.51
N TYR G 484 28.07 1.99 -13.27
CA TYR G 484 26.81 2.48 -12.69
C TYR G 484 25.90 1.33 -12.29
N ILE G 485 25.75 0.33 -13.16
CA ILE G 485 24.84 -0.77 -12.84
C ILE G 485 25.34 -1.56 -11.64
N SER G 486 26.65 -1.78 -11.55
CA SER G 486 27.20 -2.59 -10.46
C SER G 486 27.36 -1.82 -9.16
N GLY G 487 27.21 -0.50 -9.19
CA GLY G 487 27.37 0.26 -7.97
C GLY G 487 26.12 0.47 -7.15
N MET G 488 25.09 -0.32 -7.39
CA MET G 488 23.82 -0.20 -6.68
C MET G 488 23.68 -1.29 -5.63
N THR G 489 22.69 -1.12 -4.76
CA THR G 489 22.23 -2.17 -3.87
C THR G 489 21.01 -2.86 -4.47
N ASP G 490 20.58 -3.96 -3.83
CA ASP G 490 19.42 -4.69 -4.33
C ASP G 490 18.16 -3.83 -4.25
N LEU G 491 17.92 -3.22 -3.09
CA LEU G 491 16.72 -2.41 -2.91
C LEU G 491 16.72 -1.18 -3.79
N TYR G 492 17.87 -0.50 -3.92
CA TYR G 492 17.93 0.68 -4.75
C TYR G 492 17.68 0.35 -6.22
N ALA G 493 18.29 -0.72 -6.72
CA ALA G 493 18.06 -1.12 -8.10
C ALA G 493 16.62 -1.53 -8.33
N TRP G 494 16.03 -2.26 -7.41
CA TRP G 494 14.65 -2.64 -7.54
C TRP G 494 13.70 -1.46 -7.56
N ASP G 495 13.89 -0.54 -6.64
CA ASP G 495 13.04 0.64 -6.61
C ASP G 495 13.22 1.50 -7.86
N GLU G 496 14.46 1.69 -8.29
CA GLU G 496 14.72 2.49 -9.48
C GLU G 496 14.12 1.83 -10.71
N TYR G 497 14.15 0.50 -10.77
CA TYR G 497 13.54 -0.21 -11.88
C TYR G 497 12.04 -0.02 -11.90
N ARG G 498 11.36 -0.04 -10.79
CA ARG G 498 9.94 0.22 -10.82
C ARG G 498 9.64 1.67 -11.12
N ARG G 499 10.45 2.60 -10.64
CA ARG G 499 10.20 4.01 -10.93
C ARG G 499 10.37 4.34 -12.41
N LEU G 500 11.42 3.81 -13.05
CA LEU G 500 11.66 4.11 -14.45
C LEU G 500 10.67 3.42 -15.37
N MET G 501 9.94 2.41 -14.89
CA MET G 501 8.93 1.74 -15.69
C MET G 501 7.52 2.29 -15.46
N ALA G 502 7.39 3.37 -14.68
CA ALA G 502 6.10 4.02 -14.41
C ALA G 502 5.13 3.07 -13.71
N VAL G 503 5.66 2.13 -12.93
CA VAL G 503 4.81 1.24 -12.16
C VAL G 503 4.44 1.85 -10.82
N GLU G 504 5.37 2.56 -10.20
CA GLU G 504 5.10 3.30 -8.97
C GLU G 504 5.52 4.74 -9.17
N GLN G 505 4.88 5.63 -8.40
CA GLN G 505 5.18 7.06 -8.48
C GLN G 505 6.57 7.36 -7.96
N ARG H 7 -22.37 -18.42 -24.54
CA ARG H 7 -21.84 -17.53 -25.58
C ARG H 7 -21.07 -18.31 -26.64
N LEU H 8 -20.64 -17.61 -27.68
CA LEU H 8 -19.93 -18.25 -28.77
C LEU H 8 -18.56 -18.73 -28.31
N TYR H 9 -18.19 -19.93 -28.75
CA TYR H 9 -16.89 -20.50 -28.40
C TYR H 9 -15.79 -19.88 -29.26
N SER H 10 -14.61 -19.72 -28.66
CA SER H 10 -13.53 -19.01 -29.31
C SER H 10 -13.03 -19.73 -30.57
N GLY H 11 -12.94 -21.05 -30.51
CA GLY H 11 -12.43 -21.79 -31.67
C GLY H 11 -13.28 -21.64 -32.90
N ASN H 12 -14.61 -21.62 -32.75
CA ASN H 12 -15.48 -21.43 -33.90
C ASN H 12 -15.25 -20.07 -34.54
N LEU H 13 -15.12 -19.02 -33.72
CA LEU H 13 -14.83 -17.69 -34.25
C LEU H 13 -13.48 -17.67 -34.94
N ALA H 14 -12.49 -18.37 -34.39
CA ALA H 14 -11.17 -18.42 -35.02
C ALA H 14 -11.24 -19.10 -36.38
N ALA H 15 -12.00 -20.20 -36.48
CA ALA H 15 -12.15 -20.89 -37.76
C ALA H 15 -12.86 -20.00 -38.78
N PHE H 16 -13.90 -19.28 -38.34
CA PHE H 16 -14.59 -18.38 -39.25
C PHE H 16 -13.67 -17.28 -39.74
N LYS H 17 -12.86 -16.72 -38.84
CA LYS H 17 -11.91 -15.68 -39.23
C LYS H 17 -10.86 -16.22 -40.19
N ALA H 18 -10.40 -17.45 -39.97
CA ALA H 18 -9.43 -18.06 -40.87
C ALA H 18 -10.03 -18.26 -42.27
N ALA H 19 -11.28 -18.71 -42.33
CA ALA H 19 -11.94 -18.84 -43.63
C ALA H 19 -12.11 -17.49 -44.31
N THR H 20 -12.48 -16.46 -43.55
CA THR H 20 -12.61 -15.13 -44.11
C THR H 20 -11.28 -14.62 -44.67
N ASN H 21 -10.19 -14.84 -43.93
CA ASN H 21 -8.88 -14.42 -44.40
C ASN H 21 -8.46 -15.19 -45.64
N LYS H 22 -8.75 -16.49 -45.69
CA LYS H 22 -8.44 -17.27 -46.88
C LYS H 22 -9.21 -16.76 -48.10
N LEU H 23 -10.49 -16.42 -47.92
CA LEU H 23 -11.26 -15.86 -49.01
C LEU H 23 -10.71 -14.50 -49.45
N PHE H 24 -10.32 -13.66 -48.48
CA PHE H 24 -9.84 -12.32 -48.81
C PHE H 24 -8.51 -12.38 -49.54
N GLN H 25 -7.63 -13.31 -49.15
CA GLN H 25 -6.35 -13.46 -49.85
C GLN H 25 -6.55 -13.92 -51.28
N LEU H 26 -7.71 -14.52 -51.58
CA LEU H 26 -8.06 -14.96 -52.92
C LEU H 26 -8.62 -13.82 -53.78
N ASP H 27 -8.38 -12.57 -53.40
CA ASP H 27 -8.85 -11.40 -54.13
C ASP H 27 -10.38 -11.34 -54.18
N LEU H 28 -11.02 -11.68 -53.07
CA LEU H 28 -12.47 -11.62 -52.94
C LEU H 28 -12.84 -10.76 -51.73
N ALA H 29 -14.10 -10.34 -51.69
CA ALA H 29 -14.63 -9.52 -50.62
C ALA H 29 -15.79 -10.25 -49.95
N VAL H 30 -15.81 -10.23 -48.62
CA VAL H 30 -16.84 -10.90 -47.83
C VAL H 30 -17.60 -9.83 -47.06
N ILE H 31 -18.91 -9.77 -47.27
CA ILE H 31 -19.78 -8.80 -46.60
C ILE H 31 -20.66 -9.56 -45.62
N TYR H 32 -20.66 -9.11 -44.37
CA TYR H 32 -21.35 -9.79 -43.28
C TYR H 32 -22.46 -8.89 -42.74
N ASP H 33 -23.66 -9.45 -42.61
CA ASP H 33 -24.78 -8.76 -41.98
C ASP H 33 -25.50 -9.74 -41.07
N ASP H 34 -26.11 -9.23 -40.00
CA ASP H 34 -26.80 -10.11 -39.06
C ASP H 34 -27.92 -9.36 -38.38
N TRP H 35 -28.90 -10.12 -37.90
CA TRP H 35 -30.04 -9.57 -37.17
C TRP H 35 -30.77 -10.72 -36.49
N TYR H 36 -31.92 -10.39 -35.89
CA TYR H 36 -32.77 -11.38 -35.23
C TYR H 36 -34.17 -11.30 -35.80
N ASP H 37 -34.76 -12.47 -36.06
CA ASP H 37 -36.13 -12.58 -36.57
C ASP H 37 -37.00 -13.15 -35.46
N ALA H 38 -37.86 -12.30 -34.90
CA ALA H 38 -38.78 -12.74 -33.85
C ALA H 38 -39.96 -13.54 -34.40
N TYR H 39 -40.27 -13.39 -35.68
CA TYR H 39 -41.34 -14.19 -36.27
C TYR H 39 -40.97 -15.67 -36.26
N THR H 40 -39.76 -16.00 -36.69
N THR H 40 -39.76 -16.00 -36.69
CA THR H 40 -39.27 -17.37 -36.62
CA THR H 40 -39.27 -17.37 -36.62
C THR H 40 -38.58 -17.68 -35.30
C THR H 40 -38.58 -17.68 -35.30
N ARG H 41 -38.41 -16.68 -34.43
CA ARG H 41 -37.74 -16.86 -33.13
C ARG H 41 -36.34 -17.42 -33.30
N LYS H 42 -35.53 -16.72 -34.09
CA LYS H 42 -34.17 -17.18 -34.35
C LYS H 42 -33.30 -15.97 -34.70
N ASP H 43 -32.03 -16.22 -34.99
CA ASP H 43 -31.09 -15.21 -35.46
C ASP H 43 -30.67 -15.55 -36.88
N CYS H 44 -30.46 -14.51 -37.68
CA CYS H 44 -30.22 -14.62 -39.10
C CYS H 44 -28.89 -13.95 -39.43
N ILE H 45 -28.09 -14.62 -40.25
CA ILE H 45 -26.82 -14.08 -40.73
C ILE H 45 -26.77 -14.21 -42.25
N ARG H 46 -26.54 -13.10 -42.94
CA ARG H 46 -26.43 -13.07 -44.39
C ARG H 46 -25.00 -12.73 -44.79
N LEU H 47 -24.46 -13.50 -45.73
CA LEU H 47 -23.13 -13.27 -46.27
C LEU H 47 -23.23 -13.04 -47.76
N ARG H 48 -22.52 -12.00 -48.22
CA ARG H 48 -22.53 -11.55 -49.62
C ARG H 48 -21.09 -11.49 -50.10
N ILE H 49 -20.73 -12.38 -51.04
CA ILE H 49 -19.37 -12.40 -51.56
C ILE H 49 -19.25 -11.45 -52.74
N GLU H 50 -18.09 -10.78 -52.83
CA GLU H 50 -17.86 -9.81 -53.89
C GLU H 50 -16.45 -9.94 -54.45
N ASP H 51 -16.02 -8.96 -55.24
CA ASP H 51 -14.69 -8.96 -55.84
C ASP H 51 -14.08 -7.58 -55.65
N ARG H 52 -12.93 -7.37 -56.30
CA ARG H 52 -12.25 -6.08 -56.22
C ARG H 52 -13.05 -4.95 -56.84
N SER H 53 -14.00 -5.25 -57.73
CA SER H 53 -14.82 -4.22 -58.35
C SER H 53 -16.06 -3.90 -57.53
N GLY H 54 -16.54 -4.85 -56.74
CA GLY H 54 -17.71 -4.64 -55.92
C GLY H 54 -18.99 -5.16 -56.54
N ASN H 55 -18.93 -6.36 -57.11
CA ASN H 55 -20.08 -6.99 -57.74
C ASN H 55 -20.45 -8.26 -56.98
N LEU H 56 -21.74 -8.44 -56.72
CA LEU H 56 -22.20 -9.61 -55.99
C LEU H 56 -21.99 -10.87 -56.82
N ILE H 57 -21.58 -11.95 -56.14
CA ILE H 57 -21.37 -13.24 -56.79
C ILE H 57 -22.29 -14.27 -56.15
N ASP H 58 -22.13 -14.50 -54.85
CA ASP H 58 -22.95 -15.45 -54.12
C ASP H 58 -23.41 -14.81 -52.81
N THR H 59 -24.70 -14.98 -52.51
CA THR H 59 -25.31 -14.41 -51.31
C THR H 59 -26.22 -15.45 -50.68
N SER H 60 -26.03 -15.70 -49.37
CA SER H 60 -26.88 -16.65 -48.67
C SER H 60 -27.14 -16.22 -47.24
N THR H 61 -28.29 -16.62 -46.72
CA THR H 61 -28.71 -16.28 -45.37
C THR H 61 -29.03 -17.55 -44.59
N PHE H 62 -28.62 -17.59 -43.33
CA PHE H 62 -28.84 -18.74 -42.46
C PHE H 62 -29.59 -18.33 -41.21
N TYR H 63 -30.48 -19.21 -40.76
CA TYR H 63 -31.33 -19.00 -39.59
C TYR H 63 -30.99 -20.08 -38.57
N HIS H 64 -30.87 -19.69 -37.31
CA HIS H 64 -30.78 -20.70 -36.25
C HIS H 64 -31.02 -20.05 -34.89
N HIS H 65 -31.33 -20.89 -33.91
CA HIS H 65 -31.56 -20.41 -32.54
C HIS H 65 -30.30 -20.46 -31.68
N ASP H 66 -29.30 -21.24 -32.07
CA ASP H 66 -28.02 -21.30 -31.35
C ASP H 66 -26.92 -20.82 -32.28
N GLU H 67 -26.08 -19.92 -31.78
CA GLU H 67 -25.08 -19.26 -32.62
C GLU H 67 -23.90 -20.17 -32.94
N ASP H 68 -23.61 -21.16 -32.09
CA ASP H 68 -22.50 -22.05 -32.36
C ASP H 68 -22.73 -22.85 -33.64
N VAL H 69 -23.94 -23.35 -33.85
CA VAL H 69 -24.26 -24.06 -35.09
C VAL H 69 -24.28 -23.11 -36.27
N LEU H 70 -24.76 -21.88 -36.06
CA LEU H 70 -24.85 -20.90 -37.13
C LEU H 70 -23.47 -20.56 -37.69
N PHE H 71 -22.51 -20.32 -36.79
CA PHE H 71 -21.16 -20.01 -37.25
C PHE H 71 -20.52 -21.19 -37.96
N ASN H 72 -20.76 -22.41 -37.49
CA ASN H 72 -20.24 -23.59 -38.15
C ASN H 72 -20.81 -23.72 -39.57
N MET H 73 -22.12 -23.49 -39.73
CA MET H 73 -22.71 -23.54 -41.06
C MET H 73 -22.10 -22.48 -41.97
N CYS H 74 -21.93 -21.26 -41.45
CA CYS H 74 -21.35 -20.20 -42.26
C CYS H 74 -19.93 -20.55 -42.71
N THR H 75 -19.11 -21.07 -41.79
CA THR H 75 -17.75 -21.44 -42.14
C THR H 75 -17.73 -22.56 -43.16
N ASP H 76 -18.62 -23.54 -43.01
CA ASP H 76 -18.70 -24.62 -43.98
C ASP H 76 -19.06 -24.09 -45.37
N TRP H 77 -20.02 -23.16 -45.44
CA TRP H 77 -20.39 -22.60 -46.74
C TRP H 77 -19.23 -21.83 -47.35
N LEU H 78 -18.50 -21.07 -46.52
CA LEU H 78 -17.37 -20.29 -47.03
C LEU H 78 -16.28 -21.21 -47.56
N ASN H 79 -15.99 -22.30 -46.87
CA ASN H 79 -15.01 -23.27 -47.38
C ASN H 79 -15.49 -23.94 -48.64
N HIS H 80 -16.78 -24.25 -48.74
CA HIS H 80 -17.33 -24.84 -49.96
C HIS H 80 -17.17 -23.90 -51.16
N MET H 81 -17.45 -22.61 -50.98
CA MET H 81 -17.27 -21.69 -52.11
C MET H 81 -15.81 -21.53 -52.43
N TYR H 82 -14.96 -21.53 -51.41
CA TYR H 82 -13.54 -21.38 -51.70
C TYR H 82 -13.03 -22.55 -52.52
N ASP H 83 -13.47 -23.77 -52.19
CA ASP H 83 -13.13 -24.92 -53.02
C ASP H 83 -13.70 -24.79 -54.43
N GLN H 84 -14.93 -24.30 -54.54
CA GLN H 84 -15.56 -24.15 -55.86
C GLN H 84 -14.79 -23.17 -56.73
N LEU H 85 -14.52 -21.97 -56.21
CA LEU H 85 -13.93 -20.90 -56.99
C LEU H 85 -12.40 -20.87 -56.94
N LYS H 86 -11.78 -21.83 -56.26
CA LYS H 86 -10.32 -21.90 -56.22
C LYS H 86 -9.75 -22.92 -57.20
N ASP H 87 -10.62 -23.55 -58.00
CA ASP H 87 -10.13 -24.30 -59.16
C ASP H 87 -9.28 -23.39 -60.05
N TRP H 88 -9.83 -22.22 -60.37
CA TRP H 88 -9.05 -21.10 -60.88
C TRP H 88 -9.89 -19.84 -60.73
N LYS H 89 -9.22 -18.70 -60.76
CA LYS H 89 -9.86 -17.40 -60.57
C LYS H 89 -10.61 -17.35 -59.23
N ARG I 7 -26.35 26.37 7.14
CA ARG I 7 -26.87 25.49 8.18
C ARG I 7 -26.74 26.12 9.56
N LEU I 8 -27.28 25.44 10.57
CA LEU I 8 -27.25 25.96 11.92
C LEU I 8 -25.83 25.99 12.47
N TYR I 9 -25.48 27.08 13.16
CA TYR I 9 -24.16 27.22 13.76
C TYR I 9 -24.08 26.39 15.04
N SER I 10 -22.88 25.86 15.29
CA SER I 10 -22.69 24.93 16.40
C SER I 10 -22.91 25.60 17.75
N GLY I 11 -22.44 26.84 17.91
CA GLY I 11 -22.56 27.52 19.19
C GLY I 11 -24.00 27.75 19.62
N ASN I 12 -24.88 28.08 18.66
CA ASN I 12 -26.29 28.27 18.99
C ASN I 12 -26.91 26.97 19.50
N LEU I 13 -26.60 25.85 18.84
CA LEU I 13 -27.09 24.55 19.29
C LEU I 13 -26.55 24.22 20.67
N ALA I 14 -25.28 24.55 20.93
CA ALA I 14 -24.69 24.30 22.24
C ALA I 14 -25.39 25.12 23.32
N ALA I 15 -25.69 26.38 23.03
CA ALA I 15 -26.40 27.21 24.00
C ALA I 15 -27.81 26.68 24.27
N PHE I 16 -28.50 26.24 23.22
CA PHE I 16 -29.83 25.66 23.39
C PHE I 16 -29.77 24.39 24.24
N LYS I 17 -28.77 23.55 23.99
CA LYS I 17 -28.62 22.33 24.78
C LYS I 17 -28.30 22.65 26.24
N ALA I 18 -27.48 23.67 26.47
CA ALA I 18 -27.16 24.07 27.84
C ALA I 18 -28.41 24.56 28.56
N ALA I 19 -29.24 25.36 27.88
CA ALA I 19 -30.49 25.82 28.49
C ALA I 19 -31.42 24.64 28.78
N THR I 20 -31.49 23.68 27.86
CA THR I 20 -32.32 22.49 28.08
C THR I 20 -31.84 21.70 29.29
N ASN I 21 -30.52 21.53 29.42
CA ASN I 21 -29.98 20.80 30.55
C ASN I 21 -30.23 21.55 31.86
N LYS I 22 -30.10 22.88 31.84
CA LYS I 22 -30.40 23.66 33.03
C LYS I 22 -31.85 23.52 33.45
N LEU I 23 -32.77 23.53 32.48
CA LEU I 23 -34.18 23.32 32.80
C LEU I 23 -34.43 21.92 33.34
N PHE I 24 -33.78 20.91 32.75
CA PHE I 24 -34.02 19.54 33.17
C PHE I 24 -33.48 19.28 34.57
N GLN I 25 -32.33 19.88 34.91
CA GLN I 25 -31.78 19.73 36.26
C GLN I 25 -32.70 20.40 37.30
N LEU I 26 -33.56 21.32 36.86
CA LEU I 26 -34.53 21.97 37.74
C LEU I 26 -35.79 21.13 37.94
N ASP I 27 -35.73 19.83 37.67
CA ASP I 27 -36.86 18.92 37.82
C ASP I 27 -38.02 19.30 36.91
N LEU I 28 -37.71 19.70 35.67
CA LEU I 28 -38.70 20.02 34.67
C LEU I 28 -38.46 19.20 33.41
N ALA I 29 -39.48 19.14 32.56
CA ALA I 29 -39.43 18.40 31.31
C ALA I 29 -39.65 19.35 30.14
N VAL I 30 -38.85 19.20 29.10
CA VAL I 30 -38.92 20.05 27.92
C VAL I 30 -39.30 19.15 26.74
N ILE I 31 -40.41 19.49 26.08
CA ILE I 31 -40.89 18.75 24.93
C ILE I 31 -40.72 19.61 23.69
N TYR I 32 -40.07 19.06 22.67
CA TYR I 32 -39.70 19.79 21.46
C TYR I 32 -40.43 19.19 20.27
N ASP I 33 -41.08 20.05 19.47
CA ASP I 33 -41.69 19.63 18.21
C ASP I 33 -41.38 20.68 17.16
N ASP I 34 -41.30 20.26 15.90
CA ASP I 34 -40.97 21.20 14.83
C ASP I 34 -41.58 20.72 13.53
N TRP I 35 -41.78 21.67 12.63
CA TRP I 35 -42.31 21.39 11.29
C TRP I 35 -42.10 22.62 10.42
N TYR I 36 -42.65 22.58 9.22
CA TYR I 36 -42.59 23.68 8.27
C TYR I 36 -43.99 24.08 7.83
N ASP I 37 -44.25 25.38 7.78
CA ASP I 37 -45.53 25.91 7.34
C ASP I 37 -45.32 26.59 5.99
N ALA I 38 -45.84 25.98 4.93
CA ALA I 38 -45.74 26.54 3.59
C ALA I 38 -46.71 27.68 3.36
N TYR I 39 -47.78 27.77 4.15
CA TYR I 39 -48.70 28.90 4.02
C TYR I 39 -48.01 30.20 4.39
N THR I 40 -47.30 30.22 5.52
N THR I 40 -47.30 30.22 5.52
CA THR I 40 -46.51 31.38 5.90
CA THR I 40 -46.51 31.38 5.90
C THR I 40 -45.09 31.34 5.33
C THR I 40 -45.09 31.34 5.33
N ARG I 41 -44.71 30.25 4.66
CA ARG I 41 -43.38 30.10 4.08
C ARG I 41 -42.29 30.25 5.15
N LYS I 42 -42.38 29.45 6.20
CA LYS I 42 -41.42 29.52 7.29
C LYS I 42 -41.35 28.16 7.98
N ASP I 43 -40.53 28.07 9.03
CA ASP I 43 -40.43 26.90 9.87
C ASP I 43 -40.90 27.25 11.27
N CYS I 44 -41.54 26.28 11.91
CA CYS I 44 -42.21 26.45 13.18
C CYS I 44 -41.64 25.49 14.20
N ILE I 45 -41.38 25.98 15.40
CA ILE I 45 -40.90 25.16 16.51
C ILE I 45 -41.77 25.43 17.73
N ARG I 46 -42.34 24.37 18.30
CA ARG I 46 -43.17 24.47 19.49
C ARG I 46 -42.47 23.77 20.66
N LEU I 47 -42.44 24.45 21.81
CA LEU I 47 -41.87 23.92 23.02
C LEU I 47 -42.94 23.87 24.10
N ARG I 48 -43.01 22.74 24.80
CA ARG I 48 -44.00 22.46 25.82
C ARG I 48 -43.27 22.04 27.10
N ILE I 49 -43.34 22.88 28.13
CA ILE I 49 -42.66 22.58 29.39
C ILE I 49 -43.57 21.76 30.28
N GLU I 50 -42.98 20.80 31.00
CA GLU I 50 -43.74 19.91 31.87
C GLU I 50 -43.03 19.70 33.20
N ASP I 51 -43.48 18.73 33.98
CA ASP I 51 -42.88 18.42 35.27
C ASP I 51 -42.71 16.91 35.37
N ARG I 52 -42.33 16.44 36.57
CA ARG I 52 -42.15 15.02 36.80
C ARG I 52 -43.44 14.23 36.68
N SER I 53 -44.59 14.87 36.80
CA SER I 53 -45.88 14.19 36.68
C SER I 53 -46.36 14.15 35.23
N GLY I 54 -45.95 15.11 34.41
CA GLY I 54 -46.36 15.15 33.02
C GLY I 54 -47.53 16.07 32.76
N ASN I 55 -47.50 17.26 33.36
CA ASN I 55 -48.55 18.26 33.20
C ASN I 55 -47.99 19.49 32.51
N LEU I 56 -48.72 19.99 31.52
CA LEU I 56 -48.28 21.17 30.79
C LEU I 56 -48.27 22.40 31.69
N ILE I 57 -47.25 23.24 31.52
CA ILE I 57 -47.14 24.47 32.29
C ILE I 57 -47.13 25.65 31.32
N ASP I 58 -46.13 25.70 30.44
CA ASP I 58 -46.01 26.75 29.44
C ASP I 58 -45.71 26.14 28.08
N THR I 59 -46.42 26.63 27.06
CA THR I 59 -46.28 26.13 25.69
C THR I 59 -46.25 27.32 24.74
N SER I 60 -45.24 27.37 23.87
CA SER I 60 -45.15 28.45 22.90
C SER I 60 -44.57 27.95 21.58
N THR I 61 -44.97 28.61 20.50
CA THR I 61 -44.54 28.26 19.15
C THR I 61 -43.94 29.49 18.48
N PHE I 62 -42.83 29.28 17.76
CA PHE I 62 -42.13 30.35 17.06
C PHE I 62 -42.02 30.03 15.58
N TYR I 63 -42.14 31.09 14.77
CA TYR I 63 -42.09 31.01 13.32
C TYR I 63 -40.90 31.83 12.83
N HIS I 64 -40.14 31.30 11.89
CA HIS I 64 -39.13 32.12 11.23
C HIS I 64 -38.65 31.44 9.96
N HIS I 65 -38.02 32.22 9.08
CA HIS I 65 -37.48 31.68 7.84
C HIS I 65 -36.01 31.30 7.95
N ASP I 66 -35.29 31.79 8.95
CA ASP I 66 -33.90 31.43 9.21
C ASP I 66 -33.82 30.73 10.55
N GLU I 67 -33.14 29.59 10.60
CA GLU I 67 -33.12 28.77 11.80
C GLU I 67 -32.20 29.34 12.88
N ASP I 68 -31.18 30.10 12.50
CA ASP I 68 -30.29 30.68 13.50
C ASP I 68 -31.02 31.64 14.43
N VAL I 69 -31.90 32.48 13.89
CA VAL I 69 -32.70 33.38 14.73
C VAL I 69 -33.71 32.60 15.54
N LEU I 70 -34.29 31.54 14.94
CA LEU I 70 -35.30 30.74 15.62
C LEU I 70 -34.72 30.08 16.88
N PHE I 71 -33.54 29.49 16.76
CA PHE I 71 -32.92 28.85 17.92
C PHE I 71 -32.56 29.88 18.99
N ASN I 72 -32.10 31.07 18.58
CA ASN I 72 -31.81 32.11 19.55
C ASN I 72 -33.06 32.54 20.30
N MET I 73 -34.17 32.71 19.60
CA MET I 73 -35.42 33.06 20.27
C MET I 73 -35.85 31.97 21.25
N CYS I 74 -35.74 30.71 20.83
CA CYS I 74 -36.13 29.61 21.71
C CYS I 74 -35.27 29.60 22.98
N THR I 75 -33.96 29.76 22.82
CA THR I 75 -33.06 29.76 23.98
C THR I 75 -33.37 30.94 24.90
N ASP I 76 -33.65 32.11 24.32
CA ASP I 76 -34.02 33.27 25.14
C ASP I 76 -35.28 33.00 25.94
N TRP I 77 -36.29 32.39 25.31
CA TRP I 77 -37.53 32.09 26.02
C TRP I 77 -37.27 31.09 27.15
N LEU I 78 -36.44 30.07 26.88
CA LEU I 78 -36.14 29.07 27.90
C LEU I 78 -35.43 29.69 29.09
N ASN I 79 -34.46 30.58 28.84
CA ASN I 79 -33.80 31.27 29.93
C ASN I 79 -34.76 32.19 30.68
N HIS I 80 -35.67 32.87 29.99
CA HIS I 80 -36.66 33.70 30.65
C HIS I 80 -37.55 32.88 31.58
N MET I 81 -38.02 31.71 31.15
CA MET I 81 -38.84 30.90 32.03
C MET I 81 -38.03 30.36 33.18
N TYR I 82 -36.77 30.02 32.93
CA TYR I 82 -35.95 29.51 34.01
C TYR I 82 -35.76 30.57 35.08
N ASP I 83 -35.54 31.82 34.68
CA ASP I 83 -35.47 32.91 35.65
C ASP I 83 -36.79 33.09 36.37
N GLN I 84 -37.91 32.97 35.64
CA GLN I 84 -39.22 33.16 36.27
C GLN I 84 -39.49 32.09 37.32
N LEU I 85 -39.30 30.82 36.97
CA LEU I 85 -39.66 29.71 37.84
C LEU I 85 -38.53 29.25 38.74
N LYS I 86 -37.38 29.92 38.70
CA LYS I 86 -36.26 29.56 39.58
C LYS I 86 -36.18 30.49 40.80
N ASP I 87 -37.12 31.41 40.95
CA ASP I 87 -37.26 32.11 42.23
C ASP I 87 -37.46 31.10 43.35
N TRP I 88 -38.39 30.16 43.15
CA TRP I 88 -38.46 28.92 43.92
C TRP I 88 -39.33 27.95 43.16
N LYS I 89 -39.18 26.66 43.47
CA LYS I 89 -39.90 25.59 42.79
C LYS I 89 -39.63 25.62 41.29
N ARG J 7 9.81 27.15 -24.66
CA ARG J 7 10.88 26.27 -25.11
C ARG J 7 10.68 25.87 -26.57
N LEU J 8 11.65 25.13 -27.12
CA LEU J 8 11.58 24.73 -28.51
C LEU J 8 10.47 23.71 -28.74
N TYR J 9 9.73 23.89 -29.84
CA TYR J 9 8.65 22.99 -30.18
C TYR J 9 9.22 21.70 -30.77
N SER J 10 8.53 20.58 -30.48
CA SER J 10 9.03 19.27 -30.86
C SER J 10 9.10 19.09 -32.37
N GLY J 11 8.10 19.58 -33.10
CA GLY J 11 8.07 19.39 -34.54
C GLY J 11 9.23 20.06 -35.25
N ASN J 12 9.64 21.24 -34.80
CA ASN J 12 10.79 21.91 -35.41
C ASN J 12 12.06 21.09 -35.22
N LEU J 13 12.26 20.55 -34.02
CA LEU J 13 13.42 19.70 -33.77
C LEU J 13 13.37 18.45 -34.63
N ALA J 14 12.17 17.87 -34.80
CA ALA J 14 12.03 16.69 -35.64
C ALA J 14 12.38 17.00 -37.09
N ALA J 15 11.93 18.15 -37.60
CA ALA J 15 12.27 18.53 -38.97
C ALA J 15 13.77 18.75 -39.13
N PHE J 16 14.40 19.40 -38.14
CA PHE J 16 15.84 19.60 -38.19
C PHE J 16 16.59 18.27 -38.19
N LYS J 17 16.14 17.33 -37.35
CA LYS J 17 16.77 16.01 -37.31
C LYS J 17 16.59 15.27 -38.63
N ALA J 18 15.40 15.40 -39.23
CA ALA J 18 15.16 14.75 -40.53
C ALA J 18 16.07 15.32 -41.60
N ALA J 19 16.25 16.64 -41.62
CA ALA J 19 17.18 17.25 -42.57
C ALA J 19 18.61 16.79 -42.33
N THR J 20 19.01 16.70 -41.06
CA THR J 20 20.36 16.23 -40.73
C THR J 20 20.56 14.79 -41.21
N ASN J 21 19.56 13.93 -40.99
CA ASN J 21 19.66 12.54 -41.45
C ASN J 21 19.71 12.45 -42.97
N LYS J 22 18.93 13.28 -43.66
CA LYS J 22 18.97 13.30 -45.11
C LYS J 22 20.34 13.73 -45.62
N LEU J 23 20.95 14.74 -44.99
CA LEU J 23 22.29 15.15 -45.37
C LEU J 23 23.31 14.05 -45.10
N PHE J 24 23.18 13.38 -43.95
CA PHE J 24 24.16 12.35 -43.59
C PHE J 24 24.06 11.14 -44.50
N GLN J 25 22.85 10.77 -44.92
CA GLN J 25 22.70 9.66 -45.86
C GLN J 25 23.30 9.99 -47.21
N LEU J 26 23.48 11.28 -47.51
CA LEU J 26 24.11 11.74 -48.74
C LEU J 26 25.63 11.71 -48.67
N ASP J 27 26.20 10.97 -47.72
CA ASP J 27 27.65 10.86 -47.54
C ASP J 27 28.28 12.21 -47.20
N LEU J 28 27.61 12.99 -46.35
CA LEU J 28 28.10 14.26 -45.87
C LEU J 28 28.12 14.27 -44.34
N ALA J 29 28.86 15.23 -43.79
CA ALA J 29 28.98 15.39 -42.34
C ALA J 29 28.49 16.77 -41.95
N VAL J 30 27.71 16.83 -40.88
CA VAL J 30 27.14 18.08 -40.38
C VAL J 30 27.72 18.33 -38.99
N ILE J 31 28.36 19.47 -38.81
CA ILE J 31 28.96 19.86 -37.55
C ILE J 31 28.16 21.02 -36.97
N TYR J 32 27.72 20.88 -35.73
CA TYR J 32 26.84 21.83 -35.07
C TYR J 32 27.56 22.46 -33.89
N ASP J 33 27.53 23.79 -33.81
CA ASP J 33 28.05 24.52 -32.66
C ASP J 33 27.07 25.62 -32.30
N ASP J 34 27.01 26.00 -31.03
CA ASP J 34 26.07 27.02 -30.61
C ASP J 34 26.60 27.74 -29.38
N TRP J 35 26.12 28.97 -29.19
CA TRP J 35 26.50 29.79 -28.04
C TRP J 35 25.54 30.96 -27.96
N TYR J 36 25.82 31.88 -27.04
CA TYR J 36 25.04 33.09 -26.86
C TYR J 36 25.95 34.31 -26.94
N ASP J 37 25.49 35.33 -27.66
CA ASP J 37 26.22 36.59 -27.80
C ASP J 37 25.47 37.66 -27.03
N ALA J 38 26.05 38.10 -25.91
CA ALA J 38 25.44 39.15 -25.10
C ALA J 38 25.63 40.54 -25.70
N TYR J 39 26.62 40.71 -26.57
CA TYR J 39 26.80 41.99 -27.25
C TYR J 39 25.61 42.31 -28.13
N THR J 40 25.19 41.33 -28.95
N THR J 40 25.19 41.33 -28.95
CA THR J 40 23.99 41.49 -29.76
CA THR J 40 23.99 41.49 -29.76
C THR J 40 22.73 41.06 -29.05
C THR J 40 22.73 41.06 -29.05
N ARG J 41 22.85 40.50 -27.84
CA ARG J 41 21.71 40.03 -27.06
C ARG J 41 20.89 38.99 -27.83
N LYS J 42 21.56 37.93 -28.26
CA LYS J 42 20.90 36.90 -29.04
C LYS J 42 21.66 35.58 -28.85
N ASP J 43 21.19 34.53 -29.53
CA ASP J 43 21.85 33.24 -29.55
C ASP J 43 22.30 32.95 -30.97
N CYS J 44 23.44 32.29 -31.07
CA CYS J 44 24.14 32.06 -32.34
C CYS J 44 24.32 30.55 -32.55
N ILE J 45 24.05 30.09 -33.75
CA ILE J 45 24.25 28.71 -34.13
C ILE J 45 25.06 28.66 -35.43
N ARG J 46 26.17 27.95 -35.42
CA ARG J 46 27.03 27.78 -36.59
C ARG J 46 26.99 26.33 -37.05
N LEU J 47 26.81 26.14 -38.35
CA LEU J 47 26.81 24.82 -38.97
C LEU J 47 27.91 24.75 -40.01
N ARG J 48 28.67 23.65 -39.97
CA ARG J 48 29.83 23.42 -40.83
C ARG J 48 29.63 22.08 -41.53
N ILE J 49 29.44 22.11 -42.84
CA ILE J 49 29.23 20.87 -43.59
C ILE J 49 30.58 20.31 -44.04
N GLU J 50 30.68 18.98 -44.00
CA GLU J 50 31.93 18.31 -44.36
C GLU J 50 31.66 17.07 -45.22
N ASP J 51 32.67 16.23 -45.40
CA ASP J 51 32.55 15.01 -46.20
C ASP J 51 33.19 13.88 -45.42
N ARG J 52 33.32 12.72 -46.09
CA ARG J 52 33.93 11.55 -45.47
C ARG J 52 35.40 11.76 -45.15
N SER J 53 36.06 12.71 -45.80
CA SER J 53 37.48 12.99 -45.54
C SER J 53 37.66 14.00 -44.41
N GLY J 54 36.68 14.87 -44.19
CA GLY J 54 36.78 15.86 -43.14
C GLY J 54 37.23 17.22 -43.64
N ASN J 55 36.70 17.66 -44.77
CA ASN J 55 37.06 18.95 -45.36
C ASN J 55 35.83 19.85 -45.37
N LEU J 56 36.02 21.11 -44.95
CA LEU J 56 34.92 22.05 -44.93
C LEU J 56 34.44 22.38 -46.34
N ILE J 57 33.12 22.50 -46.48
CA ILE J 57 32.52 22.84 -47.76
C ILE J 57 31.74 24.15 -47.62
N ASP J 58 30.73 24.14 -46.75
CA ASP J 58 29.92 25.32 -46.48
C ASP J 58 29.74 25.51 -44.98
N THR J 59 29.93 26.76 -44.53
CA THR J 59 29.83 27.10 -43.12
C THR J 59 29.04 28.38 -42.98
N SER J 60 28.02 28.38 -42.12
CA SER J 60 27.22 29.58 -41.90
C SER J 60 26.76 29.67 -40.45
N THR J 61 26.58 30.91 -39.99
CA THR J 61 26.17 31.19 -38.61
C THR J 61 24.92 32.06 -38.63
N PHE J 62 23.98 31.75 -37.74
CA PHE J 62 22.72 32.47 -37.64
C PHE J 62 22.54 33.02 -36.23
N TYR J 63 21.97 34.22 -36.16
CA TYR J 63 21.72 34.94 -34.91
C TYR J 63 20.22 35.14 -34.77
N HIS J 64 19.68 34.90 -33.57
CA HIS J 64 18.30 35.29 -33.30
C HIS J 64 18.03 35.28 -31.81
N HIS J 65 16.95 35.95 -31.41
CA HIS J 65 16.56 36.01 -30.01
C HIS J 65 15.55 34.93 -29.63
N ASP J 66 14.87 34.35 -30.61
CA ASP J 66 13.92 33.26 -30.39
C ASP J 66 14.42 32.01 -31.10
N GLU J 67 14.45 30.88 -30.39
CA GLU J 67 15.07 29.68 -30.94
C GLU J 67 14.18 28.99 -31.98
N ASP J 68 12.86 29.18 -31.91
CA ASP J 68 11.98 28.57 -32.89
C ASP J 68 12.27 29.07 -34.30
N VAL J 69 12.48 30.37 -34.47
CA VAL J 69 12.83 30.91 -35.77
C VAL J 69 14.23 30.47 -36.19
N LEU J 70 15.15 30.40 -35.22
CA LEU J 70 16.52 30.01 -35.52
C LEU J 70 16.59 28.60 -36.08
N PHE J 71 15.88 27.66 -35.47
CA PHE J 71 15.89 26.29 -35.97
C PHE J 71 15.23 26.19 -37.35
N ASN J 72 14.17 26.96 -37.58
CA ASN J 72 13.55 26.98 -38.89
C ASN J 72 14.51 27.49 -39.96
N MET J 73 15.24 28.56 -39.66
CA MET J 73 16.22 29.07 -40.61
C MET J 73 17.31 28.04 -40.89
N CYS J 74 17.79 27.38 -39.84
CA CYS J 74 18.83 26.36 -40.04
C CYS J 74 18.33 25.22 -40.92
N THR J 75 17.11 24.75 -40.66
CA THR J 75 16.56 23.65 -41.46
C THR J 75 16.37 24.09 -42.91
N ASP J 76 15.91 25.32 -43.12
CA ASP J 76 15.75 25.83 -44.48
C ASP J 76 17.09 25.87 -45.21
N TRP J 77 18.15 26.32 -44.52
CA TRP J 77 19.46 26.38 -45.16
C TRP J 77 19.95 24.97 -45.50
N LEU J 78 19.73 24.02 -44.59
CA LEU J 78 20.17 22.64 -44.82
C LEU J 78 19.45 22.03 -46.02
N ASN J 79 18.13 22.27 -46.13
CA ASN J 79 17.41 21.79 -47.29
C ASN J 79 17.87 22.47 -48.57
N HIS J 80 18.17 23.77 -48.52
CA HIS J 80 18.69 24.46 -49.70
C HIS J 80 20.01 23.88 -50.17
N MET J 81 20.93 23.57 -49.25
CA MET J 81 22.20 22.97 -49.66
C MET J 81 21.97 21.57 -50.18
N TYR J 82 21.06 20.84 -49.57
CA TYR J 82 20.80 19.49 -50.04
C TYR J 82 20.29 19.51 -51.47
N ASP J 83 19.39 20.44 -51.78
CA ASP J 83 18.93 20.61 -53.17
C ASP J 83 20.08 21.01 -54.08
N GLN J 84 20.95 21.90 -53.61
CA GLN J 84 22.06 22.36 -54.43
C GLN J 84 23.02 21.21 -54.77
N LEU J 85 23.46 20.47 -53.75
CA LEU J 85 24.47 19.44 -53.92
C LEU J 85 23.90 18.06 -54.22
N LYS J 86 22.58 17.92 -54.36
CA LYS J 86 21.98 16.65 -54.69
C LYS J 86 21.64 16.55 -56.18
N ASP J 87 21.99 17.56 -56.97
CA ASP J 87 21.96 17.40 -58.42
C ASP J 87 22.84 16.23 -58.83
N TRP J 88 24.07 16.19 -58.30
CA TRP J 88 24.88 14.98 -58.28
C TRP J 88 25.99 15.21 -57.27
N LYS J 89 26.58 14.10 -56.80
CA LYS J 89 27.63 14.13 -55.77
C LYS J 89 27.13 14.83 -54.51
N ARG K 7 24.07 12.62 26.46
CA ARG K 7 23.00 13.50 26.91
C ARG K 7 22.59 13.17 28.34
N LEU K 8 21.69 13.98 28.88
CA LEU K 8 21.23 13.79 30.26
C LEU K 8 20.41 12.51 30.38
N TYR K 9 20.65 11.76 31.46
CA TYR K 9 19.90 10.54 31.70
C TYR K 9 18.51 10.85 32.25
N SER K 10 17.54 10.02 31.88
CA SER K 10 16.15 10.30 32.20
C SER K 10 15.90 10.25 33.71
N GLY K 11 16.51 9.30 34.42
CA GLY K 11 16.27 9.17 35.84
C GLY K 11 16.70 10.39 36.64
N ASN K 12 17.83 11.00 36.27
CA ASN K 12 18.28 12.20 36.96
C ASN K 12 17.29 13.34 36.79
N LEU K 13 16.77 13.51 35.57
CA LEU K 13 15.75 14.53 35.32
C LEU K 13 14.49 14.24 36.12
N ALA K 14 14.10 12.96 36.21
CA ALA K 14 12.92 12.60 36.97
C ALA K 14 13.11 12.92 38.46
N ALA K 15 14.29 12.63 39.01
CA ALA K 15 14.55 12.95 40.40
C ALA K 15 14.53 14.46 40.64
N PHE K 16 15.11 15.23 39.72
CA PHE K 16 15.08 16.68 39.85
C PHE K 16 13.65 17.22 39.81
N LYS K 17 12.83 16.66 38.91
CA LYS K 17 11.43 17.08 38.82
C LYS K 17 10.67 16.72 40.09
N ALA K 18 10.96 15.54 40.65
CA ALA K 18 10.31 15.13 41.90
C ALA K 18 10.68 16.07 43.04
N ALA K 19 11.96 16.45 43.13
CA ALA K 19 12.36 17.41 44.15
C ALA K 19 11.70 18.76 43.95
N THR K 20 11.60 19.21 42.69
CA THR K 20 10.92 20.47 42.41
C THR K 20 9.45 20.43 42.82
N ASN K 21 8.77 19.33 42.52
CA ASN K 21 7.37 19.18 42.90
C ASN K 21 7.21 19.14 44.42
N LYS K 22 8.12 18.45 45.11
CA LYS K 22 8.07 18.43 46.57
C LYS K 22 8.25 19.82 47.15
N LEU K 23 9.18 20.61 46.61
CA LEU K 23 9.36 21.97 47.07
C LEU K 23 8.12 22.82 46.78
N PHE K 24 7.53 22.66 45.60
CA PHE K 24 6.38 23.47 45.21
C PHE K 24 5.16 23.15 46.08
N GLN K 25 4.97 21.87 46.41
CA GLN K 25 3.86 21.50 47.28
C GLN K 25 4.03 22.07 48.68
N LEU K 26 5.26 22.43 49.06
CA LEU K 26 5.56 23.06 50.33
C LEU K 26 5.30 24.56 50.33
N ASP K 27 4.52 25.06 49.37
CA ASP K 27 4.19 26.49 49.25
C ASP K 27 5.44 27.33 49.01
N LEU K 28 6.33 26.83 48.17
CA LEU K 28 7.54 27.54 47.77
C LEU K 28 7.62 27.64 46.25
N ALA K 29 8.47 28.55 45.78
CA ALA K 29 8.66 28.78 44.36
C ALA K 29 10.12 28.52 44.00
N VAL K 30 10.35 27.81 42.90
CA VAL K 30 11.69 27.48 42.45
C VAL K 30 11.91 28.16 41.10
N ILE K 31 12.95 28.98 41.01
CA ILE K 31 13.29 29.70 39.79
C ILE K 31 14.58 29.12 39.25
N TYR K 32 14.57 28.73 37.98
CA TYR K 32 15.67 28.04 37.33
C TYR K 32 16.23 28.91 36.21
N ASP K 33 17.55 29.09 36.20
CA ASP K 33 18.23 29.77 35.11
C ASP K 33 19.50 29.00 34.77
N ASP K 34 19.93 29.07 33.51
CA ASP K 34 21.11 28.32 33.11
C ASP K 34 21.78 29.03 31.94
N TRP K 35 23.08 28.76 31.79
CA TRP K 35 23.87 29.31 30.69
C TRP K 35 25.19 28.56 30.64
N TYR K 36 26.09 29.02 29.77
CA TYR K 36 27.41 28.45 29.62
C TYR K 36 28.48 29.53 29.81
N ASP K 37 29.53 29.20 30.56
CA ASP K 37 30.64 30.12 30.79
C ASP K 37 31.85 29.58 30.04
N ALA K 38 32.24 30.28 28.98
CA ALA K 38 33.41 29.88 28.20
C ALA K 38 34.71 30.25 28.87
N TYR K 39 34.69 31.22 29.80
CA TYR K 39 35.90 31.56 30.54
C TYR K 39 36.36 30.38 31.40
N THR K 40 35.44 29.78 32.13
N THR K 40 35.44 29.78 32.13
CA THR K 40 35.74 28.58 32.91
CA THR K 40 35.74 28.58 32.91
C THR K 40 35.54 27.30 32.11
C THR K 40 35.54 27.30 32.11
N ARG K 41 35.03 27.39 30.89
CA ARG K 41 34.79 26.23 30.02
C ARG K 41 33.85 25.22 30.70
N LYS K 42 32.68 25.71 31.11
CA LYS K 42 31.73 24.85 31.82
C LYS K 42 30.32 25.40 31.59
N ASP K 43 29.33 24.74 32.18
CA ASP K 43 27.96 25.18 32.18
C ASP K 43 27.54 25.52 33.60
N CYS K 44 26.69 26.53 33.72
CA CYS K 44 26.30 27.12 35.00
C CYS K 44 24.79 27.06 35.14
N ILE K 45 24.32 26.65 36.31
CA ILE K 45 22.90 26.62 36.63
C ILE K 45 22.68 27.33 37.96
N ARG K 46 21.79 28.32 37.95
CA ARG K 46 21.44 29.07 39.15
C ARG K 46 20.01 28.78 39.54
N LEU K 47 19.79 28.51 40.82
CA LEU K 47 18.46 28.28 41.37
C LEU K 47 18.17 29.30 42.45
N ARG K 48 16.97 29.88 42.39
CA ARG K 48 16.51 30.94 43.29
C ARG K 48 15.19 30.50 43.90
N ILE K 49 15.20 30.24 45.21
CA ILE K 49 13.98 29.81 45.88
C ILE K 49 13.19 31.02 46.36
N GLU K 50 11.86 30.93 46.27
CA GLU K 50 10.99 32.04 46.65
C GLU K 50 9.78 31.52 47.42
N ASP K 51 8.78 32.38 47.61
CA ASP K 51 7.57 32.03 48.34
C ASP K 51 6.37 32.52 47.54
N ARG K 52 5.19 32.43 48.15
CA ARG K 52 3.96 32.89 47.50
C ARG K 52 3.94 34.39 47.25
N SER K 53 4.75 35.16 47.98
CA SER K 53 4.81 36.61 47.79
C SER K 53 5.83 37.01 46.72
N GLY K 54 6.85 36.19 46.51
CA GLY K 54 7.87 36.49 45.52
C GLY K 54 9.11 37.14 46.09
N ASN K 55 9.58 36.62 47.23
CA ASN K 55 10.76 37.13 47.89
C ASN K 55 11.85 36.07 47.90
N LEU K 56 13.07 36.47 47.55
CA LEU K 56 14.18 35.54 47.52
C LEU K 56 14.53 35.05 48.92
N ILE K 57 14.84 33.75 49.02
CA ILE K 57 15.22 33.14 50.29
C ILE K 57 16.63 32.59 50.17
N ASP K 58 16.84 31.64 49.26
CA ASP K 58 18.13 31.04 49.03
C ASP K 58 18.42 30.98 47.53
N THR K 59 19.63 31.37 47.15
CA THR K 59 20.05 31.40 45.76
C THR K 59 21.45 30.83 45.65
N SER K 60 21.63 29.86 44.75
CA SER K 60 22.96 29.28 44.54
C SER K 60 23.19 28.91 43.09
N THR K 61 24.45 28.95 42.68
CA THR K 61 24.85 28.66 41.30
C THR K 61 25.91 27.56 41.31
N PHE K 62 25.78 26.63 40.37
CA PHE K 62 26.71 25.51 40.25
C PHE K 62 27.34 25.49 38.86
N TYR K 63 28.62 25.11 38.82
CA TYR K 63 29.42 25.05 37.61
C TYR K 63 29.86 23.61 37.40
N HIS K 64 29.77 23.10 36.18
CA HIS K 64 30.38 21.81 35.86
C HIS K 64 30.47 21.62 34.35
N HIS K 65 31.33 20.68 33.95
CA HIS K 65 31.50 20.38 32.54
C HIS K 65 30.61 19.23 32.07
N ASP K 66 30.11 18.42 32.98
CA ASP K 66 29.19 17.33 32.66
C ASP K 66 27.85 17.60 33.34
N GLU K 67 26.76 17.48 32.57
CA GLU K 67 25.45 17.86 33.09
C GLU K 67 24.87 16.83 34.05
N ASP K 68 25.27 15.57 33.93
CA ASP K 68 24.76 14.55 34.85
C ASP K 68 25.15 14.83 36.28
N VAL K 69 26.40 15.24 36.53
CA VAL K 69 26.82 15.60 37.87
C VAL K 69 26.14 16.89 38.32
N LEU K 70 25.96 17.84 37.39
CA LEU K 70 25.36 19.12 37.72
C LEU K 70 23.93 18.94 38.23
N PHE K 71 23.14 18.12 37.53
CA PHE K 71 21.77 17.88 37.96
C PHE K 71 21.72 17.16 39.30
N ASN K 72 22.63 16.22 39.53
CA ASN K 72 22.70 15.54 40.82
C ASN K 72 23.00 16.51 41.95
N MET K 73 23.96 17.41 41.74
CA MET K 73 24.27 18.42 42.75
C MET K 73 23.06 19.31 43.03
N CYS K 74 22.37 19.74 41.96
CA CYS K 74 21.19 20.59 42.16
C CYS K 74 20.11 19.88 42.95
N THR K 75 19.84 18.61 42.62
CA THR K 75 18.82 17.85 43.34
C THR K 75 19.22 17.65 44.80
N ASP K 76 20.50 17.39 45.05
CA ASP K 76 20.97 17.25 46.43
C ASP K 76 20.76 18.54 47.22
N TRP K 77 21.08 19.68 46.60
CA TRP K 77 20.89 20.95 47.30
C TRP K 77 19.41 21.20 47.58
N LEU K 78 18.54 20.88 46.61
CA LEU K 78 17.12 21.08 46.80
C LEU K 78 16.57 20.21 47.93
N ASN K 79 17.01 18.96 47.99
CA ASN K 79 16.60 18.10 49.11
C ASN K 79 17.14 18.59 50.44
N HIS K 80 18.37 19.10 50.46
CA HIS K 80 18.94 19.66 51.69
C HIS K 80 18.12 20.85 52.19
N MET K 81 17.72 21.75 51.30
CA MET K 81 16.90 22.89 51.74
C MET K 81 15.55 22.42 52.17
N TYR K 82 14.99 21.43 51.48
CA TYR K 82 13.67 20.95 51.88
C TYR K 82 13.72 20.37 53.29
N ASP K 83 14.77 19.61 53.60
CA ASP K 83 14.94 19.12 54.97
C ASP K 83 15.11 20.27 55.95
N GLN K 84 15.88 21.29 55.56
CA GLN K 84 16.11 22.42 56.46
C GLN K 84 14.82 23.16 56.78
N LEU K 85 14.06 23.53 55.75
CA LEU K 85 12.87 24.37 55.91
C LEU K 85 11.59 23.56 56.11
N LYS K 86 11.66 22.24 56.19
CA LYS K 86 10.48 21.42 56.44
C LYS K 86 10.39 21.00 57.89
N ASP K 87 11.29 21.46 58.75
CA ASP K 87 11.07 21.34 60.18
C ASP K 87 9.75 22.00 60.57
N TRP K 88 9.55 23.23 60.10
CA TRP K 88 8.23 23.85 60.06
C TRP K 88 8.32 25.03 59.10
N LYS K 89 7.15 25.46 58.60
CA LYS K 89 7.06 26.55 57.64
C LYS K 89 7.88 26.24 56.38
N ARG L 7 30.46 -21.53 -6.91
CA ARG L 7 29.72 -22.12 -8.01
C ARG L 7 30.40 -21.82 -9.35
N LEU L 8 29.85 -22.40 -10.41
CA LEU L 8 30.42 -22.22 -11.74
C LEU L 8 30.24 -20.79 -12.22
N TYR L 9 31.29 -20.24 -12.83
CA TYR L 9 31.25 -18.89 -13.35
C TYR L 9 30.48 -18.86 -14.67
N SER L 10 29.77 -17.75 -14.90
CA SER L 10 28.88 -17.66 -16.05
C SER L 10 29.64 -17.69 -17.38
N GLY L 11 30.79 -17.03 -17.44
CA GLY L 11 31.54 -16.98 -18.69
C GLY L 11 32.02 -18.33 -19.17
N ASN L 12 32.43 -19.20 -18.24
CA ASN L 12 32.86 -20.54 -18.62
C ASN L 12 31.70 -21.33 -19.22
N LEU L 13 30.53 -21.23 -18.61
CA LEU L 13 29.34 -21.90 -19.16
C LEU L 13 28.99 -21.34 -20.53
N ALA L 14 29.12 -20.02 -20.70
CA ALA L 14 28.84 -19.41 -22.00
C ALA L 14 29.80 -19.92 -23.06
N ALA L 15 31.09 -20.03 -22.73
CA ALA L 15 32.06 -20.55 -23.69
C ALA L 15 31.77 -22.00 -24.04
N PHE L 16 31.40 -22.81 -23.04
CA PHE L 16 31.06 -24.20 -23.31
C PHE L 16 29.83 -24.30 -24.22
N LYS L 17 28.83 -23.46 -23.97
CA LYS L 17 27.63 -23.46 -24.82
C LYS L 17 27.97 -23.02 -26.24
N ALA L 18 28.86 -22.03 -26.37
CA ALA L 18 29.26 -21.59 -27.70
C ALA L 18 29.98 -22.70 -28.45
N ALA L 19 30.87 -23.43 -27.78
CA ALA L 19 31.53 -24.55 -28.41
C ALA L 19 30.54 -25.64 -28.82
N THR L 20 29.56 -25.92 -27.95
CA THR L 20 28.55 -26.91 -28.27
C THR L 20 27.74 -26.49 -29.49
N ASN L 21 27.35 -25.21 -29.57
CA ASN L 21 26.61 -24.72 -30.73
C ASN L 21 27.45 -24.79 -31.99
N LYS L 22 28.74 -24.46 -31.90
CA LYS L 22 29.60 -24.55 -33.06
C LYS L 22 29.72 -25.99 -33.55
N LEU L 23 29.83 -26.95 -32.62
CA LEU L 23 29.87 -28.36 -33.02
C LEU L 23 28.54 -28.80 -33.65
N PHE L 24 27.43 -28.35 -33.08
CA PHE L 24 26.12 -28.77 -33.58
C PHE L 24 25.85 -28.20 -34.97
N GLN L 25 26.27 -26.96 -35.23
CA GLN L 25 26.11 -26.38 -36.55
C GLN L 25 26.95 -27.11 -37.59
N LEU L 26 27.97 -27.85 -37.15
CA LEU L 26 28.81 -28.65 -38.02
C LEU L 26 28.21 -30.01 -38.34
N ASP L 27 26.89 -30.17 -38.13
CA ASP L 27 26.17 -31.43 -38.39
C ASP L 27 26.70 -32.56 -37.50
N LEU L 28 26.98 -32.25 -36.24
CA LEU L 28 27.42 -33.24 -35.26
C LEU L 28 26.50 -33.19 -34.05
N ALA L 29 26.57 -34.26 -33.25
CA ALA L 29 25.77 -34.39 -32.03
C ALA L 29 26.70 -34.53 -30.84
N VAL L 30 26.38 -33.80 -29.76
CA VAL L 30 27.17 -33.81 -28.54
C VAL L 30 26.30 -34.39 -27.43
N ILE L 31 26.78 -35.46 -26.80
CA ILE L 31 26.07 -36.12 -25.71
C ILE L 31 26.84 -35.88 -24.42
N TYR L 32 26.15 -35.38 -23.40
CA TYR L 32 26.75 -34.96 -22.14
C TYR L 32 26.22 -35.85 -21.02
N ASP L 33 27.13 -36.38 -20.21
CA ASP L 33 26.76 -37.12 -19.01
C ASP L 33 27.70 -36.71 -17.88
N ASP L 34 27.21 -36.76 -16.65
CA ASP L 34 28.04 -36.34 -15.52
C ASP L 34 27.61 -37.09 -14.27
N TRP L 35 28.54 -37.19 -13.32
CA TRP L 35 28.28 -37.83 -12.03
C TRP L 35 29.43 -37.48 -11.09
N TYR L 36 29.41 -38.09 -9.91
CA TYR L 36 30.46 -37.90 -8.91
C TYR L 36 31.04 -39.24 -8.51
N ASP L 37 32.37 -39.30 -8.41
CA ASP L 37 33.08 -40.50 -8.00
C ASP L 37 33.65 -40.26 -6.61
N ALA L 38 33.08 -40.93 -5.60
CA ALA L 38 33.56 -40.80 -4.24
C ALA L 38 34.84 -41.60 -3.99
N TYR L 39 35.12 -42.60 -4.82
CA TYR L 39 36.37 -43.35 -4.68
C TYR L 39 37.57 -42.43 -4.93
N THR L 40 37.52 -41.67 -6.03
N THR L 40 37.52 -41.67 -6.03
CA THR L 40 38.56 -40.68 -6.32
CA THR L 40 38.56 -40.68 -6.32
C THR L 40 38.27 -39.33 -5.69
C THR L 40 38.27 -39.33 -5.69
N ARG L 41 37.11 -39.15 -5.06
CA ARG L 41 36.71 -37.89 -4.43
C ARG L 41 36.74 -36.73 -5.43
N LYS L 42 36.01 -36.90 -6.53
CA LYS L 42 35.98 -35.89 -7.57
C LYS L 42 34.66 -35.99 -8.33
N ASP L 43 34.49 -35.14 -9.34
CA ASP L 43 33.35 -35.18 -10.24
C ASP L 43 33.84 -35.52 -11.62
N CYS L 44 33.01 -36.27 -12.35
CA CYS L 44 33.35 -36.84 -13.64
C CYS L 44 32.34 -36.37 -14.68
N ILE L 45 32.85 -35.96 -15.85
CA ILE L 45 32.01 -35.57 -16.97
C ILE L 45 32.47 -36.32 -18.21
N ARG L 46 31.55 -37.01 -18.87
CA ARG L 46 31.82 -37.76 -20.09
C ARG L 46 31.09 -37.11 -21.26
N LEU L 47 31.81 -36.92 -22.36
CA LEU L 47 31.24 -36.37 -23.58
C LEU L 47 31.42 -37.38 -24.71
N ARG L 48 30.33 -37.58 -25.47
CA ARG L 48 30.27 -38.55 -26.56
C ARG L 48 29.79 -37.82 -27.81
N ILE L 49 30.68 -37.71 -28.80
CA ILE L 49 30.33 -37.02 -30.03
C ILE L 49 29.71 -38.00 -31.02
N GLU L 50 28.71 -37.53 -31.76
CA GLU L 50 27.99 -38.37 -32.71
C GLU L 50 27.73 -37.63 -34.01
N ASP L 51 26.87 -38.18 -34.87
CA ASP L 51 26.53 -37.58 -36.15
C ASP L 51 25.03 -37.64 -36.31
N ARG L 52 24.56 -37.28 -37.51
CA ARG L 52 23.13 -37.30 -37.82
C ARG L 52 22.55 -38.71 -37.79
N SER L 53 23.37 -39.74 -37.93
CA SER L 53 22.90 -41.12 -37.90
C SER L 53 22.87 -41.68 -36.48
N GLY L 54 23.72 -41.17 -35.59
CA GLY L 54 23.76 -41.65 -34.23
C GLY L 54 24.85 -42.66 -33.98
N ASN L 55 26.04 -42.42 -34.51
CA ASN L 55 27.18 -43.31 -34.34
C ASN L 55 28.28 -42.60 -33.56
N LEU L 56 28.84 -43.28 -32.57
CA LEU L 56 29.90 -42.70 -31.77
C LEU L 56 31.15 -42.47 -32.60
N ILE L 57 31.81 -41.34 -32.34
CA ILE L 57 33.04 -40.98 -33.03
C ILE L 57 34.16 -40.84 -32.01
N ASP L 58 34.01 -39.89 -31.08
CA ASP L 58 34.98 -39.66 -30.02
C ASP L 58 34.28 -39.54 -28.68
N THR L 59 34.82 -40.21 -27.67
CA THR L 59 34.25 -40.23 -26.33
C THR L 59 35.37 -40.06 -25.31
N SER L 60 35.22 -39.11 -24.40
CA SER L 60 36.23 -38.90 -23.37
C SER L 60 35.58 -38.48 -22.05
N THR L 61 36.25 -38.82 -20.95
CA THR L 61 35.78 -38.53 -19.61
C THR L 61 36.86 -37.77 -18.85
N PHE L 62 36.44 -36.76 -18.09
CA PHE L 62 37.36 -35.94 -17.31
C PHE L 62 36.96 -35.95 -15.84
N TYR L 63 37.98 -35.95 -14.98
CA TYR L 63 37.83 -35.99 -13.54
C TYR L 63 38.43 -34.73 -12.95
N HIS L 64 37.74 -34.09 -12.00
CA HIS L 64 38.35 -33.01 -11.25
C HIS L 64 37.55 -32.71 -10.00
N HIS L 65 38.18 -32.01 -9.05
CA HIS L 65 37.51 -31.63 -7.82
C HIS L 65 36.89 -30.24 -7.88
N ASP L 66 37.32 -29.40 -8.82
CA ASP L 66 36.74 -28.07 -9.03
C ASP L 66 36.11 -28.02 -10.42
N GLU L 67 34.88 -27.53 -10.48
CA GLU L 67 34.12 -27.58 -11.74
C GLU L 67 34.59 -26.52 -12.74
N ASP L 68 35.16 -25.41 -12.27
CA ASP L 68 35.64 -24.39 -13.19
C ASP L 68 36.73 -24.92 -14.10
N VAL L 69 37.68 -25.68 -13.55
CA VAL L 69 38.72 -26.28 -14.38
C VAL L 69 38.16 -27.36 -15.28
N LEU L 70 37.18 -28.12 -14.77
CA LEU L 70 36.58 -29.20 -15.54
C LEU L 70 35.90 -28.68 -16.79
N PHE L 71 35.12 -27.61 -16.66
CA PHE L 71 34.45 -27.05 -17.82
C PHE L 71 35.45 -26.47 -18.82
N ASN L 72 36.52 -25.86 -18.32
CA ASN L 72 37.55 -25.34 -19.23
C ASN L 72 38.21 -26.47 -20.02
N MET L 73 38.53 -27.58 -19.35
CA MET L 73 39.10 -28.73 -20.05
C MET L 73 38.14 -29.26 -21.10
N CYS L 74 36.85 -29.38 -20.75
CA CYS L 74 35.88 -29.88 -21.72
C CYS L 74 35.78 -28.97 -22.94
N THR L 75 35.73 -27.66 -22.71
CA THR L 75 35.64 -26.71 -23.83
C THR L 75 36.89 -26.78 -24.69
N ASP L 76 38.07 -26.91 -24.07
CA ASP L 76 39.29 -27.05 -24.84
C ASP L 76 39.28 -28.29 -25.71
N TRP L 77 38.80 -29.42 -25.15
CA TRP L 77 38.75 -30.65 -25.94
C TRP L 77 37.76 -30.49 -27.11
N LEU L 78 36.62 -29.85 -26.86
CA LEU L 78 35.63 -29.66 -27.91
C LEU L 78 36.18 -28.79 -29.03
N ASN L 79 36.89 -27.71 -28.68
CA ASN L 79 37.52 -26.89 -29.71
C ASN L 79 38.61 -27.64 -30.47
N HIS L 80 39.38 -28.48 -29.77
CA HIS L 80 40.40 -29.29 -30.44
C HIS L 80 39.78 -30.25 -31.45
N MET L 81 38.68 -30.91 -31.10
CA MET L 81 38.04 -31.81 -32.06
C MET L 81 37.44 -31.02 -33.20
N TYR L 82 36.89 -29.86 -32.91
CA TYR L 82 36.30 -29.07 -33.98
C TYR L 82 37.37 -28.65 -34.99
N ASP L 83 38.55 -28.26 -34.50
CA ASP L 83 39.66 -27.97 -35.41
C ASP L 83 40.08 -29.22 -36.18
N GLN L 84 40.11 -30.37 -35.51
CA GLN L 84 40.52 -31.60 -36.18
C GLN L 84 39.57 -31.98 -37.30
N LEU L 85 38.27 -32.01 -37.02
CA LEU L 85 37.27 -32.50 -37.96
C LEU L 85 36.67 -31.40 -38.83
N LYS L 86 37.14 -30.16 -38.70
CA LYS L 86 36.66 -29.07 -39.55
C LYS L 86 37.61 -28.77 -40.70
N ASP L 87 38.67 -29.56 -40.85
CA ASP L 87 39.44 -29.52 -42.09
C ASP L 87 38.54 -29.82 -43.27
N TRP L 88 37.75 -30.89 -43.17
CA TRP L 88 36.58 -31.10 -44.01
C TRP L 88 35.73 -32.17 -43.33
N LYS L 89 34.45 -32.20 -43.71
CA LYS L 89 33.47 -33.12 -43.13
C LYS L 89 33.38 -32.92 -41.61
#